data_9CC1
#
_entry.id   9CC1
#
_cell.length_a   1.00
_cell.length_b   1.00
_cell.length_c   1.00
_cell.angle_alpha   90.00
_cell.angle_beta   90.00
_cell.angle_gamma   90.00
#
_symmetry.space_group_name_H-M   'P 1'
#
loop_
_entity.id
_entity.type
_entity.pdbx_description
1 polymer 'Bound substrate segment undergoing degradation'
2 polymer 'Lon protease homolog, mitochondrial'
3 non-polymer 'MAGNESIUM ION'
4 non-polymer "ADENOSINE-5'-DIPHOSPHATE"
#
loop_
_entity_poly.entity_id
_entity_poly.type
_entity_poly.pdbx_seq_one_letter_code
_entity_poly.pdbx_strand_id
1 'polypeptide(L)' (UNK)(UNK)(UNK)(UNK)(UNK)(UNK)(UNK)(UNK)(UNK)(UNK)(UNK)(UNK) G
2 'polypeptide(L)'
;MHHHHHHENLYFQGAHMMTIPDVFPHLPLIAITRNPVFPRFIKIIEVKNKKLVELLRRKVRLAQPYVGVFLKRDDSNESD
VVESLDEIYHTGTFAQIHEMQDLGDKLRMIVMGHRRVHISRQLEVEPEEPEAENKHKPRRKSKRGKKEAEDELSARHPAE
LAMEPTPELPAEVLMVEVENVVHEDFQVTEEVKALTAEIVKTIRDIIALNPLYRESVLQMMQAGQRVVDNPIYLSDMGAA
LTGAESHELQDVLEETNIPKRLYKALSLLKKEFELSKLQQRLGREVEEKIKQTHRKYLLQEQLKIIKKELGLEKDDKDAI
EEKFRERLKELVVPKHVMDVVDEELSKLGLLDNHSSEFNVTRNYLDWLTSIPWGKYSNENLDLARAQAVLEEDHYGMEDV
KKRILEFIAVSQLRGSTQGKILCFYGPPGVGKTSIARSIARALNREYFRFSVGGMTDVAEIKGHRRTYVGAMPGKIIQCL
KKTKTENPLILIDEVDKIGRGYQGDPSSALLELLDPEQNANFLDHYLDVPVDLSKVLFICTANVTDTIPEPLRDRMEMIN
VSGYVAQEKLAIAERYLVPQARALCGLDESKAKLSSDVLTLLIKQYCRESGVRNLQKQVEKVLRKSAYKIVSGEAESVEV
TPENLQDFVGKPVFTVERMYDVTPPGVVMGLAWTAMGGSTLFVETSLRRPQDKDAKGDKDGSLEVTGQLGEVMKESARIA
YTFARAFLMQHAPANDYLVTSHIHLHVPEGATPKDGPSAGCTIVTALLSLAMGRPVRQNLAMTGEVSLTGKILPVGGIKE
KTIAAKRAGVTCIVLPAENKKDFYDLAAFITEGLEVHFVEHYREIFDIAFPDEQAEALAVER
;
A,B,C,D,E,F
#
# COMPACT_ATOMS: atom_id res chain seq x y z
N UNK A 1 20.15 -18.83 39.63
CA UNK A 1 19.61 -19.01 38.28
C UNK A 1 18.85 -17.76 37.84
N UNK A 2 19.09 -17.34 36.61
CA UNK A 2 18.43 -16.16 36.07
C UNK A 2 16.98 -16.50 35.69
N UNK A 3 16.14 -15.47 35.71
CA UNK A 3 14.73 -15.60 35.37
C UNK A 3 14.45 -14.86 34.06
N UNK A 4 13.86 -15.56 33.11
CA UNK A 4 13.53 -14.96 31.82
C UNK A 4 12.25 -14.14 31.94
N UNK A 5 12.21 -13.05 31.18
CA UNK A 5 11.05 -12.15 31.17
C UNK A 5 10.74 -11.74 29.75
N UNK A 6 9.46 -11.77 29.39
CA UNK A 6 9.04 -11.38 28.05
C UNK A 6 8.93 -9.86 27.96
N UNK A 7 9.11 -9.35 26.75
CA UNK A 7 9.06 -7.92 26.50
C UNK A 7 8.40 -7.65 25.17
N UNK A 8 7.52 -6.65 25.14
CA UNK A 8 6.85 -6.27 23.90
C UNK A 8 7.80 -5.45 23.03
N UNK A 9 7.74 -5.71 21.73
CA UNK A 9 8.60 -5.05 20.76
C UNK A 9 7.82 -4.64 19.52
N UNK A 10 6.65 -4.03 19.74
CA UNK A 10 5.79 -3.62 18.63
C UNK A 10 6.52 -2.70 17.66
N UNK A 11 6.63 -3.15 16.41
CA UNK A 11 7.29 -2.38 15.37
C UNK A 11 6.67 -2.74 14.02
N UNK A 12 6.85 -1.83 13.06
CA UNK A 12 6.32 -2.04 11.72
C UNK A 12 7.17 -1.34 10.67
N ILE B 320 20.09 -42.67 43.77
CA ILE B 320 19.20 -42.34 42.67
C ILE B 320 19.95 -42.45 41.35
N GLU B 321 21.28 -42.49 41.42
CA GLU B 321 22.09 -42.64 40.22
C GLU B 321 21.86 -43.99 39.56
N GLU B 322 21.60 -45.03 40.35
CA GLU B 322 21.35 -46.35 39.79
C GLU B 322 20.09 -46.38 38.94
N LYS B 323 19.09 -45.55 39.29
CA LYS B 323 17.87 -45.47 38.49
C LYS B 323 18.15 -44.89 37.11
N PHE B 324 18.92 -43.80 37.05
CA PHE B 324 19.32 -43.24 35.77
C PHE B 324 20.17 -44.23 34.97
N ARG B 325 21.04 -44.97 35.67
CA ARG B 325 21.85 -45.98 34.99
C ARG B 325 20.98 -47.09 34.39
N GLU B 326 20.01 -47.59 35.15
CA GLU B 326 19.20 -48.71 34.68
C GLU B 326 18.25 -48.27 33.56
N ARG B 327 17.84 -47.00 33.56
CA ARG B 327 17.03 -46.51 32.46
C ARG B 327 17.78 -46.57 31.12
N LEU B 328 19.10 -46.67 31.15
CA LEU B 328 19.90 -46.65 29.93
C LEU B 328 20.27 -48.02 29.38
N LYS B 329 19.80 -49.11 29.99
CA LYS B 329 20.17 -50.44 29.48
C LYS B 329 19.61 -50.69 28.09
N GLU B 330 18.33 -50.38 27.86
CA GLU B 330 17.69 -50.71 26.60
C GLU B 330 18.03 -49.73 25.48
N LEU B 331 18.73 -48.65 25.77
CA LEU B 331 19.05 -47.61 24.79
C LEU B 331 20.46 -47.82 24.27
N VAL B 332 20.63 -47.77 22.96
CA VAL B 332 21.95 -47.73 22.36
C VAL B 332 22.39 -46.28 22.26
N VAL B 333 22.92 -45.76 23.36
CA VAL B 333 23.22 -44.34 23.51
C VAL B 333 24.48 -43.98 22.74
N PRO B 334 24.45 -42.95 21.90
CA PRO B 334 25.68 -42.51 21.22
C PRO B 334 26.66 -41.90 22.20
N LYS B 335 27.94 -41.97 21.85
CA LYS B 335 29.00 -41.53 22.75
C LYS B 335 28.93 -40.04 23.03
N HIS B 336 28.59 -39.24 22.01
CA HIS B 336 28.63 -37.79 22.14
C HIS B 336 27.69 -37.27 23.21
N VAL B 337 26.68 -38.07 23.59
CA VAL B 337 25.82 -37.72 24.71
C VAL B 337 26.05 -38.63 25.92
N MET B 338 26.58 -39.84 25.71
CA MET B 338 26.91 -40.70 26.84
C MET B 338 28.00 -40.08 27.70
N ASP B 339 29.00 -39.45 27.07
CA ASP B 339 30.04 -38.75 27.81
C ASP B 339 29.51 -37.54 28.58
N VAL B 340 28.47 -36.88 28.07
CA VAL B 340 27.84 -35.80 28.82
C VAL B 340 27.06 -36.37 30.01
N VAL B 341 26.36 -37.47 29.79
CA VAL B 341 25.60 -38.10 30.88
C VAL B 341 26.54 -38.53 32.00
N ASP B 342 27.72 -39.05 31.64
CA ASP B 342 28.66 -39.50 32.66
C ASP B 342 29.12 -38.34 33.55
N GLU B 343 29.50 -37.22 32.95
CA GLU B 343 29.95 -36.09 33.75
C GLU B 343 28.80 -35.45 34.52
N GLU B 344 27.58 -35.51 33.98
CA GLU B 344 26.44 -34.99 34.74
C GLU B 344 26.14 -35.86 35.96
N LEU B 345 26.24 -37.19 35.83
CA LEU B 345 26.14 -38.04 37.01
C LEU B 345 27.27 -37.75 38.00
N SER B 346 28.47 -37.50 37.50
CA SER B 346 29.57 -37.12 38.40
C SER B 346 29.23 -35.85 39.18
N LYS B 347 28.70 -34.84 38.48
CA LYS B 347 28.31 -33.60 39.17
C LYS B 347 27.21 -33.86 40.18
N LEU B 348 26.21 -34.68 39.82
CA LEU B 348 25.18 -35.05 40.78
C LEU B 348 25.78 -35.73 42.01
N GLY B 349 26.80 -36.54 41.80
CA GLY B 349 27.48 -37.17 42.93
C GLY B 349 28.38 -36.24 43.72
N LEU B 350 28.70 -35.07 43.17
CA LEU B 350 29.52 -34.08 43.87
C LEU B 350 28.72 -32.93 44.49
N LEU B 351 27.50 -32.67 44.02
CA LEU B 351 26.72 -31.55 44.50
C LEU B 351 25.98 -31.87 45.80
N ASP B 352 25.51 -30.83 46.47
CA ASP B 352 24.79 -30.98 47.73
C ASP B 352 23.42 -31.62 47.49
N ASN B 353 22.84 -32.16 48.56
CA ASN B 353 21.59 -32.90 48.43
C ASN B 353 20.41 -32.00 48.10
N HIS B 354 20.36 -30.78 48.65
CA HIS B 354 19.22 -29.90 48.48
C HIS B 354 19.55 -28.61 47.75
N SER B 355 20.68 -28.53 47.05
CA SER B 355 21.01 -27.33 46.30
C SER B 355 20.11 -27.20 45.07
N SER B 356 19.89 -25.95 44.66
CA SER B 356 19.12 -25.69 43.45
C SER B 356 19.85 -26.22 42.22
N GLU B 357 21.19 -26.08 42.20
CA GLU B 357 21.96 -26.63 41.10
C GLU B 357 21.84 -28.16 41.06
N PHE B 358 21.74 -28.79 42.23
CA PHE B 358 21.47 -30.23 42.29
C PHE B 358 20.13 -30.54 41.63
N ASN B 359 19.11 -29.75 41.92
CA ASN B 359 17.79 -30.01 41.34
C ASN B 359 17.81 -29.84 39.83
N VAL B 360 18.46 -28.79 39.32
CA VAL B 360 18.50 -28.59 37.88
C VAL B 360 19.32 -29.68 37.20
N THR B 361 20.39 -30.14 37.84
CA THR B 361 21.18 -31.24 37.28
C THR B 361 20.37 -32.52 37.24
N ARG B 362 19.61 -32.80 38.30
CA ARG B 362 18.79 -34.00 38.33
C ARG B 362 17.69 -33.95 37.28
N ASN B 363 17.06 -32.78 37.09
CA ASN B 363 16.08 -32.63 36.02
C ASN B 363 16.73 -32.82 34.65
N TYR B 364 17.94 -32.28 34.48
CA TYR B 364 18.64 -32.44 33.22
C TYR B 364 18.95 -33.91 32.92
N LEU B 365 19.34 -34.66 33.95
CA LEU B 365 19.55 -36.09 33.77
C LEU B 365 18.24 -36.83 33.49
N ASP B 366 17.15 -36.41 34.14
CA ASP B 366 15.87 -37.02 33.85
C ASP B 366 15.49 -36.84 32.38
N TRP B 367 15.74 -35.64 31.84
CA TRP B 367 15.46 -35.39 30.44
C TRP B 367 16.41 -36.15 29.51
N LEU B 368 17.69 -36.24 29.91
CA LEU B 368 18.68 -36.92 29.08
C LEU B 368 18.45 -38.43 29.04
N THR B 369 17.94 -39.00 30.12
CA THR B 369 17.68 -40.43 30.16
C THR B 369 16.29 -40.80 29.68
N SER B 370 15.33 -39.88 29.74
CA SER B 370 13.99 -40.15 29.22
C SER B 370 13.90 -40.04 27.71
N ILE B 371 14.78 -39.26 27.09
CA ILE B 371 14.78 -39.18 25.62
C ILE B 371 15.20 -40.53 25.04
N PRO B 372 14.51 -41.04 24.03
CA PRO B 372 14.85 -42.37 23.51
C PRO B 372 16.06 -42.31 22.59
N TRP B 373 16.99 -43.25 22.79
CA TRP B 373 18.16 -43.39 21.95
C TRP B 373 18.12 -44.76 21.27
N GLY B 374 17.96 -44.76 19.95
CA GLY B 374 17.99 -46.00 19.19
C GLY B 374 16.72 -46.81 19.20
N LYS B 375 15.68 -46.37 19.90
CA LYS B 375 14.42 -47.10 19.92
C LYS B 375 13.60 -46.73 18.69
N TYR B 376 13.24 -47.73 17.91
CA TYR B 376 12.37 -47.57 16.75
C TYR B 376 11.18 -48.51 16.89
N SER B 377 10.00 -47.98 16.56
CA SER B 377 8.80 -48.81 16.59
C SER B 377 8.86 -49.87 15.49
N ASN B 378 8.16 -50.98 15.71
CA ASN B 378 8.15 -52.07 14.69
C ASN B 378 7.32 -51.63 13.50
N GLU B 379 7.93 -50.90 12.56
CA GLU B 379 7.12 -50.34 11.46
C GLU B 379 6.51 -51.48 10.67
N ASN B 380 5.18 -51.49 10.55
CA ASN B 380 4.51 -52.52 9.72
C ASN B 380 4.89 -52.26 8.28
N LEU B 381 5.28 -53.32 7.58
CA LEU B 381 5.74 -53.14 6.20
C LEU B 381 4.76 -53.81 5.23
N ASP B 382 3.97 -54.78 5.68
CA ASP B 382 2.96 -55.43 4.82
C ASP B 382 2.16 -54.37 4.05
N LEU B 383 2.33 -54.33 2.72
CA LEU B 383 1.62 -53.35 1.88
C LEU B 383 0.15 -53.73 1.79
N ALA B 384 -0.23 -54.95 2.17
CA ALA B 384 -1.65 -55.27 2.18
C ALA B 384 -2.33 -54.77 3.46
N ARG B 385 -1.72 -55.03 4.62
CA ARG B 385 -2.33 -54.59 5.87
C ARG B 385 -2.31 -53.07 5.99
N ALA B 386 -1.22 -52.44 5.53
CA ALA B 386 -1.15 -50.99 5.54
C ALA B 386 -2.24 -50.39 4.68
N GLN B 387 -2.43 -50.93 3.47
CA GLN B 387 -3.50 -50.44 2.62
C GLN B 387 -4.85 -50.63 3.27
N ALA B 388 -5.12 -51.82 3.79
CA ALA B 388 -6.40 -52.08 4.46
C ALA B 388 -6.63 -51.09 5.59
N VAL B 389 -5.57 -50.64 6.26
CA VAL B 389 -5.71 -49.57 7.24
C VAL B 389 -6.08 -48.25 6.55
N LEU B 390 -5.46 -47.94 5.41
CA LEU B 390 -5.77 -46.69 4.71
C LEU B 390 -7.22 -46.60 4.27
N GLU B 391 -7.76 -47.63 3.59
CA GLU B 391 -9.16 -47.49 3.19
C GLU B 391 -10.14 -47.71 4.33
N GLU B 392 -9.68 -48.08 5.52
CA GLU B 392 -10.60 -48.25 6.64
C GLU B 392 -11.10 -46.92 7.18
N ASP B 393 -10.26 -45.89 7.17
CA ASP B 393 -10.62 -44.63 7.81
C ASP B 393 -11.06 -43.56 6.83
N HIS B 394 -10.45 -43.49 5.65
CA HIS B 394 -10.70 -42.40 4.71
C HIS B 394 -11.09 -42.95 3.35
N TYR B 395 -11.93 -42.22 2.64
CA TYR B 395 -12.37 -42.59 1.30
C TYR B 395 -11.84 -41.62 0.26
N GLY B 396 -11.35 -42.19 -0.84
CA GLY B 396 -11.12 -41.44 -2.06
C GLY B 396 -9.83 -40.66 -2.14
N MET B 397 -9.01 -40.65 -1.09
CA MET B 397 -7.74 -39.93 -1.17
C MET B 397 -6.67 -40.83 -1.78
N GLU B 398 -6.82 -41.13 -3.07
CA GLU B 398 -5.98 -42.13 -3.71
C GLU B 398 -4.52 -41.70 -3.74
N ASP B 399 -4.25 -40.42 -4.01
CA ASP B 399 -2.88 -39.97 -4.18
C ASP B 399 -2.07 -40.09 -2.89
N VAL B 400 -2.66 -39.70 -1.76
CA VAL B 400 -1.95 -39.79 -0.49
C VAL B 400 -1.70 -41.24 -0.12
N LYS B 401 -2.69 -42.11 -0.31
CA LYS B 401 -2.52 -43.53 -0.02
C LYS B 401 -1.42 -44.14 -0.88
N LYS B 402 -1.41 -43.80 -2.17
CA LYS B 402 -0.37 -44.31 -3.07
C LYS B 402 1.01 -43.79 -2.66
N ARG B 403 1.10 -42.52 -2.25
CA ARG B 403 2.36 -41.99 -1.77
C ARG B 403 2.85 -42.73 -0.53
N ILE B 404 1.95 -43.04 0.39
CA ILE B 404 2.34 -43.76 1.59
C ILE B 404 2.79 -45.18 1.27
N LEU B 405 2.09 -45.87 0.37
CA LEU B 405 2.44 -47.28 0.07
C LEU B 405 3.73 -47.35 -0.73
N GLU B 406 4.14 -46.25 -1.38
CA GLU B 406 5.42 -46.16 -2.10
C GLU B 406 6.48 -45.58 -1.19
N PHE B 407 6.14 -45.28 0.05
CA PHE B 407 7.12 -44.95 1.11
C PHE B 407 7.48 -46.26 1.76
N ILE B 408 6.51 -47.14 1.93
CA ILE B 408 6.78 -48.48 2.53
C ILE B 408 7.65 -49.28 1.56
N ALA B 409 7.19 -49.47 0.32
CA ALA B 409 7.96 -50.15 -0.73
C ALA B 409 9.41 -49.70 -0.70
N VAL B 410 9.64 -48.41 -0.84
CA VAL B 410 11.01 -47.83 -0.96
C VAL B 410 11.77 -48.06 0.34
N SER B 411 11.06 -48.30 1.44
CA SER B 411 11.69 -48.49 2.77
C SER B 411 11.85 -49.97 3.07
N GLN B 412 11.24 -50.81 2.26
CA GLN B 412 11.55 -52.27 2.26
C GLN B 412 12.76 -52.55 1.38
N LEU B 413 12.81 -51.96 0.18
CA LEU B 413 13.92 -52.20 -0.78
C LEU B 413 15.19 -51.55 -0.26
N ARG B 414 15.08 -50.53 0.58
CA ARG B 414 16.31 -49.95 1.20
C ARG B 414 16.62 -50.78 2.44
N GLY B 415 15.60 -51.20 3.18
CA GLY B 415 15.85 -52.10 4.32
C GLY B 415 15.65 -51.47 5.68
N SER B 416 16.00 -50.20 5.85
CA SER B 416 15.91 -49.58 7.20
C SER B 416 14.75 -48.59 7.26
N THR B 417 14.27 -48.26 8.46
CA THR B 417 13.19 -47.25 8.62
C THR B 417 13.67 -45.95 7.97
N GLN B 418 12.88 -45.35 7.11
CA GLN B 418 13.40 -44.12 6.48
C GLN B 418 12.49 -42.97 6.89
N GLY B 419 12.93 -41.74 6.66
CA GLY B 419 12.09 -40.59 6.96
C GLY B 419 11.90 -39.76 5.74
N LYS B 420 10.73 -39.15 5.61
CA LYS B 420 10.47 -38.13 4.60
C LYS B 420 9.90 -36.93 5.32
N ILE B 421 9.79 -35.81 4.62
CA ILE B 421 9.12 -34.56 5.06
C ILE B 421 8.05 -34.26 4.01
N LEU B 422 6.81 -34.63 4.30
CA LEU B 422 5.71 -34.55 3.31
C LEU B 422 4.77 -33.40 3.69
N CYS B 423 4.29 -32.63 2.72
CA CYS B 423 3.39 -31.49 2.93
C CYS B 423 2.09 -31.75 2.19
N PHE B 424 0.99 -31.72 2.93
CA PHE B 424 -0.35 -31.87 2.35
C PHE B 424 -1.02 -30.51 2.35
N TYR B 425 -1.42 -30.04 1.17
CA TYR B 425 -2.08 -28.75 1.05
C TYR B 425 -3.32 -28.89 0.19
N GLY B 426 -4.31 -28.05 0.48
CA GLY B 426 -5.57 -28.07 -0.23
C GLY B 426 -6.66 -27.30 0.49
N PRO B 427 -7.88 -27.37 -0.03
CA PRO B 427 -8.99 -26.65 0.58
C PRO B 427 -9.33 -27.22 1.95
N PRO B 428 -9.98 -26.42 2.81
CA PRO B 428 -10.28 -26.90 4.16
C PRO B 428 -11.27 -28.06 4.15
N GLY B 429 -11.15 -28.92 5.15
CA GLY B 429 -12.12 -29.99 5.34
C GLY B 429 -12.03 -31.13 4.34
N VAL B 430 -10.86 -31.37 3.76
CA VAL B 430 -10.69 -32.44 2.79
C VAL B 430 -9.99 -33.67 3.39
N GLY B 431 -9.56 -33.59 4.64
CA GLY B 431 -8.95 -34.72 5.30
C GLY B 431 -7.45 -34.66 5.47
N LYS B 432 -6.83 -33.50 5.27
CA LYS B 432 -5.37 -33.41 5.38
C LYS B 432 -4.91 -33.71 6.81
N THR B 433 -5.60 -33.14 7.80
CA THR B 433 -5.19 -33.35 9.19
C THR B 433 -5.60 -34.74 9.70
N SER B 434 -6.77 -35.22 9.29
CA SER B 434 -7.29 -36.46 9.84
C SER B 434 -6.56 -37.69 9.30
N ILE B 435 -6.03 -37.60 8.08
CA ILE B 435 -5.39 -38.78 7.49
C ILE B 435 -4.04 -39.05 8.15
N ALA B 436 -3.50 -38.08 8.87
CA ALA B 436 -2.20 -38.29 9.53
C ALA B 436 -2.27 -39.41 10.56
N ARG B 437 -3.35 -39.45 11.36
CA ARG B 437 -3.48 -40.51 12.35
C ARG B 437 -3.62 -41.88 11.69
N SER B 438 -4.38 -41.96 10.59
CA SER B 438 -4.52 -43.23 9.88
C SER B 438 -3.19 -43.66 9.26
N ILE B 439 -2.42 -42.72 8.73
CA ILE B 439 -1.10 -43.05 8.19
C ILE B 439 -0.20 -43.58 9.28
N ALA B 440 -0.21 -42.92 10.45
CA ALA B 440 0.60 -43.39 11.57
C ALA B 440 0.18 -44.78 12.02
N ARG B 441 -1.13 -45.04 12.05
CA ARG B 441 -1.63 -46.36 12.42
C ARG B 441 -1.18 -47.42 11.40
N ALA B 442 -1.23 -47.08 10.12
CA ALA B 442 -0.82 -48.04 9.08
C ALA B 442 0.67 -48.34 9.19
N LEU B 443 1.49 -47.33 9.44
CA LEU B 443 2.93 -47.52 9.57
C LEU B 443 3.33 -48.10 10.92
N ASN B 444 2.38 -48.25 11.85
CA ASN B 444 2.67 -48.69 13.21
C ASN B 444 3.64 -47.72 13.90
N ARG B 445 3.58 -46.45 13.50
CA ARG B 445 4.41 -45.41 14.08
C ARG B 445 3.62 -44.61 15.11
N GLU B 446 4.34 -44.11 16.12
CA GLU B 446 3.71 -43.26 17.11
C GLU B 446 3.31 -41.93 16.48
N TYR B 447 2.15 -41.42 16.89
CA TYR B 447 1.57 -40.22 16.30
C TYR B 447 1.64 -39.06 17.29
N PHE B 448 2.03 -37.89 16.79
CA PHE B 448 2.10 -36.68 17.58
C PHE B 448 1.74 -35.49 16.71
N ARG B 449 0.97 -34.56 17.26
CA ARG B 449 0.51 -33.39 16.53
C ARG B 449 0.73 -32.14 17.37
N PHE B 450 1.27 -31.10 16.73
CA PHE B 450 1.33 -29.77 17.31
C PHE B 450 1.15 -28.75 16.20
N SER B 451 0.47 -27.66 16.53
CA SER B 451 0.07 -26.66 15.54
C SER B 451 0.95 -25.42 15.68
N VAL B 452 1.48 -24.94 14.56
CA VAL B 452 2.29 -23.73 14.56
C VAL B 452 1.53 -22.51 14.08
N GLY B 453 0.22 -22.63 13.84
CA GLY B 453 -0.59 -21.48 13.50
C GLY B 453 -0.63 -20.45 14.62
N GLY B 454 -0.29 -19.21 14.30
CA GLY B 454 -0.23 -18.17 15.31
C GLY B 454 0.99 -18.26 16.21
N MET B 455 1.95 -19.12 15.91
CA MET B 455 3.13 -19.28 16.74
C MET B 455 4.05 -18.08 16.57
N THR B 456 4.46 -17.48 17.70
CA THR B 456 5.22 -16.24 17.67
C THR B 456 6.65 -16.36 18.19
N ASP B 457 6.97 -17.42 18.93
CA ASP B 457 8.27 -17.50 19.59
C ASP B 457 8.93 -18.84 19.28
N VAL B 458 10.26 -18.85 19.33
CA VAL B 458 11.04 -20.04 19.00
C VAL B 458 11.18 -20.99 20.18
N ALA B 459 10.89 -20.51 21.40
CA ALA B 459 11.08 -21.33 22.59
C ALA B 459 10.19 -22.56 22.62
N GLU B 460 9.11 -22.57 21.83
CA GLU B 460 8.27 -23.77 21.78
C GLU B 460 8.96 -24.90 21.03
N ILE B 461 9.76 -24.57 20.01
CA ILE B 461 10.49 -25.58 19.26
C ILE B 461 11.83 -25.89 19.90
N LYS B 462 12.62 -24.87 20.22
CA LYS B 462 13.99 -25.07 20.65
C LYS B 462 14.22 -24.87 22.13
N GLY B 463 13.18 -24.56 22.91
CA GLY B 463 13.33 -24.49 24.35
C GLY B 463 14.17 -23.32 24.82
N HIS B 464 14.57 -23.42 26.09
CA HIS B 464 15.40 -22.42 26.74
C HIS B 464 16.63 -23.09 27.33
N ARG B 465 17.69 -22.31 27.54
CA ARG B 465 18.85 -22.81 28.28
C ARG B 465 18.42 -23.26 29.67
N ARG B 466 18.99 -24.38 30.11
CA ARG B 466 18.63 -24.93 31.41
C ARG B 466 19.08 -24.05 32.56
N THR B 467 19.92 -23.04 32.31
CA THR B 467 20.30 -22.10 33.35
C THR B 467 19.12 -21.28 33.86
N TYR B 468 18.06 -21.13 33.06
CA TYR B 468 16.88 -20.40 33.48
C TYR B 468 16.07 -21.21 34.47
N VAL B 469 15.27 -20.50 35.27
CA VAL B 469 14.55 -21.16 36.37
C VAL B 469 13.52 -22.15 35.84
N GLY B 470 12.70 -21.72 34.88
CA GLY B 470 11.63 -22.58 34.41
C GLY B 470 11.89 -23.17 33.04
N ALA B 471 13.15 -23.52 32.77
CA ALA B 471 13.52 -24.02 31.45
C ALA B 471 12.91 -25.38 31.17
N MET B 472 12.42 -25.54 29.94
CA MET B 472 11.87 -26.80 29.47
C MET B 472 12.30 -26.99 28.03
N PRO B 473 12.43 -28.22 27.57
CA PRO B 473 12.78 -28.47 26.16
C PRO B 473 11.64 -28.08 25.23
N GLY B 474 11.93 -28.14 23.93
CA GLY B 474 10.97 -27.76 22.93
C GLY B 474 9.91 -28.82 22.69
N LYS B 475 9.03 -28.52 21.73
CA LYS B 475 7.94 -29.45 21.40
C LYS B 475 8.49 -30.76 20.85
N ILE B 476 9.57 -30.71 20.08
CA ILE B 476 10.11 -31.92 19.47
C ILE B 476 10.65 -32.87 20.52
N ILE B 477 11.35 -32.33 21.53
CA ILE B 477 11.89 -33.19 22.57
C ILE B 477 10.79 -33.80 23.42
N GLN B 478 9.74 -33.02 23.73
CA GLN B 478 8.59 -33.58 24.43
C GLN B 478 7.92 -34.67 23.60
N CYS B 479 7.82 -34.44 22.28
CA CYS B 479 7.30 -35.45 21.37
C CYS B 479 8.09 -36.74 21.47
N LEU B 480 9.41 -36.65 21.38
CA LEU B 480 10.23 -37.85 21.42
C LEU B 480 10.15 -38.54 22.77
N LYS B 481 10.07 -37.77 23.86
CA LYS B 481 9.92 -38.37 25.18
C LYS B 481 8.60 -39.10 25.33
N LYS B 482 7.50 -38.50 24.85
CA LYS B 482 6.19 -39.13 24.98
C LYS B 482 6.08 -40.36 24.10
N THR B 483 6.50 -40.26 22.84
CA THR B 483 6.37 -41.37 21.91
C THR B 483 7.34 -42.50 22.23
N LYS B 484 8.46 -42.19 22.88
CA LYS B 484 9.48 -43.18 23.26
C LYS B 484 10.08 -43.89 22.05
N THR B 485 9.93 -43.33 20.85
CA THR B 485 10.54 -43.85 19.65
C THR B 485 11.21 -42.71 18.89
N GLU B 486 12.29 -43.04 18.20
CA GLU B 486 13.02 -42.06 17.41
C GLU B 486 12.51 -41.96 15.98
N ASN B 487 11.46 -42.70 15.62
CA ASN B 487 10.87 -42.57 14.30
C ASN B 487 9.35 -42.41 14.33
N PRO B 488 8.80 -41.48 15.12
CA PRO B 488 7.35 -41.29 15.10
C PRO B 488 6.93 -40.44 13.93
N LEU B 489 5.61 -40.27 13.80
CA LEU B 489 5.04 -39.39 12.80
C LEU B 489 4.66 -38.08 13.48
N ILE B 490 5.33 -36.99 13.10
CA ILE B 490 5.11 -35.69 13.70
C ILE B 490 4.30 -34.87 12.71
N LEU B 491 3.07 -34.55 13.08
CA LEU B 491 2.21 -33.72 12.25
C LEU B 491 2.35 -32.26 12.66
N ILE B 492 2.90 -31.43 11.77
CA ILE B 492 3.01 -30.00 11.99
C ILE B 492 1.87 -29.34 11.24
N ASP B 493 0.94 -28.75 11.98
CA ASP B 493 -0.31 -28.27 11.42
C ASP B 493 -0.24 -26.76 11.19
N GLU B 494 -0.77 -26.34 10.04
CA GLU B 494 -0.83 -24.92 9.66
C GLU B 494 0.56 -24.30 9.57
N VAL B 495 1.44 -24.93 8.77
CA VAL B 495 2.77 -24.39 8.57
C VAL B 495 2.75 -23.09 7.78
N ASP B 496 1.67 -22.84 7.03
CA ASP B 496 1.58 -21.61 6.24
C ASP B 496 1.22 -20.40 7.08
N LYS B 497 0.72 -20.59 8.30
CA LYS B 497 0.27 -19.50 9.15
C LYS B 497 1.19 -19.27 10.35
N ILE B 498 2.43 -19.75 10.29
CA ILE B 498 3.37 -19.49 11.38
C ILE B 498 3.67 -18.00 11.46
N GLY B 499 3.58 -17.45 12.68
CA GLY B 499 3.79 -16.03 12.86
C GLY B 499 5.26 -15.68 12.90
N ARG B 500 5.64 -14.63 12.17
CA ARG B 500 7.02 -14.17 12.11
C ARG B 500 7.30 -13.21 13.28
N GLY B 501 7.56 -13.81 14.44
CA GLY B 501 7.74 -13.03 15.64
C GLY B 501 8.99 -12.18 15.62
N TYR B 502 9.00 -11.17 16.49
CA TYR B 502 10.14 -10.25 16.54
C TYR B 502 11.35 -10.89 17.19
N GLN B 503 11.21 -11.35 18.43
CA GLN B 503 12.33 -11.84 19.22
C GLN B 503 12.58 -13.33 18.96
N GLY B 504 13.03 -13.62 17.74
CA GLY B 504 13.31 -14.99 17.35
C GLY B 504 12.23 -15.58 16.48
N ASP B 505 12.51 -15.68 15.18
CA ASP B 505 11.53 -16.20 14.24
C ASP B 505 11.49 -17.71 14.33
N PRO B 506 10.34 -18.32 14.66
CA PRO B 506 10.28 -19.80 14.71
C PRO B 506 10.40 -20.46 13.36
N SER B 507 10.20 -19.73 12.26
CA SER B 507 10.38 -20.32 10.94
C SER B 507 11.82 -20.76 10.73
N SER B 508 12.78 -20.05 11.33
CA SER B 508 14.17 -20.48 11.25
C SER B 508 14.39 -21.82 11.94
N ALA B 509 13.65 -22.09 13.02
CA ALA B 509 13.72 -23.38 13.69
C ALA B 509 12.99 -24.47 12.91
N LEU B 510 11.87 -24.12 12.27
CA LEU B 510 11.23 -25.07 11.36
C LEU B 510 12.17 -25.46 10.23
N LEU B 511 12.94 -24.48 9.72
CA LEU B 511 13.95 -24.78 8.72
C LEU B 511 15.03 -25.71 9.26
N GLU B 512 15.34 -25.62 10.56
CA GLU B 512 16.27 -26.54 11.18
C GLU B 512 15.68 -27.93 11.37
N LEU B 513 14.36 -28.04 11.54
CA LEU B 513 13.69 -29.33 11.63
C LEU B 513 13.51 -29.97 10.25
N LEU B 514 13.04 -29.20 9.28
CA LEU B 514 12.76 -29.71 7.94
C LEU B 514 13.94 -29.55 6.98
N ASP B 515 15.12 -30.03 7.34
CA ASP B 515 16.30 -29.91 6.49
C ASP B 515 17.13 -31.18 6.68
N PRO B 516 17.18 -32.05 5.67
CA PRO B 516 17.91 -33.32 5.82
C PRO B 516 19.38 -33.15 6.17
N GLU B 517 20.03 -32.10 5.69
CA GLU B 517 21.45 -31.90 5.94
C GLU B 517 21.77 -31.50 7.37
N GLN B 518 20.79 -31.04 8.14
CA GLN B 518 21.03 -30.63 9.52
C GLN B 518 20.02 -31.18 10.53
N ASN B 519 18.90 -31.75 10.10
CA ASN B 519 17.98 -32.36 11.05
C ASN B 519 18.57 -33.61 11.71
N ALA B 520 19.65 -34.16 11.13
CA ALA B 520 20.32 -35.31 11.74
C ALA B 520 21.05 -34.95 13.02
N ASN B 521 21.27 -33.66 13.29
CA ASN B 521 21.90 -33.20 14.51
C ASN B 521 21.18 -31.99 15.07
N PHE B 522 19.85 -32.03 15.07
CA PHE B 522 19.06 -30.94 15.64
C PHE B 522 19.39 -30.78 17.12
N LEU B 523 19.66 -29.54 17.53
CA LEU B 523 20.12 -29.25 18.88
C LEU B 523 19.05 -28.45 19.60
N ASP B 524 18.66 -28.93 20.78
CA ASP B 524 17.72 -28.25 21.65
C ASP B 524 18.49 -27.47 22.70
N HIS B 525 17.99 -26.27 23.04
CA HIS B 525 18.69 -25.43 23.99
C HIS B 525 18.78 -26.06 25.36
N TYR B 526 17.71 -26.74 25.81
CA TYR B 526 17.74 -27.35 27.13
C TYR B 526 18.65 -28.57 27.19
N LEU B 527 18.55 -29.45 26.19
CA LEU B 527 19.37 -30.66 26.19
C LEU B 527 20.84 -30.34 25.95
N ASP B 528 21.12 -29.34 25.11
CA ASP B 528 22.47 -28.96 24.71
C ASP B 528 23.20 -30.08 23.97
N VAL B 529 22.45 -31.07 23.48
CA VAL B 529 23.04 -32.16 22.69
C VAL B 529 22.19 -32.39 21.46
N PRO B 530 22.82 -32.83 20.38
CA PRO B 530 22.08 -33.06 19.13
C PRO B 530 21.30 -34.37 19.17
N VAL B 531 20.17 -34.36 18.46
CA VAL B 531 19.33 -35.53 18.32
C VAL B 531 19.07 -35.76 16.83
N ASP B 532 19.00 -37.04 16.45
CA ASP B 532 18.87 -37.43 15.04
C ASP B 532 17.39 -37.46 14.69
N LEU B 533 16.95 -36.49 13.89
CA LEU B 533 15.58 -36.44 13.39
C LEU B 533 15.49 -36.77 11.91
N SER B 534 16.43 -37.55 11.39
CA SER B 534 16.37 -37.96 10.00
C SER B 534 15.45 -39.16 9.79
N LYS B 535 15.09 -39.86 10.86
CA LYS B 535 14.23 -41.03 10.76
C LYS B 535 12.76 -40.71 10.94
N VAL B 536 12.43 -39.53 11.49
CA VAL B 536 11.05 -39.19 11.75
C VAL B 536 10.37 -38.76 10.46
N LEU B 537 9.09 -39.13 10.32
CA LEU B 537 8.28 -38.75 9.16
C LEU B 537 7.51 -37.49 9.50
N PHE B 538 8.00 -36.35 9.04
CA PHE B 538 7.27 -35.09 9.21
C PHE B 538 6.18 -34.98 8.17
N ILE B 539 4.96 -34.68 8.62
CA ILE B 539 3.84 -34.37 7.74
C ILE B 539 3.36 -32.97 8.08
N CYS B 540 3.40 -32.09 7.08
CA CYS B 540 3.01 -30.70 7.26
C CYS B 540 1.70 -30.45 6.53
N THR B 541 0.76 -29.80 7.20
CA THR B 541 -0.54 -29.48 6.64
C THR B 541 -0.66 -27.98 6.45
N ALA B 542 -1.08 -27.59 5.24
CA ALA B 542 -1.22 -26.18 4.90
C ALA B 542 -2.46 -26.00 4.04
N ASN B 543 -2.90 -24.75 3.92
CA ASN B 543 -4.04 -24.41 3.08
C ASN B 543 -3.64 -23.91 1.70
N VAL B 544 -2.67 -22.98 1.64
CA VAL B 544 -2.16 -22.47 0.37
C VAL B 544 -0.64 -22.52 0.41
N THR B 545 -0.05 -22.92 -0.71
CA THR B 545 1.40 -23.03 -0.80
C THR B 545 2.09 -21.70 -1.06
N ASP B 546 1.33 -20.62 -1.22
CA ASP B 546 1.91 -19.34 -1.61
C ASP B 546 2.54 -18.59 -0.44
N THR B 547 2.32 -19.03 0.80
CA THR B 547 2.76 -18.23 1.94
C THR B 547 3.64 -19.00 2.94
N ILE B 548 4.03 -20.23 2.64
CA ILE B 548 5.06 -20.91 3.42
C ILE B 548 6.38 -20.19 3.17
N PRO B 549 7.26 -20.05 4.16
CA PRO B 549 8.56 -19.41 3.91
C PRO B 549 9.32 -20.12 2.80
N GLU B 550 9.99 -19.32 1.97
CA GLU B 550 10.66 -19.86 0.79
C GLU B 550 11.71 -20.92 1.10
N PRO B 551 12.62 -20.75 2.07
CA PRO B 551 13.58 -21.82 2.36
C PRO B 551 12.93 -23.09 2.91
N LEU B 552 11.70 -23.00 3.40
CA LEU B 552 11.00 -24.16 3.95
C LEU B 552 10.25 -24.95 2.89
N ARG B 553 9.53 -24.26 1.99
CA ARG B 553 8.71 -24.94 1.00
C ARG B 553 9.51 -25.62 -0.09
N ASP B 554 10.81 -25.31 -0.22
CA ASP B 554 11.63 -25.96 -1.23
C ASP B 554 12.24 -27.27 -0.72
N ARG B 555 12.13 -27.56 0.57
CA ARG B 555 12.77 -28.72 1.17
C ARG B 555 11.77 -29.77 1.62
N MET B 556 10.52 -29.69 1.18
CA MET B 556 9.50 -30.67 1.52
C MET B 556 8.61 -30.92 0.31
N GLU B 557 8.23 -32.18 0.12
CA GLU B 557 7.45 -32.59 -1.04
C GLU B 557 6.01 -32.11 -0.90
N MET B 558 5.47 -31.52 -1.96
CA MET B 558 4.12 -30.99 -1.95
C MET B 558 3.16 -32.01 -2.55
N ILE B 559 2.15 -32.40 -1.77
CA ILE B 559 1.08 -33.29 -2.24
C ILE B 559 -0.23 -32.50 -2.17
N ASN B 560 -0.90 -32.39 -3.30
CA ASN B 560 -2.14 -31.62 -3.38
C ASN B 560 -3.32 -32.53 -3.06
N VAL B 561 -4.01 -32.26 -1.95
CA VAL B 561 -5.20 -33.00 -1.57
C VAL B 561 -6.43 -32.27 -2.11
N SER B 562 -6.88 -32.67 -3.29
CA SER B 562 -8.02 -32.00 -3.91
C SER B 562 -9.32 -32.39 -3.20
N GLY B 563 -10.38 -31.67 -3.54
CA GLY B 563 -11.68 -31.89 -2.94
C GLY B 563 -12.37 -33.13 -3.48
N TYR B 564 -13.62 -33.30 -3.07
CA TYR B 564 -14.42 -34.47 -3.40
C TYR B 564 -15.59 -34.08 -4.29
N VAL B 565 -15.87 -34.91 -5.29
CA VAL B 565 -17.00 -34.73 -6.19
C VAL B 565 -18.26 -35.26 -5.52
N ALA B 566 -19.42 -35.02 -6.13
CA ALA B 566 -20.69 -35.34 -5.51
C ALA B 566 -20.80 -36.81 -5.13
N GLN B 567 -20.37 -37.71 -6.02
CA GLN B 567 -20.42 -39.13 -5.71
C GLN B 567 -19.51 -39.49 -4.55
N GLU B 568 -18.30 -38.92 -4.51
CA GLU B 568 -17.41 -39.16 -3.38
C GLU B 568 -18.01 -38.61 -2.10
N LYS B 569 -18.61 -37.42 -2.15
CA LYS B 569 -19.24 -36.86 -0.96
C LYS B 569 -20.38 -37.76 -0.47
N LEU B 570 -21.15 -38.32 -1.40
CA LEU B 570 -22.16 -39.29 -1.01
C LEU B 570 -21.54 -40.51 -0.35
N ALA B 571 -20.39 -40.96 -0.85
CA ALA B 571 -19.73 -42.11 -0.26
C ALA B 571 -19.29 -41.84 1.18
N ILE B 572 -18.61 -40.71 1.43
CA ILE B 572 -18.25 -40.38 2.81
C ILE B 572 -19.49 -40.18 3.67
N ALA B 573 -20.54 -39.54 3.13
CA ALA B 573 -21.74 -39.30 3.93
C ALA B 573 -22.37 -40.61 4.37
N GLU B 574 -22.60 -41.53 3.44
CA GLU B 574 -23.22 -42.81 3.78
C GLU B 574 -22.30 -43.64 4.67
N ARG B 575 -20.99 -43.59 4.43
CA ARG B 575 -20.08 -44.48 5.14
C ARG B 575 -19.60 -43.92 6.48
N TYR B 576 -19.28 -42.62 6.54
CA TYR B 576 -18.65 -42.08 7.74
C TYR B 576 -19.48 -41.02 8.44
N LEU B 577 -19.93 -40.01 7.69
CA LEU B 577 -20.52 -38.83 8.33
C LEU B 577 -21.84 -39.15 9.03
N VAL B 578 -22.76 -39.81 8.34
CA VAL B 578 -24.08 -40.09 8.91
C VAL B 578 -23.98 -41.03 10.12
N PRO B 579 -23.21 -42.13 10.07
CA PRO B 579 -23.07 -42.95 11.28
C PRO B 579 -22.51 -42.20 12.47
N GLN B 580 -21.51 -41.34 12.26
CA GLN B 580 -20.94 -40.58 13.37
C GLN B 580 -21.93 -39.55 13.91
N ALA B 581 -22.67 -38.90 13.01
CA ALA B 581 -23.70 -37.95 13.45
C ALA B 581 -24.78 -38.66 14.25
N ARG B 582 -25.18 -39.86 13.83
CA ARG B 582 -26.14 -40.64 14.61
C ARG B 582 -25.56 -41.02 15.97
N ALA B 583 -24.28 -41.37 16.00
CA ALA B 583 -23.65 -41.73 17.27
C ALA B 583 -23.62 -40.55 18.24
N LEU B 584 -23.31 -39.36 17.75
CA LEU B 584 -23.32 -38.17 18.59
C LEU B 584 -24.71 -37.55 18.74
N CYS B 585 -25.73 -38.14 18.11
CA CYS B 585 -27.10 -37.66 18.28
C CYS B 585 -28.03 -38.67 18.92
N GLY B 586 -27.76 -39.96 18.84
CA GLY B 586 -28.61 -40.96 19.47
C GLY B 586 -29.79 -41.41 18.64
N LEU B 587 -29.86 -41.02 17.37
CA LEU B 587 -30.99 -41.40 16.51
C LEU B 587 -30.59 -42.60 15.67
N ASP B 588 -31.31 -43.71 15.86
CA ASP B 588 -31.12 -44.88 15.03
C ASP B 588 -31.74 -44.68 13.66
N GLU B 589 -31.45 -45.60 12.74
CA GLU B 589 -32.05 -45.55 11.41
C GLU B 589 -33.57 -45.66 11.46
N SER B 590 -34.11 -46.34 12.47
CA SER B 590 -35.55 -46.45 12.60
C SER B 590 -36.19 -45.15 13.08
N LYS B 591 -35.53 -44.43 13.98
CA LYS B 591 -36.08 -43.17 14.49
C LYS B 591 -35.98 -42.06 13.45
N ALA B 592 -34.87 -41.99 12.72
CA ALA B 592 -34.65 -40.96 11.72
C ALA B 592 -34.10 -41.61 10.46
N LYS B 593 -34.87 -41.58 9.38
CA LYS B 593 -34.46 -42.22 8.14
C LYS B 593 -33.77 -41.22 7.22
N LEU B 594 -32.57 -41.60 6.74
CA LEU B 594 -31.78 -40.78 5.83
C LEU B 594 -31.38 -41.66 4.63
N SER B 595 -32.23 -41.69 3.62
CA SER B 595 -31.99 -42.54 2.46
C SER B 595 -30.94 -41.92 1.55
N SER B 596 -30.55 -42.70 0.52
CA SER B 596 -29.55 -42.23 -0.42
C SER B 596 -30.03 -41.05 -1.24
N ASP B 597 -31.32 -41.03 -1.61
CA ASP B 597 -31.84 -39.95 -2.42
C ASP B 597 -31.79 -38.62 -1.68
N VAL B 598 -32.11 -38.63 -0.38
CA VAL B 598 -32.05 -37.42 0.42
C VAL B 598 -30.62 -36.89 0.48
N LEU B 599 -29.65 -37.78 0.69
CA LEU B 599 -28.26 -37.37 0.76
C LEU B 599 -27.78 -36.82 -0.58
N THR B 600 -28.18 -37.46 -1.69
CA THR B 600 -27.79 -36.94 -3.00
C THR B 600 -28.41 -35.57 -3.26
N LEU B 601 -29.65 -35.36 -2.84
CA LEU B 601 -30.28 -34.05 -2.97
C LEU B 601 -29.54 -33.01 -2.13
N LEU B 602 -29.13 -33.39 -0.92
CA LEU B 602 -28.35 -32.49 -0.08
C LEU B 602 -27.04 -32.10 -0.76
N ILE B 603 -26.35 -33.08 -1.35
CA ILE B 603 -25.11 -32.80 -2.05
C ILE B 603 -25.35 -31.84 -3.22
N LYS B 604 -26.40 -32.12 -4.01
CA LYS B 604 -26.66 -31.35 -5.21
C LYS B 604 -27.03 -29.91 -4.88
N GLN B 605 -27.89 -29.72 -3.88
CA GLN B 605 -28.50 -28.42 -3.65
C GLN B 605 -27.85 -27.61 -2.53
N TYR B 606 -27.13 -28.25 -1.61
CA TYR B 606 -26.64 -27.51 -0.46
C TYR B 606 -25.14 -27.62 -0.25
N CYS B 607 -24.55 -28.80 -0.49
CA CYS B 607 -23.17 -29.09 -0.11
C CYS B 607 -22.22 -29.10 -1.30
N ARG B 608 -22.38 -28.15 -2.23
CA ARG B 608 -21.59 -28.11 -3.45
C ARG B 608 -20.18 -27.56 -3.24
N GLU B 609 -19.70 -27.45 -2.01
CA GLU B 609 -18.35 -26.98 -1.76
C GLU B 609 -17.35 -28.09 -2.05
N SER B 610 -16.09 -27.85 -1.69
CA SER B 610 -15.03 -28.83 -1.90
C SER B 610 -14.79 -29.71 -0.67
N GLY B 611 -14.94 -29.17 0.53
CA GLY B 611 -14.75 -29.93 1.74
C GLY B 611 -15.99 -30.70 2.13
N VAL B 612 -15.92 -31.31 3.31
CA VAL B 612 -17.00 -32.13 3.85
C VAL B 612 -17.59 -31.56 5.12
N ARG B 613 -17.07 -30.44 5.62
CA ARG B 613 -17.59 -29.86 6.86
C ARG B 613 -19.01 -29.34 6.68
N ASN B 614 -19.30 -28.72 5.53
CA ASN B 614 -20.66 -28.25 5.28
C ASN B 614 -21.65 -29.41 5.22
N LEU B 615 -21.26 -30.51 4.58
CA LEU B 615 -22.13 -31.68 4.55
C LEU B 615 -22.34 -32.25 5.94
N GLN B 616 -21.29 -32.28 6.76
CA GLN B 616 -21.45 -32.72 8.14
C GLN B 616 -22.43 -31.84 8.90
N LYS B 617 -22.32 -30.52 8.70
CA LYS B 617 -23.22 -29.59 9.38
C LYS B 617 -24.66 -29.77 8.92
N GLN B 618 -24.88 -29.99 7.62
CA GLN B 618 -26.24 -30.22 7.12
C GLN B 618 -26.82 -31.51 7.68
N VAL B 619 -26.02 -32.59 7.71
CA VAL B 619 -26.51 -33.85 8.26
C VAL B 619 -26.85 -33.69 9.74
N GLU B 620 -25.98 -33.00 10.48
CA GLU B 620 -26.25 -32.77 11.90
C GLU B 620 -27.50 -31.92 12.10
N LYS B 621 -27.72 -30.94 11.22
CA LYS B 621 -28.92 -30.13 11.28
C LYS B 621 -30.17 -30.98 11.09
N VAL B 622 -30.17 -31.84 10.08
CA VAL B 622 -31.32 -32.71 9.84
C VAL B 622 -31.57 -33.60 11.04
N LEU B 623 -30.50 -34.22 11.57
CA LEU B 623 -30.67 -35.16 12.68
C LEU B 623 -31.13 -34.45 13.94
N ARG B 624 -30.62 -33.24 14.21
CA ARG B 624 -31.04 -32.53 15.41
C ARG B 624 -32.48 -32.03 15.30
N LYS B 625 -32.91 -31.66 14.09
CA LYS B 625 -34.32 -31.29 13.94
C LYS B 625 -35.23 -32.49 14.11
N SER B 626 -34.82 -33.66 13.60
CA SER B 626 -35.59 -34.87 13.83
C SER B 626 -35.62 -35.22 15.32
N ALA B 627 -34.49 -35.02 16.01
CA ALA B 627 -34.44 -35.27 17.45
C ALA B 627 -35.38 -34.35 18.21
N TYR B 628 -35.43 -33.08 17.82
CA TYR B 628 -36.36 -32.15 18.45
C TYR B 628 -37.80 -32.57 18.20
N LYS B 629 -38.11 -33.00 16.98
CA LYS B 629 -39.47 -33.47 16.70
C LYS B 629 -39.82 -34.68 17.54
N ILE B 630 -38.88 -35.61 17.73
CA ILE B 630 -39.16 -36.82 18.50
C ILE B 630 -39.32 -36.50 19.99
N VAL B 631 -38.43 -35.67 20.54
CA VAL B 631 -38.45 -35.38 21.97
C VAL B 631 -39.71 -34.59 22.33
N SER B 632 -40.08 -33.62 21.50
CA SER B 632 -41.23 -32.77 21.79
C SER B 632 -42.55 -33.51 21.69
N GLY B 633 -42.56 -34.75 21.18
CA GLY B 633 -43.78 -35.50 21.06
C GLY B 633 -44.59 -35.20 19.82
N GLU B 634 -44.03 -34.44 18.87
CA GLU B 634 -44.73 -34.17 17.62
C GLU B 634 -44.90 -35.44 16.81
N ALA B 635 -43.88 -36.31 16.79
CA ALA B 635 -43.97 -37.57 16.07
C ALA B 635 -43.08 -38.59 16.77
N GLU B 636 -43.44 -39.87 16.63
CA GLU B 636 -42.64 -40.95 17.17
C GLU B 636 -41.46 -41.30 16.28
N SER B 637 -41.56 -41.03 14.98
CA SER B 637 -40.48 -41.28 14.04
C SER B 637 -40.50 -40.19 12.98
N VAL B 638 -39.32 -39.86 12.47
CA VAL B 638 -39.16 -38.82 11.45
C VAL B 638 -38.56 -39.46 10.22
N GLU B 639 -39.23 -39.29 9.08
CA GLU B 639 -38.78 -39.84 7.80
C GLU B 639 -38.64 -38.70 6.81
N VAL B 640 -37.43 -38.52 6.30
CA VAL B 640 -37.11 -37.38 5.43
C VAL B 640 -37.36 -37.78 3.98
N THR B 641 -37.91 -36.85 3.21
CA THR B 641 -38.20 -37.03 1.80
C THR B 641 -37.63 -35.86 1.02
N PRO B 642 -37.37 -36.04 -0.28
CA PRO B 642 -37.00 -34.87 -1.10
C PRO B 642 -38.10 -33.83 -1.19
N GLU B 643 -39.35 -34.19 -0.89
CA GLU B 643 -40.43 -33.23 -0.92
C GLU B 643 -40.47 -32.33 0.31
N ASN B 644 -39.77 -32.71 1.39
CA ASN B 644 -39.79 -31.93 2.62
C ASN B 644 -38.41 -31.72 3.23
N LEU B 645 -37.34 -31.86 2.42
CA LEU B 645 -35.99 -31.62 2.94
C LEU B 645 -35.80 -30.16 3.30
N GLN B 646 -36.43 -29.25 2.55
CA GLN B 646 -36.34 -27.82 2.82
C GLN B 646 -36.94 -27.45 4.17
N ASP B 647 -37.83 -28.29 4.71
CA ASP B 647 -38.33 -28.05 6.06
C ASP B 647 -37.25 -28.26 7.11
N PHE B 648 -36.19 -29.00 6.76
CA PHE B 648 -35.08 -29.24 7.67
C PHE B 648 -33.90 -28.33 7.39
N VAL B 649 -33.51 -28.19 6.12
CA VAL B 649 -32.30 -27.44 5.76
C VAL B 649 -32.61 -26.12 5.06
N GLY B 650 -33.87 -25.71 5.00
CA GLY B 650 -34.15 -24.39 4.49
C GLY B 650 -34.08 -24.27 2.97
N LYS B 651 -33.87 -23.04 2.53
CA LYS B 651 -33.91 -22.73 1.11
C LYS B 651 -32.72 -23.37 0.39
N PRO B 652 -32.94 -24.05 -0.74
CA PRO B 652 -31.81 -24.60 -1.51
C PRO B 652 -30.87 -23.51 -1.98
N VAL B 653 -29.57 -23.82 -1.97
CA VAL B 653 -28.58 -22.86 -2.45
C VAL B 653 -28.50 -22.89 -3.97
N PHE B 654 -28.55 -24.08 -4.57
CA PHE B 654 -28.48 -24.26 -6.02
C PHE B 654 -29.74 -25.01 -6.44
N THR B 655 -30.78 -24.25 -6.80
CA THR B 655 -32.07 -24.87 -7.10
C THR B 655 -32.24 -25.14 -8.61
N VAL B 656 -31.57 -24.38 -9.45
CA VAL B 656 -31.74 -24.48 -10.91
C VAL B 656 -30.39 -24.74 -11.53
N GLU B 657 -30.33 -25.74 -12.42
CA GLU B 657 -29.09 -26.11 -13.09
C GLU B 657 -28.91 -25.43 -14.44
N ARG B 658 -29.99 -25.24 -15.19
CA ARG B 658 -29.90 -24.60 -16.50
C ARG B 658 -31.09 -23.68 -16.71
N MET B 659 -30.82 -22.51 -17.30
CA MET B 659 -31.89 -21.54 -17.54
C MET B 659 -32.84 -22.00 -18.64
N TYR B 660 -32.31 -22.60 -19.69
CA TYR B 660 -33.07 -22.97 -20.87
C TYR B 660 -33.25 -24.48 -20.91
N ASP B 661 -34.49 -24.93 -21.10
CA ASP B 661 -34.74 -26.34 -21.37
C ASP B 661 -34.70 -26.64 -22.86
N VAL B 662 -35.27 -25.76 -23.68
CA VAL B 662 -35.22 -25.88 -25.13
C VAL B 662 -34.70 -24.54 -25.65
N THR B 663 -33.52 -24.55 -26.25
CA THR B 663 -32.86 -23.31 -26.62
C THR B 663 -33.51 -22.69 -27.85
N PRO B 664 -33.80 -21.39 -27.84
CA PRO B 664 -34.20 -20.71 -29.07
C PRO B 664 -33.02 -20.56 -30.01
N PRO B 665 -33.24 -20.08 -31.25
CA PRO B 665 -32.14 -20.04 -32.21
C PRO B 665 -30.90 -19.27 -31.77
N GLY B 666 -31.08 -18.17 -31.04
CA GLY B 666 -29.96 -17.29 -30.79
C GLY B 666 -29.04 -17.67 -29.64
N VAL B 667 -29.35 -18.71 -28.88
CA VAL B 667 -28.60 -19.00 -27.66
C VAL B 667 -27.90 -20.35 -27.79
N VAL B 668 -26.77 -20.47 -27.11
CA VAL B 668 -25.98 -21.69 -27.08
C VAL B 668 -25.51 -21.93 -25.65
N MET B 669 -25.57 -23.19 -25.22
CA MET B 669 -25.15 -23.56 -23.87
C MET B 669 -23.64 -23.73 -23.81
N GLY B 670 -23.04 -23.25 -22.72
CA GLY B 670 -21.62 -23.39 -22.50
C GLY B 670 -21.29 -23.94 -21.13
N LEU B 671 -20.01 -23.93 -20.76
CA LEU B 671 -19.57 -24.44 -19.47
C LEU B 671 -18.59 -23.46 -18.85
N ALA B 672 -18.55 -23.44 -17.52
CA ALA B 672 -17.70 -22.49 -16.79
C ALA B 672 -17.09 -23.17 -15.57
N TRP B 673 -15.90 -22.71 -15.20
CA TRP B 673 -15.29 -23.16 -13.96
C TRP B 673 -15.74 -22.28 -12.79
N THR B 674 -15.93 -22.91 -11.64
CA THR B 674 -16.35 -22.19 -10.44
C THR B 674 -15.88 -22.98 -9.23
N ALA B 675 -15.59 -22.26 -8.14
CA ALA B 675 -15.12 -22.90 -6.92
C ALA B 675 -16.17 -23.85 -6.36
N MET B 676 -17.44 -23.47 -6.40
CA MET B 676 -18.52 -24.33 -5.92
C MET B 676 -18.93 -25.31 -7.00
N GLY B 677 -17.98 -26.12 -7.47
CA GLY B 677 -18.25 -27.05 -8.55
C GLY B 677 -18.37 -26.36 -9.89
N GLY B 678 -18.60 -27.11 -10.95
CA GLY B 678 -18.74 -26.51 -12.26
C GLY B 678 -20.00 -25.69 -12.39
N SER B 679 -19.99 -24.76 -13.34
CA SER B 679 -21.11 -23.87 -13.58
C SER B 679 -21.49 -23.86 -15.04
N THR B 680 -22.80 -23.86 -15.29
CA THR B 680 -23.32 -23.70 -16.64
C THR B 680 -23.49 -22.22 -16.98
N LEU B 681 -23.14 -21.87 -18.21
CA LEU B 681 -23.41 -20.54 -18.73
C LEU B 681 -24.06 -20.67 -20.10
N PHE B 682 -24.93 -19.72 -20.41
CA PHE B 682 -25.55 -19.59 -21.72
C PHE B 682 -25.06 -18.32 -22.37
N VAL B 683 -25.01 -18.31 -23.70
CA VAL B 683 -24.64 -17.12 -24.47
C VAL B 683 -25.85 -16.72 -25.30
N GLU B 684 -26.41 -15.56 -25.04
CA GLU B 684 -27.54 -15.13 -25.85
C GLU B 684 -27.14 -14.02 -26.79
N THR B 685 -27.62 -14.05 -28.00
CA THR B 685 -27.45 -13.04 -29.03
C THR B 685 -28.82 -12.61 -29.52
N SER B 686 -28.95 -11.31 -29.79
CA SER B 686 -30.22 -10.76 -30.24
C SER B 686 -29.96 -9.67 -31.26
N LEU B 687 -30.96 -9.43 -32.11
CA LEU B 687 -30.86 -8.39 -33.13
C LEU B 687 -31.16 -7.04 -32.48
N ARG B 688 -30.17 -6.14 -32.50
CA ARG B 688 -30.30 -4.85 -31.84
C ARG B 688 -31.05 -3.82 -32.68
N ARG B 689 -31.02 -3.94 -34.00
CA ARG B 689 -31.71 -3.01 -34.89
C ARG B 689 -32.39 -3.79 -36.01
N PRO B 690 -33.54 -3.32 -36.49
CA PRO B 690 -34.26 -4.06 -37.54
C PRO B 690 -33.51 -4.01 -38.87
N GLN B 691 -33.11 -5.18 -39.36
CA GLN B 691 -32.48 -5.28 -40.66
C GLN B 691 -32.55 -6.73 -41.11
N ASP B 692 -32.59 -6.92 -42.42
CA ASP B 692 -32.67 -8.26 -43.01
C ASP B 692 -31.41 -9.08 -42.68
N LYS B 699 -21.38 1.23 -44.60
CA LYS B 699 -22.05 0.76 -43.38
C LYS B 699 -21.70 -0.71 -43.11
N ASP B 700 -21.67 -1.07 -41.83
CA ASP B 700 -21.37 -2.44 -41.44
C ASP B 700 -22.00 -2.72 -40.10
N GLY B 701 -22.10 -4.01 -39.77
CA GLY B 701 -22.66 -4.41 -38.51
C GLY B 701 -21.73 -4.15 -37.35
N SER B 702 -22.28 -4.30 -36.14
CA SER B 702 -21.52 -4.09 -34.93
C SER B 702 -22.00 -5.09 -33.87
N LEU B 703 -21.14 -5.36 -32.90
CA LEU B 703 -21.43 -6.30 -31.83
C LEU B 703 -21.31 -5.59 -30.49
N GLU B 704 -22.42 -5.53 -29.76
CA GLU B 704 -22.41 -5.03 -28.39
C GLU B 704 -22.30 -6.21 -27.43
N VAL B 705 -21.46 -6.06 -26.42
CA VAL B 705 -21.14 -7.14 -25.50
C VAL B 705 -21.39 -6.67 -24.07
N THR B 706 -22.23 -7.42 -23.35
CA THR B 706 -22.54 -7.13 -21.95
C THR B 706 -22.52 -8.42 -21.17
N GLY B 707 -22.49 -8.29 -19.84
CA GLY B 707 -22.48 -9.45 -18.98
C GLY B 707 -21.30 -9.51 -18.04
N GLN B 708 -20.71 -8.34 -17.75
CA GLN B 708 -19.53 -8.24 -16.89
C GLN B 708 -18.38 -9.09 -17.41
N LEU B 709 -18.24 -9.12 -18.73
CA LEU B 709 -17.19 -9.91 -19.35
C LEU B 709 -15.84 -9.23 -19.18
N GLY B 710 -14.81 -10.03 -18.91
CA GLY B 710 -13.47 -9.51 -18.73
C GLY B 710 -12.84 -9.09 -20.04
N GLU B 711 -11.65 -8.48 -19.91
CA GLU B 711 -10.93 -8.01 -21.09
C GLU B 711 -10.53 -9.17 -21.99
N VAL B 712 -10.04 -10.26 -21.40
CA VAL B 712 -9.67 -11.43 -22.19
C VAL B 712 -10.90 -12.02 -22.86
N MET B 713 -12.02 -12.09 -22.15
CA MET B 713 -13.22 -12.64 -22.74
C MET B 713 -13.83 -11.70 -23.78
N LYS B 714 -13.65 -10.39 -23.61
CA LYS B 714 -14.06 -9.44 -24.64
C LYS B 714 -13.23 -9.63 -25.91
N GLU B 715 -11.91 -9.81 -25.75
CA GLU B 715 -11.08 -10.10 -26.91
C GLU B 715 -11.48 -11.40 -27.57
N SER B 716 -11.81 -12.41 -26.76
CA SER B 716 -12.30 -13.68 -27.29
C SER B 716 -13.57 -13.48 -28.08
N ALA B 717 -14.47 -12.64 -27.58
CA ALA B 717 -15.70 -12.35 -28.31
C ALA B 717 -15.42 -11.64 -29.64
N ARG B 718 -14.46 -10.72 -29.66
CA ARG B 718 -14.10 -10.06 -30.91
C ARG B 718 -13.53 -11.05 -31.92
N ILE B 719 -12.63 -11.94 -31.46
CA ILE B 719 -12.06 -12.96 -32.33
C ILE B 719 -13.16 -13.88 -32.86
N ALA B 720 -14.08 -14.26 -31.98
CA ALA B 720 -15.17 -15.15 -32.37
C ALA B 720 -16.09 -14.46 -33.38
N TYR B 721 -16.34 -13.17 -33.22
CA TYR B 721 -17.13 -12.41 -34.17
C TYR B 721 -16.47 -12.36 -35.54
N THR B 722 -15.16 -12.08 -35.57
CA THR B 722 -14.45 -12.04 -36.84
C THR B 722 -14.46 -13.42 -37.52
N PHE B 723 -14.20 -14.47 -36.76
CA PHE B 723 -14.20 -15.81 -37.36
C PHE B 723 -15.60 -16.22 -37.80
N ALA B 724 -16.63 -15.82 -37.06
CA ALA B 724 -17.99 -16.14 -37.48
C ALA B 724 -18.32 -15.45 -38.80
N ARG B 725 -17.92 -14.18 -38.94
CA ARG B 725 -18.07 -13.50 -40.22
C ARG B 725 -17.36 -14.25 -41.33
N ALA B 726 -16.10 -14.64 -41.08
CA ALA B 726 -15.33 -15.33 -42.11
C ALA B 726 -15.95 -16.67 -42.49
N PHE B 727 -16.40 -17.43 -41.48
CA PHE B 727 -16.98 -18.74 -41.73
C PHE B 727 -18.30 -18.64 -42.49
N LEU B 728 -19.14 -17.67 -42.12
CA LEU B 728 -20.41 -17.52 -42.83
C LEU B 728 -20.18 -16.95 -44.23
N MET B 729 -19.06 -16.25 -44.44
CA MET B 729 -18.75 -15.74 -45.78
C MET B 729 -18.51 -16.86 -46.78
N GLN B 730 -18.01 -18.00 -46.34
CA GLN B 730 -17.71 -19.11 -47.24
C GLN B 730 -18.70 -20.26 -47.16
N HIS B 731 -19.29 -20.51 -46.00
CA HIS B 731 -20.29 -21.58 -45.89
C HIS B 731 -21.60 -21.17 -46.55
N ALA B 732 -22.04 -19.94 -46.33
CA ALA B 732 -23.26 -19.41 -46.92
C ALA B 732 -22.96 -18.04 -47.52
N PRO B 733 -22.41 -18.02 -48.75
CA PRO B 733 -22.01 -16.74 -49.35
C PRO B 733 -23.13 -15.73 -49.48
N ALA B 734 -24.37 -16.19 -49.73
CA ALA B 734 -25.49 -15.26 -49.89
C ALA B 734 -26.00 -14.73 -48.56
N ASN B 735 -25.55 -15.29 -47.43
CA ASN B 735 -26.02 -14.88 -46.11
C ASN B 735 -25.11 -13.77 -45.60
N ASP B 736 -25.63 -12.54 -45.60
CA ASP B 736 -24.91 -11.37 -45.10
C ASP B 736 -25.44 -10.89 -43.76
N TYR B 737 -25.96 -11.80 -42.93
CA TYR B 737 -26.55 -11.39 -41.66
C TYR B 737 -25.51 -10.80 -40.73
N LEU B 738 -24.33 -11.42 -40.64
CA LEU B 738 -23.36 -11.01 -39.64
C LEU B 738 -22.66 -9.71 -40.02
N VAL B 739 -22.49 -9.46 -41.31
CA VAL B 739 -21.73 -8.28 -41.74
C VAL B 739 -22.56 -7.00 -41.78
N THR B 740 -23.89 -7.12 -41.77
CA THR B 740 -24.77 -5.95 -41.87
C THR B 740 -25.59 -5.68 -40.62
N SER B 741 -25.98 -6.72 -39.89
CA SER B 741 -26.88 -6.54 -38.75
C SER B 741 -26.11 -6.11 -37.51
N HIS B 742 -26.81 -5.40 -36.62
CA HIS B 742 -26.26 -4.96 -35.35
C HIS B 742 -26.72 -5.93 -34.26
N ILE B 743 -25.77 -6.53 -33.56
CA ILE B 743 -26.05 -7.66 -32.68
C ILE B 743 -25.58 -7.32 -31.27
N HIS B 744 -26.38 -7.73 -30.29
CA HIS B 744 -26.05 -7.61 -28.88
C HIS B 744 -25.84 -9.02 -28.33
N LEU B 745 -24.71 -9.24 -27.68
CA LEU B 745 -24.37 -10.53 -27.09
C LEU B 745 -24.32 -10.38 -25.57
N HIS B 746 -25.02 -11.28 -24.88
CA HIS B 746 -25.11 -11.23 -23.43
C HIS B 746 -24.93 -12.64 -22.85
N VAL B 747 -24.30 -12.71 -21.69
CA VAL B 747 -24.18 -13.95 -20.93
C VAL B 747 -25.02 -13.79 -19.66
N PRO B 748 -26.19 -14.41 -19.58
CA PRO B 748 -27.18 -13.99 -18.59
C PRO B 748 -26.84 -14.31 -17.14
N GLU B 749 -25.85 -13.61 -16.59
CA GLU B 749 -25.72 -13.49 -15.14
C GLU B 749 -25.05 -12.14 -14.90
N GLY B 750 -25.88 -11.11 -14.70
CA GLY B 750 -25.39 -9.75 -14.69
C GLY B 750 -24.45 -9.41 -13.56
N ALA B 751 -24.70 -9.95 -12.36
CA ALA B 751 -23.92 -9.54 -11.20
C ALA B 751 -22.60 -10.30 -11.07
N THR B 752 -22.42 -11.38 -11.82
CA THR B 752 -21.20 -12.17 -11.63
C THR B 752 -20.19 -11.87 -12.73
N PRO B 753 -18.98 -11.43 -12.39
CA PRO B 753 -17.96 -11.21 -13.41
C PRO B 753 -17.48 -12.54 -13.98
N LYS B 754 -17.20 -12.56 -15.29
CA LYS B 754 -16.74 -13.75 -15.97
C LYS B 754 -15.62 -13.38 -16.93
N ASP B 755 -14.61 -14.24 -17.01
CA ASP B 755 -13.43 -13.96 -17.83
C ASP B 755 -12.86 -15.29 -18.33
N GLY B 756 -12.00 -15.19 -19.34
CA GLY B 756 -11.37 -16.35 -19.92
C GLY B 756 -11.78 -16.59 -21.36
N PRO B 757 -10.91 -17.23 -22.13
CA PRO B 757 -11.22 -17.48 -23.55
C PRO B 757 -11.96 -18.77 -23.82
N SER B 758 -12.45 -19.45 -22.79
CA SER B 758 -13.05 -20.77 -22.97
C SER B 758 -14.34 -20.72 -23.77
N ALA B 759 -14.96 -19.55 -23.89
CA ALA B 759 -16.27 -19.42 -24.51
C ALA B 759 -16.21 -19.01 -25.97
N GLY B 760 -15.05 -19.07 -26.61
CA GLY B 760 -14.95 -18.62 -28.00
C GLY B 760 -15.80 -19.43 -28.95
N CYS B 761 -15.73 -20.77 -28.84
CA CYS B 761 -16.53 -21.62 -29.69
C CYS B 761 -18.02 -21.45 -29.41
N THR B 762 -18.39 -21.25 -28.14
CA THR B 762 -19.78 -20.98 -27.80
C THR B 762 -20.27 -19.70 -28.44
N ILE B 763 -19.43 -18.66 -28.44
CA ILE B 763 -19.81 -17.39 -29.05
C ILE B 763 -19.95 -17.54 -30.56
N VAL B 764 -19.03 -18.27 -31.19
CA VAL B 764 -19.13 -18.51 -32.64
C VAL B 764 -20.42 -19.25 -32.94
N THR B 765 -20.75 -20.27 -32.15
CA THR B 765 -21.95 -21.05 -32.39
C THR B 765 -23.19 -20.20 -32.20
N ALA B 766 -23.22 -19.35 -31.18
CA ALA B 766 -24.37 -18.48 -30.96
C ALA B 766 -24.56 -17.52 -32.13
N LEU B 767 -23.47 -16.90 -32.60
CA LEU B 767 -23.58 -15.99 -33.72
C LEU B 767 -24.06 -16.69 -34.98
N LEU B 768 -23.50 -17.87 -35.27
CA LEU B 768 -23.90 -18.59 -36.48
C LEU B 768 -25.34 -19.08 -36.39
N SER B 769 -25.76 -19.55 -35.22
CA SER B 769 -27.13 -20.01 -35.06
C SER B 769 -28.12 -18.86 -35.20
N LEU B 770 -27.78 -17.69 -34.65
CA LEU B 770 -28.63 -16.52 -34.84
C LEU B 770 -28.70 -16.13 -36.30
N ALA B 771 -27.55 -16.14 -36.99
CA ALA B 771 -27.53 -15.75 -38.40
C ALA B 771 -28.31 -16.70 -39.28
N MET B 772 -28.24 -18.00 -39.01
CA MET B 772 -28.94 -19.00 -39.81
C MET B 772 -30.36 -19.25 -39.34
N GLY B 773 -30.74 -18.77 -38.16
CA GLY B 773 -32.06 -19.02 -37.64
C GLY B 773 -32.30 -20.44 -37.19
N ARG B 774 -31.25 -21.18 -36.86
CA ARG B 774 -31.35 -22.57 -36.48
C ARG B 774 -30.86 -22.77 -35.05
N PRO B 775 -31.65 -23.37 -34.18
CA PRO B 775 -31.15 -23.72 -32.84
C PRO B 775 -30.18 -24.90 -32.91
N VAL B 776 -29.28 -24.93 -31.93
CA VAL B 776 -28.30 -26.00 -31.81
C VAL B 776 -28.96 -27.23 -31.19
N ARG B 777 -28.25 -28.36 -31.19
CA ARG B 777 -28.71 -29.56 -30.51
C ARG B 777 -29.16 -29.22 -29.09
N GLN B 778 -30.31 -29.78 -28.70
CA GLN B 778 -30.98 -29.32 -27.49
C GLN B 778 -30.35 -29.84 -26.21
N ASN B 779 -29.46 -30.82 -26.29
CA ASN B 779 -28.73 -31.31 -25.13
C ASN B 779 -27.23 -31.23 -25.34
N LEU B 780 -26.78 -30.24 -26.10
CA LEU B 780 -25.37 -30.08 -26.43
C LEU B 780 -24.74 -28.99 -25.58
N ALA B 781 -23.52 -29.24 -25.12
CA ALA B 781 -22.70 -28.25 -24.43
C ALA B 781 -21.31 -28.26 -25.05
N MET B 782 -20.64 -27.11 -25.01
CA MET B 782 -19.33 -27.00 -25.62
C MET B 782 -18.48 -26.00 -24.84
N THR B 783 -17.17 -26.16 -24.99
CA THR B 783 -16.20 -25.23 -24.44
C THR B 783 -14.91 -25.34 -25.24
N GLY B 784 -14.24 -24.22 -25.43
CA GLY B 784 -12.98 -24.23 -26.15
C GLY B 784 -12.59 -22.89 -26.74
N GLU B 785 -11.30 -22.56 -26.64
CA GLU B 785 -10.78 -21.34 -27.23
C GLU B 785 -10.72 -21.48 -28.74
N VAL B 786 -11.02 -20.37 -29.44
CA VAL B 786 -11.01 -20.35 -30.90
C VAL B 786 -9.99 -19.31 -31.36
N SER B 787 -9.26 -19.64 -32.42
CA SER B 787 -8.33 -18.72 -33.03
C SER B 787 -9.03 -17.92 -34.13
N LEU B 788 -8.28 -16.99 -34.72
CA LEU B 788 -8.84 -16.20 -35.82
C LEU B 788 -9.10 -17.03 -37.05
N THR B 789 -8.36 -18.11 -37.26
CA THR B 789 -8.57 -19.02 -38.38
C THR B 789 -9.51 -20.17 -38.05
N GLY B 790 -9.98 -20.26 -36.81
CA GLY B 790 -10.95 -21.27 -36.43
C GLY B 790 -10.41 -22.47 -35.68
N LYS B 791 -9.10 -22.53 -35.44
CA LYS B 791 -8.54 -23.64 -34.69
C LYS B 791 -9.00 -23.60 -33.23
N ILE B 792 -9.26 -24.78 -32.68
CA ILE B 792 -9.74 -24.91 -31.31
C ILE B 792 -8.57 -25.23 -30.40
N LEU B 793 -8.42 -24.46 -29.32
CA LEU B 793 -7.28 -24.58 -28.42
C LEU B 793 -7.70 -25.18 -27.09
N PRO B 794 -6.79 -25.84 -26.38
CA PRO B 794 -7.14 -26.44 -25.09
C PRO B 794 -7.55 -25.39 -24.07
N VAL B 795 -8.44 -25.79 -23.16
CA VAL B 795 -8.94 -24.93 -22.10
C VAL B 795 -8.80 -25.65 -20.77
N GLY B 796 -8.76 -24.86 -19.70
CA GLY B 796 -8.61 -25.42 -18.37
C GLY B 796 -9.94 -25.72 -17.70
N GLY B 797 -9.84 -26.35 -16.53
CA GLY B 797 -11.02 -26.69 -15.77
C GLY B 797 -11.92 -27.71 -16.43
N ILE B 798 -11.34 -28.76 -17.03
CA ILE B 798 -12.14 -29.76 -17.73
C ILE B 798 -13.00 -30.55 -16.76
N LYS B 799 -12.47 -30.84 -15.57
CA LYS B 799 -13.23 -31.62 -14.58
C LYS B 799 -14.50 -30.88 -14.16
N GLU B 800 -14.36 -29.60 -13.82
CA GLU B 800 -15.52 -28.82 -13.38
C GLU B 800 -16.55 -28.68 -14.49
N LYS B 801 -16.09 -28.43 -15.72
CA LYS B 801 -17.01 -28.29 -16.84
C LYS B 801 -17.74 -29.60 -17.11
N THR B 802 -17.02 -30.72 -17.04
CA THR B 802 -17.65 -32.03 -17.24
C THR B 802 -18.68 -32.32 -16.15
N ILE B 803 -18.34 -31.99 -14.90
CA ILE B 803 -19.28 -32.20 -13.80
C ILE B 803 -20.53 -31.34 -13.98
N ALA B 804 -20.34 -30.09 -14.38
CA ALA B 804 -21.47 -29.20 -14.62
C ALA B 804 -22.34 -29.71 -15.76
N ALA B 805 -21.73 -30.20 -16.84
CA ALA B 805 -22.49 -30.72 -17.96
C ALA B 805 -23.30 -31.95 -17.55
N LYS B 806 -22.65 -32.88 -16.84
CA LYS B 806 -23.35 -34.09 -16.41
C LYS B 806 -24.48 -33.75 -15.44
N ARG B 807 -24.25 -32.79 -14.55
CA ARG B 807 -25.26 -32.38 -13.59
C ARG B 807 -26.48 -31.78 -14.27
N ALA B 808 -26.26 -31.00 -15.33
CA ALA B 808 -27.33 -30.31 -16.04
C ALA B 808 -28.04 -31.18 -17.06
N GLY B 809 -27.77 -32.49 -17.07
CA GLY B 809 -28.45 -33.37 -18.00
C GLY B 809 -27.95 -33.32 -19.43
N VAL B 810 -26.69 -32.94 -19.64
CA VAL B 810 -26.14 -32.89 -20.99
C VAL B 810 -25.79 -34.29 -21.45
N THR B 811 -26.18 -34.62 -22.69
CA THR B 811 -25.86 -35.91 -23.27
C THR B 811 -24.68 -35.87 -24.23
N CYS B 812 -24.47 -34.75 -24.91
CA CYS B 812 -23.37 -34.60 -25.86
C CYS B 812 -22.55 -33.37 -25.50
N ILE B 813 -21.24 -33.56 -25.40
CA ILE B 813 -20.32 -32.49 -25.00
C ILE B 813 -19.20 -32.40 -26.03
N VAL B 814 -18.78 -31.17 -26.33
CA VAL B 814 -17.74 -30.90 -27.31
C VAL B 814 -16.53 -30.32 -26.57
N LEU B 815 -15.36 -30.88 -26.83
CA LEU B 815 -14.13 -30.49 -26.18
C LEU B 815 -13.02 -30.32 -27.21
N PRO B 816 -12.00 -29.51 -26.90
CA PRO B 816 -10.82 -29.46 -27.78
C PRO B 816 -10.10 -30.79 -27.77
N ALA B 817 -9.46 -31.12 -28.90
CA ALA B 817 -8.75 -32.38 -29.01
C ALA B 817 -7.55 -32.45 -28.06
N GLU B 818 -6.98 -31.30 -27.70
CA GLU B 818 -5.86 -31.27 -26.79
C GLU B 818 -6.25 -31.54 -25.34
N ASN B 819 -7.54 -31.58 -25.04
CA ASN B 819 -8.03 -31.90 -23.70
C ASN B 819 -8.44 -33.36 -23.55
N LYS B 820 -8.04 -34.22 -24.49
CA LYS B 820 -8.39 -35.63 -24.41
C LYS B 820 -7.80 -36.28 -23.18
N LYS B 821 -6.54 -35.95 -22.85
CA LYS B 821 -5.91 -36.51 -21.66
C LYS B 821 -6.54 -36.00 -20.38
N ASP B 822 -6.99 -34.75 -20.34
CA ASP B 822 -7.73 -34.27 -19.17
C ASP B 822 -9.07 -34.98 -19.05
N PHE B 823 -9.78 -35.18 -20.16
CA PHE B 823 -11.08 -35.82 -20.10
C PHE B 823 -10.97 -37.28 -19.65
N TYR B 824 -9.99 -38.00 -20.18
CA TYR B 824 -9.85 -39.41 -19.83
C TYR B 824 -9.08 -39.63 -18.53
N ASP B 825 -8.54 -38.57 -17.92
CA ASP B 825 -7.98 -38.66 -16.59
C ASP B 825 -9.07 -38.71 -15.52
N LEU B 826 -10.27 -38.25 -15.84
CA LEU B 826 -11.37 -38.21 -14.88
C LEU B 826 -11.83 -39.62 -14.52
N ALA B 827 -12.47 -39.74 -13.37
CA ALA B 827 -12.98 -41.04 -12.92
C ALA B 827 -14.06 -41.53 -13.86
N ALA B 828 -14.25 -42.85 -13.89
CA ALA B 828 -15.17 -43.46 -14.84
C ALA B 828 -16.62 -43.05 -14.58
N PHE B 829 -17.00 -42.87 -13.31
CA PHE B 829 -18.38 -42.52 -13.01
C PHE B 829 -18.75 -41.11 -13.43
N ILE B 830 -17.76 -40.26 -13.71
CA ILE B 830 -18.05 -38.90 -14.16
C ILE B 830 -18.42 -38.89 -15.64
N THR B 831 -17.58 -39.52 -16.46
CA THR B 831 -17.74 -39.45 -17.91
C THR B 831 -18.56 -40.61 -18.50
N GLU B 832 -19.24 -41.39 -17.65
CA GLU B 832 -19.90 -42.60 -18.14
C GLU B 832 -20.99 -42.29 -19.17
N GLY B 833 -21.81 -41.28 -18.92
CA GLY B 833 -22.97 -41.02 -19.75
C GLY B 833 -22.84 -39.94 -20.79
N LEU B 834 -21.63 -39.47 -21.08
CA LEU B 834 -21.43 -38.34 -21.98
C LEU B 834 -20.91 -38.82 -23.33
N GLU B 835 -21.57 -38.35 -24.39
CA GLU B 835 -21.12 -38.58 -25.77
C GLU B 835 -20.15 -37.47 -26.14
N VAL B 836 -18.89 -37.67 -25.78
CA VAL B 836 -17.88 -36.62 -25.92
C VAL B 836 -17.37 -36.59 -27.36
N HIS B 837 -17.12 -35.38 -27.85
CA HIS B 837 -16.51 -35.15 -29.16
C HIS B 837 -15.27 -34.29 -28.98
N PHE B 838 -14.17 -34.68 -29.60
CA PHE B 838 -12.93 -33.93 -29.58
C PHE B 838 -12.67 -33.38 -30.97
N VAL B 839 -12.38 -32.08 -31.05
CA VAL B 839 -12.30 -31.38 -32.32
C VAL B 839 -10.97 -30.65 -32.43
N GLU B 840 -10.51 -30.49 -33.68
CA GLU B 840 -9.33 -29.71 -33.98
C GLU B 840 -9.64 -28.34 -34.59
N HIS B 841 -10.70 -28.26 -35.41
CA HIS B 841 -11.09 -27.02 -36.06
C HIS B 841 -12.58 -26.85 -35.89
N TYR B 842 -13.05 -25.62 -36.05
CA TYR B 842 -14.44 -25.31 -35.75
C TYR B 842 -15.42 -26.01 -36.69
N ARG B 843 -14.99 -26.36 -37.90
CA ARG B 843 -15.92 -26.98 -38.84
C ARG B 843 -16.48 -28.29 -38.30
N GLU B 844 -15.70 -29.01 -37.48
CA GLU B 844 -16.21 -30.18 -36.80
C GLU B 844 -17.33 -29.82 -35.82
N ILE B 845 -17.15 -28.72 -35.08
CA ILE B 845 -18.19 -28.26 -34.16
C ILE B 845 -19.44 -27.86 -34.94
N PHE B 846 -19.26 -27.25 -36.11
CA PHE B 846 -20.40 -26.87 -36.94
C PHE B 846 -21.15 -28.10 -37.40
N ASP B 847 -20.43 -29.15 -37.81
CA ASP B 847 -21.09 -30.39 -38.20
C ASP B 847 -21.80 -31.06 -37.03
N ILE B 848 -21.22 -30.95 -35.82
CA ILE B 848 -21.85 -31.57 -34.66
C ILE B 848 -23.11 -30.82 -34.25
N ALA B 849 -23.05 -29.49 -34.17
CA ALA B 849 -24.15 -28.71 -33.63
C ALA B 849 -25.29 -28.52 -34.63
N PHE B 850 -25.02 -28.72 -35.92
CA PHE B 850 -26.05 -28.53 -36.94
C PHE B 850 -26.20 -29.76 -37.82
N ALA C 319 -1.12 -29.94 54.52
CA ALA C 319 0.14 -29.59 53.88
C ALA C 319 -0.08 -29.00 52.50
N ILE C 320 1.01 -28.65 51.82
CA ILE C 320 0.91 -28.04 50.51
C ILE C 320 0.35 -29.04 49.50
N GLU C 321 0.91 -30.25 49.48
CA GLU C 321 0.41 -31.26 48.56
C GLU C 321 -0.91 -31.85 49.02
N GLU C 322 -1.17 -31.82 50.33
CA GLU C 322 -2.43 -32.35 50.86
C GLU C 322 -3.62 -31.56 50.34
N LYS C 323 -3.51 -30.23 50.28
CA LYS C 323 -4.60 -29.43 49.76
C LYS C 323 -4.82 -29.67 48.28
N PHE C 324 -3.75 -29.89 47.51
CA PHE C 324 -3.90 -30.25 46.11
C PHE C 324 -4.61 -31.58 45.95
N ARG C 325 -4.21 -32.57 46.76
CA ARG C 325 -4.88 -33.88 46.70
C ARG C 325 -6.35 -33.76 47.07
N GLU C 326 -6.67 -32.94 48.06
CA GLU C 326 -8.06 -32.72 48.44
C GLU C 326 -8.84 -32.08 47.29
N ARG C 327 -8.23 -31.07 46.65
CA ARG C 327 -8.89 -30.40 45.54
C ARG C 327 -9.04 -31.31 44.33
N LEU C 328 -8.24 -32.37 44.24
CA LEU C 328 -8.40 -33.33 43.15
C LEU C 328 -9.50 -34.36 43.42
N LYS C 329 -10.10 -34.37 44.60
CA LYS C 329 -11.06 -35.42 44.96
C LYS C 329 -12.33 -35.34 44.12
N GLU C 330 -12.87 -34.13 43.93
CA GLU C 330 -14.17 -33.98 43.30
C GLU C 330 -14.13 -34.12 41.79
N LEU C 331 -12.95 -34.29 41.20
CA LEU C 331 -12.79 -34.30 39.75
C LEU C 331 -12.33 -35.66 39.28
N VAL C 332 -12.85 -36.12 38.14
CA VAL C 332 -12.36 -37.32 37.50
C VAL C 332 -11.22 -36.94 36.54
N VAL C 333 -10.01 -36.83 37.09
CA VAL C 333 -8.87 -36.34 36.32
C VAL C 333 -8.48 -37.37 35.27
N PRO C 334 -8.23 -36.98 34.02
CA PRO C 334 -7.70 -37.92 33.04
C PRO C 334 -6.30 -38.37 33.41
N LYS C 335 -5.93 -39.56 32.92
CA LYS C 335 -4.66 -40.17 33.31
C LYS C 335 -3.47 -39.34 32.87
N HIS C 336 -3.52 -38.81 31.64
CA HIS C 336 -2.41 -38.01 31.12
C HIS C 336 -2.24 -36.70 31.87
N VAL C 337 -3.26 -36.27 32.62
CA VAL C 337 -3.10 -35.13 33.51
C VAL C 337 -2.73 -35.59 34.92
N MET C 338 -3.28 -36.74 35.32
CA MET C 338 -3.01 -37.24 36.67
C MET C 338 -1.54 -37.57 36.86
N ASP C 339 -0.91 -38.18 35.86
CA ASP C 339 0.52 -38.48 35.96
C ASP C 339 1.38 -37.23 35.97
N VAL C 340 1.03 -36.21 35.19
CA VAL C 340 1.74 -34.94 35.24
C VAL C 340 1.61 -34.30 36.61
N VAL C 341 0.41 -34.33 37.18
CA VAL C 341 0.22 -33.79 38.53
C VAL C 341 1.06 -34.56 39.54
N ASP C 342 1.10 -35.89 39.41
CA ASP C 342 1.88 -36.71 40.33
C ASP C 342 3.36 -36.38 40.24
N GLU C 343 3.89 -36.24 39.03
CA GLU C 343 5.31 -35.93 38.90
C GLU C 343 5.63 -34.53 39.36
N GLU C 344 4.72 -33.57 39.13
CA GLU C 344 4.92 -32.22 39.63
C GLU C 344 4.92 -32.19 41.16
N LEU C 345 4.01 -32.94 41.78
CA LEU C 345 4.03 -33.05 43.24
C LEU C 345 5.30 -33.72 43.73
N SER C 346 5.78 -34.74 43.02
CA SER C 346 7.01 -35.42 43.42
C SER C 346 8.19 -34.46 43.40
N LYS C 347 8.31 -33.66 42.33
CA LYS C 347 9.43 -32.72 42.28
C LYS C 347 9.24 -31.55 43.24
N LEU C 348 8.00 -31.17 43.54
CA LEU C 348 7.76 -30.13 44.52
C LEU C 348 8.15 -30.58 45.91
N GLY C 349 7.91 -31.86 46.24
CA GLY C 349 8.23 -32.36 47.56
C GLY C 349 9.71 -32.33 47.90
N LEU C 350 10.57 -32.19 46.89
CA LEU C 350 12.01 -32.15 47.11
C LEU C 350 12.58 -30.75 47.11
N LEU C 351 11.94 -29.80 46.42
CA LEU C 351 12.44 -28.45 46.34
C LEU C 351 12.28 -27.73 47.68
N ASP C 352 13.13 -26.74 47.90
CA ASP C 352 13.09 -25.90 49.10
C ASP C 352 12.08 -24.78 48.91
N ASN C 353 11.47 -24.36 50.02
CA ASN C 353 10.31 -23.47 49.94
C ASN C 353 10.63 -22.14 49.27
N HIS C 354 11.76 -21.52 49.63
CA HIS C 354 12.06 -20.17 49.18
C HIS C 354 12.60 -20.10 47.76
N SER C 355 12.90 -21.24 47.13
CA SER C 355 13.45 -21.22 45.79
C SER C 355 12.40 -20.79 44.78
N SER C 356 12.86 -20.13 43.71
CA SER C 356 11.96 -19.77 42.62
C SER C 356 11.42 -21.01 41.92
N GLU C 357 12.18 -22.10 41.94
CA GLU C 357 11.69 -23.36 41.39
C GLU C 357 10.42 -23.80 42.11
N PHE C 358 10.44 -23.71 43.44
CA PHE C 358 9.30 -24.11 44.25
C PHE C 358 8.09 -23.26 43.95
N ASN C 359 8.29 -21.95 43.80
CA ASN C 359 7.16 -21.07 43.50
C ASN C 359 6.59 -21.33 42.11
N VAL C 360 7.45 -21.57 41.12
CA VAL C 360 6.97 -21.88 39.78
C VAL C 360 6.16 -23.18 39.80
N THR C 361 6.70 -24.21 40.47
CA THR C 361 6.00 -25.48 40.56
C THR C 361 4.68 -25.33 41.32
N ARG C 362 4.67 -24.54 42.39
CA ARG C 362 3.45 -24.35 43.16
C ARG C 362 2.38 -23.64 42.33
N ASN C 363 2.76 -22.61 41.59
CA ASN C 363 1.78 -21.94 40.74
C ASN C 363 1.27 -22.86 39.64
N TYR C 364 2.17 -23.65 39.05
CA TYR C 364 1.75 -24.59 38.00
C TYR C 364 0.78 -25.62 38.55
N LEU C 365 1.06 -26.16 39.73
CA LEU C 365 0.17 -27.15 40.34
C LEU C 365 -1.16 -26.52 40.75
N ASP C 366 -1.12 -25.29 41.25
CA ASP C 366 -2.37 -24.61 41.61
C ASP C 366 -3.23 -24.37 40.39
N TRP C 367 -2.61 -24.06 39.25
CA TRP C 367 -3.37 -23.91 38.01
C TRP C 367 -3.91 -25.25 37.53
N LEU C 368 -3.11 -26.30 37.62
CA LEU C 368 -3.54 -27.62 37.15
C LEU C 368 -4.70 -28.15 37.98
N THR C 369 -4.63 -28.01 39.30
CA THR C 369 -5.64 -28.60 40.18
C THR C 369 -6.89 -27.73 40.31
N SER C 370 -6.87 -26.51 39.79
CA SER C 370 -8.04 -25.65 39.83
C SER C 370 -8.95 -25.85 38.62
N ILE C 371 -8.46 -26.51 37.57
CA ILE C 371 -9.29 -26.74 36.39
C ILE C 371 -10.40 -27.72 36.73
N PRO C 372 -11.65 -27.46 36.36
CA PRO C 372 -12.73 -28.43 36.59
C PRO C 372 -12.64 -29.63 35.65
N TRP C 373 -11.79 -30.60 36.03
CA TRP C 373 -11.45 -31.69 35.13
C TRP C 373 -12.64 -32.61 34.83
N GLY C 374 -13.56 -32.81 35.76
CA GLY C 374 -14.64 -33.75 35.52
C GLY C 374 -15.99 -33.37 36.09
N LYS C 375 -16.20 -32.09 36.40
CA LYS C 375 -17.46 -31.63 36.96
C LYS C 375 -18.22 -30.81 35.92
N TYR C 376 -19.54 -31.00 35.92
CA TYR C 376 -20.42 -30.37 34.95
C TYR C 376 -21.57 -29.67 35.67
N SER C 377 -22.07 -28.61 35.05
CA SER C 377 -23.24 -27.91 35.59
C SER C 377 -24.49 -28.74 35.36
N ASN C 378 -25.50 -28.53 36.20
CA ASN C 378 -26.76 -29.26 36.07
C ASN C 378 -27.58 -28.66 34.93
N GLU C 379 -27.57 -29.34 33.78
CA GLU C 379 -28.30 -28.85 32.62
C GLU C 379 -29.80 -28.88 32.85
N ASN C 380 -30.49 -27.83 32.39
CA ASN C 380 -31.95 -27.81 32.36
C ASN C 380 -32.39 -28.41 31.04
N LEU C 381 -32.81 -29.67 31.07
CA LEU C 381 -33.21 -30.39 29.87
C LEU C 381 -34.69 -30.26 29.55
N ASP C 382 -35.44 -29.50 30.34
CA ASP C 382 -36.87 -29.31 30.08
C ASP C 382 -37.06 -28.29 28.97
N LEU C 383 -37.69 -28.71 27.87
CA LEU C 383 -37.89 -27.81 26.74
C LEU C 383 -38.79 -26.64 27.11
N ALA C 384 -39.85 -26.91 27.88
CA ALA C 384 -40.82 -25.86 28.19
C ALA C 384 -40.20 -24.77 29.04
N ARG C 385 -39.47 -25.15 30.10
CA ARG C 385 -38.85 -24.16 30.97
C ARG C 385 -37.80 -23.34 30.22
N ALA C 386 -37.01 -24.00 29.36
CA ALA C 386 -36.01 -23.29 28.59
C ALA C 386 -36.66 -22.32 27.60
N GLN C 387 -37.75 -22.74 26.97
CA GLN C 387 -38.46 -21.86 26.05
C GLN C 387 -39.03 -20.66 26.79
N ALA C 388 -39.57 -20.88 27.99
CA ALA C 388 -40.09 -19.78 28.79
C ALA C 388 -38.97 -18.81 29.18
N VAL C 389 -37.80 -19.34 29.55
CA VAL C 389 -36.68 -18.47 29.92
C VAL C 389 -36.18 -17.68 28.72
N LEU C 390 -36.14 -18.31 27.54
CA LEU C 390 -35.68 -17.61 26.35
C LEU C 390 -36.68 -16.55 25.89
N GLU C 391 -37.98 -16.83 26.03
CA GLU C 391 -39.00 -15.90 25.55
C GLU C 391 -39.12 -14.67 26.44
N GLU C 392 -38.74 -14.79 27.72
CA GLU C 392 -38.99 -13.72 28.69
C GLU C 392 -38.00 -12.57 28.58
N ASP C 393 -36.98 -12.65 27.72
CA ASP C 393 -35.98 -11.60 27.68
C ASP C 393 -35.81 -11.02 26.28
N HIS C 394 -36.07 -11.81 25.24
CA HIS C 394 -35.87 -11.37 23.87
C HIS C 394 -37.09 -11.71 23.03
N TYR C 395 -37.38 -10.86 22.05
CA TYR C 395 -38.52 -11.07 21.16
C TYR C 395 -38.04 -11.36 19.74
N GLY C 396 -38.68 -12.35 19.11
CA GLY C 396 -38.52 -12.57 17.69
C GLY C 396 -37.22 -13.20 17.24
N MET C 397 -36.41 -13.72 18.16
CA MET C 397 -35.18 -14.42 17.79
C MET C 397 -35.49 -15.90 17.54
N GLU C 398 -36.29 -16.13 16.49
CA GLU C 398 -36.87 -17.45 16.28
C GLU C 398 -35.80 -18.48 15.92
N ASP C 399 -34.88 -18.13 15.03
CA ASP C 399 -33.86 -19.09 14.59
C ASP C 399 -32.93 -19.49 15.74
N VAL C 400 -32.48 -18.52 16.53
CA VAL C 400 -31.59 -18.82 17.63
C VAL C 400 -32.29 -19.68 18.68
N LYS C 401 -33.53 -19.34 19.00
CA LYS C 401 -34.28 -20.12 19.99
C LYS C 401 -34.54 -21.54 19.49
N LYS C 402 -34.85 -21.68 18.20
CA LYS C 402 -35.02 -23.02 17.63
C LYS C 402 -33.74 -23.82 17.71
N ARG C 403 -32.60 -23.17 17.40
CA ARG C 403 -31.32 -23.86 17.50
C ARG C 403 -31.03 -24.30 18.93
N ILE C 404 -31.33 -23.45 19.91
CA ILE C 404 -31.09 -23.83 21.30
C ILE C 404 -32.03 -24.94 21.77
N LEU C 405 -33.29 -24.93 21.34
CA LEU C 405 -34.19 -26.03 21.69
C LEU C 405 -33.74 -27.33 21.04
N GLU C 406 -33.26 -27.27 19.81
CA GLU C 406 -32.69 -28.45 19.16
C GLU C 406 -31.47 -28.96 19.92
N PHE C 407 -30.62 -28.04 20.37
CA PHE C 407 -29.47 -28.38 21.20
C PHE C 407 -29.92 -29.11 22.46
N ILE C 408 -30.96 -28.61 23.12
CA ILE C 408 -31.46 -29.24 24.34
C ILE C 408 -32.02 -30.63 24.03
N ALA C 409 -32.76 -30.76 22.94
CA ALA C 409 -33.33 -32.06 22.57
C ALA C 409 -32.23 -33.08 22.31
N VAL C 410 -31.18 -32.68 21.60
CA VAL C 410 -30.08 -33.61 21.31
C VAL C 410 -29.33 -33.95 22.59
N SER C 411 -29.11 -32.96 23.46
CA SER C 411 -28.45 -33.22 24.74
C SER C 411 -29.33 -34.02 25.69
N GLN C 412 -30.62 -34.15 25.40
CA GLN C 412 -31.52 -34.99 26.18
C GLN C 412 -31.65 -36.40 25.64
N LEU C 413 -31.59 -36.59 24.31
CA LEU C 413 -31.64 -37.94 23.76
C LEU C 413 -30.46 -38.80 24.18
N ARG C 414 -29.34 -38.19 24.54
CA ARG C 414 -28.20 -38.91 25.10
C ARG C 414 -27.83 -38.30 26.44
N GLY C 415 -27.42 -39.15 27.37
CA GLY C 415 -27.19 -38.73 28.74
C GLY C 415 -25.91 -37.98 28.99
N SER C 416 -25.37 -37.33 27.96
CA SER C 416 -24.13 -36.58 28.06
C SER C 416 -24.34 -35.15 27.60
N THR C 417 -23.60 -34.24 28.22
CA THR C 417 -23.68 -32.83 27.84
C THR C 417 -23.08 -32.61 26.46
N GLN C 418 -23.78 -31.83 25.64
CA GLN C 418 -23.36 -31.56 24.28
C GLN C 418 -22.54 -30.27 24.22
N GLY C 419 -21.66 -30.20 23.23
CA GLY C 419 -20.88 -29.00 22.99
C GLY C 419 -20.80 -28.71 21.50
N LYS C 420 -21.05 -27.45 21.16
CA LYS C 420 -21.06 -27.02 19.77
C LYS C 420 -20.48 -25.62 19.67
N ILE C 421 -20.17 -25.20 18.44
CA ILE C 421 -19.63 -23.89 18.17
C ILE C 421 -20.64 -23.16 17.30
N LEU C 422 -21.08 -21.98 17.76
CA LEU C 422 -22.10 -21.20 17.09
C LEU C 422 -21.54 -19.83 16.71
N CYS C 423 -22.02 -19.28 15.59
CA CYS C 423 -21.68 -17.94 15.18
C CYS C 423 -22.94 -17.19 14.80
N PHE C 424 -23.23 -16.11 15.51
CA PHE C 424 -24.36 -15.24 15.22
C PHE C 424 -23.85 -13.99 14.54
N TYR C 425 -24.39 -13.69 13.36
CA TYR C 425 -23.97 -12.52 12.61
C TYR C 425 -25.19 -11.78 12.08
N GLY C 426 -25.03 -10.47 11.90
CA GLY C 426 -26.11 -9.62 11.46
C GLY C 426 -25.83 -8.16 11.71
N PRO C 427 -26.79 -7.29 11.39
CA PRO C 427 -26.61 -5.86 11.58
C PRO C 427 -26.49 -5.51 13.06
N PRO C 428 -25.87 -4.37 13.38
CA PRO C 428 -25.71 -4.01 14.80
C PRO C 428 -27.04 -3.78 15.48
N GLY C 429 -27.09 -4.11 16.77
CA GLY C 429 -28.26 -3.83 17.58
C GLY C 429 -29.43 -4.76 17.36
N VAL C 430 -29.17 -6.03 17.02
CA VAL C 430 -30.24 -7.01 16.81
C VAL C 430 -30.35 -8.01 17.96
N GLY C 431 -29.38 -8.02 18.87
CA GLY C 431 -29.44 -8.89 20.03
C GLY C 431 -28.45 -10.05 20.04
N LYS C 432 -27.41 -10.01 19.21
CA LYS C 432 -26.45 -11.11 19.17
C LYS C 432 -25.71 -11.25 20.49
N THR C 433 -25.25 -10.14 21.06
CA THR C 433 -24.49 -10.22 22.31
C THR C 433 -25.38 -10.48 23.52
N SER C 434 -26.59 -9.92 23.52
CA SER C 434 -27.46 -10.03 24.69
C SER C 434 -28.13 -11.41 24.78
N ILE C 435 -28.40 -12.05 23.64
CA ILE C 435 -29.09 -13.34 23.67
C ILE C 435 -28.22 -14.41 24.33
N ALA C 436 -26.91 -14.20 24.36
CA ALA C 436 -26.01 -15.21 24.91
C ALA C 436 -26.28 -15.47 26.39
N ARG C 437 -26.51 -14.41 27.17
CA ARG C 437 -26.82 -14.60 28.58
C ARG C 437 -28.17 -15.28 28.79
N SER C 438 -29.15 -14.98 27.95
CA SER C 438 -30.42 -15.69 28.01
C SER C 438 -30.25 -17.17 27.71
N ILE C 439 -29.42 -17.50 26.72
CA ILE C 439 -29.14 -18.90 26.40
C ILE C 439 -28.45 -19.58 27.57
N ALA C 440 -27.48 -18.89 28.19
CA ALA C 440 -26.79 -19.46 29.34
C ALA C 440 -27.75 -19.72 30.49
N ARG C 441 -28.66 -18.78 30.74
CA ARG C 441 -29.67 -19.00 31.78
C ARG C 441 -30.58 -20.17 31.45
N ALA C 442 -31.00 -20.27 30.18
CA ALA C 442 -31.89 -21.36 29.78
C ALA C 442 -31.21 -22.71 29.94
N LEU C 443 -29.94 -22.80 29.58
CA LEU C 443 -29.19 -24.05 29.72
C LEU C 443 -28.66 -24.26 31.14
N ASN C 444 -28.83 -23.29 32.02
CA ASN C 444 -28.26 -23.33 33.38
C ASN C 444 -26.74 -23.45 33.34
N ARG C 445 -26.14 -22.99 32.25
CA ARG C 445 -24.69 -23.04 32.09
C ARG C 445 -24.07 -21.74 32.58
N GLU C 446 -22.81 -21.83 33.00
CA GLU C 446 -22.05 -20.64 33.34
C GLU C 446 -21.79 -19.81 32.08
N TYR C 447 -21.72 -18.49 32.27
CA TYR C 447 -21.59 -17.56 31.17
C TYR C 447 -20.28 -16.81 31.28
N PHE C 448 -19.63 -16.60 30.13
CA PHE C 448 -18.37 -15.86 30.05
C PHE C 448 -18.32 -15.12 28.73
N ARG C 449 -17.80 -13.89 28.77
CA ARG C 449 -17.67 -13.05 27.59
C ARG C 449 -16.19 -12.80 27.32
N PHE C 450 -15.77 -13.07 26.08
CA PHE C 450 -14.39 -12.91 25.66
C PHE C 450 -14.39 -12.01 24.44
N SER C 451 -14.28 -10.70 24.66
CA SER C 451 -14.28 -9.74 23.57
C SER C 451 -12.92 -9.72 22.90
N VAL C 452 -12.88 -10.10 21.62
CA VAL C 452 -11.63 -10.16 20.87
C VAL C 452 -11.51 -9.05 19.85
N GLY C 453 -12.40 -8.07 19.88
CA GLY C 453 -12.33 -6.95 18.96
C GLY C 453 -11.05 -6.14 19.11
N GLY C 454 -10.30 -6.00 18.02
CA GLY C 454 -9.04 -5.28 18.05
C GLY C 454 -7.92 -5.98 18.76
N MET C 455 -8.15 -7.17 19.31
CA MET C 455 -7.09 -7.90 20.01
C MET C 455 -6.03 -8.36 19.03
N THR C 456 -4.77 -8.30 19.48
CA THR C 456 -3.64 -8.74 18.67
C THR C 456 -2.67 -9.66 19.40
N ASP C 457 -2.84 -9.88 20.69
CA ASP C 457 -1.92 -10.72 21.46
C ASP C 457 -2.41 -12.17 21.42
N VAL C 458 -1.62 -13.04 20.81
CA VAL C 458 -1.94 -14.47 20.77
C VAL C 458 -1.91 -15.08 22.16
N ALA C 459 -1.09 -14.52 23.06
CA ALA C 459 -1.01 -15.01 24.42
C ALA C 459 -2.31 -14.88 25.19
N GLU C 460 -3.25 -14.05 24.73
CA GLU C 460 -4.56 -13.99 25.36
C GLU C 460 -5.31 -15.30 25.16
N ILE C 461 -5.12 -15.95 24.00
CA ILE C 461 -5.75 -17.23 23.74
C ILE C 461 -4.89 -18.38 24.25
N LYS C 462 -3.58 -18.28 24.05
CA LYS C 462 -2.68 -19.41 24.29
C LYS C 462 -1.87 -19.30 25.58
N GLY C 463 -1.59 -18.09 26.06
CA GLY C 463 -0.76 -17.97 27.25
C GLY C 463 0.73 -18.03 26.95
N HIS C 464 1.50 -18.10 28.02
CA HIS C 464 2.95 -18.13 27.95
C HIS C 464 3.48 -19.35 28.70
N ARG C 465 4.67 -19.80 28.29
CA ARG C 465 5.36 -20.86 29.01
C ARG C 465 5.61 -20.44 30.45
N ARG C 466 5.50 -21.40 31.37
CA ARG C 466 5.67 -21.08 32.78
C ARG C 466 7.12 -20.74 33.14
N THR C 467 8.02 -20.68 32.17
CA THR C 467 9.37 -20.20 32.42
C THR C 467 9.38 -18.73 32.83
N TYR C 468 8.55 -17.92 32.16
CA TYR C 468 8.55 -16.49 32.39
C TYR C 468 7.97 -16.14 33.76
N VAL C 469 8.27 -14.91 34.20
CA VAL C 469 7.94 -14.51 35.57
C VAL C 469 6.44 -14.43 35.76
N GLY C 470 5.74 -13.77 34.85
CA GLY C 470 4.32 -13.54 35.02
C GLY C 470 3.43 -14.27 34.03
N ALA C 471 3.81 -15.49 33.67
CA ALA C 471 3.03 -16.25 32.71
C ALA C 471 1.70 -16.69 33.28
N MET C 472 0.67 -16.66 32.44
CA MET C 472 -0.66 -17.11 32.82
C MET C 472 -1.25 -17.90 31.65
N PRO C 473 -2.16 -18.83 31.92
CA PRO C 473 -2.62 -19.75 30.86
C PRO C 473 -3.37 -19.09 29.71
N GLY C 474 -3.92 -17.89 29.91
CA GLY C 474 -4.73 -17.28 28.88
C GLY C 474 -6.21 -17.29 29.23
N LYS C 475 -6.99 -16.62 28.38
CA LYS C 475 -8.38 -16.31 28.71
C LYS C 475 -9.21 -17.57 28.92
N ILE C 476 -9.03 -18.58 28.07
CA ILE C 476 -9.90 -19.76 28.10
C ILE C 476 -9.70 -20.54 29.40
N ILE C 477 -8.44 -20.81 29.75
CA ILE C 477 -8.17 -21.61 30.94
C ILE C 477 -8.56 -20.85 32.21
N GLN C 478 -8.32 -19.54 32.25
CA GLN C 478 -8.82 -18.74 33.36
C GLN C 478 -10.33 -18.78 33.44
N CYS C 479 -11.00 -18.82 32.29
CA CYS C 479 -12.45 -18.95 32.28
C CYS C 479 -12.90 -20.26 32.91
N LEU C 480 -12.26 -21.38 32.52
CA LEU C 480 -12.59 -22.65 33.16
C LEU C 480 -12.31 -22.61 34.65
N LYS C 481 -11.23 -21.95 35.07
CA LYS C 481 -10.95 -21.84 36.50
C LYS C 481 -12.05 -21.07 37.23
N LYS C 482 -12.49 -19.94 36.65
CA LYS C 482 -13.49 -19.11 37.31
C LYS C 482 -14.86 -19.78 37.34
N THR C 483 -15.29 -20.33 36.20
CA THR C 483 -16.63 -20.92 36.12
C THR C 483 -16.71 -22.28 36.82
N LYS C 484 -15.58 -22.97 36.97
CA LYS C 484 -15.50 -24.26 37.64
C LYS C 484 -16.38 -25.32 36.97
N THR C 485 -16.57 -25.21 35.66
CA THR C 485 -17.26 -26.22 34.87
C THR C 485 -16.60 -26.31 33.51
N GLU C 486 -16.81 -27.45 32.83
CA GLU C 486 -16.42 -27.59 31.43
C GLU C 486 -17.56 -27.30 30.46
N ASN C 487 -18.74 -26.98 30.98
CA ASN C 487 -19.90 -26.57 30.20
C ASN C 487 -19.87 -25.15 29.61
N PRO C 488 -19.19 -24.14 30.24
CA PRO C 488 -19.61 -22.74 30.07
C PRO C 488 -19.87 -22.27 28.65
N LEU C 489 -20.83 -21.35 28.53
CA LEU C 489 -21.09 -20.66 27.27
C LEU C 489 -20.04 -19.58 27.10
N ILE C 490 -19.11 -19.79 26.17
CA ILE C 490 -18.07 -18.82 25.86
C ILE C 490 -18.60 -17.90 24.77
N LEU C 491 -18.89 -16.65 25.13
CA LEU C 491 -19.28 -15.65 24.14
C LEU C 491 -18.03 -14.95 23.65
N ILE C 492 -17.56 -15.33 22.47
CA ILE C 492 -16.42 -14.68 21.83
C ILE C 492 -16.97 -13.55 20.97
N ASP C 493 -16.83 -12.31 21.44
CA ASP C 493 -17.50 -11.16 20.85
C ASP C 493 -16.59 -10.50 19.83
N GLU C 494 -17.15 -10.16 18.67
CA GLU C 494 -16.44 -9.46 17.61
C GLU C 494 -15.27 -10.29 17.06
N VAL C 495 -15.56 -11.51 16.60
CA VAL C 495 -14.54 -12.32 15.95
C VAL C 495 -14.12 -11.72 14.60
N ASP C 496 -15.00 -10.92 13.99
CA ASP C 496 -14.67 -10.28 12.72
C ASP C 496 -13.76 -9.07 12.90
N LYS C 497 -13.57 -8.58 14.13
CA LYS C 497 -12.74 -7.42 14.40
C LYS C 497 -11.41 -7.81 15.05
N ILE C 498 -11.03 -9.09 15.00
CA ILE C 498 -9.76 -9.51 15.58
C ILE C 498 -8.62 -8.96 14.74
N GLY C 499 -7.48 -8.74 15.39
CA GLY C 499 -6.37 -8.03 14.78
C GLY C 499 -5.54 -8.88 13.85
N ARG C 500 -4.60 -8.20 13.17
CA ARG C 500 -3.66 -8.82 12.24
C ARG C 500 -2.24 -8.33 12.57
N GLY C 501 -1.89 -8.38 13.86
CA GLY C 501 -0.60 -7.86 14.28
C GLY C 501 0.56 -8.56 13.58
N TYR C 502 1.64 -7.80 13.38
CA TYR C 502 2.78 -8.32 12.63
C TYR C 502 3.48 -9.47 13.35
N GLN C 503 3.30 -9.60 14.66
CA GLN C 503 3.91 -10.68 15.40
C GLN C 503 3.20 -12.02 15.20
N GLY C 504 1.97 -12.00 14.70
CA GLY C 504 1.21 -13.23 14.49
C GLY C 504 -0.27 -13.05 14.68
N ASP C 505 -1.06 -13.61 13.78
CA ASP C 505 -2.51 -13.44 13.83
C ASP C 505 -3.10 -14.38 14.88
N PRO C 506 -3.83 -13.86 15.87
CA PRO C 506 -4.53 -14.76 16.82
C PRO C 506 -5.70 -15.49 16.19
N SER C 507 -6.21 -15.01 15.06
CA SER C 507 -7.27 -15.75 14.36
C SER C 507 -6.78 -17.10 13.89
N SER C 508 -5.48 -17.22 13.61
CA SER C 508 -4.89 -18.52 13.30
C SER C 508 -4.82 -19.43 14.52
N ALA C 509 -4.60 -18.85 15.70
CA ALA C 509 -4.65 -19.65 16.92
C ALA C 509 -6.07 -20.01 17.33
N LEU C 510 -7.07 -19.29 16.82
CA LEU C 510 -8.46 -19.69 17.02
C LEU C 510 -8.81 -20.94 16.23
N LEU C 511 -7.99 -21.30 15.23
CA LEU C 511 -8.32 -22.40 14.34
C LEU C 511 -8.35 -23.75 15.04
N GLU C 512 -7.79 -23.82 16.25
CA GLU C 512 -7.87 -25.04 17.03
C GLU C 512 -8.58 -24.87 18.36
N LEU C 513 -8.90 -23.64 18.76
CA LEU C 513 -9.85 -23.43 19.85
C LEU C 513 -11.27 -23.68 19.38
N LEU C 514 -11.53 -23.46 18.10
CA LEU C 514 -12.84 -23.67 17.50
C LEU C 514 -12.78 -24.72 16.39
N ASP C 515 -12.01 -25.78 16.63
CA ASP C 515 -11.93 -26.90 15.71
C ASP C 515 -12.78 -28.04 16.26
N PRO C 516 -13.87 -28.42 15.58
CA PRO C 516 -14.83 -29.36 16.19
C PRO C 516 -14.19 -30.67 16.63
N GLU C 517 -13.19 -31.16 15.91
CA GLU C 517 -12.53 -32.40 16.28
C GLU C 517 -11.37 -32.20 17.24
N GLN C 518 -10.71 -31.04 17.20
CA GLN C 518 -9.50 -30.83 17.98
C GLN C 518 -9.74 -30.11 19.30
N ASN C 519 -11.00 -29.77 19.65
CA ASN C 519 -11.24 -29.20 20.97
C ASN C 519 -10.88 -30.18 22.08
N ALA C 520 -10.95 -31.48 21.80
CA ALA C 520 -10.57 -32.47 22.80
C ALA C 520 -9.08 -32.48 23.07
N ASN C 521 -8.28 -31.86 22.21
CA ASN C 521 -6.84 -31.81 22.37
C ASN C 521 -6.30 -30.38 22.39
N PHE C 522 -7.09 -29.41 22.86
CA PHE C 522 -6.61 -28.04 22.94
C PHE C 522 -5.42 -27.95 23.89
N LEU C 523 -4.38 -27.24 23.47
CA LEU C 523 -3.10 -27.19 24.19
C LEU C 523 -2.68 -25.73 24.35
N ASP C 524 -2.74 -25.24 25.59
CA ASP C 524 -2.18 -23.92 25.86
C ASP C 524 -0.70 -24.05 26.21
N HIS C 525 0.01 -22.92 26.11
CA HIS C 525 1.45 -22.93 26.32
C HIS C 525 1.85 -22.92 27.79
N TYR C 526 0.91 -22.66 28.70
CA TYR C 526 1.24 -22.66 30.12
C TYR C 526 1.05 -24.04 30.75
N LEU C 527 -0.17 -24.57 30.69
CA LEU C 527 -0.41 -25.89 31.25
C LEU C 527 0.34 -26.97 30.49
N ASP C 528 0.39 -26.86 29.17
CA ASP C 528 1.07 -27.82 28.29
C ASP C 528 0.47 -29.22 28.44
N VAL C 529 -0.80 -29.30 28.82
CA VAL C 529 -1.53 -30.56 28.84
C VAL C 529 -2.84 -30.38 28.09
N PRO C 530 -3.29 -31.37 27.32
CA PRO C 530 -4.55 -31.22 26.59
C PRO C 530 -5.73 -31.02 27.54
N VAL C 531 -6.67 -30.18 27.11
CA VAL C 531 -7.90 -29.91 27.85
C VAL C 531 -9.09 -30.22 26.95
N ASP C 532 -10.05 -30.96 27.48
CA ASP C 532 -11.21 -31.39 26.70
C ASP C 532 -12.24 -30.26 26.69
N LEU C 533 -12.17 -29.43 25.64
CA LEU C 533 -13.12 -28.35 25.44
C LEU C 533 -14.25 -28.74 24.48
N SER C 534 -14.58 -30.03 24.39
CA SER C 534 -15.61 -30.49 23.48
C SER C 534 -17.02 -30.33 24.04
N LYS C 535 -17.16 -30.12 25.35
CA LYS C 535 -18.45 -29.85 25.95
C LYS C 535 -18.77 -28.37 26.04
N VAL C 536 -17.83 -27.51 25.65
CA VAL C 536 -18.03 -26.07 25.73
C VAL C 536 -18.91 -25.60 24.57
N LEU C 537 -19.83 -24.68 24.87
CA LEU C 537 -20.69 -24.07 23.86
C LEU C 537 -20.09 -22.73 23.47
N PHE C 538 -19.37 -22.70 22.35
CA PHE C 538 -18.77 -21.48 21.85
C PHE C 538 -19.78 -20.74 20.98
N ILE C 539 -20.11 -19.51 21.36
CA ILE C 539 -20.97 -18.64 20.55
C ILE C 539 -20.15 -17.41 20.17
N CYS C 540 -20.05 -17.15 18.87
CA CYS C 540 -19.30 -16.04 18.33
C CYS C 540 -20.25 -15.04 17.70
N THR C 541 -20.03 -13.75 17.97
CA THR C 541 -20.83 -12.69 17.40
C THR C 541 -19.97 -11.85 16.46
N ALA C 542 -20.44 -11.68 15.23
CA ALA C 542 -19.72 -10.91 14.23
C ALA C 542 -20.70 -10.02 13.48
N ASN C 543 -20.18 -8.93 12.92
CA ASN C 543 -21.02 -8.04 12.12
C ASN C 543 -21.10 -8.53 10.68
N VAL C 544 -19.96 -8.84 10.07
CA VAL C 544 -19.90 -9.37 8.72
C VAL C 544 -19.00 -10.60 8.73
N THR C 545 -19.38 -11.62 7.95
CA THR C 545 -18.60 -12.84 7.86
C THR C 545 -17.53 -12.78 6.78
N ASP C 546 -17.50 -11.70 5.99
CA ASP C 546 -16.50 -11.59 4.92
C ASP C 546 -15.09 -11.50 5.49
N THR C 547 -14.91 -10.75 6.58
CA THR C 547 -13.59 -10.57 7.16
C THR C 547 -13.10 -11.78 7.94
N ILE C 548 -13.98 -12.73 8.27
CA ILE C 548 -13.56 -13.94 8.97
C ILE C 548 -12.80 -14.84 7.99
N PRO C 549 -11.62 -15.35 8.36
CA PRO C 549 -10.89 -16.23 7.43
C PRO C 549 -11.69 -17.47 7.09
N GLU C 550 -11.56 -17.91 5.84
CA GLU C 550 -12.30 -19.08 5.38
C GLU C 550 -12.04 -20.34 6.20
N PRO C 551 -10.81 -20.69 6.58
CA PRO C 551 -10.63 -21.87 7.45
C PRO C 551 -11.36 -21.77 8.77
N LEU C 552 -11.46 -20.58 9.35
CA LEU C 552 -12.22 -20.39 10.58
C LEU C 552 -13.71 -20.25 10.31
N ARG C 553 -14.08 -19.66 9.18
CA ARG C 553 -15.47 -19.56 8.79
C ARG C 553 -16.09 -20.93 8.55
N ASP C 554 -15.29 -21.89 8.09
CA ASP C 554 -15.81 -23.22 7.77
C ASP C 554 -16.08 -24.05 9.02
N ARG C 555 -15.31 -23.83 10.08
CA ARG C 555 -15.49 -24.61 11.30
C ARG C 555 -16.76 -24.22 12.05
N MET C 556 -17.09 -22.93 12.05
CA MET C 556 -18.29 -22.46 12.72
C MET C 556 -19.51 -22.63 11.81
N GLU C 557 -20.68 -22.80 12.42
CA GLU C 557 -21.92 -22.81 11.68
C GLU C 557 -22.58 -21.44 11.79
N MET C 558 -23.04 -20.91 10.66
CA MET C 558 -23.49 -19.53 10.56
C MET C 558 -25.00 -19.47 10.78
N ILE C 559 -25.42 -18.67 11.75
CA ILE C 559 -26.83 -18.38 12.00
C ILE C 559 -27.01 -16.88 11.85
N ASN C 560 -27.92 -16.48 10.97
CA ASN C 560 -28.09 -15.07 10.62
C ASN C 560 -29.22 -14.45 11.43
N VAL C 561 -28.88 -13.43 12.23
CA VAL C 561 -29.90 -12.63 12.91
C VAL C 561 -30.28 -11.49 11.97
N SER C 562 -31.43 -11.62 11.32
CA SER C 562 -31.78 -10.78 10.18
C SER C 562 -32.28 -9.39 10.56
N GLY C 563 -32.55 -9.14 11.84
CA GLY C 563 -33.12 -7.87 12.23
C GLY C 563 -34.61 -7.95 12.49
N TYR C 564 -35.20 -6.78 12.71
CA TYR C 564 -36.59 -6.69 13.15
C TYR C 564 -37.40 -5.81 12.21
N VAL C 565 -38.65 -6.22 11.99
CA VAL C 565 -39.60 -5.47 11.17
C VAL C 565 -40.36 -4.51 12.08
N ALA C 566 -41.03 -3.52 11.48
CA ALA C 566 -41.70 -2.48 12.24
C ALA C 566 -42.64 -3.03 13.29
N GLN C 567 -43.41 -4.08 12.96
CA GLN C 567 -44.26 -4.70 13.96
C GLN C 567 -43.45 -5.35 15.07
N GLU C 568 -42.36 -6.03 14.71
CA GLU C 568 -41.50 -6.62 15.72
C GLU C 568 -40.84 -5.54 16.57
N LYS C 569 -40.45 -4.42 15.94
CA LYS C 569 -39.89 -3.30 16.70
C LYS C 569 -40.90 -2.73 17.67
N LEU C 570 -42.17 -2.63 17.26
CA LEU C 570 -43.21 -2.16 18.16
C LEU C 570 -43.40 -3.11 19.33
N ALA C 571 -43.40 -4.41 19.06
CA ALA C 571 -43.53 -5.39 20.15
C ALA C 571 -42.37 -5.29 21.13
N ILE C 572 -41.14 -5.17 20.61
CA ILE C 572 -39.97 -5.04 21.47
C ILE C 572 -40.05 -3.76 22.30
N ALA C 573 -40.46 -2.66 21.67
CA ALA C 573 -40.54 -1.38 22.39
C ALA C 573 -41.58 -1.45 23.50
N GLU C 574 -42.79 -1.87 23.17
CA GLU C 574 -43.87 -1.84 24.16
C GLU C 574 -43.78 -2.99 25.16
N ARG C 575 -42.89 -3.96 24.95
CA ARG C 575 -42.72 -5.04 25.91
C ARG C 575 -41.37 -5.02 26.62
N TYR C 576 -40.31 -4.56 25.97
CA TYR C 576 -38.99 -4.60 26.59
C TYR C 576 -38.36 -3.22 26.74
N LEU C 577 -38.37 -2.42 25.68
CA LEU C 577 -37.62 -1.16 25.69
C LEU C 577 -38.25 -0.13 26.62
N VAL C 578 -39.54 0.16 26.42
CA VAL C 578 -40.18 1.22 27.19
C VAL C 578 -40.19 0.94 28.69
N PRO C 579 -40.53 -0.27 29.17
CA PRO C 579 -40.45 -0.52 30.61
C PRO C 579 -39.06 -0.32 31.20
N GLN C 580 -38.02 -0.77 30.50
CA GLN C 580 -36.67 -0.59 31.01
C GLN C 580 -36.26 0.88 30.99
N ALA C 581 -36.65 1.61 29.95
CA ALA C 581 -36.35 3.04 29.89
C ALA C 581 -37.07 3.79 30.99
N ARG C 582 -38.31 3.39 31.31
CA ARG C 582 -39.01 3.99 32.45
C ARG C 582 -38.31 3.66 33.76
N ALA C 583 -37.86 2.42 33.92
CA ALA C 583 -37.14 2.05 35.14
C ALA C 583 -35.84 2.82 35.29
N LEU C 584 -35.18 3.15 34.18
CA LEU C 584 -33.98 3.98 34.24
C LEU C 584 -34.30 5.44 34.52
N CYS C 585 -35.32 6.00 33.87
CA CYS C 585 -35.68 7.40 34.08
C CYS C 585 -36.53 7.62 35.32
N GLY C 586 -37.10 6.55 35.88
CA GLY C 586 -37.91 6.67 37.07
C GLY C 586 -39.30 7.23 36.87
N LEU C 587 -39.83 7.20 35.65
CA LEU C 587 -41.13 7.76 35.35
C LEU C 587 -42.18 6.64 35.35
N ASP C 588 -43.23 6.82 36.13
CA ASP C 588 -44.36 5.92 36.09
C ASP C 588 -45.18 6.13 34.82
N GLU C 589 -45.97 5.12 34.46
CA GLU C 589 -46.84 5.23 33.29
C GLU C 589 -47.84 6.36 33.42
N SER C 590 -48.26 6.70 34.64
CA SER C 590 -49.23 7.77 34.82
C SER C 590 -48.61 9.14 34.58
N LYS C 591 -47.30 9.29 34.79
CA LYS C 591 -46.65 10.58 34.63
C LYS C 591 -46.19 10.84 33.20
N ALA C 592 -45.96 9.79 32.41
CA ALA C 592 -45.58 9.94 31.01
C ALA C 592 -46.29 8.87 30.21
N LYS C 593 -47.08 9.28 29.23
CA LYS C 593 -47.91 8.37 28.45
C LYS C 593 -47.27 8.15 27.08
N LEU C 594 -46.94 6.90 26.77
CA LEU C 594 -46.44 6.51 25.46
C LEU C 594 -47.37 5.42 24.92
N SER C 595 -48.31 5.82 24.08
CA SER C 595 -49.31 4.89 23.55
C SER C 595 -48.73 4.11 22.37
N SER C 596 -49.48 3.11 21.93
CA SER C 596 -49.05 2.32 20.78
C SER C 596 -49.04 3.15 19.51
N ASP C 597 -49.93 4.14 19.39
CA ASP C 597 -49.97 4.96 18.18
C ASP C 597 -48.73 5.83 18.06
N VAL C 598 -48.32 6.48 19.15
CA VAL C 598 -47.14 7.32 19.09
C VAL C 598 -45.88 6.47 18.90
N LEU C 599 -45.82 5.28 19.50
CA LEU C 599 -44.68 4.39 19.27
C LEU C 599 -44.62 3.94 17.82
N THR C 600 -45.78 3.62 17.23
CA THR C 600 -45.82 3.23 15.83
C THR C 600 -45.36 4.37 14.93
N LEU C 601 -45.83 5.58 15.20
CA LEU C 601 -45.39 6.74 14.41
C LEU C 601 -43.90 6.98 14.56
N LEU C 602 -43.39 6.87 15.79
CA LEU C 602 -41.97 7.09 16.04
C LEU C 602 -41.12 6.07 15.30
N ILE C 603 -41.55 4.80 15.31
CA ILE C 603 -40.83 3.76 14.58
C ILE C 603 -40.87 4.03 13.09
N LYS C 604 -42.04 4.41 12.58
CA LYS C 604 -42.19 4.62 11.14
C LYS C 604 -41.37 5.80 10.65
N GLN C 605 -41.23 6.84 11.47
CA GLN C 605 -40.64 8.09 11.01
C GLN C 605 -39.22 8.32 11.50
N TYR C 606 -38.71 7.55 12.45
CA TYR C 606 -37.40 7.80 13.04
C TYR C 606 -36.50 6.58 13.16
N CYS C 607 -37.06 5.37 13.17
CA CYS C 607 -36.30 4.15 13.49
C CYS C 607 -36.46 3.12 12.39
N ARG C 608 -36.24 3.56 11.14
CA ARG C 608 -36.39 2.69 9.98
C ARG C 608 -35.27 1.68 9.84
N GLU C 609 -34.23 1.75 10.65
CA GLU C 609 -33.12 0.81 10.54
C GLU C 609 -33.54 -0.58 11.01
N SER C 610 -32.65 -1.55 10.80
CA SER C 610 -32.92 -2.93 11.22
C SER C 610 -32.57 -3.16 12.68
N GLY C 611 -31.83 -2.25 13.31
CA GLY C 611 -31.41 -2.43 14.68
C GLY C 611 -32.42 -1.91 15.69
N VAL C 612 -32.04 -1.98 16.96
CA VAL C 612 -32.90 -1.58 18.06
C VAL C 612 -32.33 -0.40 18.85
N ARG C 613 -31.02 -0.14 18.76
CA ARG C 613 -30.38 0.86 19.61
C ARG C 613 -30.95 2.25 19.36
N ASN C 614 -31.21 2.61 18.11
CA ASN C 614 -31.71 3.95 17.82
C ASN C 614 -33.13 4.14 18.33
N LEU C 615 -33.96 3.10 18.25
CA LEU C 615 -35.29 3.16 18.84
C LEU C 615 -35.21 3.34 20.35
N GLN C 616 -34.28 2.63 20.99
CA GLN C 616 -34.05 2.81 22.42
C GLN C 616 -33.65 4.24 22.73
N LYS C 617 -32.78 4.82 21.89
CA LYS C 617 -32.34 6.19 22.12
C LYS C 617 -33.48 7.19 21.96
N GLN C 618 -34.35 6.97 20.96
CA GLN C 618 -35.51 7.86 20.80
C GLN C 618 -36.46 7.76 21.98
N VAL C 619 -36.73 6.54 22.45
CA VAL C 619 -37.61 6.36 23.60
C VAL C 619 -37.01 7.03 24.83
N GLU C 620 -35.70 6.86 25.04
CA GLU C 620 -35.04 7.50 26.17
C GLU C 620 -35.05 9.01 26.05
N LYS C 621 -34.92 9.54 24.84
CA LYS C 621 -35.02 10.99 24.65
C LYS C 621 -36.40 11.50 25.05
N VAL C 622 -37.45 10.81 24.60
CA VAL C 622 -38.81 11.23 24.95
C VAL C 622 -39.00 11.19 26.46
N LEU C 623 -38.56 10.11 27.10
CA LEU C 623 -38.77 9.97 28.54
C LEU C 623 -37.94 10.99 29.33
N ARG C 624 -36.72 11.28 28.88
CA ARG C 624 -35.90 12.25 29.60
C ARG C 624 -36.43 13.66 29.43
N LYS C 625 -36.98 13.99 28.27
CA LYS C 625 -37.62 15.30 28.13
C LYS C 625 -38.86 15.41 29.00
N SER C 626 -39.65 14.33 29.09
CA SER C 626 -40.78 14.33 30.01
C SER C 626 -40.33 14.50 31.45
N ALA C 627 -39.23 13.83 31.82
CA ALA C 627 -38.69 13.94 33.18
C ALA C 627 -38.23 15.36 33.46
N TYR C 628 -37.58 16.01 32.48
CA TYR C 628 -37.17 17.39 32.66
C TYR C 628 -38.37 18.31 32.83
N LYS C 629 -39.42 18.08 32.05
CA LYS C 629 -40.63 18.90 32.19
C LYS C 629 -41.25 18.71 33.56
N ILE C 630 -41.24 17.49 34.09
CA ILE C 630 -41.83 17.24 35.40
C ILE C 630 -40.99 17.86 36.51
N VAL C 631 -39.67 17.69 36.44
CA VAL C 631 -38.80 18.15 37.52
C VAL C 631 -38.76 19.68 37.57
N SER C 632 -38.69 20.33 36.42
CA SER C 632 -38.59 21.79 36.37
C SER C 632 -39.87 22.48 36.81
N GLY C 633 -40.96 21.75 37.00
CA GLY C 633 -42.22 22.35 37.37
C GLY C 633 -43.03 22.88 36.22
N GLU C 634 -42.60 22.65 34.99
CA GLU C 634 -43.37 23.09 33.83
C GLU C 634 -44.70 22.37 33.70
N ALA C 635 -44.76 21.11 34.11
CA ALA C 635 -46.01 20.35 34.07
C ALA C 635 -45.98 19.29 35.16
N GLU C 636 -47.18 18.85 35.55
CA GLU C 636 -47.31 17.78 36.53
C GLU C 636 -47.33 16.41 35.88
N SER C 637 -47.81 16.33 34.64
CA SER C 637 -47.80 15.08 33.88
C SER C 637 -47.65 15.42 32.41
N VAL C 638 -46.90 14.59 31.69
CA VAL C 638 -46.58 14.83 30.29
C VAL C 638 -47.29 13.77 29.45
N GLU C 639 -48.04 14.22 28.46
CA GLU C 639 -48.73 13.34 27.53
C GLU C 639 -48.12 13.51 26.15
N VAL C 640 -47.67 12.41 25.56
CA VAL C 640 -47.05 12.40 24.25
C VAL C 640 -48.12 11.99 23.23
N THR C 641 -48.24 12.77 22.17
CA THR C 641 -49.26 12.57 21.14
C THR C 641 -48.56 12.59 19.79
N PRO C 642 -49.19 12.00 18.77
CA PRO C 642 -48.60 12.05 17.42
C PRO C 642 -48.47 13.46 16.87
N GLU C 643 -49.14 14.45 17.47
CA GLU C 643 -49.02 15.82 16.99
C GLU C 643 -47.80 16.53 17.59
N ASN C 644 -47.55 16.31 18.88
CA ASN C 644 -46.45 16.97 19.57
C ASN C 644 -45.21 16.09 19.73
N LEU C 645 -45.16 14.96 19.03
CA LEU C 645 -43.97 14.10 19.11
C LEU C 645 -42.74 14.80 18.58
N GLN C 646 -42.91 15.61 17.53
CA GLN C 646 -41.78 16.35 16.96
C GLN C 646 -41.18 17.34 17.95
N ASP C 647 -41.94 17.74 18.97
CA ASP C 647 -41.36 18.58 20.02
C ASP C 647 -40.36 17.81 20.86
N PHE C 648 -40.50 16.48 20.92
CA PHE C 648 -39.60 15.65 21.70
C PHE C 648 -38.45 15.08 20.87
N VAL C 649 -38.73 14.68 19.62
CA VAL C 649 -37.73 14.00 18.80
C VAL C 649 -37.38 14.76 17.54
N GLY C 650 -37.81 16.02 17.40
CA GLY C 650 -37.45 16.79 16.24
C GLY C 650 -38.24 16.41 15.01
N LYS C 651 -37.79 16.94 13.87
CA LYS C 651 -38.47 16.66 12.62
C LYS C 651 -38.28 15.21 12.20
N PRO C 652 -39.29 14.59 11.61
CA PRO C 652 -39.17 13.18 11.21
C PRO C 652 -38.11 13.00 10.13
N VAL C 653 -37.38 11.89 10.23
CA VAL C 653 -36.35 11.58 9.23
C VAL C 653 -36.99 11.20 7.90
N PHE C 654 -38.02 10.37 7.93
CA PHE C 654 -38.68 9.87 6.74
C PHE C 654 -40.14 10.33 6.73
N THR C 655 -40.52 11.03 5.65
CA THR C 655 -41.89 11.54 5.55
C THR C 655 -42.53 11.12 4.24
N VAL C 656 -41.76 11.15 3.15
CA VAL C 656 -42.28 10.84 1.83
C VAL C 656 -41.95 9.38 1.51
N GLU C 657 -42.99 8.59 1.24
CA GLU C 657 -42.78 7.17 0.95
C GLU C 657 -42.71 6.86 -0.53
N ARG C 658 -43.36 7.66 -1.38
CA ARG C 658 -43.29 7.45 -2.82
C ARG C 658 -43.31 8.80 -3.52
N MET C 659 -42.54 8.90 -4.60
CA MET C 659 -42.38 10.16 -5.31
C MET C 659 -43.62 10.51 -6.13
N TYR C 660 -44.23 9.52 -6.79
CA TYR C 660 -45.36 9.74 -7.66
C TYR C 660 -46.62 9.15 -7.04
N ASP C 661 -47.64 9.99 -6.86
CA ASP C 661 -48.95 9.49 -6.47
C ASP C 661 -49.65 8.81 -7.64
N VAL C 662 -49.57 9.42 -8.82
CA VAL C 662 -50.06 8.84 -10.07
C VAL C 662 -48.95 8.97 -11.09
N THR C 663 -48.55 7.84 -11.66
CA THR C 663 -47.39 7.82 -12.56
C THR C 663 -47.79 8.21 -13.97
N PRO C 664 -47.13 9.21 -14.57
CA PRO C 664 -47.33 9.49 -15.99
C PRO C 664 -46.81 8.34 -16.84
N PRO C 665 -47.06 8.37 -18.16
CA PRO C 665 -46.68 7.21 -19.00
C PRO C 665 -45.22 6.80 -18.92
N GLY C 666 -44.29 7.75 -18.83
CA GLY C 666 -42.90 7.39 -18.96
C GLY C 666 -42.25 6.75 -17.75
N VAL C 667 -42.91 6.73 -16.60
CA VAL C 667 -42.28 6.33 -15.35
C VAL C 667 -42.96 5.08 -14.80
N VAL C 668 -42.15 4.18 -14.25
CA VAL C 668 -42.62 2.94 -13.64
C VAL C 668 -41.98 2.80 -12.27
N MET C 669 -42.76 2.39 -11.28
CA MET C 669 -42.28 2.26 -9.92
C MET C 669 -41.53 0.96 -9.73
N GLY C 670 -40.39 1.03 -9.03
CA GLY C 670 -39.58 -0.13 -8.73
C GLY C 670 -39.32 -0.27 -7.24
N LEU C 671 -38.53 -1.29 -6.90
CA LEU C 671 -38.19 -1.60 -5.53
C LEU C 671 -36.68 -1.77 -5.40
N ALA C 672 -36.13 -1.34 -4.27
CA ALA C 672 -34.70 -1.38 -4.02
C ALA C 672 -34.41 -1.86 -2.62
N TRP C 673 -33.22 -2.44 -2.42
CA TRP C 673 -32.76 -2.81 -1.10
C TRP C 673 -31.98 -1.67 -0.47
N THR C 674 -32.22 -1.44 0.81
CA THR C 674 -31.53 -0.38 1.54
C THR C 674 -31.32 -0.84 2.99
N ALA C 675 -30.28 -0.31 3.62
CA ALA C 675 -30.00 -0.66 5.01
C ALA C 675 -31.09 -0.15 5.96
N MET C 676 -31.65 1.03 5.67
CA MET C 676 -32.74 1.56 6.47
C MET C 676 -34.07 1.00 6.00
N GLY C 677 -34.24 -0.31 6.09
CA GLY C 677 -35.44 -0.93 5.59
C GLY C 677 -35.46 -0.88 4.06
N GLY C 678 -36.61 -1.28 3.52
CA GLY C 678 -36.79 -1.24 2.08
C GLY C 678 -36.96 0.18 1.57
N SER C 679 -36.60 0.36 0.31
CA SER C 679 -36.74 1.64 -0.36
C SER C 679 -37.28 1.43 -1.77
N THR C 680 -38.23 2.28 -2.16
CA THR C 680 -38.74 2.23 -3.51
C THR C 680 -37.96 3.17 -4.42
N LEU C 681 -37.99 2.87 -5.72
CA LEU C 681 -37.37 3.72 -6.72
C LEU C 681 -38.30 3.83 -7.92
N PHE C 682 -38.11 4.90 -8.68
CA PHE C 682 -38.84 5.12 -9.92
C PHE C 682 -37.85 5.20 -11.07
N VAL C 683 -38.31 4.82 -12.26
CA VAL C 683 -37.51 4.89 -13.47
C VAL C 683 -38.21 5.85 -14.43
N GLU C 684 -37.61 7.00 -14.67
CA GLU C 684 -38.25 7.98 -15.55
C GLU C 684 -37.57 7.98 -16.90
N THR C 685 -38.32 8.04 -17.96
CA THR C 685 -37.86 8.14 -19.34
C THR C 685 -38.60 9.27 -20.03
N SER C 686 -37.90 9.96 -20.92
CA SER C 686 -38.49 11.06 -21.67
C SER C 686 -37.70 11.28 -22.95
N LEU C 687 -38.36 11.88 -23.93
CA LEU C 687 -37.69 12.21 -25.18
C LEU C 687 -36.63 13.26 -24.98
N ARG C 688 -35.47 13.06 -25.60
CA ARG C 688 -34.38 14.03 -25.56
C ARG C 688 -34.33 14.90 -26.81
N ARG C 689 -34.93 14.45 -27.90
CA ARG C 689 -35.01 15.22 -29.14
C ARG C 689 -36.45 15.22 -29.63
N PRO C 690 -36.87 16.27 -30.33
CA PRO C 690 -38.32 16.47 -30.56
C PRO C 690 -39.01 15.34 -31.31
N GLN C 691 -38.35 14.72 -32.27
CA GLN C 691 -39.01 13.73 -33.12
C GLN C 691 -39.08 12.39 -32.40
N ASP C 692 -40.27 11.80 -32.38
CA ASP C 692 -40.47 10.50 -31.74
C ASP C 692 -40.45 9.37 -32.78
N LYS C 699 -29.75 5.70 -39.02
CA LYS C 699 -30.14 6.70 -38.00
C LYS C 699 -30.73 5.98 -36.78
N ASP C 700 -29.87 5.52 -35.89
CA ASP C 700 -30.34 4.76 -34.71
C ASP C 700 -30.76 5.74 -33.62
N GLY C 701 -31.46 5.24 -32.60
CA GLY C 701 -31.82 6.07 -31.45
C GLY C 701 -30.84 5.72 -30.38
N SER C 702 -30.95 6.33 -29.22
CA SER C 702 -29.94 6.06 -28.19
C SER C 702 -30.60 6.11 -26.84
N LEU C 703 -29.92 5.61 -25.83
CA LEU C 703 -30.48 5.77 -24.50
C LEU C 703 -29.41 6.44 -23.64
N GLU C 704 -29.67 7.65 -23.17
CA GLU C 704 -28.80 8.27 -22.19
C GLU C 704 -29.24 7.88 -20.79
N VAL C 705 -28.28 7.44 -19.98
CA VAL C 705 -28.55 6.88 -18.67
C VAL C 705 -27.86 7.74 -17.61
N THR C 706 -28.65 8.32 -16.71
CA THR C 706 -28.14 9.12 -15.62
C THR C 706 -28.81 8.68 -14.32
N GLY C 707 -28.18 9.02 -13.21
CA GLY C 707 -28.71 8.66 -11.90
C GLY C 707 -27.74 7.89 -11.03
N GLN C 708 -26.44 8.08 -11.28
CA GLN C 708 -25.38 7.42 -10.51
C GLN C 708 -25.48 5.91 -10.59
N LEU C 709 -25.92 5.41 -11.75
CA LEU C 709 -26.07 3.97 -11.95
C LEU C 709 -24.71 3.31 -12.04
N GLY C 710 -24.58 2.13 -11.44
CA GLY C 710 -23.35 1.39 -11.48
C GLY C 710 -23.14 0.68 -12.82
N GLU C 711 -21.98 0.02 -12.93
CA GLU C 711 -21.66 -0.67 -14.17
C GLU C 711 -22.62 -1.83 -14.44
N VAL C 712 -22.91 -2.63 -13.42
CA VAL C 712 -23.86 -3.72 -13.58
C VAL C 712 -25.24 -3.18 -13.93
N MET C 713 -25.66 -2.11 -13.27
CA MET C 713 -26.98 -1.55 -13.52
C MET C 713 -27.06 -0.88 -14.89
N LYS C 714 -25.97 -0.24 -15.34
CA LYS C 714 -25.94 0.30 -16.69
C LYS C 714 -25.99 -0.81 -17.74
N GLU C 715 -25.29 -1.92 -17.48
CA GLU C 715 -25.38 -3.06 -18.39
C GLU C 715 -26.79 -3.62 -18.43
N SER C 716 -27.45 -3.69 -17.27
CA SER C 716 -28.85 -4.13 -17.25
C SER C 716 -29.73 -3.17 -18.01
N ALA C 717 -29.44 -1.86 -17.94
CA ALA C 717 -30.18 -0.88 -18.73
C ALA C 717 -30.00 -1.12 -20.23
N ARG C 718 -28.78 -1.44 -20.66
CA ARG C 718 -28.55 -1.74 -22.07
C ARG C 718 -29.30 -2.99 -22.51
N ILE C 719 -29.25 -4.05 -21.69
CA ILE C 719 -29.97 -5.28 -22.01
C ILE C 719 -31.47 -5.02 -22.08
N ALA C 720 -31.98 -4.22 -21.13
CA ALA C 720 -33.39 -3.86 -21.11
C ALA C 720 -33.77 -3.07 -22.35
N TYR C 721 -32.90 -2.16 -22.80
CA TYR C 721 -33.17 -1.40 -24.00
C TYR C 721 -33.26 -2.31 -25.22
N THR C 722 -32.32 -3.25 -25.34
CA THR C 722 -32.35 -4.18 -26.47
C THR C 722 -33.60 -5.04 -26.45
N PHE C 723 -33.95 -5.59 -25.29
CA PHE C 723 -35.13 -6.44 -25.21
C PHE C 723 -36.40 -5.64 -25.42
N ALA C 724 -36.44 -4.38 -24.96
CA ALA C 724 -37.60 -3.55 -25.21
C ALA C 724 -37.77 -3.28 -26.69
N ARG C 725 -36.67 -3.02 -27.41
CA ARG C 725 -36.75 -2.88 -28.85
C ARG C 725 -37.32 -4.14 -29.48
N ALA C 726 -36.81 -5.31 -29.09
CA ALA C 726 -37.27 -6.57 -29.67
C ALA C 726 -38.74 -6.82 -29.36
N PHE C 727 -39.16 -6.57 -28.12
CA PHE C 727 -40.51 -6.86 -27.70
C PHE C 727 -41.51 -5.94 -28.39
N LEU C 728 -41.17 -4.66 -28.50
CA LEU C 728 -42.04 -3.75 -29.23
C LEU C 728 -42.04 -4.06 -30.72
N MET C 729 -40.94 -4.61 -31.24
CA MET C 729 -40.91 -5.04 -32.63
C MET C 729 -41.88 -6.19 -32.88
N GLN C 730 -41.90 -7.17 -31.99
CA GLN C 730 -42.75 -8.34 -32.17
C GLN C 730 -44.20 -8.09 -31.73
N HIS C 731 -44.43 -7.11 -30.88
CA HIS C 731 -45.79 -6.82 -30.41
C HIS C 731 -46.48 -5.80 -31.31
N ALA C 732 -45.76 -4.75 -31.70
CA ALA C 732 -46.32 -3.69 -32.56
C ALA C 732 -45.32 -3.40 -33.67
N PRO C 733 -45.42 -4.10 -34.80
CA PRO C 733 -44.44 -3.90 -35.88
C PRO C 733 -44.39 -2.48 -36.41
N ALA C 734 -45.51 -1.75 -36.44
CA ALA C 734 -45.51 -0.41 -36.98
C ALA C 734 -44.96 0.63 -36.02
N ASN C 735 -44.76 0.27 -34.75
CA ASN C 735 -44.30 1.22 -33.74
C ASN C 735 -42.78 1.24 -33.74
N ASP C 736 -42.21 2.21 -34.47
CA ASP C 736 -40.77 2.41 -34.53
C ASP C 736 -40.26 3.42 -33.53
N TYR C 737 -40.95 3.59 -32.40
CA TYR C 737 -40.56 4.60 -31.42
C TYR C 737 -39.19 4.30 -30.82
N LEU C 738 -38.99 3.07 -30.34
CA LEU C 738 -37.77 2.75 -29.60
C LEU C 738 -36.54 2.71 -30.49
N VAL C 739 -36.70 2.44 -31.78
CA VAL C 739 -35.53 2.32 -32.64
C VAL C 739 -35.07 3.67 -33.16
N THR C 740 -35.96 4.65 -33.28
CA THR C 740 -35.62 5.93 -33.88
C THR C 740 -35.48 7.06 -32.86
N SER C 741 -36.17 6.98 -31.73
CA SER C 741 -36.21 8.09 -30.79
C SER C 741 -34.98 8.09 -29.88
N HIS C 742 -34.52 9.30 -29.55
CA HIS C 742 -33.44 9.50 -28.61
C HIS C 742 -34.04 9.69 -27.21
N ILE C 743 -33.72 8.78 -26.30
CA ILE C 743 -34.40 8.69 -25.02
C ILE C 743 -33.42 8.89 -23.89
N HIS C 744 -33.84 9.63 -22.88
CA HIS C 744 -33.08 9.82 -21.65
C HIS C 744 -33.76 9.04 -20.54
N LEU C 745 -33.00 8.16 -19.89
CA LEU C 745 -33.50 7.38 -18.77
C LEU C 745 -32.85 7.89 -17.48
N HIS C 746 -33.68 8.18 -16.49
CA HIS C 746 -33.22 8.72 -15.23
C HIS C 746 -33.89 8.01 -14.06
N VAL C 747 -33.12 7.78 -13.01
CA VAL C 747 -33.62 7.23 -11.75
C VAL C 747 -33.52 8.34 -10.72
N PRO C 748 -34.64 8.96 -10.31
CA PRO C 748 -34.59 10.30 -9.71
C PRO C 748 -33.98 10.39 -8.33
N GLU C 749 -33.38 9.33 -7.81
CA GLU C 749 -32.50 9.45 -6.64
C GLU C 749 -31.08 9.80 -7.11
N GLY C 750 -30.96 11.05 -7.58
CA GLY C 750 -29.77 11.48 -8.31
C GLY C 750 -28.49 11.46 -7.50
N ALA C 751 -28.55 11.81 -6.22
CA ALA C 751 -27.34 11.88 -5.41
C ALA C 751 -26.97 10.55 -4.76
N THR C 752 -27.88 9.59 -4.72
CA THR C 752 -27.59 8.31 -4.08
C THR C 752 -27.13 7.30 -5.13
N PRO C 753 -25.93 6.73 -4.98
CA PRO C 753 -25.49 5.71 -5.93
C PRO C 753 -26.31 4.44 -5.81
N LYS C 754 -26.50 3.74 -6.92
CA LYS C 754 -27.29 2.54 -6.96
C LYS C 754 -26.75 1.59 -8.02
N ASP C 755 -26.76 0.29 -7.70
CA ASP C 755 -26.22 -0.72 -8.59
C ASP C 755 -27.03 -2.01 -8.43
N GLY C 756 -26.95 -2.87 -9.44
CA GLY C 756 -27.63 -4.14 -9.40
C GLY C 756 -28.54 -4.35 -10.60
N PRO C 757 -28.73 -5.63 -10.98
CA PRO C 757 -29.59 -5.92 -12.13
C PRO C 757 -31.07 -6.06 -11.80
N SER C 758 -31.47 -5.76 -10.57
CA SER C 758 -32.85 -5.98 -10.15
C SER C 758 -33.84 -5.07 -10.87
N ALA C 759 -33.37 -4.02 -11.55
CA ALA C 759 -34.24 -3.05 -12.19
C ALA C 759 -34.45 -3.31 -13.67
N GLY C 760 -34.06 -4.48 -14.18
CA GLY C 760 -34.18 -4.74 -15.61
C GLY C 760 -35.61 -4.72 -16.11
N CYS C 761 -36.49 -5.42 -15.41
CA CYS C 761 -37.90 -5.45 -15.82
C CYS C 761 -38.56 -4.10 -15.64
N THR C 762 -38.18 -3.36 -14.59
CA THR C 762 -38.71 -2.01 -14.41
C THR C 762 -38.29 -1.11 -15.57
N ILE C 763 -37.04 -1.21 -16.00
CA ILE C 763 -36.56 -0.39 -17.11
C ILE C 763 -37.27 -0.77 -18.40
N VAL C 764 -37.46 -2.08 -18.63
CA VAL C 764 -38.20 -2.51 -19.81
C VAL C 764 -39.61 -1.95 -19.80
N THR C 765 -40.28 -2.02 -18.65
CA THR C 765 -41.64 -1.51 -18.54
C THR C 765 -41.68 -0.01 -18.79
N ALA C 766 -40.72 0.73 -18.24
CA ALA C 766 -40.68 2.17 -18.45
C ALA C 766 -40.50 2.50 -19.93
N LEU C 767 -39.56 1.82 -20.59
CA LEU C 767 -39.33 2.08 -22.00
C LEU C 767 -40.56 1.76 -22.85
N LEU C 768 -41.20 0.63 -22.58
CA LEU C 768 -42.38 0.26 -23.36
C LEU C 768 -43.54 1.21 -23.11
N SER C 769 -43.75 1.61 -21.85
CA SER C 769 -44.84 2.53 -21.52
C SER C 769 -44.61 3.88 -22.17
N LEU C 770 -43.36 4.36 -22.19
CA LEU C 770 -43.06 5.58 -22.92
C LEU C 770 -43.32 5.41 -24.41
N ALA C 771 -42.94 4.25 -24.97
CA ALA C 771 -43.07 4.03 -26.40
C ALA C 771 -44.51 3.92 -26.86
N MET C 772 -45.42 3.43 -26.01
CA MET C 772 -46.82 3.31 -26.39
C MET C 772 -47.71 4.33 -25.69
N GLY C 773 -47.14 5.20 -24.85
CA GLY C 773 -47.91 6.25 -24.23
C GLY C 773 -48.93 5.79 -23.22
N ARG C 774 -48.74 4.62 -22.63
CA ARG C 774 -49.71 4.07 -21.69
C ARG C 774 -49.10 3.99 -20.30
N PRO C 775 -49.70 4.65 -19.30
CA PRO C 775 -49.23 4.47 -17.93
C PRO C 775 -49.54 3.08 -17.41
N VAL C 776 -48.68 2.59 -16.52
CA VAL C 776 -48.84 1.28 -15.91
C VAL C 776 -49.90 1.35 -14.82
N ARG C 777 -50.30 0.19 -14.30
CA ARG C 777 -51.22 0.14 -13.17
C ARG C 777 -50.73 1.03 -12.05
N GLN C 778 -51.64 1.82 -11.50
CA GLN C 778 -51.24 2.94 -10.63
C GLN C 778 -50.70 2.50 -9.28
N ASN C 779 -50.95 1.26 -8.86
CA ASN C 779 -50.43 0.76 -7.60
C ASN C 779 -49.61 -0.50 -7.81
N LEU C 780 -48.91 -0.59 -8.93
CA LEU C 780 -48.14 -1.77 -9.29
C LEU C 780 -46.64 -1.52 -9.09
N ALA C 781 -45.95 -2.52 -8.55
CA ALA C 781 -44.50 -2.48 -8.39
C ALA C 781 -43.93 -3.79 -8.91
N MET C 782 -42.67 -3.72 -9.36
CA MET C 782 -42.04 -4.90 -9.94
C MET C 782 -40.55 -4.88 -9.64
N THR C 783 -39.96 -6.07 -9.64
CA THR C 783 -38.52 -6.24 -9.53
C THR C 783 -38.14 -7.56 -10.20
N GLY C 784 -36.95 -7.59 -10.78
CA GLY C 784 -36.47 -8.81 -11.40
C GLY C 784 -35.48 -8.58 -12.54
N GLU C 785 -34.42 -9.37 -12.56
CA GLU C 785 -33.44 -9.26 -13.62
C GLU C 785 -34.00 -9.85 -14.92
N VAL C 786 -33.77 -9.14 -16.03
CA VAL C 786 -34.24 -9.56 -17.34
C VAL C 786 -33.02 -9.92 -18.18
N SER C 787 -33.14 -11.02 -18.93
CA SER C 787 -32.09 -11.44 -19.84
C SER C 787 -32.36 -10.87 -21.24
N LEU C 788 -31.44 -11.17 -22.16
CA LEU C 788 -31.55 -10.62 -23.51
C LEU C 788 -32.74 -11.18 -24.28
N THR C 789 -33.25 -12.35 -23.90
CA THR C 789 -34.44 -12.92 -24.60
C THR C 789 -35.70 -12.67 -23.79
N GLY C 790 -35.58 -12.04 -22.63
CA GLY C 790 -36.75 -11.67 -21.87
C GLY C 790 -37.04 -12.49 -20.64
N LYS C 791 -36.32 -13.58 -20.41
CA LYS C 791 -36.57 -14.39 -19.23
C LYS C 791 -36.23 -13.61 -17.96
N ILE C 792 -37.06 -13.79 -16.94
CA ILE C 792 -36.92 -13.07 -15.67
C ILE C 792 -36.11 -13.93 -14.73
N LEU C 793 -35.05 -13.34 -14.17
CA LEU C 793 -34.13 -14.05 -13.30
C LEU C 793 -34.34 -13.63 -11.84
N PRO C 794 -34.03 -14.51 -10.88
CA PRO C 794 -34.28 -14.18 -9.47
C PRO C 794 -33.39 -13.03 -9.01
N VAL C 795 -33.91 -12.29 -8.01
CA VAL C 795 -33.20 -11.18 -7.40
C VAL C 795 -33.21 -11.36 -5.89
N GLY C 796 -32.29 -10.65 -5.23
CA GLY C 796 -32.19 -10.72 -3.78
C GLY C 796 -32.96 -9.61 -3.08
N GLY C 797 -32.96 -9.68 -1.75
CA GLY C 797 -33.64 -8.68 -0.94
C GLY C 797 -35.14 -8.64 -1.10
N ILE C 798 -35.79 -9.80 -1.17
CA ILE C 798 -37.24 -9.84 -1.35
C ILE C 798 -37.96 -9.28 -0.13
N LYS C 799 -37.42 -9.54 1.06
CA LYS C 799 -38.07 -9.08 2.30
C LYS C 799 -38.16 -7.56 2.34
N GLU C 800 -37.02 -6.89 2.11
CA GLU C 800 -37.00 -5.43 2.16
C GLU C 800 -37.85 -4.82 1.05
N LYS C 801 -37.80 -5.41 -0.15
CA LYS C 801 -38.60 -4.89 -1.25
C LYS C 801 -40.09 -5.04 -0.97
N THR C 802 -40.49 -6.17 -0.39
CA THR C 802 -41.89 -6.36 -0.03
C THR C 802 -42.33 -5.37 1.05
N ILE C 803 -41.47 -5.16 2.06
CA ILE C 803 -41.79 -4.21 3.12
C ILE C 803 -41.94 -2.80 2.54
N ALA C 804 -41.04 -2.41 1.65
CA ALA C 804 -41.13 -1.10 1.02
C ALA C 804 -42.39 -0.98 0.16
N ALA C 805 -42.73 -2.04 -0.57
CA ALA C 805 -43.91 -2.00 -1.43
C ALA C 805 -45.17 -1.81 -0.59
N LYS C 806 -45.36 -2.63 0.44
CA LYS C 806 -46.54 -2.47 1.27
C LYS C 806 -46.55 -1.13 1.99
N ARG C 807 -45.38 -0.68 2.44
CA ARG C 807 -45.31 0.60 3.14
C ARG C 807 -45.65 1.76 2.21
N ALA C 808 -45.33 1.63 0.93
CA ALA C 808 -45.61 2.68 -0.05
C ALA C 808 -47.01 2.58 -0.63
N GLY C 809 -47.87 1.72 -0.09
CA GLY C 809 -49.24 1.62 -0.58
C GLY C 809 -49.42 0.80 -1.83
N VAL C 810 -48.46 -0.09 -2.15
CA VAL C 810 -48.61 -0.94 -3.32
C VAL C 810 -49.66 -2.01 -3.05
N THR C 811 -50.53 -2.22 -4.03
CA THR C 811 -51.54 -3.27 -3.95
C THR C 811 -51.21 -4.49 -4.79
N CYS C 812 -50.41 -4.33 -5.85
CA CYS C 812 -50.04 -5.44 -6.72
C CYS C 812 -48.53 -5.40 -6.95
N ILE C 813 -47.88 -6.54 -6.74
CA ILE C 813 -46.42 -6.65 -6.84
C ILE C 813 -46.07 -7.79 -7.77
N VAL C 814 -45.05 -7.60 -8.60
CA VAL C 814 -44.59 -8.58 -9.56
C VAL C 814 -43.20 -9.05 -9.16
N LEU C 815 -43.01 -10.35 -9.09
CA LEU C 815 -41.76 -10.96 -8.66
C LEU C 815 -41.38 -12.08 -9.62
N PRO C 816 -40.09 -12.42 -9.69
CA PRO C 816 -39.69 -13.61 -10.46
C PRO C 816 -40.26 -14.87 -9.84
N ALA C 817 -40.53 -15.86 -10.69
CA ALA C 817 -41.08 -17.12 -10.19
C ALA C 817 -40.09 -17.87 -9.32
N GLU C 818 -38.79 -17.62 -9.50
CA GLU C 818 -37.77 -18.26 -8.67
C GLU C 818 -37.71 -17.69 -7.26
N ASN C 819 -38.42 -16.59 -6.99
CA ASN C 819 -38.45 -15.99 -5.66
C ASN C 819 -39.71 -16.37 -4.89
N LYS C 820 -40.45 -17.38 -5.35
CA LYS C 820 -41.69 -17.77 -4.67
C LYS C 820 -41.43 -18.26 -3.26
N LYS C 821 -40.40 -19.09 -3.08
CA LYS C 821 -40.07 -19.61 -1.76
C LYS C 821 -39.48 -18.54 -0.85
N ASP C 822 -38.85 -17.51 -1.40
CA ASP C 822 -38.40 -16.39 -0.58
C ASP C 822 -39.58 -15.53 -0.15
N PHE C 823 -40.55 -15.30 -1.05
CA PHE C 823 -41.72 -14.51 -0.71
C PHE C 823 -42.59 -15.22 0.33
N TYR C 824 -42.78 -16.52 0.19
CA TYR C 824 -43.63 -17.26 1.12
C TYR C 824 -42.90 -17.69 2.37
N ASP C 825 -41.59 -17.42 2.49
CA ASP C 825 -40.87 -17.61 3.73
C ASP C 825 -41.10 -16.44 4.69
N LEU C 826 -41.59 -15.32 4.18
CA LEU C 826 -41.81 -14.14 5.00
C LEU C 826 -42.93 -14.36 6.00
N ALA C 827 -42.94 -13.51 7.03
CA ALA C 827 -43.99 -13.56 8.03
C ALA C 827 -45.35 -13.25 7.39
N ALA C 828 -46.41 -13.81 7.98
CA ALA C 828 -47.74 -13.69 7.38
C ALA C 828 -48.20 -12.24 7.29
N PHE C 829 -47.95 -11.44 8.33
CA PHE C 829 -48.41 -10.06 8.33
C PHE C 829 -47.69 -9.21 7.29
N ILE C 830 -46.53 -9.65 6.82
CA ILE C 830 -45.80 -8.89 5.82
C ILE C 830 -46.51 -8.93 4.47
N THR C 831 -47.16 -10.06 4.15
CA THR C 831 -47.72 -10.28 2.83
C THR C 831 -49.24 -10.43 2.83
N GLU C 832 -49.95 -9.85 3.81
CA GLU C 832 -51.39 -10.02 3.87
C GLU C 832 -52.09 -9.36 2.68
N GLY C 833 -51.80 -8.09 2.44
CA GLY C 833 -52.58 -7.30 1.51
C GLY C 833 -52.05 -7.18 0.09
N LEU C 834 -51.07 -7.98 -0.30
CA LEU C 834 -50.41 -7.84 -1.59
C LEU C 834 -50.93 -8.87 -2.58
N GLU C 835 -51.32 -8.41 -3.76
CA GLU C 835 -51.69 -9.30 -4.87
C GLU C 835 -50.43 -9.61 -5.66
N VAL C 836 -49.69 -10.61 -5.18
CA VAL C 836 -48.37 -10.93 -5.73
C VAL C 836 -48.54 -11.76 -7.00
N HIS C 837 -47.65 -11.50 -7.96
CA HIS C 837 -47.59 -12.28 -9.19
C HIS C 837 -46.17 -12.78 -9.40
N PHE C 838 -46.04 -14.04 -9.83
CA PHE C 838 -44.75 -14.66 -10.09
C PHE C 838 -44.66 -14.99 -11.57
N VAL C 839 -43.56 -14.56 -12.20
CA VAL C 839 -43.41 -14.62 -13.64
C VAL C 839 -42.13 -15.35 -14.01
N GLU C 840 -42.15 -15.98 -15.18
CA GLU C 840 -40.97 -16.63 -15.75
C GLU C 840 -40.42 -15.88 -16.96
N HIS C 841 -41.25 -15.09 -17.64
CA HIS C 841 -40.85 -14.34 -18.81
C HIS C 841 -41.55 -12.99 -18.77
N TYR C 842 -40.99 -12.02 -19.51
CA TYR C 842 -41.50 -10.66 -19.42
C TYR C 842 -42.90 -10.52 -19.96
N ARG C 843 -43.31 -11.39 -20.89
CA ARG C 843 -44.65 -11.25 -21.47
C ARG C 843 -45.73 -11.28 -20.40
N GLU C 844 -45.52 -12.03 -19.32
CA GLU C 844 -46.45 -12.03 -18.20
C GLU C 844 -46.48 -10.67 -17.50
N ILE C 845 -45.31 -10.05 -17.33
CA ILE C 845 -45.25 -8.72 -16.73
C ILE C 845 -45.98 -7.71 -17.62
N PHE C 846 -45.79 -7.82 -18.93
CA PHE C 846 -46.49 -6.93 -19.86
C PHE C 846 -48.00 -7.10 -19.75
N ASP C 847 -48.47 -8.35 -19.69
CA ASP C 847 -49.90 -8.58 -19.54
C ASP C 847 -50.43 -8.07 -18.21
N ILE C 848 -49.64 -8.17 -17.13
CA ILE C 848 -50.09 -7.68 -15.83
C ILE C 848 -50.15 -6.16 -15.81
N ALA C 849 -49.13 -5.50 -16.33
CA ALA C 849 -49.03 -4.04 -16.24
C ALA C 849 -49.99 -3.33 -17.18
N PHE C 850 -50.35 -3.95 -18.29
CA PHE C 850 -51.18 -3.28 -19.29
C PHE C 850 -52.50 -4.04 -19.52
N ASP D 318 3.82 -9.08 56.30
CA ASP D 318 4.51 -7.81 56.36
C ASP D 318 3.51 -6.66 56.37
N ALA D 319 4.01 -5.44 56.60
CA ALA D 319 3.13 -4.27 56.66
C ALA D 319 2.57 -3.92 55.28
N ILE D 320 3.11 -4.49 54.21
CA ILE D 320 2.58 -4.19 52.88
C ILE D 320 1.17 -4.75 52.72
N GLU D 321 0.89 -5.89 53.35
CA GLU D 321 -0.45 -6.48 53.26
C GLU D 321 -1.50 -5.57 53.89
N GLU D 322 -1.19 -5.00 55.06
CA GLU D 322 -2.14 -4.07 55.66
C GLU D 322 -2.18 -2.74 54.92
N LYS D 323 -1.03 -2.28 54.40
CA LYS D 323 -1.04 -1.09 53.56
C LYS D 323 -1.96 -1.27 52.36
N PHE D 324 -2.10 -2.50 51.87
CA PHE D 324 -3.12 -2.80 50.87
C PHE D 324 -4.52 -2.82 51.46
N ARG D 325 -4.70 -3.52 52.58
CA ARG D 325 -6.06 -3.85 53.03
C ARG D 325 -6.79 -2.62 53.58
N GLU D 326 -6.14 -1.82 54.43
CA GLU D 326 -6.91 -0.76 55.08
C GLU D 326 -7.29 0.38 54.15
N ARG D 327 -6.89 0.37 52.88
CA ARG D 327 -7.42 1.34 51.93
C ARG D 327 -8.50 0.76 51.03
N LEU D 328 -8.99 -0.44 51.33
CA LEU D 328 -10.26 -0.91 50.80
C LEU D 328 -11.43 -0.67 51.75
N LYS D 329 -11.18 -0.07 52.91
CA LYS D 329 -12.21 0.06 53.93
C LYS D 329 -13.36 0.94 53.46
N GLU D 330 -13.05 2.04 52.76
CA GLU D 330 -14.06 2.97 52.29
C GLU D 330 -14.58 2.61 50.90
N LEU D 331 -14.19 1.47 50.37
CA LEU D 331 -14.63 1.00 49.06
C LEU D 331 -15.57 -0.19 49.25
N VAL D 332 -16.70 -0.16 48.55
CA VAL D 332 -17.58 -1.33 48.52
C VAL D 332 -17.15 -2.23 47.37
N VAL D 333 -16.16 -3.08 47.64
CA VAL D 333 -15.55 -3.93 46.62
C VAL D 333 -16.49 -5.07 46.27
N PRO D 334 -16.77 -5.30 44.99
CA PRO D 334 -17.58 -6.46 44.62
C PRO D 334 -16.86 -7.76 44.90
N LYS D 335 -17.64 -8.83 45.04
CA LYS D 335 -17.09 -10.13 45.44
C LYS D 335 -16.08 -10.64 44.42
N HIS D 336 -16.38 -10.49 43.12
CA HIS D 336 -15.48 -11.00 42.09
C HIS D 336 -14.14 -10.28 42.07
N VAL D 337 -14.04 -9.11 42.69
CA VAL D 337 -12.76 -8.43 42.85
C VAL D 337 -12.10 -8.79 44.18
N MET D 338 -12.92 -8.94 45.23
CA MET D 338 -12.38 -9.26 46.55
C MET D 338 -11.74 -10.65 46.56
N ASP D 339 -12.36 -11.61 45.87
CA ASP D 339 -11.79 -12.96 45.82
C ASP D 339 -10.51 -13.04 45.01
N VAL D 340 -10.28 -12.11 44.08
CA VAL D 340 -9.02 -12.03 43.38
C VAL D 340 -7.97 -11.31 44.22
N VAL D 341 -8.39 -10.25 44.91
CA VAL D 341 -7.46 -9.54 45.81
C VAL D 341 -6.96 -10.48 46.90
N ASP D 342 -7.85 -11.30 47.46
CA ASP D 342 -7.44 -12.22 48.51
C ASP D 342 -6.43 -13.25 48.01
N GLU D 343 -6.65 -13.82 46.83
CA GLU D 343 -5.72 -14.83 46.32
C GLU D 343 -4.38 -14.19 45.95
N GLU D 344 -4.42 -12.97 45.40
CA GLU D 344 -3.16 -12.28 45.11
C GLU D 344 -2.40 -11.94 46.38
N LEU D 345 -3.11 -11.54 47.45
CA LEU D 345 -2.44 -11.27 48.71
C LEU D 345 -1.85 -12.56 49.31
N SER D 346 -2.57 -13.67 49.21
CA SER D 346 -2.04 -14.93 49.70
C SER D 346 -0.81 -15.35 48.91
N LYS D 347 -0.83 -15.15 47.59
CA LYS D 347 0.35 -15.41 46.77
C LYS D 347 1.50 -14.49 47.15
N LEU D 348 1.18 -13.25 47.56
CA LEU D 348 2.21 -12.29 47.91
C LEU D 348 3.00 -12.75 49.12
N GLY D 349 2.33 -13.34 50.10
CA GLY D 349 3.00 -13.78 51.31
C GLY D 349 3.85 -15.04 51.14
N LEU D 350 3.70 -15.73 50.02
CA LEU D 350 4.48 -16.94 49.76
C LEU D 350 5.75 -16.65 48.97
N LEU D 351 5.71 -15.65 48.08
CA LEU D 351 6.86 -15.33 47.27
C LEU D 351 7.96 -14.68 48.09
N ASP D 352 9.20 -14.81 47.63
CA ASP D 352 10.32 -14.14 48.27
C ASP D 352 10.18 -12.63 48.10
N ASN D 353 10.51 -11.89 49.15
CA ASN D 353 10.25 -10.44 49.17
C ASN D 353 10.98 -9.68 48.08
N HIS D 354 12.06 -10.25 47.52
CA HIS D 354 12.85 -9.56 46.50
C HIS D 354 12.85 -10.29 45.16
N SER D 355 11.95 -11.25 44.96
CA SER D 355 11.86 -11.93 43.68
C SER D 355 11.07 -11.09 42.68
N SER D 356 11.25 -11.40 41.39
CA SER D 356 10.54 -10.67 40.35
C SER D 356 9.03 -10.94 40.39
N GLU D 357 8.64 -12.18 40.70
CA GLU D 357 7.22 -12.48 40.86
C GLU D 357 6.61 -11.65 41.99
N PHE D 358 7.38 -11.40 43.05
CA PHE D 358 6.91 -10.53 44.12
C PHE D 358 6.64 -9.13 43.60
N ASN D 359 7.53 -8.59 42.76
CA ASN D 359 7.32 -7.26 42.21
C ASN D 359 6.10 -7.23 41.30
N VAL D 360 5.90 -8.27 40.48
CA VAL D 360 4.75 -8.31 39.60
C VAL D 360 3.45 -8.36 40.41
N THR D 361 3.43 -9.20 41.45
CA THR D 361 2.24 -9.29 42.31
C THR D 361 2.00 -7.97 43.03
N ARG D 362 3.06 -7.32 43.49
CA ARG D 362 2.91 -6.04 44.18
C ARG D 362 2.34 -4.98 43.25
N ASN D 363 2.84 -4.91 42.02
CA ASN D 363 2.34 -3.93 41.06
C ASN D 363 0.88 -4.20 40.73
N TYR D 364 0.53 -5.47 40.53
CA TYR D 364 -0.86 -5.82 40.22
C TYR D 364 -1.78 -5.48 41.39
N LEU D 365 -1.34 -5.74 42.62
CA LEU D 365 -2.14 -5.40 43.79
C LEU D 365 -2.28 -3.90 43.94
N ASP D 366 -1.22 -3.14 43.67
CA ASP D 366 -1.32 -1.68 43.65
C ASP D 366 -2.38 -1.22 42.67
N TRP D 367 -2.37 -1.78 41.46
CA TRP D 367 -3.31 -1.35 40.45
C TRP D 367 -4.74 -1.72 40.83
N LEU D 368 -4.94 -2.93 41.39
CA LEU D 368 -6.28 -3.32 41.82
C LEU D 368 -6.77 -2.46 42.97
N THR D 369 -5.87 -2.08 43.88
CA THR D 369 -6.29 -1.31 45.04
C THR D 369 -6.56 0.15 44.70
N SER D 370 -5.84 0.70 43.72
CA SER D 370 -6.01 2.10 43.37
C SER D 370 -7.33 2.41 42.69
N ILE D 371 -8.08 1.39 42.28
CA ILE D 371 -9.35 1.63 41.57
C ILE D 371 -10.38 2.18 42.55
N PRO D 372 -11.14 3.21 42.17
CA PRO D 372 -12.25 3.65 43.02
C PRO D 372 -13.45 2.72 42.89
N TRP D 373 -13.43 1.62 43.65
CA TRP D 373 -14.40 0.55 43.45
C TRP D 373 -15.82 0.94 43.82
N GLY D 374 -16.01 1.77 44.84
CA GLY D 374 -17.37 2.10 45.25
C GLY D 374 -17.59 3.54 45.67
N LYS D 375 -16.80 4.46 45.14
CA LYS D 375 -16.89 5.86 45.51
C LYS D 375 -17.20 6.70 44.28
N TYR D 376 -18.11 7.65 44.44
CA TYR D 376 -18.54 8.54 43.37
C TYR D 376 -18.33 9.99 43.77
N SER D 377 -18.15 10.85 42.78
CA SER D 377 -18.04 12.27 43.03
C SER D 377 -19.36 12.83 43.52
N ASN D 378 -19.29 13.89 44.32
CA ASN D 378 -20.48 14.53 44.90
C ASN D 378 -21.20 15.37 43.85
N GLU D 379 -21.86 14.67 42.92
CA GLU D 379 -22.62 15.32 41.87
C GLU D 379 -23.75 16.15 42.46
N ASN D 380 -23.89 17.38 41.97
CA ASN D 380 -24.98 18.25 42.39
C ASN D 380 -26.09 18.22 41.34
N LEU D 381 -27.34 18.30 41.80
CA LEU D 381 -28.50 18.18 40.94
C LEU D 381 -29.30 19.47 40.84
N ASP D 382 -28.70 20.61 41.19
CA ASP D 382 -29.40 21.89 41.15
C ASP D 382 -29.46 22.38 39.71
N LEU D 383 -30.67 22.45 39.16
CA LEU D 383 -30.82 22.88 37.77
C LEU D 383 -30.42 24.33 37.56
N ALA D 384 -30.78 25.21 38.50
CA ALA D 384 -30.44 26.63 38.33
C ALA D 384 -28.94 26.85 38.39
N ARG D 385 -28.26 26.22 39.35
CA ARG D 385 -26.81 26.34 39.45
C ARG D 385 -26.13 25.78 38.21
N ALA D 386 -26.61 24.63 37.71
CA ALA D 386 -26.03 24.02 36.53
C ALA D 386 -26.21 24.92 35.30
N GLN D 387 -27.39 25.51 35.14
CA GLN D 387 -27.61 26.40 34.01
C GLN D 387 -26.74 27.65 34.12
N ALA D 388 -26.57 28.17 35.34
CA ALA D 388 -25.70 29.32 35.53
C ALA D 388 -24.25 28.99 35.17
N VAL D 389 -23.78 27.81 35.57
CA VAL D 389 -22.42 27.40 35.25
C VAL D 389 -22.25 27.18 33.75
N LEU D 390 -23.26 26.61 33.10
CA LEU D 390 -23.17 26.37 31.66
C LEU D 390 -23.23 27.65 30.85
N GLU D 391 -23.99 28.65 31.30
CA GLU D 391 -24.14 29.89 30.54
C GLU D 391 -22.95 30.83 30.67
N GLU D 392 -22.14 30.68 31.71
CA GLU D 392 -21.05 31.62 31.97
C GLU D 392 -19.87 31.44 31.05
N ASP D 393 -19.81 30.36 30.27
CA ASP D 393 -18.63 30.07 29.46
C ASP D 393 -18.93 30.00 27.97
N HIS D 394 -20.10 29.51 27.57
CA HIS D 394 -20.41 29.34 26.15
C HIS D 394 -21.76 29.97 25.85
N TYR D 395 -21.88 30.51 24.64
CA TYR D 395 -23.11 31.17 24.21
C TYR D 395 -23.85 30.31 23.19
N GLY D 396 -25.16 30.17 23.41
CA GLY D 396 -26.04 29.66 22.38
C GLY D 396 -25.84 28.21 21.99
N MET D 397 -25.30 27.38 22.87
CA MET D 397 -25.24 25.95 22.61
C MET D 397 -26.46 25.27 23.20
N GLU D 398 -27.65 25.57 22.65
CA GLU D 398 -28.90 25.18 23.31
C GLU D 398 -29.06 23.67 23.37
N ASP D 399 -28.67 22.95 22.31
CA ASP D 399 -28.86 21.51 22.29
C ASP D 399 -28.05 20.81 23.38
N VAL D 400 -26.76 21.15 23.51
CA VAL D 400 -25.92 20.50 24.50
C VAL D 400 -26.38 20.86 25.91
N LYS D 401 -26.72 22.13 26.14
CA LYS D 401 -27.18 22.54 27.46
C LYS D 401 -28.49 21.85 27.82
N LYS D 402 -29.40 21.74 26.87
CA LYS D 402 -30.66 21.04 27.11
C LYS D 402 -30.42 19.57 27.41
N ARG D 403 -29.49 18.94 26.68
CA ARG D 403 -29.16 17.55 26.95
C ARG D 403 -28.60 17.38 28.35
N ILE D 404 -27.72 18.28 28.79
CA ILE D 404 -27.17 18.19 30.13
C ILE D 404 -28.22 18.47 31.21
N LEU D 405 -29.14 19.40 30.99
CA LEU D 405 -30.20 19.63 31.96
C LEU D 405 -31.14 18.43 32.04
N GLU D 406 -31.43 17.80 30.91
CA GLU D 406 -32.22 16.56 30.93
C GLU D 406 -31.48 15.46 31.69
N PHE D 407 -30.16 15.36 31.48
CA PHE D 407 -29.35 14.42 32.25
C PHE D 407 -29.48 14.67 33.74
N ILE D 408 -29.41 15.94 34.15
CA ILE D 408 -29.49 16.28 35.57
C ILE D 408 -30.88 15.94 36.11
N ALA D 409 -31.93 16.27 35.36
CA ALA D 409 -33.28 15.98 35.82
C ALA D 409 -33.51 14.49 35.97
N VAL D 410 -33.03 13.69 35.01
CA VAL D 410 -33.17 12.24 35.10
C VAL D 410 -32.39 11.71 36.29
N SER D 411 -31.14 12.14 36.45
CA SER D 411 -30.33 11.72 37.59
C SER D 411 -30.90 12.20 38.92
N GLN D 412 -31.77 13.20 38.91
CA GLN D 412 -32.47 13.64 40.11
C GLN D 412 -33.71 12.83 40.40
N LEU D 413 -34.44 12.38 39.37
CA LEU D 413 -35.60 11.52 39.60
C LEU D 413 -35.18 10.18 40.17
N ARG D 414 -34.21 9.52 39.54
CA ARG D 414 -33.66 8.30 40.10
C ARG D 414 -32.72 8.64 41.25
N GLY D 415 -32.66 7.76 42.24
CA GLY D 415 -31.93 8.04 43.44
C GLY D 415 -30.43 7.87 43.36
N SER D 416 -29.89 7.60 42.18
CA SER D 416 -28.46 7.34 42.05
C SER D 416 -27.95 7.98 40.77
N THR D 417 -26.63 8.12 40.69
CA THR D 417 -25.99 8.69 39.51
C THR D 417 -26.14 7.76 38.32
N GLN D 418 -26.02 8.33 37.13
CA GLN D 418 -26.13 7.58 35.89
C GLN D 418 -24.97 7.92 34.97
N GLY D 419 -24.86 7.17 33.89
CA GLY D 419 -23.84 7.41 32.89
C GLY D 419 -24.41 7.30 31.49
N LYS D 420 -23.83 8.06 30.57
CA LYS D 420 -24.30 8.11 29.21
C LYS D 420 -23.11 8.23 28.27
N ILE D 421 -23.35 7.94 26.99
CA ILE D 421 -22.34 8.08 25.96
C ILE D 421 -22.87 9.06 24.93
N LEU D 422 -22.20 10.20 24.81
CA LEU D 422 -22.62 11.28 23.92
C LEU D 422 -21.50 11.57 22.93
N CYS D 423 -21.89 12.09 21.76
CA CYS D 423 -20.94 12.49 20.73
C CYS D 423 -21.34 13.85 20.20
N PHE D 424 -20.48 14.84 20.37
CA PHE D 424 -20.68 16.17 19.81
C PHE D 424 -19.95 16.25 18.48
N TYR D 425 -20.68 16.60 17.42
CA TYR D 425 -20.07 16.73 16.10
C TYR D 425 -20.52 18.03 15.46
N GLY D 426 -19.63 18.62 14.68
CA GLY D 426 -19.89 19.89 14.02
C GLY D 426 -18.63 20.49 13.43
N PRO D 427 -18.77 21.67 12.83
CA PRO D 427 -17.61 22.33 12.20
C PRO D 427 -16.57 22.72 13.24
N PRO D 428 -15.32 22.85 12.84
CA PRO D 428 -14.26 23.16 13.81
C PRO D 428 -14.45 24.55 14.42
N GLY D 429 -14.01 24.70 15.67
CA GLY D 429 -14.01 25.99 16.33
C GLY D 429 -15.34 26.41 16.93
N VAL D 430 -16.28 25.48 17.09
CA VAL D 430 -17.60 25.84 17.62
C VAL D 430 -17.73 25.60 19.12
N GLY D 431 -16.78 24.91 19.74
CA GLY D 431 -16.81 24.75 21.18
C GLY D 431 -17.08 23.35 21.67
N LYS D 432 -16.90 22.35 20.80
CA LYS D 432 -17.15 20.96 21.19
C LYS D 432 -16.19 20.53 22.29
N THR D 433 -14.89 20.77 22.12
CA THR D 433 -13.93 20.36 23.13
C THR D 433 -14.02 21.21 24.38
N SER D 434 -14.31 22.51 24.22
CA SER D 434 -14.32 23.41 25.37
C SER D 434 -15.52 23.19 26.27
N ILE D 435 -16.68 22.86 25.68
CA ILE D 435 -17.89 22.74 26.47
C ILE D 435 -17.82 21.55 27.43
N ALA D 436 -16.95 20.58 27.13
CA ALA D 436 -16.85 19.41 27.99
C ALA D 436 -16.37 19.77 29.39
N ARG D 437 -15.37 20.64 29.49
CA ARG D 437 -14.87 21.05 30.81
C ARG D 437 -15.91 21.84 31.57
N SER D 438 -16.65 22.71 30.87
CA SER D 438 -17.72 23.46 31.51
C SER D 438 -18.82 22.53 32.02
N ILE D 439 -19.15 21.50 31.24
CA ILE D 439 -20.13 20.51 31.67
C ILE D 439 -19.63 19.77 32.91
N ALA D 440 -18.35 19.37 32.91
CA ALA D 440 -17.79 18.68 34.06
C ALA D 440 -17.83 19.56 35.31
N ARG D 441 -17.54 20.85 35.15
CA ARG D 441 -17.65 21.77 36.28
C ARG D 441 -19.10 21.91 36.73
N ALA D 442 -20.04 21.95 35.79
CA ALA D 442 -21.45 22.07 36.15
C ALA D 442 -21.92 20.84 36.93
N LEU D 443 -21.50 19.66 36.49
CA LEU D 443 -21.90 18.42 37.15
C LEU D 443 -21.07 18.10 38.38
N ASN D 444 -20.03 18.88 38.66
CA ASN D 444 -19.10 18.61 39.76
C ASN D 444 -18.43 17.25 39.61
N ARG D 445 -18.29 16.79 38.37
CA ARG D 445 -17.62 15.54 38.07
C ARG D 445 -16.16 15.79 37.73
N GLU D 446 -15.34 14.76 37.93
CA GLU D 446 -13.95 14.83 37.53
C GLU D 446 -13.84 14.83 36.01
N TYR D 447 -12.86 15.57 35.50
CA TYR D 447 -12.70 15.76 34.06
C TYR D 447 -11.41 15.11 33.59
N PHE D 448 -11.50 14.34 32.50
CA PHE D 448 -10.34 13.74 31.85
C PHE D 448 -10.49 13.89 30.35
N ARG D 449 -9.42 14.29 29.68
CA ARG D 449 -9.39 14.42 28.23
C ARG D 449 -8.56 13.30 27.65
N PHE D 450 -9.17 12.54 26.72
CA PHE D 450 -8.55 11.39 26.08
C PHE D 450 -8.55 11.61 24.57
N SER D 451 -7.52 12.29 24.08
CA SER D 451 -7.40 12.60 22.66
C SER D 451 -6.95 11.36 21.90
N VAL D 452 -7.75 10.94 20.90
CA VAL D 452 -7.46 9.75 20.13
C VAL D 452 -7.05 10.08 18.69
N GLY D 453 -6.74 11.34 18.41
CA GLY D 453 -6.33 11.72 17.07
C GLY D 453 -5.08 11.00 16.62
N GLY D 454 -5.17 10.26 15.52
CA GLY D 454 -4.04 9.53 15.00
C GLY D 454 -3.58 8.35 15.82
N MET D 455 -4.32 7.98 16.88
CA MET D 455 -3.90 6.89 17.74
C MET D 455 -4.03 5.56 17.01
N THR D 456 -2.98 4.75 17.06
CA THR D 456 -2.98 3.42 16.46
C THR D 456 -2.66 2.31 17.44
N ASP D 457 -2.46 2.62 18.72
CA ASP D 457 -2.09 1.64 19.72
C ASP D 457 -3.34 1.19 20.47
N VAL D 458 -3.74 -0.07 20.27
CA VAL D 458 -4.88 -0.63 20.99
C VAL D 458 -4.55 -0.78 22.47
N ALA D 459 -3.26 -0.94 22.80
CA ALA D 459 -2.85 -1.10 24.18
C ALA D 459 -3.14 0.13 25.04
N GLU D 460 -3.30 1.30 24.41
CA GLU D 460 -3.70 2.48 25.17
C GLU D 460 -5.10 2.34 25.74
N ILE D 461 -5.96 1.54 25.11
CA ILE D 461 -7.30 1.29 25.61
C ILE D 461 -7.35 0.02 26.44
N LYS D 462 -6.72 -1.07 25.96
CA LYS D 462 -6.84 -2.36 26.60
C LYS D 462 -5.69 -2.71 27.53
N GLY D 463 -4.49 -2.19 27.28
CA GLY D 463 -3.35 -2.49 28.13
C GLY D 463 -2.64 -3.77 27.71
N HIS D 464 -1.69 -4.16 28.56
CA HIS D 464 -0.87 -5.34 28.33
C HIS D 464 -0.91 -6.26 29.53
N ARG D 465 -0.75 -7.55 29.28
CA ARG D 465 -0.79 -8.55 30.33
C ARG D 465 0.43 -8.41 31.25
N ARG D 466 0.24 -8.78 32.51
CA ARG D 466 1.26 -8.68 33.55
C ARG D 466 2.60 -9.28 33.15
N THR D 467 2.57 -10.30 32.29
CA THR D 467 3.80 -11.03 31.95
C THR D 467 4.85 -10.11 31.35
N TYR D 468 4.43 -9.10 30.58
CA TYR D 468 5.38 -8.16 30.00
C TYR D 468 5.98 -7.26 31.07
N VAL D 469 7.20 -6.78 30.81
CA VAL D 469 7.94 -6.03 31.82
C VAL D 469 7.31 -4.66 32.07
N GLY D 470 6.89 -3.97 31.00
CA GLY D 470 6.35 -2.63 31.13
C GLY D 470 4.84 -2.59 31.03
N ALA D 471 4.17 -3.60 31.56
CA ALA D 471 2.72 -3.70 31.45
C ALA D 471 2.03 -2.63 32.28
N MET D 472 1.03 -1.99 31.69
CA MET D 472 0.20 -1.02 32.39
C MET D 472 -1.24 -1.22 31.94
N PRO D 473 -2.21 -0.93 32.81
CA PRO D 473 -3.62 -1.20 32.45
C PRO D 473 -4.10 -0.47 31.22
N GLY D 474 -3.64 0.75 30.99
CA GLY D 474 -4.16 1.56 29.91
C GLY D 474 -4.79 2.84 30.42
N LYS D 475 -5.24 3.66 29.46
CA LYS D 475 -5.65 5.02 29.79
C LYS D 475 -6.89 5.05 30.67
N ILE D 476 -7.89 4.22 30.40
CA ILE D 476 -9.17 4.33 31.10
C ILE D 476 -9.01 3.97 32.58
N ILE D 477 -8.30 2.89 32.87
CA ILE D 477 -8.08 2.50 34.26
C ILE D 477 -7.29 3.57 34.97
N GLN D 478 -6.35 4.23 34.27
CA GLN D 478 -5.61 5.33 34.87
C GLN D 478 -6.51 6.54 35.09
N CYS D 479 -7.52 6.74 34.25
CA CYS D 479 -8.50 7.80 34.51
C CYS D 479 -9.22 7.53 35.83
N LEU D 480 -9.69 6.30 36.01
CA LEU D 480 -10.34 5.95 37.29
C LEU D 480 -9.38 6.11 38.45
N LYS D 481 -8.11 5.73 38.27
CA LYS D 481 -7.15 5.84 39.36
C LYS D 481 -6.89 7.29 39.75
N LYS D 482 -6.61 8.14 38.76
CA LYS D 482 -6.20 9.51 39.03
C LYS D 482 -7.37 10.41 39.42
N THR D 483 -8.56 10.17 38.87
CA THR D 483 -9.72 10.96 39.27
C THR D 483 -10.31 10.52 40.59
N LYS D 484 -9.96 9.32 41.07
CA LYS D 484 -10.38 8.79 42.37
C LYS D 484 -11.90 8.71 42.51
N THR D 485 -12.62 8.76 41.39
CA THR D 485 -14.07 8.61 41.38
C THR D 485 -14.45 7.62 40.29
N GLU D 486 -15.53 6.88 40.53
CA GLU D 486 -15.99 5.88 39.57
C GLU D 486 -16.93 6.46 38.52
N ASN D 487 -17.29 7.74 38.62
CA ASN D 487 -18.15 8.35 37.62
C ASN D 487 -17.57 9.66 37.10
N PRO D 488 -16.41 9.64 36.44
CA PRO D 488 -15.86 10.88 35.89
C PRO D 488 -16.52 11.23 34.56
N LEU D 489 -16.02 12.30 33.97
CA LEU D 489 -16.40 12.70 32.62
C LEU D 489 -15.19 12.52 31.71
N ILE D 490 -15.27 11.58 30.79
CA ILE D 490 -14.16 11.25 29.90
C ILE D 490 -14.44 11.87 28.54
N LEU D 491 -13.52 12.71 28.08
CA LEU D 491 -13.63 13.35 26.77
C LEU D 491 -12.76 12.58 25.80
N ILE D 492 -13.38 11.86 24.88
CA ILE D 492 -12.65 11.12 23.84
C ILE D 492 -12.58 12.06 22.64
N ASP D 493 -11.54 12.88 22.63
CA ASP D 493 -11.43 13.97 21.66
C ASP D 493 -10.99 13.45 20.30
N GLU D 494 -11.67 13.94 19.26
CA GLU D 494 -11.37 13.61 17.87
C GLU D 494 -11.47 12.11 17.61
N VAL D 495 -12.66 11.56 17.88
CA VAL D 495 -12.88 10.13 17.70
C VAL D 495 -12.85 9.73 16.23
N ASP D 496 -13.24 10.63 15.33
CA ASP D 496 -13.26 10.30 13.90
C ASP D 496 -11.86 10.28 13.30
N LYS D 497 -10.86 10.82 13.99
CA LYS D 497 -9.49 10.87 13.49
C LYS D 497 -8.61 9.78 14.09
N ILE D 498 -9.21 8.76 14.71
CA ILE D 498 -8.43 7.66 15.25
C ILE D 498 -7.73 6.93 14.11
N GLY D 499 -6.55 6.39 14.38
CA GLY D 499 -5.69 5.88 13.33
C GLY D 499 -6.10 4.48 12.86
N ARG D 500 -5.88 4.25 11.56
CA ARG D 500 -6.06 2.93 10.97
C ARG D 500 -4.80 2.09 11.15
N GLY D 501 -4.52 1.66 12.38
CA GLY D 501 -3.29 0.95 12.64
C GLY D 501 -3.24 -0.39 11.92
N TYR D 502 -2.02 -0.77 11.53
CA TYR D 502 -1.82 -2.03 10.81
C TYR D 502 -1.81 -3.21 11.77
N GLN D 503 -1.12 -3.07 12.90
CA GLN D 503 -1.04 -4.14 13.88
C GLN D 503 -2.30 -4.24 14.74
N GLY D 504 -3.13 -3.21 14.77
CA GLY D 504 -4.36 -3.25 15.54
C GLY D 504 -5.26 -2.11 15.15
N ASP D 505 -6.54 -2.24 15.52
CA ASP D 505 -7.57 -1.26 15.20
C ASP D 505 -8.16 -0.76 16.51
N PRO D 506 -7.70 0.39 17.01
CA PRO D 506 -8.21 0.90 18.29
C PRO D 506 -9.70 1.18 18.29
N SER D 507 -10.27 1.56 17.14
CA SER D 507 -11.70 1.80 17.07
C SER D 507 -12.52 0.54 17.32
N SER D 508 -11.97 -0.63 17.02
CA SER D 508 -12.64 -1.87 17.35
C SER D 508 -12.61 -2.18 18.84
N ALA D 509 -11.62 -1.65 19.56
CA ALA D 509 -11.60 -1.80 21.01
C ALA D 509 -12.54 -0.81 21.69
N LEU D 510 -12.92 0.27 20.98
CA LEU D 510 -13.88 1.21 21.55
C LEU D 510 -15.28 0.64 21.60
N LEU D 511 -15.54 -0.43 20.84
CA LEU D 511 -16.86 -1.06 20.87
C LEU D 511 -17.18 -1.61 22.25
N GLU D 512 -16.20 -2.18 22.93
CA GLU D 512 -16.38 -2.66 24.30
C GLU D 512 -16.44 -1.51 25.29
N LEU D 513 -15.65 -0.47 25.08
CA LEU D 513 -15.64 0.66 26.00
C LEU D 513 -16.92 1.48 25.92
N LEU D 514 -17.47 1.62 24.71
CA LEU D 514 -18.63 2.48 24.47
C LEU D 514 -19.88 1.67 24.18
N ASP D 515 -20.04 0.54 24.85
CA ASP D 515 -21.23 -0.30 24.69
C ASP D 515 -22.19 -0.02 25.84
N PRO D 516 -23.37 0.54 25.58
CA PRO D 516 -24.25 0.96 26.69
C PRO D 516 -24.64 -0.17 27.63
N GLU D 517 -24.60 -1.41 27.18
CA GLU D 517 -24.96 -2.56 28.01
C GLU D 517 -23.75 -3.27 28.57
N GLN D 518 -22.61 -3.25 27.87
CA GLN D 518 -21.44 -3.98 28.29
C GLN D 518 -20.44 -3.15 29.09
N ASN D 519 -20.74 -1.88 29.37
CA ASN D 519 -19.83 -1.08 30.19
C ASN D 519 -19.67 -1.67 31.58
N ALA D 520 -20.70 -2.36 32.08
CA ALA D 520 -20.63 -2.95 33.42
C ALA D 520 -19.62 -4.08 33.52
N ASN D 521 -19.13 -4.59 32.38
CA ASN D 521 -18.19 -5.70 32.39
C ASN D 521 -16.99 -5.42 31.49
N PHE D 522 -16.51 -4.17 31.47
CA PHE D 522 -15.34 -3.83 30.68
C PHE D 522 -14.11 -4.53 31.26
N LEU D 523 -13.49 -5.38 30.46
CA LEU D 523 -12.39 -6.24 30.91
C LEU D 523 -11.07 -5.63 30.46
N ASP D 524 -10.22 -5.30 31.42
CA ASP D 524 -8.89 -4.77 31.12
C ASP D 524 -7.88 -5.91 31.02
N HIS D 525 -7.01 -5.84 30.01
CA HIS D 525 -6.05 -6.90 29.77
C HIS D 525 -4.98 -7.00 30.86
N TYR D 526 -4.69 -5.91 31.56
CA TYR D 526 -3.74 -5.97 32.66
C TYR D 526 -4.44 -6.44 33.94
N LEU D 527 -5.55 -5.80 34.29
CA LEU D 527 -6.26 -6.15 35.52
C LEU D 527 -6.86 -7.55 35.44
N ASP D 528 -7.32 -7.96 34.25
CA ASP D 528 -8.06 -9.22 34.08
C ASP D 528 -9.28 -9.27 34.97
N VAL D 529 -9.87 -8.11 35.26
CA VAL D 529 -11.02 -8.00 36.16
C VAL D 529 -11.98 -6.98 35.56
N PRO D 530 -13.27 -7.30 35.46
CA PRO D 530 -14.21 -6.34 34.88
C PRO D 530 -14.45 -5.15 35.80
N VAL D 531 -14.57 -3.97 35.20
CA VAL D 531 -14.83 -2.73 35.92
C VAL D 531 -16.15 -2.15 35.44
N ASP D 532 -16.92 -1.61 36.37
CA ASP D 532 -18.25 -1.05 36.07
C ASP D 532 -18.07 0.37 35.57
N LEU D 533 -18.15 0.55 34.25
CA LEU D 533 -18.07 1.86 33.63
C LEU D 533 -19.42 2.41 33.23
N SER D 534 -20.52 1.86 33.78
CA SER D 534 -21.85 2.31 33.42
C SER D 534 -22.19 3.68 34.02
N LYS D 535 -21.50 4.10 35.06
CA LYS D 535 -21.74 5.40 35.68
C LYS D 535 -20.89 6.51 35.07
N VAL D 536 -19.95 6.18 34.18
CA VAL D 536 -19.09 7.19 33.57
C VAL D 536 -19.82 7.86 32.42
N LEU D 537 -19.73 9.18 32.36
CA LEU D 537 -20.31 9.96 31.28
C LEU D 537 -19.26 10.12 30.18
N PHE D 538 -19.48 9.45 29.06
CA PHE D 538 -18.55 9.47 27.94
C PHE D 538 -19.00 10.52 26.92
N ILE D 539 -18.14 11.49 26.65
CA ILE D 539 -18.40 12.53 25.67
C ILE D 539 -17.35 12.44 24.59
N CYS D 540 -17.78 12.30 23.35
CA CYS D 540 -16.89 12.23 22.21
C CYS D 540 -17.08 13.43 21.31
N THR D 541 -15.98 13.87 20.67
CA THR D 541 -16.00 14.97 19.74
C THR D 541 -15.51 14.49 18.38
N ALA D 542 -16.17 14.93 17.32
CA ALA D 542 -15.80 14.53 15.98
C ALA D 542 -16.15 15.66 15.02
N ASN D 543 -15.43 15.71 13.88
CA ASN D 543 -15.73 16.71 12.86
C ASN D 543 -16.84 16.23 11.94
N VAL D 544 -16.75 14.98 11.46
CA VAL D 544 -17.75 14.39 10.60
C VAL D 544 -18.07 12.99 11.12
N THR D 545 -19.35 12.62 11.02
CA THR D 545 -19.79 11.32 11.51
C THR D 545 -19.51 10.21 10.51
N ASP D 546 -19.35 10.55 9.23
CA ASP D 546 -19.20 9.54 8.18
C ASP D 546 -17.95 8.70 8.33
N THR D 547 -16.94 9.18 9.07
CA THR D 547 -15.69 8.43 9.23
C THR D 547 -15.75 7.44 10.38
N ILE D 548 -16.55 7.71 11.40
CA ILE D 548 -16.66 6.81 12.55
C ILE D 548 -17.29 5.50 12.10
N PRO D 549 -16.77 4.34 12.53
CA PRO D 549 -17.37 3.07 12.14
C PRO D 549 -18.81 2.96 12.59
N GLU D 550 -19.64 2.36 11.73
CA GLU D 550 -21.06 2.22 12.02
C GLU D 550 -21.35 1.46 13.31
N PRO D 551 -20.70 0.33 13.64
CA PRO D 551 -20.97 -0.32 14.93
C PRO D 551 -20.64 0.57 16.12
N LEU D 552 -19.68 1.48 16.00
CA LEU D 552 -19.38 2.43 17.06
C LEU D 552 -20.27 3.66 16.99
N ARG D 553 -20.60 4.12 15.78
CA ARG D 553 -21.50 5.25 15.63
C ARG D 553 -22.89 4.93 16.15
N ASP D 554 -23.33 3.69 16.01
CA ASP D 554 -24.67 3.30 16.46
C ASP D 554 -24.77 3.30 17.98
N ARG D 555 -23.65 3.07 18.68
CA ARG D 555 -23.67 3.08 20.13
C ARG D 555 -23.72 4.48 20.72
N MET D 556 -23.11 5.45 20.06
CA MET D 556 -23.04 6.81 20.58
C MET D 556 -24.28 7.61 20.19
N GLU D 557 -24.63 8.56 21.05
CA GLU D 557 -25.76 9.46 20.79
C GLU D 557 -25.27 10.68 20.02
N MET D 558 -25.67 10.79 18.76
CA MET D 558 -25.25 11.90 17.93
C MET D 558 -26.11 13.12 18.19
N ILE D 559 -25.51 14.20 18.66
CA ILE D 559 -26.18 15.49 18.79
C ILE D 559 -25.29 16.55 18.15
N ASN D 560 -25.90 17.45 17.40
CA ASN D 560 -25.17 18.35 16.51
C ASN D 560 -24.99 19.74 17.12
N VAL D 561 -23.85 20.34 16.84
CA VAL D 561 -23.61 21.76 17.08
C VAL D 561 -23.55 22.44 15.71
N SER D 562 -24.48 23.38 15.48
CA SER D 562 -24.77 23.83 14.13
C SER D 562 -23.85 24.94 13.65
N GLY D 563 -23.01 25.49 14.51
CA GLY D 563 -22.23 26.65 14.13
C GLY D 563 -22.96 27.94 14.46
N TYR D 564 -22.35 29.09 14.16
CA TYR D 564 -22.86 30.37 14.62
C TYR D 564 -23.17 31.30 13.46
N VAL D 565 -24.30 31.99 13.55
CA VAL D 565 -24.66 33.03 12.61
C VAL D 565 -24.00 34.34 13.03
N ALA D 566 -24.02 35.33 12.14
CA ALA D 566 -23.32 36.59 12.39
C ALA D 566 -23.77 37.26 13.68
N GLN D 567 -25.08 37.26 13.96
CA GLN D 567 -25.57 37.82 15.21
C GLN D 567 -25.05 37.04 16.42
N GLU D 568 -25.05 35.71 16.32
CA GLU D 568 -24.50 34.89 17.40
C GLU D 568 -23.00 35.12 17.54
N LYS D 569 -22.31 35.31 16.42
CA LYS D 569 -20.89 35.63 16.48
C LYS D 569 -20.65 36.96 17.20
N LEU D 570 -21.49 37.95 16.92
CA LEU D 570 -21.37 39.23 17.62
C LEU D 570 -21.63 39.07 19.11
N ALA D 571 -22.64 38.28 19.48
CA ALA D 571 -22.89 38.04 20.89
C ALA D 571 -21.71 37.36 21.57
N ILE D 572 -21.14 36.34 20.92
CA ILE D 572 -19.98 35.66 21.50
C ILE D 572 -18.80 36.61 21.63
N ALA D 573 -18.55 37.41 20.59
CA ALA D 573 -17.40 38.31 20.60
C ALA D 573 -17.54 39.36 21.69
N GLU D 574 -18.66 40.07 21.72
CA GLU D 574 -18.82 41.15 22.69
C GLU D 574 -19.14 40.65 24.08
N ARG D 575 -19.41 39.36 24.26
CA ARG D 575 -19.69 38.81 25.58
C ARG D 575 -18.60 37.88 26.10
N TYR D 576 -17.93 37.12 25.23
CA TYR D 576 -16.90 36.19 25.69
C TYR D 576 -15.53 36.47 25.08
N LEU D 577 -15.47 36.66 23.77
CA LEU D 577 -14.18 36.74 23.10
C LEU D 577 -13.43 38.02 23.49
N VAL D 578 -14.09 39.17 23.42
CA VAL D 578 -13.41 40.43 23.73
C VAL D 578 -12.95 40.51 25.19
N PRO D 579 -13.77 40.16 26.19
CA PRO D 579 -13.26 40.19 27.57
C PRO D 579 -12.05 39.28 27.80
N GLN D 580 -12.10 38.05 27.27
CA GLN D 580 -10.98 37.13 27.46
C GLN D 580 -9.73 37.60 26.71
N ALA D 581 -9.92 38.16 25.51
CA ALA D 581 -8.78 38.68 24.77
C ALA D 581 -8.17 39.90 25.46
N ARG D 582 -9.01 40.75 26.06
CA ARG D 582 -8.49 41.86 26.85
C ARG D 582 -7.72 41.36 28.07
N ALA D 583 -8.23 40.33 28.73
CA ALA D 583 -7.51 39.75 29.85
C ALA D 583 -6.18 39.16 29.41
N LEU D 584 -6.14 38.54 28.23
CA LEU D 584 -4.90 37.98 27.72
C LEU D 584 -3.90 39.07 27.35
N CYS D 585 -4.38 40.16 26.76
CA CYS D 585 -3.51 41.26 26.38
C CYS D 585 -3.23 42.24 27.52
N GLY D 586 -3.93 42.09 28.65
CA GLY D 586 -3.71 42.98 29.78
C GLY D 586 -4.29 44.36 29.63
N LEU D 587 -5.17 44.58 28.66
CA LEU D 587 -5.74 45.90 28.43
C LEU D 587 -7.00 46.11 29.26
N ASP D 588 -7.57 47.29 29.12
CA ASP D 588 -8.81 47.66 29.79
C ASP D 588 -9.72 48.38 28.80
N GLU D 589 -11.01 48.44 29.15
CA GLU D 589 -11.99 49.06 28.26
C GLU D 589 -11.71 50.54 28.08
N SER D 590 -11.08 51.19 29.06
CA SER D 590 -10.78 52.61 28.95
C SER D 590 -9.62 52.90 27.99
N LYS D 591 -8.72 51.94 27.78
CA LYS D 591 -7.57 52.13 26.91
C LYS D 591 -7.79 51.63 25.49
N ALA D 592 -8.50 50.51 25.32
CA ALA D 592 -8.80 49.97 24.01
C ALA D 592 -10.27 49.62 23.97
N LYS D 593 -11.02 50.34 23.13
CA LYS D 593 -12.47 50.20 23.03
C LYS D 593 -12.83 49.62 21.67
N LEU D 594 -13.55 48.51 21.67
CA LEU D 594 -14.11 47.92 20.46
C LEU D 594 -15.62 48.01 20.53
N SER D 595 -16.21 48.85 19.67
CA SER D 595 -17.63 49.05 19.66
C SER D 595 -18.34 47.92 18.90
N SER D 596 -19.66 47.88 19.05
CA SER D 596 -20.45 46.86 18.36
C SER D 596 -20.39 47.02 16.85
N ASP D 597 -20.30 48.25 16.35
CA ASP D 597 -20.17 48.45 14.91
C ASP D 597 -18.86 47.87 14.39
N VAL D 598 -17.77 48.07 15.12
CA VAL D 598 -16.48 47.54 14.69
C VAL D 598 -16.51 46.02 14.67
N LEU D 599 -17.06 45.41 15.72
CA LEU D 599 -17.13 43.94 15.76
C LEU D 599 -18.04 43.41 14.65
N THR D 600 -19.15 44.10 14.39
CA THR D 600 -20.04 43.67 13.31
C THR D 600 -19.34 43.74 11.96
N LEU D 601 -18.62 44.84 11.70
CA LEU D 601 -17.89 44.95 10.45
C LEU D 601 -16.80 43.88 10.33
N LEU D 602 -16.09 43.62 11.43
CA LEU D 602 -15.05 42.61 11.42
C LEU D 602 -15.61 41.23 11.12
N ILE D 603 -16.74 40.89 11.74
CA ILE D 603 -17.38 39.60 11.47
C ILE D 603 -17.87 39.53 10.03
N LYS D 604 -18.46 40.63 9.55
CA LYS D 604 -19.01 40.63 8.20
C LYS D 604 -17.92 40.45 7.14
N GLN D 605 -16.77 41.09 7.33
CA GLN D 605 -15.77 41.17 6.28
C GLN D 605 -14.53 40.33 6.50
N TYR D 606 -14.39 39.64 7.64
CA TYR D 606 -13.17 38.89 7.91
C TYR D 606 -13.38 37.50 8.50
N CYS D 607 -14.56 37.17 9.01
CA CYS D 607 -14.74 35.98 9.84
C CYS D 607 -15.96 35.17 9.39
N ARG D 608 -16.03 34.87 8.09
CA ARG D 608 -17.17 34.16 7.52
C ARG D 608 -17.24 32.69 7.94
N GLU D 609 -16.18 32.14 8.53
CA GLU D 609 -16.18 30.73 8.89
C GLU D 609 -17.21 30.44 9.99
N SER D 610 -17.61 29.18 10.09
CA SER D 610 -18.63 28.79 11.07
C SER D 610 -18.11 28.90 12.50
N GLY D 611 -16.83 28.63 12.72
CA GLY D 611 -16.26 28.70 14.04
C GLY D 611 -15.99 30.13 14.47
N VAL D 612 -15.37 30.28 15.64
CA VAL D 612 -15.07 31.59 16.20
C VAL D 612 -13.58 31.67 16.51
N ARG D 613 -12.79 30.74 15.97
CA ARG D 613 -11.36 30.80 16.19
C ARG D 613 -10.70 31.89 15.36
N ASN D 614 -11.12 32.07 14.11
CA ASN D 614 -10.56 33.14 13.29
C ASN D 614 -11.02 34.50 13.80
N LEU D 615 -12.26 34.60 14.27
CA LEU D 615 -12.72 35.83 14.89
C LEU D 615 -11.92 36.14 16.15
N GLN D 616 -11.62 35.11 16.94
CA GLN D 616 -10.77 35.30 18.12
C GLN D 616 -9.40 35.80 17.72
N LYS D 617 -8.83 35.23 16.65
CA LYS D 617 -7.52 35.68 16.19
C LYS D 617 -7.56 37.14 15.73
N GLN D 618 -8.62 37.53 15.02
CA GLN D 618 -8.75 38.93 14.58
C GLN D 618 -8.86 39.87 15.77
N VAL D 619 -9.65 39.49 16.79
CA VAL D 619 -9.80 40.32 17.98
C VAL D 619 -8.47 40.46 18.70
N GLU D 620 -7.74 39.36 18.85
CA GLU D 620 -6.42 39.42 19.48
C GLU D 620 -5.45 40.27 18.66
N LYS D 621 -5.55 40.21 17.34
CA LYS D 621 -4.71 41.05 16.49
C LYS D 621 -4.98 42.53 16.75
N VAL D 622 -6.26 42.90 16.80
CA VAL D 622 -6.61 44.30 17.07
C VAL D 622 -6.08 44.72 18.44
N LEU D 623 -6.28 43.87 19.45
CA LEU D 623 -5.88 44.25 20.81
C LEU D 623 -4.37 44.31 20.95
N ARG D 624 -3.63 43.43 20.27
CA ARG D 624 -2.18 43.49 20.34
C ARG D 624 -1.63 44.70 19.58
N LYS D 625 -2.28 45.08 18.48
CA LYS D 625 -1.89 46.31 17.79
C LYS D 625 -2.09 47.52 18.70
N SER D 626 -3.24 47.56 19.39
CA SER D 626 -3.50 48.66 20.32
C SER D 626 -2.52 48.64 21.49
N ALA D 627 -2.17 47.46 21.99
CA ALA D 627 -1.23 47.34 23.09
C ALA D 627 0.14 47.84 22.69
N TYR D 628 0.59 47.52 21.48
CA TYR D 628 1.85 48.06 21.00
C TYR D 628 1.78 49.57 20.83
N LYS D 629 0.65 50.07 20.33
CA LYS D 629 0.48 51.51 20.18
C LYS D 629 0.52 52.22 21.52
N ILE D 630 0.08 51.56 22.59
CA ILE D 630 0.03 52.19 23.91
C ILE D 630 1.38 52.09 24.61
N VAL D 631 1.99 50.90 24.63
CA VAL D 631 3.23 50.70 25.36
C VAL D 631 4.35 51.54 24.77
N SER D 632 4.43 51.61 23.44
CA SER D 632 5.50 52.36 22.79
C SER D 632 5.37 53.86 22.98
N GLY D 633 4.24 54.34 23.51
CA GLY D 633 4.04 55.75 23.70
C GLY D 633 3.47 56.48 22.52
N GLU D 634 3.11 55.78 21.44
CA GLU D 634 2.53 56.44 20.27
C GLU D 634 1.18 57.05 20.58
N ALA D 635 0.47 56.54 21.57
CA ALA D 635 -0.83 57.09 21.95
C ALA D 635 -1.13 56.69 23.39
N GLU D 636 -1.79 57.60 24.12
CA GLU D 636 -2.22 57.29 25.48
C GLU D 636 -3.38 56.32 25.48
N SER D 637 -4.30 56.47 24.51
CA SER D 637 -5.40 55.53 24.33
C SER D 637 -5.83 55.60 22.88
N VAL D 638 -6.43 54.50 22.41
CA VAL D 638 -6.84 54.39 21.02
C VAL D 638 -8.23 53.77 20.97
N GLU D 639 -9.08 54.32 20.10
CA GLU D 639 -10.42 53.80 19.85
C GLU D 639 -10.48 53.29 18.41
N VAL D 640 -11.10 52.14 18.23
CA VAL D 640 -11.22 51.54 16.90
C VAL D 640 -12.53 51.99 16.27
N THR D 641 -12.47 52.34 14.99
CA THR D 641 -13.61 52.79 14.22
C THR D 641 -13.68 51.98 12.94
N PRO D 642 -14.87 51.89 12.33
CA PRO D 642 -14.96 51.16 11.04
C PRO D 642 -14.11 51.78 9.94
N GLU D 643 -13.73 53.05 10.06
CA GLU D 643 -12.87 53.67 9.05
C GLU D 643 -11.43 53.19 9.18
N ASN D 644 -10.91 53.16 10.41
CA ASN D 644 -9.50 52.83 10.64
C ASN D 644 -9.26 51.39 11.06
N LEU D 645 -10.28 50.52 10.97
CA LEU D 645 -10.10 49.12 11.33
C LEU D 645 -9.08 48.44 10.42
N GLN D 646 -9.04 48.83 9.15
CA GLN D 646 -8.09 48.25 8.20
C GLN D 646 -6.65 48.56 8.59
N ASP D 647 -6.42 49.60 9.39
CA ASP D 647 -5.07 49.84 9.90
C ASP D 647 -4.64 48.71 10.84
N PHE D 648 -5.61 48.09 11.51
CA PHE D 648 -5.29 47.05 12.49
C PHE D 648 -5.33 45.66 11.87
N VAL D 649 -6.37 45.37 11.07
CA VAL D 649 -6.55 44.02 10.54
C VAL D 649 -6.20 43.91 9.06
N GLY D 650 -5.91 45.01 8.39
CA GLY D 650 -5.69 44.98 6.96
C GLY D 650 -6.97 45.20 6.18
N LYS D 651 -6.84 45.22 4.87
CA LYS D 651 -7.98 45.50 4.00
C LYS D 651 -8.94 44.32 3.99
N PRO D 652 -10.23 44.57 3.77
CA PRO D 652 -11.23 43.51 3.94
C PRO D 652 -11.00 42.33 3.00
N VAL D 653 -11.36 41.14 3.49
CA VAL D 653 -11.23 39.93 2.69
C VAL D 653 -12.48 39.69 1.86
N PHE D 654 -13.65 39.71 2.49
CA PHE D 654 -14.92 39.46 1.82
C PHE D 654 -15.58 40.80 1.48
N THR D 655 -15.08 41.44 0.44
CA THR D 655 -15.55 42.77 0.09
C THR D 655 -16.75 42.77 -0.86
N VAL D 656 -17.07 41.64 -1.47
CA VAL D 656 -18.15 41.58 -2.45
C VAL D 656 -19.07 40.41 -2.10
N GLU D 657 -20.38 40.66 -2.16
CA GLU D 657 -21.37 39.64 -1.84
C GLU D 657 -22.07 39.06 -3.07
N ARG D 658 -22.11 39.81 -4.17
CA ARG D 658 -22.94 39.42 -5.31
C ARG D 658 -22.19 39.74 -6.60
N MET D 659 -22.09 38.75 -7.49
CA MET D 659 -21.33 38.94 -8.72
C MET D 659 -22.10 39.81 -9.72
N TYR D 660 -23.41 39.63 -9.82
CA TYR D 660 -24.24 40.35 -10.76
C TYR D 660 -25.25 41.20 -10.00
N ASP D 661 -25.18 42.52 -10.20
CA ASP D 661 -26.22 43.39 -9.67
C ASP D 661 -27.50 43.31 -10.49
N VAL D 662 -27.37 43.17 -11.81
CA VAL D 662 -28.50 42.92 -12.71
C VAL D 662 -28.12 41.76 -13.60
N THR D 663 -28.96 40.73 -13.64
CA THR D 663 -28.60 39.52 -14.38
C THR D 663 -29.08 39.63 -15.83
N PRO D 664 -28.17 39.52 -16.80
CA PRO D 664 -28.57 39.50 -18.20
C PRO D 664 -29.35 38.24 -18.52
N PRO D 665 -29.98 38.15 -19.69
CA PRO D 665 -30.63 36.91 -20.09
C PRO D 665 -29.65 35.75 -20.15
N GLY D 666 -30.04 34.62 -19.57
CA GLY D 666 -29.23 33.43 -19.60
C GLY D 666 -28.46 33.13 -18.32
N VAL D 667 -28.47 34.03 -17.35
CA VAL D 667 -27.80 33.81 -16.08
C VAL D 667 -28.81 33.89 -14.96
N VAL D 668 -28.70 32.97 -14.00
CA VAL D 668 -29.65 32.87 -12.89
C VAL D 668 -28.87 32.73 -11.60
N MET D 669 -29.30 33.44 -10.57
CA MET D 669 -28.65 33.40 -9.26
C MET D 669 -29.04 32.13 -8.53
N GLY D 670 -28.05 31.41 -8.02
CA GLY D 670 -28.27 30.21 -7.24
C GLY D 670 -27.71 30.33 -5.83
N LEU D 671 -27.82 29.23 -5.10
CA LEU D 671 -27.33 29.14 -3.74
C LEU D 671 -26.54 27.86 -3.55
N ALA D 672 -25.48 27.93 -2.75
CA ALA D 672 -24.60 26.80 -2.52
C ALA D 672 -24.18 26.73 -1.06
N TRP D 673 -23.93 25.52 -0.59
CA TRP D 673 -23.37 25.33 0.74
C TRP D 673 -21.85 25.37 0.67
N THR D 674 -21.24 26.22 1.49
CA THR D 674 -19.79 26.31 1.58
C THR D 674 -19.39 26.37 3.05
N ALA D 675 -18.12 26.03 3.31
CA ALA D 675 -17.61 26.04 4.67
C ALA D 675 -17.63 27.43 5.28
N MET D 676 -17.57 28.48 4.47
CA MET D 676 -17.63 29.85 4.97
C MET D 676 -19.06 30.35 5.15
N GLY D 677 -19.89 29.61 5.89
CA GLY D 677 -21.26 30.03 6.14
C GLY D 677 -22.12 30.13 4.90
N GLY D 678 -21.92 29.24 3.93
CA GLY D 678 -22.70 29.27 2.71
C GLY D 678 -22.32 30.40 1.79
N SER D 679 -22.61 30.26 0.50
CA SER D 679 -22.32 31.30 -0.47
C SER D 679 -23.27 31.16 -1.64
N THR D 680 -23.39 32.24 -2.41
CA THR D 680 -24.22 32.20 -3.61
C THR D 680 -23.39 31.82 -4.82
N LEU D 681 -24.07 31.36 -5.87
CA LEU D 681 -23.43 31.06 -7.13
C LEU D 681 -24.34 31.53 -8.26
N PHE D 682 -23.73 31.77 -9.42
CA PHE D 682 -24.45 32.12 -10.62
C PHE D 682 -24.23 31.04 -11.67
N VAL D 683 -25.24 30.79 -12.48
CA VAL D 683 -25.16 29.84 -13.58
C VAL D 683 -25.23 30.61 -14.88
N GLU D 684 -24.14 30.62 -15.64
CA GLU D 684 -24.04 31.38 -16.87
C GLU D 684 -24.21 30.46 -18.07
N THR D 685 -24.99 30.91 -19.04
CA THR D 685 -25.16 30.19 -20.29
C THR D 685 -24.93 31.15 -21.46
N SER D 686 -24.28 30.65 -22.49
CA SER D 686 -23.98 31.45 -23.66
C SER D 686 -24.10 30.61 -24.91
N LEU D 687 -24.28 31.28 -26.04
CA LEU D 687 -24.43 30.60 -27.32
C LEU D 687 -23.05 30.38 -27.91
N ARG D 688 -22.60 29.13 -27.93
CA ARG D 688 -21.23 28.81 -28.33
C ARG D 688 -21.03 28.91 -29.84
N ARG D 689 -22.06 28.66 -30.64
CA ARG D 689 -21.97 28.75 -32.10
C ARG D 689 -23.05 29.69 -32.60
N PRO D 690 -22.74 30.50 -33.62
CA PRO D 690 -23.61 31.63 -33.99
C PRO D 690 -24.86 31.23 -34.77
N GLN D 691 -25.81 30.62 -34.08
CA GLN D 691 -27.13 30.35 -34.66
C GLN D 691 -28.12 30.08 -33.53
N ASP D 692 -29.24 30.79 -33.56
CA ASP D 692 -30.28 30.62 -32.56
C ASP D 692 -31.11 29.37 -32.84
N LYS D 699 -28.59 16.48 -37.24
CA LYS D 699 -27.87 17.42 -36.38
C LYS D 699 -28.76 17.94 -35.26
N ASP D 700 -28.15 18.21 -34.10
CA ASP D 700 -28.89 18.69 -32.95
C ASP D 700 -27.96 19.52 -32.07
N GLY D 701 -28.55 20.24 -31.13
CA GLY D 701 -27.79 21.05 -30.22
C GLY D 701 -26.98 20.23 -29.24
N SER D 702 -26.07 20.91 -28.55
CA SER D 702 -25.20 20.29 -27.57
C SER D 702 -25.01 21.23 -26.40
N LEU D 703 -24.59 20.68 -25.27
CA LEU D 703 -24.36 21.44 -24.06
C LEU D 703 -22.98 21.12 -23.50
N GLU D 704 -22.11 22.13 -23.44
CA GLU D 704 -20.83 22.01 -22.78
C GLU D 704 -20.90 22.63 -21.40
N VAL D 705 -20.36 21.94 -20.40
CA VAL D 705 -20.40 22.39 -19.02
C VAL D 705 -18.98 22.54 -18.50
N THR D 706 -18.73 23.63 -17.77
CA THR D 706 -17.44 23.90 -17.17
C THR D 706 -17.67 24.47 -15.78
N GLY D 707 -16.58 24.55 -15.01
CA GLY D 707 -16.65 25.10 -13.67
C GLY D 707 -16.32 24.10 -12.58
N GLN D 708 -15.50 23.10 -12.92
CA GLN D 708 -15.10 22.06 -11.98
C GLN D 708 -16.32 21.33 -11.40
N LEU D 709 -17.31 21.08 -12.24
CA LEU D 709 -18.53 20.40 -11.81
C LEU D 709 -18.22 18.94 -11.50
N GLY D 710 -18.76 18.44 -10.40
CA GLY D 710 -18.63 17.04 -10.08
C GLY D 710 -19.49 16.17 -10.99
N GLU D 711 -19.32 14.87 -10.86
CA GLU D 711 -20.07 13.94 -11.70
C GLU D 711 -21.57 14.02 -11.41
N VAL D 712 -21.95 14.15 -10.14
CA VAL D 712 -23.36 14.33 -9.80
C VAL D 712 -23.89 15.62 -10.38
N MET D 713 -23.10 16.70 -10.30
CA MET D 713 -23.55 17.98 -10.83
C MET D 713 -23.62 17.95 -12.35
N LYS D 714 -22.71 17.25 -13.01
CA LYS D 714 -22.78 17.11 -14.47
C LYS D 714 -24.01 16.30 -14.88
N GLU D 715 -24.32 15.24 -14.14
CA GLU D 715 -25.53 14.47 -14.41
C GLU D 715 -26.77 15.33 -14.20
N SER D 716 -26.78 16.15 -13.14
CA SER D 716 -27.89 17.06 -12.92
C SER D 716 -28.02 18.06 -14.04
N ALA D 717 -26.89 18.53 -14.58
CA ALA D 717 -26.92 19.43 -15.74
C ALA D 717 -27.51 18.73 -16.96
N ARG D 718 -27.18 17.47 -17.19
CA ARG D 718 -27.76 16.73 -18.30
C ARG D 718 -29.27 16.57 -18.13
N ILE D 719 -29.70 16.24 -16.91
CA ILE D 719 -31.13 16.10 -16.62
C ILE D 719 -31.84 17.43 -16.84
N ALA D 720 -31.22 18.51 -16.38
CA ALA D 720 -31.80 19.85 -16.55
C ALA D 720 -31.90 20.22 -18.02
N TYR D 721 -30.88 19.86 -18.82
CA TYR D 721 -30.94 20.14 -20.25
C TYR D 721 -32.08 19.36 -20.91
N THR D 722 -32.23 18.09 -20.56
CA THR D 722 -33.31 17.28 -21.14
C THR D 722 -34.67 17.85 -20.76
N PHE D 723 -34.86 18.20 -19.49
CA PHE D 723 -36.15 18.74 -19.07
C PHE D 723 -36.41 20.11 -19.65
N ALA D 724 -35.36 20.94 -19.82
CA ALA D 724 -35.56 22.23 -20.45
C ALA D 724 -36.00 22.09 -21.89
N ARG D 725 -35.37 21.15 -22.62
CA ARG D 725 -35.83 20.84 -23.96
C ARG D 725 -37.29 20.41 -23.96
N ALA D 726 -37.65 19.50 -23.07
CA ALA D 726 -39.03 19.00 -23.01
C ALA D 726 -40.01 20.12 -22.67
N PHE D 727 -39.65 20.98 -21.72
CA PHE D 727 -40.52 22.06 -21.28
C PHE D 727 -40.73 23.07 -22.40
N LEU D 728 -39.66 23.44 -23.11
CA LEU D 728 -39.81 24.37 -24.21
C LEU D 728 -40.52 23.73 -25.40
N MET D 729 -40.52 22.39 -25.46
CA MET D 729 -41.29 21.70 -26.50
C MET D 729 -42.78 21.99 -26.38
N GLN D 730 -43.28 22.16 -25.15
CA GLN D 730 -44.71 22.35 -24.93
C GLN D 730 -45.11 23.78 -24.60
N HIS D 731 -44.25 24.54 -23.92
CA HIS D 731 -44.60 25.92 -23.60
C HIS D 731 -44.55 26.81 -24.84
N ALA D 732 -43.60 26.54 -25.74
CA ALA D 732 -43.48 27.30 -26.99
C ALA D 732 -42.98 26.37 -28.07
N PRO D 733 -43.89 25.65 -28.75
CA PRO D 733 -43.45 24.69 -29.77
C PRO D 733 -42.69 25.31 -30.92
N ALA D 734 -42.91 26.60 -31.21
CA ALA D 734 -42.19 27.25 -32.29
C ALA D 734 -40.76 27.62 -31.91
N ASN D 735 -40.42 27.56 -30.62
CA ASN D 735 -39.11 27.96 -30.15
C ASN D 735 -38.13 26.81 -30.39
N ASP D 736 -37.29 26.95 -31.42
CA ASP D 736 -36.34 25.92 -31.81
C ASP D 736 -34.98 26.12 -31.16
N TYR D 737 -34.88 26.98 -30.14
CA TYR D 737 -33.58 27.36 -29.59
C TYR D 737 -32.85 26.16 -29.00
N LEU D 738 -33.42 25.56 -27.96
CA LEU D 738 -32.71 24.51 -27.23
C LEU D 738 -32.47 23.27 -28.07
N VAL D 739 -33.29 23.03 -29.09
CA VAL D 739 -33.16 21.82 -29.90
C VAL D 739 -31.89 21.87 -30.74
N THR D 740 -31.61 23.01 -31.37
CA THR D 740 -30.54 23.10 -32.36
C THR D 740 -29.32 23.89 -31.90
N SER D 741 -29.48 24.86 -31.01
CA SER D 741 -28.38 25.73 -30.63
C SER D 741 -27.35 24.98 -29.79
N HIS D 742 -26.08 25.33 -29.98
CA HIS D 742 -24.99 24.79 -29.20
C HIS D 742 -24.71 25.72 -28.02
N ILE D 743 -24.88 25.20 -26.81
CA ILE D 743 -24.86 26.02 -25.60
C ILE D 743 -23.65 25.65 -24.76
N HIS D 744 -23.08 26.67 -24.10
CA HIS D 744 -22.02 26.49 -23.12
C HIS D 744 -22.55 26.97 -21.78
N LEU D 745 -22.43 26.13 -20.76
CA LEU D 745 -22.90 26.44 -19.42
C LEU D 745 -21.72 26.48 -18.47
N HIS D 746 -21.62 27.57 -17.69
CA HIS D 746 -20.51 27.77 -16.79
C HIS D 746 -21.01 28.27 -15.44
N VAL D 747 -20.26 27.95 -14.39
CA VAL D 747 -20.46 28.52 -13.07
C VAL D 747 -19.19 29.30 -12.72
N PRO D 748 -19.25 30.63 -12.64
CA PRO D 748 -18.02 31.44 -12.69
C PRO D 748 -17.03 31.21 -11.56
N GLU D 749 -17.35 30.35 -10.59
CA GLU D 749 -16.36 29.94 -9.59
C GLU D 749 -15.58 28.76 -10.16
N GLY D 750 -14.79 29.04 -11.20
CA GLY D 750 -14.12 27.99 -11.92
C GLY D 750 -12.95 27.38 -11.19
N ALA D 751 -12.36 28.12 -10.25
CA ALA D 751 -11.18 27.63 -9.54
C ALA D 751 -11.53 26.67 -8.42
N THR D 752 -12.78 26.64 -7.97
CA THR D 752 -13.17 25.79 -6.85
C THR D 752 -14.10 24.68 -7.29
N PRO D 753 -13.92 23.46 -6.79
CA PRO D 753 -14.84 22.38 -7.16
C PRO D 753 -16.21 22.58 -6.55
N LYS D 754 -17.23 22.11 -7.26
CA LYS D 754 -18.61 22.17 -6.80
C LYS D 754 -19.36 20.94 -7.27
N ASP D 755 -20.17 20.37 -6.39
CA ASP D 755 -20.89 19.14 -6.70
C ASP D 755 -22.22 19.14 -5.98
N GLY D 756 -23.14 18.31 -6.48
CA GLY D 756 -24.44 18.18 -5.89
C GLY D 756 -25.55 18.52 -6.87
N PRO D 757 -26.73 17.92 -6.67
CA PRO D 757 -27.86 18.18 -7.57
C PRO D 757 -28.71 19.37 -7.19
N SER D 758 -28.25 20.21 -6.26
CA SER D 758 -29.07 21.32 -5.77
C SER D 758 -29.33 22.36 -6.84
N ALA D 759 -28.46 22.44 -7.85
CA ALA D 759 -28.55 23.49 -8.86
C ALA D 759 -29.28 23.07 -10.11
N GLY D 760 -30.03 21.97 -10.08
CA GLY D 760 -30.73 21.52 -11.28
C GLY D 760 -31.78 22.50 -11.75
N CYS D 761 -32.60 23.00 -10.83
CA CYS D 761 -33.62 23.97 -11.21
C CYS D 761 -33.00 25.30 -11.64
N THR D 762 -31.87 25.69 -11.03
CA THR D 762 -31.15 26.87 -11.47
C THR D 762 -30.66 26.70 -12.90
N ILE D 763 -30.16 25.52 -13.24
CA ILE D 763 -29.69 25.26 -14.60
C ILE D 763 -30.86 25.30 -15.58
N VAL D 764 -32.01 24.73 -15.19
CA VAL D 764 -33.19 24.78 -16.05
C VAL D 764 -33.60 26.23 -16.29
N THR D 765 -33.61 27.04 -15.23
CA THR D 765 -33.99 28.45 -15.38
C THR D 765 -33.01 29.21 -16.26
N ALA D 766 -31.72 28.94 -16.11
CA ALA D 766 -30.72 29.59 -16.95
C ALA D 766 -30.93 29.23 -18.42
N LEU D 767 -31.17 27.94 -18.69
CA LEU D 767 -31.37 27.50 -20.06
C LEU D 767 -32.63 28.13 -20.66
N LEU D 768 -33.71 28.20 -19.88
CA LEU D 768 -34.95 28.76 -20.40
C LEU D 768 -34.83 30.27 -20.60
N SER D 769 -34.13 30.96 -19.70
CA SER D 769 -33.91 32.40 -19.88
C SER D 769 -33.07 32.68 -21.12
N LEU D 770 -32.04 31.85 -21.35
CA LEU D 770 -31.25 32.01 -22.57
C LEU D 770 -32.09 31.74 -23.80
N ALA D 771 -32.92 30.70 -23.76
CA ALA D 771 -33.74 30.35 -24.92
C ALA D 771 -34.76 31.43 -25.25
N MET D 772 -35.42 31.98 -24.23
CA MET D 772 -36.42 33.01 -24.45
C MET D 772 -35.85 34.40 -24.59
N GLY D 773 -34.62 34.62 -24.13
CA GLY D 773 -34.06 35.95 -24.11
C GLY D 773 -34.63 36.87 -23.05
N ARG D 774 -35.22 36.29 -22.00
CA ARG D 774 -35.87 37.06 -20.95
C ARG D 774 -35.15 36.85 -19.63
N PRO D 775 -34.61 37.90 -19.02
CA PRO D 775 -33.98 37.74 -17.71
C PRO D 775 -35.00 37.43 -16.62
N VAL D 776 -34.54 36.69 -15.62
CA VAL D 776 -35.37 36.33 -14.47
C VAL D 776 -35.53 37.55 -13.56
N ARG D 777 -36.40 37.43 -12.56
CA ARG D 777 -36.54 38.48 -11.55
C ARG D 777 -35.18 38.85 -10.97
N GLN D 778 -34.93 40.15 -10.85
CA GLN D 778 -33.58 40.64 -10.64
C GLN D 778 -33.07 40.43 -9.21
N ASN D 779 -33.94 40.06 -8.27
CA ASN D 779 -33.53 39.77 -6.90
C ASN D 779 -34.13 38.46 -6.44
N LEU D 780 -34.01 37.43 -7.28
CA LEU D 780 -34.57 36.12 -7.00
C LEU D 780 -33.45 35.10 -6.90
N ALA D 781 -33.49 34.27 -5.85
CA ALA D 781 -32.57 33.17 -5.66
C ALA D 781 -33.38 31.89 -5.54
N MET D 782 -32.73 30.76 -5.87
CA MET D 782 -33.46 29.51 -5.99
C MET D 782 -32.51 28.33 -5.86
N THR D 783 -33.06 27.21 -5.39
CA THR D 783 -32.32 25.96 -5.27
C THR D 783 -33.31 24.80 -5.27
N GLY D 784 -32.81 23.62 -5.61
CA GLY D 784 -33.65 22.43 -5.60
C GLY D 784 -33.34 21.43 -6.70
N GLU D 785 -33.23 20.16 -6.33
CA GLU D 785 -33.01 19.11 -7.31
C GLU D 785 -34.23 18.93 -8.19
N VAL D 786 -34.00 18.63 -9.47
CA VAL D 786 -35.06 18.46 -10.45
C VAL D 786 -35.01 17.04 -10.98
N SER D 787 -36.18 16.48 -11.26
CA SER D 787 -36.27 15.17 -11.89
C SER D 787 -36.36 15.32 -13.41
N LEU D 788 -36.37 14.18 -14.10
CA LEU D 788 -36.49 14.20 -15.55
C LEU D 788 -37.84 14.74 -16.01
N THR D 789 -38.90 14.53 -15.22
CA THR D 789 -40.22 15.04 -15.54
C THR D 789 -40.49 16.41 -14.94
N GLY D 790 -39.53 16.97 -14.20
CA GLY D 790 -39.63 18.32 -13.69
C GLY D 790 -40.03 18.45 -12.24
N LYS D 791 -40.19 17.34 -11.52
CA LYS D 791 -40.52 17.44 -10.10
C LYS D 791 -39.32 17.97 -9.32
N ILE D 792 -39.60 18.85 -8.36
CA ILE D 792 -38.57 19.45 -7.52
C ILE D 792 -38.41 18.60 -6.26
N LEU D 793 -37.18 18.22 -5.96
CA LEU D 793 -36.87 17.34 -4.85
C LEU D 793 -36.18 18.11 -3.73
N PRO D 794 -36.32 17.66 -2.48
CA PRO D 794 -35.68 18.38 -1.37
C PRO D 794 -34.16 18.37 -1.47
N VAL D 795 -33.56 19.42 -0.92
CA VAL D 795 -32.11 19.58 -0.88
C VAL D 795 -31.69 19.95 0.54
N GLY D 796 -30.40 19.78 0.81
CA GLY D 796 -29.86 20.10 2.12
C GLY D 796 -29.23 21.48 2.18
N GLY D 797 -28.77 21.83 3.39
CA GLY D 797 -28.13 23.11 3.60
C GLY D 797 -29.04 24.30 3.45
N ILE D 798 -30.26 24.23 3.98
CA ILE D 798 -31.21 25.33 3.82
C ILE D 798 -30.76 26.56 4.61
N LYS D 799 -30.20 26.36 5.81
CA LYS D 799 -29.80 27.50 6.63
C LYS D 799 -28.71 28.32 5.96
N GLU D 800 -27.66 27.64 5.49
CA GLU D 800 -26.55 28.34 4.85
C GLU D 800 -26.98 29.03 3.57
N LYS D 801 -27.81 28.36 2.77
CA LYS D 801 -28.31 28.98 1.55
C LYS D 801 -29.15 30.21 1.85
N THR D 802 -30.01 30.13 2.87
CA THR D 802 -30.83 31.27 3.26
C THR D 802 -29.96 32.43 3.76
N ILE D 803 -28.93 32.13 4.55
CA ILE D 803 -28.04 33.17 5.04
C ILE D 803 -27.31 33.84 3.89
N ALA D 804 -26.81 33.03 2.94
CA ALA D 804 -26.12 33.59 1.79
C ALA D 804 -27.05 34.44 0.94
N ALA D 805 -28.30 34.00 0.77
CA ALA D 805 -29.27 34.81 0.04
C ALA D 805 -29.55 36.12 0.74
N LYS D 806 -29.66 36.09 2.07
CA LYS D 806 -29.98 37.30 2.82
C LYS D 806 -28.81 38.28 2.85
N ARG D 807 -27.57 37.78 2.77
CA ARG D 807 -26.43 38.68 2.64
C ARG D 807 -26.54 39.52 1.37
N ALA D 808 -26.89 38.87 0.26
CA ALA D 808 -27.15 39.59 -0.98
C ALA D 808 -28.53 40.25 -0.93
N GLY D 809 -28.85 40.99 -1.98
CA GLY D 809 -30.11 41.70 -2.05
C GLY D 809 -31.27 40.83 -2.52
N VAL D 810 -31.29 39.57 -2.10
CA VAL D 810 -32.34 38.64 -2.51
C VAL D 810 -33.63 39.01 -1.80
N THR D 811 -34.65 39.36 -2.58
CA THR D 811 -35.96 39.67 -2.03
C THR D 811 -36.92 38.49 -2.08
N CYS D 812 -36.68 37.52 -2.97
CA CYS D 812 -37.53 36.36 -3.10
C CYS D 812 -36.66 35.11 -3.25
N ILE D 813 -37.05 34.04 -2.57
CA ILE D 813 -36.32 32.78 -2.59
C ILE D 813 -37.28 31.65 -2.94
N VAL D 814 -36.80 30.71 -3.76
CA VAL D 814 -37.59 29.57 -4.20
C VAL D 814 -36.99 28.31 -3.61
N LEU D 815 -37.81 27.53 -2.92
CA LEU D 815 -37.38 26.32 -2.24
C LEU D 815 -38.32 25.17 -2.56
N PRO D 816 -37.84 23.94 -2.50
CA PRO D 816 -38.75 22.79 -2.67
C PRO D 816 -39.79 22.74 -1.56
N ALA D 817 -40.97 22.22 -1.88
CA ALA D 817 -42.03 22.13 -0.89
C ALA D 817 -41.64 21.23 0.27
N GLU D 818 -40.82 20.21 0.02
CA GLU D 818 -40.39 19.31 1.09
C GLU D 818 -39.44 19.98 2.07
N ASN D 819 -38.94 21.17 1.73
CA ASN D 819 -38.03 21.90 2.60
C ASN D 819 -38.75 22.92 3.48
N LYS D 820 -40.08 22.93 3.46
CA LYS D 820 -40.83 23.87 4.30
C LYS D 820 -40.56 23.63 5.78
N LYS D 821 -40.54 22.35 6.18
CA LYS D 821 -40.44 22.03 7.60
C LYS D 821 -39.11 22.48 8.21
N ASP D 822 -38.00 22.32 7.48
CA ASP D 822 -36.72 22.75 8.01
C ASP D 822 -36.36 24.18 7.60
N PHE D 823 -37.13 24.81 6.71
CA PHE D 823 -36.99 26.26 6.55
C PHE D 823 -37.65 27.00 7.69
N TYR D 824 -38.85 26.56 8.10
CA TYR D 824 -39.52 27.24 9.20
C TYR D 824 -38.94 26.86 10.56
N ASP D 825 -38.01 25.91 10.61
CA ASP D 825 -37.28 25.63 11.83
C ASP D 825 -36.14 26.62 12.07
N LEU D 826 -35.86 27.50 11.10
CA LEU D 826 -34.83 28.51 11.27
C LEU D 826 -35.29 29.60 12.22
N ALA D 827 -34.31 30.32 12.79
CA ALA D 827 -34.63 31.42 13.69
C ALA D 827 -35.40 32.51 12.95
N ALA D 828 -36.18 33.28 13.72
CA ALA D 828 -37.05 34.28 13.11
C ALA D 828 -36.25 35.35 12.38
N PHE D 829 -35.15 35.82 12.97
CA PHE D 829 -34.41 36.92 12.38
C PHE D 829 -33.74 36.54 11.07
N ILE D 830 -33.56 35.25 10.80
CA ILE D 830 -32.94 34.82 9.55
C ILE D 830 -33.87 34.99 8.35
N THR D 831 -35.18 34.83 8.55
CA THR D 831 -36.13 34.81 7.44
C THR D 831 -37.15 35.95 7.51
N GLU D 832 -36.77 37.10 8.07
CA GLU D 832 -37.73 38.18 8.25
C GLU D 832 -38.19 38.76 6.91
N GLY D 833 -37.24 39.12 6.05
CA GLY D 833 -37.54 39.87 4.85
C GLY D 833 -37.60 39.09 3.55
N LEU D 834 -37.71 37.78 3.59
CA LEU D 834 -37.67 36.95 2.40
C LEU D 834 -39.07 36.54 1.98
N GLU D 835 -39.40 36.78 0.70
CA GLU D 835 -40.66 36.32 0.11
C GLU D 835 -40.47 34.88 -0.34
N VAL D 836 -40.79 33.97 0.56
CA VAL D 836 -40.49 32.56 0.36
C VAL D 836 -41.58 31.91 -0.48
N HIS D 837 -41.17 31.18 -1.52
CA HIS D 837 -42.08 30.40 -2.34
C HIS D 837 -41.67 28.93 -2.30
N PHE D 838 -42.64 28.06 -2.04
CA PHE D 838 -42.42 26.63 -1.97
C PHE D 838 -43.07 25.97 -3.18
N VAL D 839 -42.33 25.12 -3.88
CA VAL D 839 -42.76 24.58 -5.17
C VAL D 839 -42.66 23.07 -5.15
N GLU D 840 -43.54 22.44 -5.95
CA GLU D 840 -43.53 20.99 -6.13
C GLU D 840 -43.10 20.58 -7.53
N HIS D 841 -43.33 21.41 -8.54
CA HIS D 841 -42.96 21.12 -9.92
C HIS D 841 -42.41 22.40 -10.52
N TYR D 842 -41.57 22.24 -11.55
CA TYR D 842 -40.91 23.41 -12.13
C TYR D 842 -41.88 24.38 -12.79
N ARG D 843 -43.08 23.93 -13.15
CA ARG D 843 -44.04 24.84 -13.78
C ARG D 843 -44.43 25.98 -12.85
N GLU D 844 -44.20 25.83 -11.55
CA GLU D 844 -44.45 26.92 -10.60
C GLU D 844 -43.25 27.86 -10.52
N ILE D 845 -42.03 27.32 -10.57
CA ILE D 845 -40.84 28.17 -10.60
C ILE D 845 -40.83 29.01 -11.87
N PHE D 846 -41.31 28.44 -12.98
CA PHE D 846 -41.36 29.19 -14.22
C PHE D 846 -42.27 30.40 -14.10
N ASP D 847 -43.42 30.23 -13.44
CA ASP D 847 -44.31 31.36 -13.21
C ASP D 847 -43.74 32.36 -12.21
N ILE D 848 -42.99 31.88 -11.21
CA ILE D 848 -42.40 32.80 -10.24
C ILE D 848 -41.31 33.64 -10.87
N ALA D 849 -40.41 33.02 -11.63
CA ALA D 849 -39.28 33.75 -12.21
C ALA D 849 -39.67 34.59 -13.42
N PHE D 850 -40.59 34.11 -14.24
CA PHE D 850 -40.96 34.81 -15.46
C PHE D 850 -42.37 35.39 -15.38
N ASP E 318 18.97 6.25 48.74
CA ASP E 318 20.09 5.68 48.02
C ASP E 318 20.72 6.74 47.10
N ALA E 319 21.82 6.37 46.45
CA ALA E 319 22.50 7.32 45.57
C ALA E 319 21.63 7.73 44.39
N ILE E 320 20.90 6.78 43.81
CA ILE E 320 20.07 7.09 42.64
C ILE E 320 18.92 8.01 43.04
N GLU E 321 18.26 7.72 44.16
CA GLU E 321 17.14 8.55 44.61
C GLU E 321 17.62 9.97 44.94
N GLU E 322 18.76 10.08 45.63
CA GLU E 322 19.29 11.39 45.96
C GLU E 322 19.71 12.16 44.72
N LYS E 323 20.27 11.46 43.72
CA LYS E 323 20.59 12.09 42.46
C LYS E 323 19.35 12.64 41.77
N PHE E 324 18.28 11.84 41.72
CA PHE E 324 17.06 12.29 41.06
C PHE E 324 16.42 13.45 41.82
N ARG E 325 16.51 13.45 43.16
CA ARG E 325 15.95 14.54 43.93
C ARG E 325 16.78 15.80 43.82
N GLU E 326 18.10 15.68 43.70
CA GLU E 326 18.95 16.84 43.46
C GLU E 326 18.69 17.42 42.08
N ARG E 327 18.37 16.55 41.10
CA ARG E 327 17.91 17.04 39.81
C ARG E 327 16.62 17.85 39.95
N LEU E 328 15.88 17.65 41.03
CA LEU E 328 14.52 18.16 41.17
C LEU E 328 14.43 19.35 42.12
N LYS E 329 15.55 19.79 42.71
CA LYS E 329 15.50 20.76 43.79
C LYS E 329 14.94 22.10 43.36
N GLU E 330 15.42 22.64 42.24
CA GLU E 330 15.10 24.01 41.86
C GLU E 330 13.80 24.14 41.09
N LEU E 331 13.17 23.05 40.69
CA LEU E 331 11.95 23.12 39.90
C LEU E 331 10.72 23.25 40.79
N VAL E 332 9.79 24.10 40.37
CA VAL E 332 8.49 24.20 41.05
C VAL E 332 7.55 23.24 40.34
N VAL E 333 7.53 22.01 40.84
CA VAL E 333 6.84 20.90 40.17
C VAL E 333 5.37 20.92 40.55
N PRO E 334 4.45 20.74 39.60
CA PRO E 334 3.03 20.62 39.96
C PRO E 334 2.76 19.37 40.78
N LYS E 335 1.64 19.39 41.50
CA LYS E 335 1.37 18.37 42.51
C LYS E 335 1.26 16.98 41.90
N HIS E 336 0.55 16.86 40.77
CA HIS E 336 0.36 15.55 40.16
C HIS E 336 1.68 14.96 39.66
N VAL E 337 2.53 15.77 39.04
CA VAL E 337 3.85 15.29 38.61
C VAL E 337 4.67 14.87 39.82
N MET E 338 4.57 15.62 40.92
CA MET E 338 5.31 15.25 42.13
C MET E 338 4.82 13.91 42.67
N ASP E 339 3.51 13.68 42.65
CA ASP E 339 2.98 12.39 43.09
C ASP E 339 3.48 11.26 42.19
N VAL E 340 3.50 11.49 40.88
CA VAL E 340 3.98 10.45 39.96
C VAL E 340 5.45 10.14 40.23
N VAL E 341 6.27 11.17 40.42
CA VAL E 341 7.69 10.95 40.70
C VAL E 341 7.86 10.23 42.04
N ASP E 342 7.05 10.59 43.03
CA ASP E 342 7.16 9.93 44.34
C ASP E 342 6.81 8.45 44.24
N GLU E 343 5.72 8.11 43.53
CA GLU E 343 5.34 6.71 43.43
C GLU E 343 6.34 5.92 42.60
N GLU E 344 6.89 6.53 41.54
CA GLU E 344 7.91 5.84 40.76
C GLU E 344 9.20 5.64 41.55
N LEU E 345 9.56 6.61 42.41
CA LEU E 345 10.72 6.44 43.27
C LEU E 345 10.48 5.34 44.29
N SER E 346 9.28 5.28 44.85
CA SER E 346 8.96 4.19 45.78
C SER E 346 9.02 2.83 45.07
N LYS E 347 8.53 2.77 43.83
CA LYS E 347 8.62 1.54 43.06
C LYS E 347 10.08 1.17 42.80
N LEU E 348 10.91 2.15 42.44
CA LEU E 348 12.32 1.88 42.22
C LEU E 348 13.03 1.47 43.50
N GLY E 349 12.49 1.85 44.66
CA GLY E 349 13.14 1.52 45.92
C GLY E 349 13.00 0.07 46.32
N LEU E 350 12.16 -0.70 45.63
CA LEU E 350 11.96 -2.11 45.94
C LEU E 350 12.46 -3.05 44.85
N LEU E 351 12.59 -2.56 43.61
CA LEU E 351 13.07 -3.40 42.53
C LEU E 351 14.55 -3.69 42.69
N ASP E 352 14.97 -4.89 42.26
CA ASP E 352 16.38 -5.24 42.27
C ASP E 352 17.11 -4.52 41.13
N ASN E 353 18.38 -4.21 41.37
CA ASN E 353 19.15 -3.41 40.40
C ASN E 353 19.28 -4.12 39.06
N HIS E 354 19.35 -5.45 39.05
CA HIS E 354 19.54 -6.20 37.82
C HIS E 354 18.26 -6.41 37.03
N SER E 355 17.11 -6.00 37.58
CA SER E 355 15.84 -6.22 36.90
C SER E 355 15.71 -5.34 35.66
N SER E 356 15.06 -5.87 34.63
CA SER E 356 14.75 -5.07 33.45
C SER E 356 13.71 -4.00 33.77
N GLU E 357 12.76 -4.32 34.65
CA GLU E 357 11.82 -3.30 35.11
C GLU E 357 12.55 -2.18 35.84
N PHE E 358 13.64 -2.51 36.53
CA PHE E 358 14.47 -1.46 37.12
C PHE E 358 15.04 -0.54 36.05
N ASN E 359 15.50 -1.12 34.94
CA ASN E 359 16.00 -0.30 33.84
C ASN E 359 14.91 0.60 33.27
N VAL E 360 13.70 0.04 33.11
CA VAL E 360 12.59 0.83 32.57
C VAL E 360 12.24 1.98 33.51
N THR E 361 12.16 1.69 34.81
CA THR E 361 11.81 2.73 35.78
C THR E 361 12.91 3.79 35.86
N ARG E 362 14.18 3.38 35.79
CA ARG E 362 15.27 4.33 35.81
C ARG E 362 15.23 5.23 34.58
N ASN E 363 14.99 4.65 33.41
CA ASN E 363 14.88 5.44 32.18
C ASN E 363 13.69 6.39 32.22
N TYR E 364 12.57 5.99 32.82
CA TYR E 364 11.40 6.85 32.98
C TYR E 364 11.70 8.01 33.92
N LEU E 365 12.26 7.72 35.10
CA LEU E 365 12.60 8.77 36.05
C LEU E 365 13.65 9.71 35.48
N ASP E 366 14.53 9.21 34.61
CA ASP E 366 15.50 10.09 33.96
C ASP E 366 14.81 11.17 33.16
N TRP E 367 13.75 10.82 32.44
CA TRP E 367 13.03 11.83 31.66
C TRP E 367 12.19 12.74 32.54
N LEU E 368 11.51 12.18 33.55
CA LEU E 368 10.69 13.04 34.41
C LEU E 368 11.54 14.02 35.22
N THR E 369 12.72 13.61 35.67
CA THR E 369 13.57 14.51 36.44
C THR E 369 14.37 15.48 35.58
N SER E 370 14.30 15.35 34.25
CA SER E 370 15.00 16.24 33.34
C SER E 370 14.09 17.28 32.70
N ILE E 371 12.79 17.18 32.88
CA ILE E 371 11.88 18.20 32.34
C ILE E 371 11.96 19.45 33.21
N PRO E 372 12.18 20.63 32.64
CA PRO E 372 12.24 21.88 33.40
C PRO E 372 10.88 22.39 33.86
N TRP E 373 10.32 21.75 34.88
CA TRP E 373 8.94 22.01 35.28
C TRP E 373 8.71 23.46 35.70
N GLY E 374 9.71 24.14 36.22
CA GLY E 374 9.51 25.50 36.71
C GLY E 374 10.53 26.52 36.27
N LYS E 375 11.27 26.23 35.22
CA LYS E 375 12.33 27.12 34.73
C LYS E 375 11.86 27.85 33.49
N TYR E 376 12.00 29.18 33.49
CA TYR E 376 11.67 30.03 32.36
C TYR E 376 12.89 30.86 31.99
N SER E 377 13.11 31.03 30.69
CA SER E 377 14.20 31.89 30.22
C SER E 377 13.84 33.35 30.46
N ASN E 378 14.84 34.13 30.84
CA ASN E 378 14.66 35.55 31.13
C ASN E 378 14.62 36.30 29.79
N GLU E 379 13.41 36.66 29.36
CA GLU E 379 13.25 37.37 28.10
C GLU E 379 13.70 38.83 28.22
N ASN E 380 14.13 39.39 27.09
CA ASN E 380 14.47 40.81 27.00
C ASN E 380 13.22 41.61 26.63
N LEU E 381 12.43 41.94 27.65
CA LEU E 381 11.21 42.70 27.44
C LEU E 381 11.55 44.17 27.23
N ASP E 382 12.20 44.50 26.12
CA ASP E 382 12.58 45.87 25.81
C ASP E 382 12.46 46.08 24.31
N LEU E 383 11.63 47.04 23.91
CA LEU E 383 11.35 47.25 22.49
C LEU E 383 12.57 47.73 21.73
N ALA E 384 13.38 48.60 22.34
CA ALA E 384 14.50 49.21 21.62
C ALA E 384 15.56 48.19 21.23
N ARG E 385 16.02 47.39 22.21
CA ARG E 385 17.07 46.43 21.92
C ARG E 385 16.60 45.35 20.96
N ALA E 386 15.36 44.88 21.13
CA ALA E 386 14.82 43.86 20.24
C ALA E 386 14.67 44.40 18.83
N GLN E 387 14.20 45.64 18.69
CA GLN E 387 14.08 46.24 17.36
C GLN E 387 15.45 46.41 16.72
N ALA E 388 16.45 46.81 17.51
CA ALA E 388 17.81 46.93 16.98
C ALA E 388 18.32 45.59 16.49
N VAL E 389 18.13 44.52 17.28
CA VAL E 389 18.57 43.20 16.87
C VAL E 389 17.87 42.75 15.59
N LEU E 390 16.55 42.95 15.53
CA LEU E 390 15.78 42.49 14.39
C LEU E 390 16.19 43.24 13.12
N GLU E 391 16.39 44.56 13.22
CA GLU E 391 16.75 45.34 12.05
C GLU E 391 18.23 45.22 11.71
N GLU E 392 19.05 44.70 12.62
CA GLU E 392 20.46 44.47 12.29
C GLU E 392 20.69 43.07 11.74
N ASP E 393 19.78 42.13 12.00
CA ASP E 393 19.99 40.77 11.54
C ASP E 393 19.37 40.50 10.17
N HIS E 394 18.32 41.23 9.80
CA HIS E 394 17.62 40.97 8.56
C HIS E 394 17.12 42.27 7.94
N TYR E 395 16.85 42.23 6.65
CA TYR E 395 16.37 43.38 5.90
C TYR E 395 14.99 43.14 5.33
N GLY E 396 14.08 44.09 5.53
CA GLY E 396 12.83 44.14 4.81
C GLY E 396 11.71 43.25 5.32
N MET E 397 11.91 42.56 6.43
CA MET E 397 10.87 41.69 6.97
C MET E 397 9.97 42.45 7.93
N GLU E 398 9.30 43.49 7.45
CA GLU E 398 8.60 44.40 8.34
C GLU E 398 7.39 43.75 9.01
N ASP E 399 6.72 42.83 8.32
CA ASP E 399 5.56 42.17 8.93
C ASP E 399 5.97 41.30 10.11
N VAL E 400 7.01 40.48 9.94
CA VAL E 400 7.47 39.62 11.02
C VAL E 400 8.00 40.46 12.18
N LYS E 401 8.76 41.51 11.88
CA LYS E 401 9.29 42.36 12.94
C LYS E 401 8.17 43.07 13.69
N LYS E 402 7.14 43.54 12.97
CA LYS E 402 6.00 44.15 13.64
C LYS E 402 5.29 43.15 14.53
N ARG E 403 5.11 41.92 14.05
CA ARG E 403 4.47 40.89 14.86
C ARG E 403 5.27 40.61 16.13
N ILE E 404 6.60 40.51 16.03
CA ILE E 404 7.41 40.25 17.21
C ILE E 404 7.42 41.43 18.18
N LEU E 405 7.44 42.66 17.66
CA LEU E 405 7.34 43.83 18.54
C LEU E 405 5.99 43.86 19.26
N GLU E 406 4.92 43.50 18.56
CA GLU E 406 3.61 43.41 19.19
C GLU E 406 3.60 42.33 20.28
N PHE E 407 4.25 41.19 19.99
CA PHE E 407 4.38 40.12 20.98
C PHE E 407 5.09 40.63 22.23
N ILE E 408 6.19 41.36 22.04
CA ILE E 408 6.94 41.89 23.16
C ILE E 408 6.11 42.91 23.95
N ALA E 409 5.38 43.78 23.24
CA ALA E 409 4.56 44.77 23.91
C ALA E 409 3.47 44.10 24.74
N VAL E 410 2.85 43.05 24.20
CA VAL E 410 1.82 42.33 24.94
C VAL E 410 2.41 41.64 26.16
N SER E 411 3.60 41.04 26.00
CA SER E 411 4.25 40.40 27.14
C SER E 411 4.59 41.41 28.22
N GLN E 412 5.01 42.62 27.83
CA GLN E 412 5.34 43.64 28.80
C GLN E 412 4.08 44.18 29.50
N LEU E 413 3.01 44.39 28.74
CA LEU E 413 1.79 44.95 29.31
C LEU E 413 1.16 43.99 30.31
N ARG E 414 1.12 42.70 29.99
CA ARG E 414 0.58 41.70 30.91
C ARG E 414 1.55 41.40 32.05
N GLY E 415 2.84 41.66 31.88
CA GLY E 415 3.80 41.41 32.93
C GLY E 415 4.11 39.95 33.14
N SER E 416 3.97 39.12 32.11
CA SER E 416 4.30 37.71 32.22
C SER E 416 4.60 37.18 30.83
N THR E 417 5.36 36.08 30.79
CA THR E 417 5.68 35.44 29.53
C THR E 417 4.42 34.81 28.92
N GLN E 418 4.42 34.69 27.60
CA GLN E 418 3.27 34.16 26.89
C GLN E 418 3.74 33.38 25.68
N GLY E 419 2.86 32.52 25.18
CA GLY E 419 3.17 31.70 24.03
C GLY E 419 2.18 31.95 22.90
N LYS E 420 2.67 31.78 21.68
CA LYS E 420 1.86 31.99 20.49
C LYS E 420 2.28 30.97 19.44
N ILE E 421 1.40 30.77 18.46
CA ILE E 421 1.65 29.85 17.36
C ILE E 421 1.60 30.65 16.07
N LEU E 422 2.74 30.77 15.40
CA LEU E 422 2.86 31.53 14.15
C LEU E 422 3.20 30.59 13.01
N CYS E 423 3.13 31.12 11.80
CA CYS E 423 3.47 30.35 10.60
C CYS E 423 4.00 31.32 9.54
N PHE E 424 5.25 31.11 9.13
CA PHE E 424 5.86 31.90 8.06
C PHE E 424 5.78 31.11 6.77
N TYR E 425 5.11 31.67 5.76
CA TYR E 425 4.96 31.00 4.49
C TYR E 425 5.42 31.93 3.37
N GLY E 426 6.14 31.36 2.40
CA GLY E 426 6.66 32.12 1.29
C GLY E 426 7.61 31.29 0.44
N PRO E 427 8.09 31.86 -0.66
CA PRO E 427 9.03 31.13 -1.53
C PRO E 427 10.31 30.80 -0.80
N PRO E 428 10.99 29.71 -1.19
CA PRO E 428 12.22 29.33 -0.48
C PRO E 428 13.31 30.37 -0.66
N GLY E 429 14.17 30.47 0.35
CA GLY E 429 15.29 31.39 0.31
C GLY E 429 14.97 32.80 0.71
N VAL E 430 13.78 33.06 1.28
CA VAL E 430 13.43 34.41 1.72
C VAL E 430 13.88 34.70 3.14
N GLY E 431 14.18 33.68 3.94
CA GLY E 431 14.73 33.91 5.26
C GLY E 431 13.82 33.50 6.40
N LYS E 432 12.99 32.48 6.21
CA LYS E 432 12.00 32.10 7.21
C LYS E 432 12.64 31.46 8.45
N THR E 433 13.74 30.71 8.27
CA THR E 433 14.40 30.08 9.40
C THR E 433 15.43 30.99 10.06
N SER E 434 16.14 31.78 9.27
CA SER E 434 17.09 32.74 9.84
C SER E 434 16.36 33.79 10.66
N ILE E 435 15.18 34.23 10.21
CA ILE E 435 14.42 35.20 10.98
C ILE E 435 13.95 34.58 12.29
N ALA E 436 13.64 33.28 12.28
CA ALA E 436 13.24 32.62 13.52
C ALA E 436 14.40 32.54 14.51
N ARG E 437 15.59 32.24 14.01
CA ARG E 437 16.77 32.26 14.88
C ARG E 437 17.02 33.68 15.42
N SER E 438 16.83 34.69 14.57
CA SER E 438 16.99 36.07 15.04
C SER E 438 15.96 36.43 16.09
N ILE E 439 14.73 35.95 15.92
CA ILE E 439 13.68 36.21 16.90
C ILE E 439 14.02 35.56 18.23
N ALA E 440 14.51 34.32 18.19
CA ALA E 440 14.94 33.66 19.41
C ALA E 440 16.09 34.42 20.07
N ARG E 441 17.01 34.95 19.26
CA ARG E 441 18.10 35.76 19.81
C ARG E 441 17.58 37.02 20.48
N ALA E 442 16.62 37.71 19.84
CA ALA E 442 16.11 38.96 20.38
C ALA E 442 15.30 38.73 21.65
N LEU E 443 14.50 37.66 21.69
CA LEU E 443 13.70 37.36 22.86
C LEU E 443 14.48 36.67 23.97
N ASN E 444 15.73 36.32 23.73
CA ASN E 444 16.55 35.56 24.67
C ASN E 444 15.90 34.22 25.01
N ARG E 445 15.22 33.62 24.04
CA ARG E 445 14.59 32.33 24.21
C ARG E 445 15.48 31.24 23.63
N GLU E 446 15.34 30.03 24.17
CA GLU E 446 16.06 28.89 23.62
C GLU E 446 15.49 28.53 22.26
N TYR E 447 16.34 27.98 21.40
CA TYR E 447 15.95 27.68 20.03
C TYR E 447 16.08 26.19 19.76
N PHE E 448 15.05 25.64 19.11
CA PHE E 448 15.01 24.25 18.72
C PHE E 448 14.14 24.12 17.48
N ARG E 449 14.50 23.19 16.61
CA ARG E 449 13.75 22.98 15.38
C ARG E 449 13.75 21.51 15.01
N PHE E 450 12.66 21.08 14.38
CA PHE E 450 12.56 19.75 13.80
C PHE E 450 11.64 19.83 12.59
N SER E 451 11.85 18.91 11.65
CA SER E 451 11.16 18.94 10.37
C SER E 451 10.08 17.88 10.33
N VAL E 452 8.90 18.27 9.84
CA VAL E 452 7.79 17.35 9.65
C VAL E 452 7.50 17.08 8.18
N GLY E 453 8.34 17.59 7.28
CA GLY E 453 8.17 17.30 5.87
C GLY E 453 8.33 15.83 5.55
N GLY E 454 7.35 15.25 4.87
CA GLY E 454 7.37 13.84 4.56
C GLY E 454 7.15 12.92 5.73
N MET E 455 6.82 13.47 6.91
CA MET E 455 6.63 12.65 8.09
C MET E 455 5.34 11.83 7.96
N THR E 456 5.43 10.56 8.32
CA THR E 456 4.28 9.66 8.31
C THR E 456 4.07 8.92 9.62
N ASP E 457 4.93 9.13 10.61
CA ASP E 457 4.85 8.42 11.88
C ASP E 457 4.35 9.38 12.96
N VAL E 458 3.22 9.03 13.57
CA VAL E 458 2.69 9.83 14.68
C VAL E 458 3.54 9.65 15.93
N ALA E 459 4.14 8.48 16.10
CA ALA E 459 4.82 8.14 17.34
C ALA E 459 6.06 9.00 17.61
N GLU E 460 6.57 9.72 16.61
CA GLU E 460 7.73 10.56 16.84
C GLU E 460 7.36 11.89 17.49
N ILE E 461 6.07 12.20 17.61
CA ILE E 461 5.60 13.35 18.37
C ILE E 461 4.97 12.93 19.69
N LYS E 462 4.05 11.98 19.64
CA LYS E 462 3.34 11.53 20.84
C LYS E 462 4.12 10.50 21.64
N GLY E 463 5.16 9.90 21.07
CA GLY E 463 5.97 8.94 21.80
C GLY E 463 5.36 7.55 21.84
N HIS E 464 6.09 6.64 22.47
CA HIS E 464 5.66 5.28 22.70
C HIS E 464 5.65 5.01 24.20
N ARG E 465 4.69 4.20 24.65
CA ARG E 465 4.56 3.93 26.08
C ARG E 465 5.70 3.04 26.57
N ARG E 466 5.86 3.00 27.89
CA ARG E 466 7.01 2.35 28.50
C ARG E 466 7.11 0.87 28.17
N THR E 467 6.01 0.23 27.77
CA THR E 467 6.02 -1.22 27.58
C THR E 467 7.01 -1.64 26.51
N TYR E 468 7.03 -0.93 25.38
CA TYR E 468 7.89 -1.29 24.27
C TYR E 468 9.35 -0.97 24.57
N VAL E 469 10.25 -1.78 24.02
CA VAL E 469 11.67 -1.65 24.31
C VAL E 469 12.25 -0.38 23.68
N GLY E 470 11.80 -0.02 22.48
CA GLY E 470 12.32 1.12 21.76
C GLY E 470 11.60 2.42 21.99
N ALA E 471 10.86 2.54 23.08
CA ALA E 471 10.04 3.72 23.32
C ALA E 471 10.89 4.96 23.54
N MET E 472 10.46 6.07 22.94
CA MET E 472 11.06 7.39 23.10
C MET E 472 9.95 8.39 23.34
N PRO E 473 10.24 9.48 24.05
CA PRO E 473 9.17 10.42 24.42
C PRO E 473 8.89 11.48 23.36
N GLY E 474 9.48 11.35 22.18
CA GLY E 474 9.13 12.22 21.08
C GLY E 474 9.87 13.55 21.02
N LYS E 475 9.68 14.26 19.90
CA LYS E 475 10.46 15.46 19.63
C LYS E 475 10.18 16.57 20.62
N ILE E 476 8.94 16.73 21.07
CA ILE E 476 8.61 17.82 21.98
C ILE E 476 9.26 17.62 23.34
N ILE E 477 9.20 16.40 23.89
CA ILE E 477 9.87 16.14 25.15
C ILE E 477 11.38 16.22 24.99
N GLN E 478 11.92 15.79 23.84
CA GLN E 478 13.34 15.94 23.60
C GLN E 478 13.75 17.41 23.61
N CYS E 479 12.93 18.26 22.97
CA CYS E 479 13.20 19.69 22.97
C CYS E 479 13.12 20.27 24.37
N LEU E 480 12.13 19.86 25.15
CA LEU E 480 12.01 20.36 26.52
C LEU E 480 13.21 19.97 27.36
N LYS E 481 13.70 18.73 27.19
CA LYS E 481 14.87 18.29 27.93
C LYS E 481 16.11 19.06 27.49
N LYS E 482 16.26 19.29 26.18
CA LYS E 482 17.46 19.95 25.67
C LYS E 482 17.51 21.40 26.09
N THR E 483 16.41 22.14 25.88
CA THR E 483 16.42 23.58 26.10
C THR E 483 16.36 23.97 27.57
N LYS E 484 15.92 23.06 28.45
CA LYS E 484 15.86 23.29 29.89
C LYS E 484 14.98 24.48 30.26
N THR E 485 14.09 24.89 29.38
CA THR E 485 13.14 25.96 29.66
C THR E 485 11.76 25.57 29.14
N GLU E 486 10.73 26.09 29.78
CA GLU E 486 9.36 25.87 29.34
C GLU E 486 8.86 26.94 28.38
N ASN E 487 9.70 27.91 28.02
CA ASN E 487 9.31 28.88 27.01
C ASN E 487 10.37 29.01 25.92
N PRO E 488 10.69 27.95 25.18
CA PRO E 488 11.64 28.08 24.08
C PRO E 488 10.92 28.49 22.79
N LEU E 489 11.71 28.71 21.76
CA LEU E 489 11.17 28.93 20.42
C LEU E 489 11.36 27.64 19.62
N ILE E 490 10.26 27.02 19.24
CA ILE E 490 10.27 25.75 18.52
C ILE E 490 9.85 26.03 17.09
N LEU E 491 10.72 25.66 16.15
CA LEU E 491 10.44 25.82 14.74
C LEU E 491 10.04 24.48 14.16
N ILE E 492 8.82 24.41 13.60
CA ILE E 492 8.34 23.23 12.90
C ILE E 492 8.44 23.52 11.42
N ASP E 493 9.32 22.80 10.74
CA ASP E 493 9.72 23.16 9.37
C ASP E 493 8.95 22.31 8.38
N GLU E 494 8.47 22.95 7.31
CA GLU E 494 7.70 22.30 6.25
C GLU E 494 6.45 21.63 6.79
N VAL E 495 5.58 22.42 7.41
CA VAL E 495 4.29 21.92 7.86
C VAL E 495 3.38 21.59 6.67
N ASP E 496 3.62 22.21 5.52
CA ASP E 496 2.81 21.94 4.34
C ASP E 496 3.21 20.66 3.63
N LYS E 497 4.37 20.09 3.94
CA LYS E 497 4.84 18.85 3.32
C LYS E 497 4.65 17.65 4.24
N ILE E 498 3.82 17.78 5.27
CA ILE E 498 3.54 16.65 6.15
C ILE E 498 2.73 15.60 5.39
N GLY E 499 2.90 14.34 5.77
CA GLY E 499 2.19 13.24 5.14
C GLY E 499 0.70 13.28 5.39
N PRO E 506 -0.48 11.88 10.98
CA PRO E 506 0.62 12.62 11.62
C PRO E 506 0.21 14.03 12.03
N SER E 507 -0.68 14.65 11.24
CA SER E 507 -1.15 16.00 11.59
C SER E 507 -2.05 15.98 12.81
N SER E 508 -2.66 14.83 13.12
CA SER E 508 -3.52 14.73 14.29
C SER E 508 -2.74 14.91 15.59
N ALA E 509 -1.47 14.53 15.61
CA ALA E 509 -0.64 14.80 16.79
C ALA E 509 -0.33 16.29 16.90
N LEU E 510 -0.08 16.95 15.76
CA LEU E 510 0.15 18.38 15.78
C LEU E 510 -1.07 19.16 16.24
N LEU E 511 -2.27 18.69 15.88
CA LEU E 511 -3.49 19.35 16.33
C LEU E 511 -3.57 19.44 17.84
N GLU E 512 -3.15 18.37 18.54
CA GLU E 512 -3.07 18.42 19.98
C GLU E 512 -1.86 19.21 20.46
N LEU E 513 -0.76 19.15 19.69
CA LEU E 513 0.47 19.82 20.10
C LEU E 513 0.29 21.33 20.17
N LEU E 514 -0.36 21.94 19.17
CA LEU E 514 -0.50 23.38 19.08
C LEU E 514 -2.00 23.72 19.01
N ASP E 515 -2.60 23.86 20.20
CA ASP E 515 -4.00 24.22 20.36
C ASP E 515 -4.15 24.83 21.75
N PRO E 516 -4.50 26.13 21.84
CA PRO E 516 -4.52 26.79 23.15
C PRO E 516 -5.42 26.13 24.17
N GLU E 517 -6.50 25.49 23.73
CA GLU E 517 -7.39 24.80 24.65
C GLU E 517 -6.70 23.64 25.36
N GLN E 518 -5.75 22.98 24.70
CA GLN E 518 -5.10 21.81 25.27
C GLN E 518 -3.58 21.87 25.29
N ASN E 519 -2.97 23.01 24.98
CA ASN E 519 -1.51 23.14 25.12
C ASN E 519 -1.09 22.97 26.57
N ALA E 520 -1.85 23.54 27.50
CA ALA E 520 -1.50 23.49 28.91
C ALA E 520 -1.54 22.09 29.50
N ASN E 521 -2.14 21.13 28.80
CA ASN E 521 -2.25 19.76 29.30
C ASN E 521 -1.84 18.77 28.21
N PHE E 522 -0.74 19.06 27.53
CA PHE E 522 -0.23 18.15 26.52
C PHE E 522 0.28 16.87 27.17
N LEU E 523 -0.32 15.74 26.82
CA LEU E 523 0.01 14.45 27.40
C LEU E 523 0.82 13.64 26.40
N ASP E 524 2.01 13.22 26.81
CA ASP E 524 2.87 12.38 26.00
C ASP E 524 2.71 10.93 26.45
N HIS E 525 2.69 10.01 25.48
CA HIS E 525 2.45 8.61 25.79
C HIS E 525 3.53 8.02 26.69
N TYR E 526 4.79 8.39 26.46
CA TYR E 526 5.88 7.89 27.30
C TYR E 526 5.81 8.48 28.70
N LEU E 527 5.64 9.80 28.79
CA LEU E 527 5.64 10.45 30.11
C LEU E 527 4.45 10.03 30.95
N ASP E 528 3.28 9.88 30.34
CA ASP E 528 2.05 9.50 31.03
C ASP E 528 1.70 10.59 32.04
N VAL E 529 2.25 11.79 31.82
CA VAL E 529 2.00 12.94 32.69
C VAL E 529 1.96 14.19 31.82
N PRO E 530 1.03 15.12 32.06
CA PRO E 530 0.92 16.27 31.17
C PRO E 530 1.98 17.33 31.44
N VAL E 531 2.42 17.98 30.36
CA VAL E 531 3.36 19.09 30.41
C VAL E 531 2.66 20.35 29.93
N ASP E 532 3.09 21.50 30.43
CA ASP E 532 2.47 22.78 30.09
C ASP E 532 3.26 23.41 28.95
N LEU E 533 2.65 23.46 27.77
CA LEU E 533 3.26 24.09 26.59
C LEU E 533 2.60 25.41 26.23
N SER E 534 1.91 26.06 27.18
CA SER E 534 1.21 27.29 26.86
C SER E 534 2.14 28.47 26.65
N LYS E 535 3.34 28.45 27.23
CA LYS E 535 4.30 29.54 27.11
C LYS E 535 5.29 29.32 25.97
N VAL E 536 5.20 28.20 25.27
CA VAL E 536 6.12 27.93 24.17
C VAL E 536 5.71 28.72 22.94
N LEU E 537 6.69 29.33 22.27
CA LEU E 537 6.45 30.11 21.06
C LEU E 537 6.69 29.20 19.86
N PHE E 538 5.61 28.74 19.23
CA PHE E 538 5.73 27.87 18.07
C PHE E 538 5.74 28.69 16.79
N ILE E 539 6.71 28.43 15.93
CA ILE E 539 6.84 29.09 14.64
C ILE E 539 6.89 28.01 13.57
N CYS E 540 5.92 28.02 12.66
CA CYS E 540 5.86 27.04 11.59
C CYS E 540 6.38 27.66 10.29
N THR E 541 6.89 26.79 9.41
CA THR E 541 7.44 27.21 8.14
C THR E 541 6.77 26.42 7.01
N ALA E 542 6.44 27.11 5.93
CA ALA E 542 5.80 26.48 4.79
C ALA E 542 6.07 27.32 3.54
N ASN E 543 5.66 26.80 2.39
CA ASN E 543 5.74 27.52 1.13
C ASN E 543 4.38 27.83 0.52
N VAL E 544 3.40 26.95 0.69
CA VAL E 544 2.04 27.19 0.24
C VAL E 544 1.09 26.85 1.39
N THR E 545 0.10 27.71 1.61
CA THR E 545 -0.85 27.50 2.69
C THR E 545 -1.90 26.44 2.33
N ASP E 546 -2.27 26.34 1.06
CA ASP E 546 -3.36 25.46 0.66
C ASP E 546 -3.06 24.00 0.93
N THR E 547 -1.81 23.59 0.89
CA THR E 547 -1.45 22.19 1.12
C THR E 547 -1.41 21.85 2.61
N ILE E 548 -1.35 22.85 3.48
CA ILE E 548 -1.40 22.60 4.93
C ILE E 548 -2.76 22.01 5.30
N PRO E 549 -2.82 21.03 6.20
CA PRO E 549 -4.11 20.44 6.57
C PRO E 549 -5.08 21.50 7.09
N GLU E 550 -6.36 21.35 6.71
CA GLU E 550 -7.37 22.33 7.08
C GLU E 550 -7.55 22.53 8.58
N PRO E 551 -7.68 21.48 9.42
CA PRO E 551 -7.79 21.74 10.86
C PRO E 551 -6.52 22.27 11.49
N LEU E 552 -5.37 22.09 10.83
CA LEU E 552 -4.11 22.61 11.33
C LEU E 552 -3.87 24.05 10.90
N ARG E 553 -4.39 24.43 9.72
CA ARG E 553 -4.30 25.81 9.26
C ARG E 553 -5.12 26.76 10.13
N ASP E 554 -6.06 26.24 10.92
CA ASP E 554 -6.92 27.11 11.72
C ASP E 554 -6.32 27.44 13.07
N ARG E 555 -5.41 26.59 13.58
CA ARG E 555 -4.81 26.85 14.88
C ARG E 555 -3.78 27.97 14.83
N MET E 556 -3.01 28.03 13.75
CA MET E 556 -1.85 28.90 13.65
C MET E 556 -2.17 30.19 12.89
N GLU E 557 -1.30 31.17 13.07
CA GLU E 557 -1.42 32.48 12.42
C GLU E 557 -0.52 32.51 11.19
N MET E 558 -1.07 32.99 10.07
CA MET E 558 -0.32 33.01 8.82
C MET E 558 0.28 34.39 8.59
N ILE E 559 1.61 34.43 8.48
CA ILE E 559 2.35 35.64 8.15
C ILE E 559 3.11 35.38 6.86
N ASN E 560 2.93 36.26 5.88
CA ASN E 560 3.50 36.06 4.55
C ASN E 560 4.89 36.67 4.50
N VAL E 561 5.90 35.82 4.31
CA VAL E 561 7.26 36.29 4.08
C VAL E 561 7.52 36.28 2.58
N SER E 562 7.21 37.39 1.93
CA SER E 562 7.24 37.44 0.47
C SER E 562 8.68 37.57 -0.05
N GLY E 563 8.81 37.41 -1.36
CA GLY E 563 10.10 37.51 -2.00
C GLY E 563 10.61 38.94 -2.09
N TYR E 564 11.79 39.08 -2.67
CA TYR E 564 12.50 40.34 -2.73
C TYR E 564 12.58 40.86 -4.16
N VAL E 565 12.53 42.18 -4.32
CA VAL E 565 12.74 42.84 -5.59
C VAL E 565 14.25 43.02 -5.78
N ALA E 566 14.68 43.37 -6.98
CA ALA E 566 16.11 43.46 -7.28
C ALA E 566 16.83 44.42 -6.34
N GLN E 567 16.20 45.54 -6.00
CA GLN E 567 16.81 46.49 -5.08
C GLN E 567 17.01 45.88 -3.70
N GLU E 568 16.00 45.17 -3.20
CA GLU E 568 16.11 44.51 -1.91
C GLU E 568 17.18 43.42 -1.93
N LYS E 569 17.26 42.65 -3.02
CA LYS E 569 18.29 41.63 -3.13
C LYS E 569 19.68 42.24 -3.16
N LEU E 570 19.84 43.37 -3.85
CA LEU E 570 21.12 44.06 -3.85
C LEU E 570 21.48 44.55 -2.45
N ALA E 571 20.51 45.09 -1.72
CA ALA E 571 20.77 45.54 -0.36
C ALA E 571 21.18 44.38 0.54
N ILE E 572 20.49 43.25 0.42
CA ILE E 572 20.82 42.08 1.22
C ILE E 572 22.22 41.58 0.89
N ALA E 573 22.54 41.53 -0.40
CA ALA E 573 23.86 41.05 -0.82
C ALA E 573 24.97 41.96 -0.30
N GLU E 574 24.78 43.28 -0.42
CA GLU E 574 25.79 44.22 0.06
C GLU E 574 25.94 44.15 1.56
N ARG E 575 24.84 44.03 2.30
CA ARG E 575 24.87 44.14 3.74
C ARG E 575 25.04 42.81 4.46
N TYR E 576 24.49 41.72 3.93
CA TYR E 576 24.48 40.47 4.67
C TYR E 576 25.23 39.34 3.96
N LEU E 577 24.91 39.09 2.69
CA LEU E 577 25.45 37.91 2.01
C LEU E 577 26.96 37.99 1.86
N VAL E 578 27.47 39.09 1.30
CA VAL E 578 28.89 39.24 1.03
C VAL E 578 29.69 39.27 2.34
N PRO E 579 29.31 40.05 3.36
CA PRO E 579 30.07 39.99 4.62
C PRO E 579 30.10 38.62 5.27
N GLN E 580 29.01 37.86 5.19
CA GLN E 580 29.01 36.52 5.76
C GLN E 580 29.87 35.58 4.96
N ALA E 581 29.79 35.65 3.62
CA ALA E 581 30.58 34.76 2.79
C ALA E 581 32.07 35.08 2.87
N ARG E 582 32.43 36.34 3.12
CA ARG E 582 33.83 36.68 3.32
C ARG E 582 34.38 35.98 4.55
N ALA E 583 33.63 36.01 5.65
CA ALA E 583 34.06 35.32 6.86
C ALA E 583 34.08 33.81 6.65
N LEU E 584 33.12 33.30 5.88
CA LEU E 584 33.09 31.86 5.57
C LEU E 584 34.34 31.44 4.81
N CYS E 585 34.76 32.24 3.83
CA CYS E 585 35.94 31.93 3.05
C CYS E 585 37.24 32.40 3.69
N GLY E 586 37.16 33.09 4.84
CA GLY E 586 38.34 33.57 5.51
C GLY E 586 38.97 34.80 4.92
N LEU E 587 38.33 35.42 3.93
CA LEU E 587 38.87 36.62 3.30
C LEU E 587 38.54 37.85 4.14
N ASP E 588 38.94 39.02 3.63
CA ASP E 588 38.69 40.28 4.28
C ASP E 588 38.31 41.31 3.22
N GLU E 589 37.81 42.46 3.68
CA GLU E 589 37.43 43.52 2.76
C GLU E 589 38.60 44.00 1.91
N SER E 590 39.78 44.11 2.53
CA SER E 590 40.95 44.57 1.79
C SER E 590 41.46 43.53 0.79
N LYS E 591 41.09 42.26 0.98
CA LYS E 591 41.56 41.20 0.11
C LYS E 591 40.65 40.97 -1.09
N ALA E 592 39.34 40.99 -0.89
CA ALA E 592 38.39 40.72 -1.96
C ALA E 592 37.24 41.72 -1.85
N LYS E 593 37.08 42.56 -2.86
CA LYS E 593 36.03 43.57 -2.89
C LYS E 593 35.02 43.23 -3.99
N LEU E 594 33.75 43.16 -3.62
CA LEU E 594 32.67 42.89 -4.56
C LEU E 594 31.98 44.21 -4.89
N SER E 595 32.16 44.68 -6.12
CA SER E 595 31.52 45.92 -6.55
C SER E 595 30.02 45.75 -6.64
N SER E 596 29.29 46.85 -6.44
CA SER E 596 27.84 46.82 -6.55
C SER E 596 27.38 46.43 -7.95
N ASP E 597 28.13 46.81 -8.98
CA ASP E 597 27.79 46.38 -10.34
C ASP E 597 27.89 44.87 -10.48
N VAL E 598 28.88 44.26 -9.81
CA VAL E 598 29.03 42.81 -9.86
C VAL E 598 27.80 42.13 -9.24
N LEU E 599 27.36 42.63 -8.08
CA LEU E 599 26.19 42.05 -7.42
C LEU E 599 24.94 42.25 -8.27
N THR E 600 24.79 43.43 -8.87
CA THR E 600 23.63 43.66 -9.73
C THR E 600 23.64 42.73 -10.92
N LEU E 601 24.81 42.51 -11.52
CA LEU E 601 24.91 41.59 -12.66
C LEU E 601 24.60 40.16 -12.23
N LEU E 602 25.09 39.74 -11.07
CA LEU E 602 24.79 38.42 -10.56
C LEU E 602 23.29 38.25 -10.34
N ILE E 603 22.63 39.28 -9.80
CA ILE E 603 21.20 39.20 -9.55
C ILE E 603 20.43 39.12 -10.85
N LYS E 604 20.76 40.00 -11.81
CA LYS E 604 19.94 40.11 -13.01
C LYS E 604 20.27 39.09 -14.08
N GLN E 605 21.42 38.39 -13.99
CA GLN E 605 21.79 37.47 -15.05
C GLN E 605 22.30 36.12 -14.57
N TYR E 606 22.67 35.96 -13.30
CA TYR E 606 23.16 34.68 -12.81
C TYR E 606 22.20 34.01 -11.84
N CYS E 607 21.05 34.59 -11.58
CA CYS E 607 20.03 33.99 -10.74
C CYS E 607 18.65 34.33 -11.28
N ARG E 608 17.69 33.44 -11.01
CA ARG E 608 16.29 33.67 -11.37
C ARG E 608 15.45 33.00 -10.27
N GLU E 609 15.08 33.80 -9.27
CA GLU E 609 14.37 33.29 -8.10
C GLU E 609 13.76 34.46 -7.36
N SER E 610 12.90 34.13 -6.38
CA SER E 610 12.30 35.14 -5.53
C SER E 610 13.13 35.46 -4.30
N GLY E 611 13.94 34.51 -3.83
CA GLY E 611 14.81 34.71 -2.69
C GLY E 611 16.21 35.12 -3.07
N VAL E 612 17.15 34.80 -2.20
CA VAL E 612 18.57 35.11 -2.42
C VAL E 612 19.38 33.85 -2.24
N ARG E 613 18.73 32.69 -2.39
CA ARG E 613 19.41 31.42 -2.14
C ARG E 613 20.52 31.16 -3.15
N ASN E 614 20.24 31.37 -4.44
CA ASN E 614 21.25 31.14 -5.46
C ASN E 614 22.27 32.27 -5.50
N LEU E 615 21.86 33.48 -5.15
CA LEU E 615 22.79 34.59 -5.07
C LEU E 615 23.87 34.33 -4.02
N GLN E 616 23.47 33.73 -2.89
CA GLN E 616 24.45 33.38 -1.87
C GLN E 616 25.48 32.39 -2.39
N LYS E 617 25.04 31.38 -3.13
CA LYS E 617 25.98 30.40 -3.68
C LYS E 617 26.88 31.02 -4.74
N GLN E 618 26.36 31.93 -5.56
CA GLN E 618 27.21 32.62 -6.53
C GLN E 618 28.25 33.48 -5.84
N VAL E 619 27.86 34.19 -4.78
CA VAL E 619 28.82 34.99 -4.03
C VAL E 619 29.88 34.10 -3.41
N GLU E 620 29.48 32.96 -2.86
CA GLU E 620 30.45 32.03 -2.27
C GLU E 620 31.40 31.49 -3.34
N LYS E 621 30.89 31.23 -4.55
CA LYS E 621 31.76 30.79 -5.63
C LYS E 621 32.78 31.87 -5.99
N VAL E 622 32.32 33.12 -6.09
CA VAL E 622 33.22 34.22 -6.41
C VAL E 622 34.31 34.34 -5.35
N LEU E 623 33.92 34.25 -4.08
CA LEU E 623 34.91 34.39 -3.02
C LEU E 623 35.82 33.16 -2.90
N ARG E 624 35.33 31.98 -3.27
CA ARG E 624 36.21 30.81 -3.36
C ARG E 624 37.28 31.01 -4.42
N LYS E 625 36.87 31.50 -5.60
CA LYS E 625 37.85 31.79 -6.65
C LYS E 625 38.83 32.85 -6.19
N SER E 626 38.35 33.89 -5.50
CA SER E 626 39.23 34.93 -4.99
C SER E 626 40.22 34.37 -3.99
N ALA E 627 39.75 33.50 -3.09
CA ALA E 627 40.62 32.89 -2.10
C ALA E 627 41.69 32.03 -2.77
N TYR E 628 41.30 31.27 -3.80
CA TYR E 628 42.28 30.48 -4.54
C TYR E 628 43.32 31.36 -5.20
N LYS E 629 42.88 32.48 -5.78
CA LYS E 629 43.83 33.40 -6.41
C LYS E 629 44.78 34.00 -5.39
N ILE E 630 44.28 34.32 -4.19
CA ILE E 630 45.13 34.90 -3.15
C ILE E 630 46.16 33.87 -2.68
N VAL E 631 45.70 32.65 -2.39
CA VAL E 631 46.60 31.63 -1.86
C VAL E 631 47.64 31.23 -2.91
N SER E 632 47.21 31.05 -4.15
CA SER E 632 48.13 30.65 -5.21
C SER E 632 49.18 31.70 -5.51
N GLY E 633 48.97 32.94 -5.07
CA GLY E 633 49.94 33.99 -5.32
C GLY E 633 49.78 34.70 -6.64
N GLU E 634 48.68 34.48 -7.36
CA GLU E 634 48.46 35.20 -8.60
C GLU E 634 48.27 36.69 -8.37
N ALA E 635 47.71 37.07 -7.22
CA ALA E 635 47.53 38.47 -6.88
C ALA E 635 47.45 38.60 -5.37
N GLU E 636 47.98 39.71 -4.85
CA GLU E 636 47.90 39.99 -3.43
C GLU E 636 46.50 40.41 -3.00
N SER E 637 45.77 41.08 -3.89
CA SER E 637 44.38 41.43 -3.64
C SER E 637 43.63 41.39 -4.97
N VAL E 638 42.35 41.07 -4.91
CA VAL E 638 41.53 40.88 -6.10
C VAL E 638 40.28 41.73 -6.00
N GLU E 639 39.98 42.45 -7.07
CA GLU E 639 38.75 43.23 -7.20
C GLU E 639 37.90 42.61 -8.31
N VAL E 640 36.65 42.32 -7.99
CA VAL E 640 35.72 41.71 -8.94
C VAL E 640 35.02 42.83 -9.71
N THR E 641 35.06 42.72 -11.03
CA THR E 641 34.55 43.74 -11.94
C THR E 641 33.66 43.05 -12.96
N PRO E 642 32.61 43.71 -13.45
CA PRO E 642 31.81 43.12 -14.52
C PRO E 642 32.60 42.78 -15.78
N GLU E 643 33.83 43.27 -15.90
CA GLU E 643 34.68 42.89 -17.02
C GLU E 643 35.36 41.54 -16.79
N ASN E 644 35.73 41.23 -15.56
CA ASN E 644 36.39 39.96 -15.25
C ASN E 644 35.53 39.01 -14.43
N LEU E 645 34.21 39.25 -14.34
CA LEU E 645 33.35 38.39 -13.55
C LEU E 645 33.27 36.98 -14.13
N GLN E 646 33.37 36.87 -15.46
CA GLN E 646 33.33 35.56 -16.11
C GLN E 646 34.51 34.69 -15.72
N ASP E 647 35.62 35.29 -15.27
CA ASP E 647 36.72 34.50 -14.76
C ASP E 647 36.33 33.76 -13.48
N PHE E 648 35.35 34.28 -12.75
CA PHE E 648 34.92 33.71 -11.48
C PHE E 648 33.67 32.85 -11.61
N VAL E 649 32.69 33.27 -12.41
CA VAL E 649 31.42 32.54 -12.52
C VAL E 649 31.07 32.17 -13.96
N GLY E 650 31.95 32.45 -14.92
CA GLY E 650 31.68 32.05 -16.28
C GLY E 650 30.65 32.94 -16.97
N LYS E 651 30.09 32.40 -18.05
CA LYS E 651 29.16 33.15 -18.87
C LYS E 651 27.81 33.29 -18.16
N PRO E 652 27.05 34.34 -18.47
CA PRO E 652 25.75 34.54 -17.81
C PRO E 652 24.80 33.39 -18.10
N VAL E 653 23.95 33.08 -17.11
CA VAL E 653 23.03 31.97 -17.23
C VAL E 653 21.69 32.42 -17.80
N PHE E 654 21.33 33.68 -17.57
CA PHE E 654 20.00 34.18 -17.94
C PHE E 654 20.11 35.41 -18.83
N THR E 655 20.90 35.31 -19.90
CA THR E 655 21.11 36.44 -20.79
C THR E 655 19.81 37.01 -21.34
N VAL E 656 18.78 36.18 -21.50
CA VAL E 656 17.51 36.58 -22.08
C VAL E 656 16.49 36.70 -20.96
N GLU E 657 15.88 37.88 -20.83
CA GLU E 657 14.89 38.13 -19.78
C GLU E 657 13.46 37.93 -20.25
N ARG E 658 13.16 38.26 -21.51
CA ARG E 658 11.82 38.08 -22.06
C ARG E 658 11.90 37.27 -23.33
N MET E 659 10.95 36.34 -23.49
CA MET E 659 10.92 35.51 -24.69
C MET E 659 10.64 36.34 -25.93
N TYR E 660 9.77 37.34 -25.84
CA TYR E 660 9.43 38.20 -26.96
C TYR E 660 9.79 39.64 -26.62
N ASP E 661 10.69 40.23 -27.42
CA ASP E 661 10.92 41.66 -27.31
C ASP E 661 9.78 42.45 -27.95
N VAL E 662 9.32 42.00 -29.12
CA VAL E 662 8.14 42.54 -29.79
C VAL E 662 7.24 41.37 -30.13
N THR E 663 5.98 41.46 -29.73
CA THR E 663 5.07 40.34 -29.90
C THR E 663 4.33 40.46 -31.24
N PRO E 664 4.39 39.43 -32.08
CA PRO E 664 3.58 39.43 -33.31
C PRO E 664 2.12 39.18 -32.98
N PRO E 665 1.22 39.35 -33.94
CA PRO E 665 -0.20 39.08 -33.67
C PRO E 665 -0.42 37.64 -33.23
N GLY E 666 -1.34 37.46 -32.28
CA GLY E 666 -1.69 36.15 -31.80
C GLY E 666 -1.02 35.71 -30.52
N VAL E 667 -0.11 36.50 -29.97
CA VAL E 667 0.55 36.17 -28.71
C VAL E 667 0.42 37.36 -27.76
N VAL E 668 0.09 37.05 -26.50
CA VAL E 668 -0.09 38.05 -25.46
C VAL E 668 0.69 37.61 -24.23
N MET E 669 1.37 38.56 -23.59
CA MET E 669 2.16 38.26 -22.41
C MET E 669 1.30 38.31 -21.15
N GLY E 670 1.55 37.37 -20.24
CA GLY E 670 0.78 37.27 -19.01
C GLY E 670 1.70 37.12 -17.81
N LEU E 671 1.09 36.82 -16.67
CA LEU E 671 1.82 36.65 -15.42
C LEU E 671 1.42 35.33 -14.78
N ALA E 672 2.35 34.75 -14.01
CA ALA E 672 2.14 33.49 -13.33
C ALA E 672 2.61 33.58 -11.89
N TRP E 673 2.07 32.69 -11.05
CA TRP E 673 2.45 32.60 -9.65
C TRP E 673 2.47 31.14 -9.23
N THR E 674 3.57 30.72 -8.63
CA THR E 674 3.75 29.34 -8.22
C THR E 674 4.39 29.31 -6.83
N ALA E 675 4.71 28.10 -6.37
CA ALA E 675 5.38 27.95 -5.09
C ALA E 675 6.77 28.57 -5.09
N MET E 676 7.36 28.71 -6.27
CA MET E 676 8.67 29.35 -6.41
C MET E 676 8.58 30.86 -6.58
N GLY E 677 7.37 31.42 -6.51
CA GLY E 677 7.19 32.85 -6.68
C GLY E 677 6.52 33.21 -7.99
N GLY E 678 6.65 34.46 -8.41
CA GLY E 678 6.00 34.92 -9.63
C GLY E 678 6.89 34.76 -10.85
N SER E 679 6.24 34.64 -12.00
CA SER E 679 6.96 34.46 -13.26
C SER E 679 6.10 34.99 -14.40
N THR E 680 6.74 35.24 -15.53
CA THR E 680 6.06 35.73 -16.72
C THR E 680 5.84 34.59 -17.72
N LEU E 681 4.66 34.57 -18.33
CA LEU E 681 4.32 33.56 -19.32
C LEU E 681 3.75 34.25 -20.56
N PHE E 682 3.80 33.52 -21.67
CA PHE E 682 3.23 33.97 -22.93
C PHE E 682 2.19 32.96 -23.41
N VAL E 683 1.21 33.45 -24.15
CA VAL E 683 0.16 32.62 -24.72
C VAL E 683 0.20 32.78 -26.23
N GLU E 684 0.54 31.71 -26.93
CA GLU E 684 0.70 31.74 -28.38
C GLU E 684 -0.47 31.04 -29.06
N THR E 685 -0.94 31.63 -30.15
CA THR E 685 -2.00 31.06 -30.97
C THR E 685 -1.59 31.10 -32.43
N SER E 686 -2.06 30.12 -33.20
CA SER E 686 -1.76 30.08 -34.63
C SER E 686 -2.78 29.18 -35.31
N LEU E 687 -2.84 29.30 -36.64
CA LEU E 687 -3.72 28.45 -37.42
C LEU E 687 -3.10 27.06 -37.62
N ARG E 688 -3.94 26.04 -37.55
CA ARG E 688 -3.53 24.69 -37.89
C ARG E 688 -3.83 24.34 -39.34
N ARG E 689 -4.84 24.97 -39.93
CA ARG E 689 -5.28 24.72 -41.28
C ARG E 689 -5.46 26.04 -42.01
N PRO E 690 -5.30 26.05 -43.33
CA PRO E 690 -5.43 27.32 -44.08
C PRO E 690 -6.85 27.85 -44.09
N GLN E 691 -7.04 29.01 -44.72
CA GLN E 691 -8.32 29.73 -44.78
C GLN E 691 -9.04 29.74 -43.43
N LYS E 699 -19.72 23.85 -40.71
CA LYS E 699 -18.57 22.90 -40.60
C LYS E 699 -17.92 23.02 -39.22
N ASP E 700 -17.77 24.23 -38.66
CA ASP E 700 -17.24 24.48 -37.29
C ASP E 700 -15.73 24.63 -37.23
N GLY E 701 -15.26 25.35 -36.21
CA GLY E 701 -13.82 25.55 -35.98
C GLY E 701 -13.50 24.91 -34.67
N SER E 702 -12.25 24.91 -34.29
CA SER E 702 -11.89 24.17 -33.09
C SER E 702 -10.62 24.77 -32.50
N LEU E 703 -10.38 24.50 -31.23
CA LEU E 703 -9.20 24.99 -30.51
C LEU E 703 -8.45 23.80 -29.92
N GLU E 704 -7.18 23.68 -30.30
CA GLU E 704 -6.30 22.69 -29.68
C GLU E 704 -5.42 23.38 -28.65
N VAL E 705 -5.29 22.75 -27.49
CA VAL E 705 -4.60 23.34 -26.34
C VAL E 705 -3.45 22.43 -25.93
N THR E 706 -2.25 23.02 -25.82
CA THR E 706 -1.07 22.32 -25.37
C THR E 706 -0.31 23.20 -24.39
N GLY E 707 0.67 22.62 -23.72
CA GLY E 707 1.51 23.36 -22.80
C GLY E 707 1.50 22.81 -21.39
N GLN E 708 1.09 21.55 -21.24
CA GLN E 708 1.00 20.90 -19.93
C GLN E 708 0.09 21.67 -18.97
N LEU E 709 -1.00 22.21 -19.51
CA LEU E 709 -1.93 22.98 -18.69
C LEU E 709 -2.83 22.03 -17.90
N GLY E 710 -3.17 22.42 -16.68
CA GLY E 710 -4.04 21.61 -15.85
C GLY E 710 -5.48 21.63 -16.32
N GLU E 711 -6.31 20.85 -15.61
CA GLU E 711 -7.72 20.79 -15.96
C GLU E 711 -8.41 22.13 -15.78
N VAL E 712 -8.06 22.86 -14.71
CA VAL E 712 -8.66 24.18 -14.48
C VAL E 712 -8.29 25.13 -15.60
N MET E 713 -7.02 25.11 -16.03
CA MET E 713 -6.62 26.02 -17.09
C MET E 713 -7.16 25.59 -18.45
N LYS E 714 -7.37 24.29 -18.66
CA LYS E 714 -8.06 23.85 -19.87
C LYS E 714 -9.50 24.35 -19.89
N GLU E 715 -10.19 24.26 -18.75
CA GLU E 715 -11.53 24.81 -18.68
C GLU E 715 -11.52 26.32 -18.90
N SER E 716 -10.52 27.00 -18.35
CA SER E 716 -10.37 28.44 -18.57
C SER E 716 -10.18 28.75 -20.05
N ALA E 717 -9.40 27.93 -20.75
CA ALA E 717 -9.22 28.12 -22.19
C ALA E 717 -10.52 27.89 -22.95
N ARG E 718 -11.31 26.90 -22.55
CA ARG E 718 -12.61 26.70 -23.20
C ARG E 718 -13.53 27.90 -22.98
N ILE E 719 -13.61 28.39 -21.75
CA ILE E 719 -14.44 29.55 -21.44
C ILE E 719 -13.96 30.76 -22.23
N ALA E 720 -12.64 30.96 -22.29
CA ALA E 720 -12.07 32.07 -23.02
C ALA E 720 -12.37 31.98 -24.51
N TYR E 721 -12.31 30.78 -25.08
CA TYR E 721 -12.64 30.60 -26.49
C TYR E 721 -14.10 30.93 -26.76
N THR E 722 -14.99 30.46 -25.89
CA THR E 722 -16.41 30.78 -26.06
C THR E 722 -16.66 32.28 -25.96
N PHE E 723 -16.05 32.94 -24.96
CA PHE E 723 -16.25 34.37 -24.82
C PHE E 723 -15.62 35.14 -25.96
N ALA E 724 -14.48 34.68 -26.48
CA ALA E 724 -13.87 35.34 -27.63
C ALA E 724 -14.78 35.27 -28.84
N ARG E 725 -15.39 34.10 -29.08
CA ARG E 725 -16.36 33.98 -30.15
C ARG E 725 -17.52 34.96 -29.95
N ALA E 726 -18.07 34.99 -28.72
CA ALA E 726 -19.21 35.86 -28.45
C ALA E 726 -18.84 37.33 -28.62
N PHE E 727 -17.67 37.73 -28.14
CA PHE E 727 -17.25 39.13 -28.21
C PHE E 727 -16.99 39.54 -29.66
N LEU E 728 -16.32 38.68 -30.43
CA LEU E 728 -16.05 39.02 -31.82
C LEU E 728 -17.33 39.00 -32.66
N MET E 729 -18.35 38.27 -32.20
CA MET E 729 -19.62 38.29 -32.92
C MET E 729 -20.24 39.68 -32.93
N GLN E 730 -20.17 40.39 -31.80
CA GLN E 730 -20.78 41.70 -31.68
C GLN E 730 -19.85 42.86 -31.99
N HIS E 731 -18.54 42.70 -31.75
CA HIS E 731 -17.60 43.77 -32.06
C HIS E 731 -17.33 43.86 -33.56
N ALA E 732 -17.29 42.71 -34.24
CA ALA E 732 -17.05 42.66 -35.68
C ALA E 732 -17.86 41.52 -36.27
N PRO E 733 -19.13 41.79 -36.61
CA PRO E 733 -20.02 40.72 -37.10
C PRO E 733 -19.52 40.03 -38.35
N ALA E 734 -18.81 40.77 -39.21
CA ALA E 734 -18.35 40.21 -40.47
C ALA E 734 -17.13 39.32 -40.30
N ASN E 735 -16.48 39.33 -39.13
CA ASN E 735 -15.24 38.58 -38.91
C ASN E 735 -15.61 37.20 -38.40
N ASP E 736 -15.73 36.24 -39.32
CA ASP E 736 -16.02 34.84 -39.02
C ASP E 736 -14.77 34.03 -38.69
N TYR E 737 -13.68 34.68 -38.28
CA TYR E 737 -12.41 33.99 -38.05
C TYR E 737 -12.55 32.93 -36.98
N LEU E 738 -13.09 33.30 -35.82
CA LEU E 738 -13.10 32.39 -34.68
C LEU E 738 -14.12 31.26 -34.83
N VAL E 739 -15.19 31.47 -35.59
CA VAL E 739 -16.23 30.45 -35.71
C VAL E 739 -15.94 29.42 -36.79
N THR E 740 -14.93 29.63 -37.63
CA THR E 740 -14.63 28.73 -38.73
C THR E 740 -13.21 28.18 -38.72
N SER E 741 -12.24 28.95 -38.23
CA SER E 741 -10.84 28.55 -38.31
C SER E 741 -10.48 27.59 -37.20
N HIS E 742 -9.52 26.70 -37.50
CA HIS E 742 -8.99 25.75 -36.53
C HIS E 742 -7.72 26.34 -35.94
N ILE E 743 -7.68 26.45 -34.61
CA ILE E 743 -6.64 27.22 -33.92
C ILE E 743 -5.93 26.33 -32.92
N HIS E 744 -4.62 26.50 -32.82
CA HIS E 744 -3.79 25.86 -31.82
C HIS E 744 -3.34 26.91 -30.82
N LEU E 745 -3.45 26.59 -29.54
CA LEU E 745 -3.03 27.49 -28.46
C LEU E 745 -1.98 26.78 -27.61
N HIS E 746 -0.86 27.46 -27.38
CA HIS E 746 0.25 26.90 -26.64
C HIS E 746 0.87 27.93 -25.72
N VAL E 747 1.35 27.46 -24.58
CA VAL E 747 2.12 28.30 -23.64
C VAL E 747 3.56 27.80 -23.68
N PRO E 748 4.50 28.60 -24.22
CA PRO E 748 5.78 28.05 -24.69
C PRO E 748 6.62 27.29 -23.68
N GLU E 749 6.34 27.44 -22.38
CA GLU E 749 7.06 26.65 -21.37
C GLU E 749 6.48 25.24 -21.35
N GLY E 750 6.80 24.49 -22.41
CA GLY E 750 6.16 23.21 -22.67
C GLY E 750 6.41 22.16 -21.61
N ALA E 751 7.57 22.17 -20.97
CA ALA E 751 7.93 21.13 -20.01
C ALA E 751 7.46 21.43 -18.60
N THR E 752 6.94 22.63 -18.33
CA THR E 752 6.53 22.99 -16.97
C THR E 752 5.02 22.88 -16.83
N PRO E 753 4.53 22.09 -15.88
CA PRO E 753 3.08 22.01 -15.66
C PRO E 753 2.52 23.35 -15.21
N LYS E 754 1.30 23.66 -15.66
CA LYS E 754 0.66 24.93 -15.39
C LYS E 754 -0.79 24.71 -15.00
N ASP E 755 -1.29 25.57 -14.12
CA ASP E 755 -2.68 25.46 -13.65
C ASP E 755 -3.15 26.83 -13.18
N GLY E 756 -4.46 26.95 -13.04
CA GLY E 756 -5.07 28.18 -12.56
C GLY E 756 -5.87 28.89 -13.62
N PRO E 757 -6.95 29.56 -13.22
CA PRO E 757 -7.80 30.28 -14.16
C PRO E 757 -7.38 31.72 -14.43
N SER E 758 -6.24 32.16 -13.90
CA SER E 758 -5.83 33.55 -14.02
C SER E 758 -5.47 33.94 -15.45
N ALA E 759 -5.32 32.98 -16.37
CA ALA E 759 -4.92 33.29 -17.73
C ALA E 759 -6.10 33.44 -18.69
N GLY E 760 -7.32 33.49 -18.19
CA GLY E 760 -8.47 33.55 -19.08
C GLY E 760 -8.50 34.81 -19.92
N CYS E 761 -8.26 35.96 -19.29
CA CYS E 761 -8.22 37.21 -20.04
C CYS E 761 -7.08 37.24 -21.04
N THR E 762 -5.92 36.68 -20.66
CA THR E 762 -4.80 36.61 -21.59
C THR E 762 -5.14 35.75 -22.80
N ILE E 763 -5.84 34.63 -22.58
CA ILE E 763 -6.22 33.77 -23.69
C ILE E 763 -7.24 34.46 -24.58
N VAL E 764 -8.20 35.18 -23.99
CA VAL E 764 -9.16 35.95 -24.78
C VAL E 764 -8.43 36.97 -25.65
N THR E 765 -7.48 37.69 -25.06
CA THR E 765 -6.74 38.70 -25.81
C THR E 765 -5.92 38.07 -26.93
N ALA E 766 -5.29 36.93 -26.67
CA ALA E 766 -4.51 36.26 -27.70
C ALA E 766 -5.40 35.82 -28.86
N LEU E 767 -6.56 35.23 -28.55
CA LEU E 767 -7.46 34.80 -29.60
C LEU E 767 -7.97 35.99 -30.41
N LEU E 768 -8.33 37.09 -29.74
CA LEU E 768 -8.83 38.26 -30.46
C LEU E 768 -7.74 38.90 -31.31
N SER E 769 -6.51 38.95 -30.80
CA SER E 769 -5.40 39.51 -31.59
C SER E 769 -5.12 38.65 -32.81
N LEU E 770 -5.18 37.32 -32.66
CA LEU E 770 -5.02 36.45 -33.81
C LEU E 770 -6.14 36.66 -34.82
N ALA E 771 -7.37 36.80 -34.35
CA ALA E 771 -8.50 36.95 -35.25
C ALA E 771 -8.46 38.28 -36.01
N MET E 772 -8.04 39.36 -35.35
CA MET E 772 -7.99 40.67 -35.98
C MET E 772 -6.67 40.95 -36.68
N GLY E 773 -5.63 40.16 -36.40
CA GLY E 773 -4.34 40.42 -36.99
C GLY E 773 -3.60 41.61 -36.40
N ARG E 774 -3.99 42.06 -35.22
CA ARG E 774 -3.40 43.23 -34.59
C ARG E 774 -2.63 42.82 -33.33
N PRO E 775 -1.38 43.22 -33.19
CA PRO E 775 -0.66 42.96 -31.95
C PRO E 775 -1.09 43.88 -30.83
N VAL E 776 -0.93 43.39 -29.60
CA VAL E 776 -1.26 44.13 -28.40
C VAL E 776 -0.13 45.09 -28.06
N ARG E 777 -0.37 45.98 -27.10
CA ARG E 777 0.69 46.88 -26.63
C ARG E 777 1.93 46.09 -26.25
N GLN E 778 3.08 46.57 -26.72
CA GLN E 778 4.30 45.76 -26.73
C GLN E 778 4.92 45.57 -25.36
N ASN E 779 4.47 46.30 -24.34
CA ASN E 779 4.99 46.11 -22.98
C ASN E 779 3.88 45.83 -21.98
N LEU E 780 2.71 45.40 -22.46
CA LEU E 780 1.57 45.17 -21.58
C LEU E 780 1.56 43.76 -21.04
N ALA E 781 1.29 43.64 -19.75
CA ALA E 781 1.09 42.36 -19.09
C ALA E 781 -0.27 42.39 -18.39
N MET E 782 -0.82 41.21 -18.15
CA MET E 782 -2.18 41.13 -17.64
C MET E 782 -2.42 39.79 -16.97
N THR E 783 -3.35 39.79 -16.02
CA THR E 783 -3.83 38.58 -15.38
C THR E 783 -5.26 38.81 -14.93
N GLY E 784 -6.01 37.71 -14.77
CA GLY E 784 -7.37 37.81 -14.30
C GLY E 784 -8.29 36.74 -14.84
N GLU E 785 -9.08 36.13 -13.97
CA GLU E 785 -10.05 35.14 -14.39
C GLU E 785 -11.16 35.80 -15.19
N VAL E 786 -11.65 35.09 -16.20
CA VAL E 786 -12.72 35.57 -17.06
C VAL E 786 -13.92 34.65 -16.91
N SER E 787 -15.12 35.23 -16.91
CA SER E 787 -16.36 34.50 -16.89
C SER E 787 -16.88 34.30 -18.31
N LEU E 788 -17.97 33.53 -18.42
CA LEU E 788 -18.54 33.25 -19.73
C LEU E 788 -19.15 34.48 -20.38
N THR E 789 -19.62 35.45 -19.57
CA THR E 789 -20.16 36.70 -20.09
C THR E 789 -19.11 37.81 -20.13
N GLY E 790 -17.89 37.55 -19.69
CA GLY E 790 -16.80 38.50 -19.82
C GLY E 790 -16.40 39.22 -18.56
N LYS E 791 -17.03 38.93 -17.42
CA LYS E 791 -16.63 39.57 -16.17
C LYS E 791 -15.25 39.11 -15.74
N ILE E 792 -14.45 40.04 -15.24
CA ILE E 792 -13.10 39.75 -14.77
C ILE E 792 -13.15 39.54 -13.27
N LEU E 793 -12.58 38.43 -12.80
CA LEU E 793 -12.65 38.03 -11.42
C LEU E 793 -11.28 38.16 -10.75
N PRO E 794 -11.25 38.36 -9.43
CA PRO E 794 -9.96 38.52 -8.75
C PRO E 794 -9.13 37.25 -8.80
N VAL E 795 -7.80 37.44 -8.80
CA VAL E 795 -6.85 36.34 -8.82
C VAL E 795 -5.84 36.56 -7.71
N GLY E 796 -5.23 35.46 -7.27
CA GLY E 796 -4.27 35.51 -6.19
C GLY E 796 -2.85 35.76 -6.68
N GLY E 797 -1.94 35.92 -5.72
CA GLY E 797 -0.54 36.14 -6.04
C GLY E 797 -0.26 37.44 -6.77
N ILE E 798 -0.93 38.52 -6.38
CA ILE E 798 -0.74 39.79 -7.06
C ILE E 798 0.66 40.34 -6.83
N LYS E 799 1.18 40.16 -5.61
CA LYS E 799 2.50 40.72 -5.29
C LYS E 799 3.60 40.06 -6.10
N GLU E 800 3.59 38.72 -6.15
CA GLU E 800 4.61 38.00 -6.90
C GLU E 800 4.51 38.29 -8.40
N LYS E 801 3.28 38.39 -8.91
CA LYS E 801 3.09 38.72 -10.32
C LYS E 801 3.61 40.12 -10.62
N THR E 802 3.36 41.07 -9.72
CA THR E 802 3.87 42.44 -9.91
C THR E 802 5.39 42.47 -9.86
N ILE E 803 5.99 41.69 -8.96
CA ILE E 803 7.45 41.62 -8.88
C ILE E 803 8.01 41.04 -10.18
N ALA E 804 7.38 39.99 -10.70
CA ALA E 804 7.84 39.39 -11.95
C ALA E 804 7.68 40.37 -13.11
N ALA E 805 6.59 41.13 -13.13
CA ALA E 805 6.39 42.12 -14.18
C ALA E 805 7.46 43.21 -14.12
N LYS E 806 7.78 43.67 -12.91
CA LYS E 806 8.82 44.68 -12.75
C LYS E 806 10.17 44.13 -13.19
N ARG E 807 10.46 42.87 -12.84
CA ARG E 807 11.72 42.25 -13.27
C ARG E 807 11.80 42.14 -14.79
N ALA E 808 10.68 41.79 -15.43
CA ALA E 808 10.66 41.57 -16.87
C ALA E 808 10.58 42.87 -17.68
N GLY E 809 10.55 44.03 -17.01
CA GLY E 809 10.47 45.28 -17.74
C GLY E 809 9.09 45.65 -18.21
N VAL E 810 8.04 45.14 -17.55
CA VAL E 810 6.68 45.52 -17.90
C VAL E 810 6.42 46.96 -17.48
N THR E 811 5.80 47.73 -18.37
CA THR E 811 5.45 49.11 -18.08
C THR E 811 3.97 49.32 -17.80
N CYS E 812 3.09 48.51 -18.37
CA CYS E 812 1.65 48.61 -18.17
C CYS E 812 1.11 47.25 -17.74
N ILE E 813 0.33 47.23 -16.67
CA ILE E 813 -0.22 45.99 -16.13
C ILE E 813 -1.72 46.15 -15.96
N VAL E 814 -2.48 45.12 -16.34
CA VAL E 814 -3.93 45.10 -16.23
C VAL E 814 -4.31 44.09 -15.15
N LEU E 815 -5.12 44.53 -14.19
CA LEU E 815 -5.51 43.70 -13.06
C LEU E 815 -7.01 43.77 -12.86
N PRO E 816 -7.59 42.74 -12.23
CA PRO E 816 -9.00 42.82 -11.85
C PRO E 816 -9.21 43.93 -10.81
N ALA E 817 -10.39 44.55 -10.86
CA ALA E 817 -10.68 45.64 -9.94
C ALA E 817 -10.73 45.16 -8.49
N GLU E 818 -11.14 43.91 -8.28
CA GLU E 818 -11.18 43.36 -6.92
C GLU E 818 -9.80 43.14 -6.34
N ASN E 819 -8.75 43.24 -7.14
CA ASN E 819 -7.37 43.14 -6.66
C ASN E 819 -6.75 44.49 -6.39
N LYS E 820 -7.54 45.56 -6.46
CA LYS E 820 -7.03 46.90 -6.17
C LYS E 820 -6.56 46.99 -4.72
N LYS E 821 -7.30 46.39 -3.80
CA LYS E 821 -6.91 46.40 -2.40
C LYS E 821 -5.60 45.64 -2.18
N ASP E 822 -5.30 44.67 -3.03
CA ASP E 822 -4.06 43.92 -2.92
C ASP E 822 -2.89 44.63 -3.59
N PHE E 823 -3.14 45.36 -4.67
CA PHE E 823 -2.06 46.00 -5.40
C PHE E 823 -1.53 47.23 -4.69
N TYR E 824 -2.41 48.03 -4.10
CA TYR E 824 -1.97 49.24 -3.41
C TYR E 824 -1.39 48.96 -2.03
N ASP E 825 -1.37 47.70 -1.59
CA ASP E 825 -0.63 47.32 -0.40
C ASP E 825 0.86 47.21 -0.67
N LEU E 826 1.28 47.31 -1.93
CA LEU E 826 2.68 47.15 -2.28
C LEU E 826 3.49 48.38 -1.92
N ALA E 827 4.78 48.18 -1.69
CA ALA E 827 5.68 49.30 -1.44
C ALA E 827 5.82 50.17 -2.67
N ALA E 828 6.19 51.43 -2.46
CA ALA E 828 6.27 52.39 -3.56
C ALA E 828 7.33 52.00 -4.58
N PHE E 829 8.46 51.44 -4.13
CA PHE E 829 9.54 51.09 -5.05
C PHE E 829 9.21 49.87 -5.90
N ILE E 830 8.13 49.15 -5.60
CA ILE E 830 7.74 48.02 -6.43
C ILE E 830 6.83 48.46 -7.58
N THR E 831 6.11 49.58 -7.43
CA THR E 831 5.14 50.00 -8.43
C THR E 831 5.31 51.45 -8.86
N GLU E 832 6.51 52.00 -8.77
CA GLU E 832 6.69 53.41 -9.10
C GLU E 832 6.58 53.66 -10.61
N GLY E 833 6.92 52.68 -11.43
CA GLY E 833 6.92 52.85 -12.86
C GLY E 833 5.83 52.16 -13.64
N LEU E 834 4.82 51.61 -12.96
CA LEU E 834 3.79 50.82 -13.63
C LEU E 834 2.56 51.67 -13.92
N GLU E 835 2.12 51.65 -15.17
CA GLU E 835 0.83 52.25 -15.56
C GLU E 835 -0.24 51.19 -15.37
N VAL E 836 -0.96 51.27 -14.26
CA VAL E 836 -1.83 50.20 -13.79
C VAL E 836 -3.27 50.52 -14.17
N HIS E 837 -3.96 49.54 -14.72
CA HIS E 837 -5.38 49.64 -15.05
C HIS E 837 -6.15 48.57 -14.31
N PHE E 838 -7.25 48.97 -13.67
CA PHE E 838 -8.13 48.07 -12.95
C PHE E 838 -9.45 47.96 -13.69
N VAL E 839 -9.89 46.73 -13.93
CA VAL E 839 -11.01 46.47 -14.83
C VAL E 839 -12.07 45.62 -14.15
N GLU E 840 -13.31 45.78 -14.61
CA GLU E 840 -14.45 44.97 -14.20
C GLU E 840 -14.92 44.01 -15.27
N HIS E 841 -14.81 44.41 -16.55
CA HIS E 841 -15.28 43.61 -17.66
C HIS E 841 -14.25 43.68 -18.77
N TYR E 842 -14.26 42.68 -19.66
CA TYR E 842 -13.25 42.62 -20.71
C TYR E 842 -13.44 43.70 -21.76
N ARG E 843 -14.63 44.29 -21.85
CA ARG E 843 -14.88 45.28 -22.90
C ARG E 843 -13.97 46.48 -22.80
N GLU E 844 -13.42 46.73 -21.61
CA GLU E 844 -12.47 47.81 -21.41
C GLU E 844 -11.02 47.34 -21.41
N ILE E 845 -10.77 46.07 -21.10
CA ILE E 845 -9.46 45.49 -21.38
C ILE E 845 -9.18 45.54 -22.88
N PHE E 846 -10.21 45.33 -23.69
CA PHE E 846 -10.07 45.43 -25.13
C PHE E 846 -9.63 46.83 -25.55
N ASP E 847 -10.23 47.85 -24.94
CA ASP E 847 -9.83 49.23 -25.23
C ASP E 847 -8.43 49.53 -24.72
N ILE E 848 -8.03 48.96 -23.58
CA ILE E 848 -6.69 49.19 -23.05
C ILE E 848 -5.64 48.57 -23.96
N ALA E 849 -5.84 47.32 -24.38
CA ALA E 849 -4.83 46.60 -25.14
C ALA E 849 -4.83 46.96 -26.63
N PHE E 850 -5.96 47.44 -27.16
CA PHE E 850 -6.04 47.77 -28.57
C PHE E 850 -6.36 49.24 -28.79
N ARG F 325 38.94 3.83 30.81
CA ARG F 325 39.61 5.08 31.14
C ARG F 325 40.95 5.20 30.42
N GLU F 326 41.62 4.05 30.23
CA GLU F 326 42.90 4.06 29.53
C GLU F 326 42.73 4.41 28.06
N ARG F 327 41.55 4.14 27.50
CA ARG F 327 41.29 4.42 26.09
C ARG F 327 41.00 5.89 25.82
N LEU F 328 40.76 6.68 26.86
CA LEU F 328 40.40 8.08 26.71
C LEU F 328 41.53 9.03 27.07
N LYS F 329 42.78 8.55 27.06
CA LYS F 329 43.89 9.35 27.57
C LYS F 329 44.10 10.63 26.77
N GLU F 330 44.15 10.53 25.44
CA GLU F 330 44.52 11.64 24.60
C GLU F 330 43.35 12.33 23.91
N LEU F 331 42.15 11.81 24.03
CA LEU F 331 41.00 12.37 23.32
C LEU F 331 40.53 13.66 23.98
N VAL F 332 40.14 14.63 23.15
CA VAL F 332 39.52 15.86 23.63
C VAL F 332 38.03 15.62 23.71
N VAL F 333 37.58 15.06 24.82
CA VAL F 333 36.19 14.56 24.91
C VAL F 333 35.23 15.72 25.12
N PRO F 334 34.02 15.65 24.59
CA PRO F 334 33.01 16.69 24.89
C PRO F 334 32.65 16.68 26.37
N LYS F 335 32.18 17.83 26.84
CA LYS F 335 31.79 17.97 28.24
C LYS F 335 30.59 17.11 28.61
N HIS F 336 29.81 16.67 27.62
CA HIS F 336 28.58 15.92 27.89
C HIS F 336 28.72 14.43 27.59
N VAL F 337 29.94 13.90 27.62
CA VAL F 337 30.15 12.47 27.44
C VAL F 337 30.85 11.82 28.63
N MET F 338 31.60 12.57 29.44
CA MET F 338 32.21 12.00 30.63
C MET F 338 31.17 11.59 31.67
N ASP F 339 30.05 12.31 31.76
CA ASP F 339 28.99 11.85 32.66
C ASP F 339 28.45 10.49 32.24
N VAL F 340 28.22 10.30 30.94
CA VAL F 340 27.73 9.02 30.44
C VAL F 340 28.76 7.92 30.67
N VAL F 341 30.04 8.22 30.39
CA VAL F 341 31.09 7.22 30.59
C VAL F 341 31.20 6.84 32.06
N ASP F 342 31.15 7.83 32.95
CA ASP F 342 31.26 7.56 34.38
C ASP F 342 30.08 6.74 34.89
N GLU F 343 28.86 7.07 34.46
CA GLU F 343 27.72 6.28 34.91
C GLU F 343 27.75 4.87 34.36
N GLU F 344 28.19 4.70 33.11
CA GLU F 344 28.33 3.35 32.54
C GLU F 344 29.37 2.55 33.31
N LEU F 345 30.50 3.16 33.65
CA LEU F 345 31.53 2.45 34.41
C LEU F 345 31.05 2.10 35.80
N SER F 346 30.32 3.02 36.45
CA SER F 346 29.80 2.73 37.79
C SER F 346 28.77 1.60 37.75
N LYS F 347 27.92 1.57 36.72
CA LYS F 347 26.99 0.46 36.58
C LYS F 347 27.73 -0.85 36.31
N LEU F 348 28.77 -0.80 35.47
CA LEU F 348 29.53 -2.00 35.17
C LEU F 348 30.25 -2.53 36.39
N GLY F 349 30.66 -1.65 37.31
CA GLY F 349 31.40 -2.08 38.49
C GLY F 349 30.60 -2.89 39.47
N LEU F 350 29.28 -3.03 39.26
CA LEU F 350 28.45 -3.79 40.18
C LEU F 350 27.67 -4.93 39.52
N LEU F 351 27.56 -4.97 38.20
CA LEU F 351 26.86 -6.06 37.54
C LEU F 351 27.74 -7.30 37.47
N ASP F 352 27.11 -8.47 37.46
CA ASP F 352 27.80 -9.73 37.32
C ASP F 352 28.08 -10.02 35.85
N ASN F 353 29.20 -10.70 35.59
CA ASN F 353 29.67 -10.86 34.21
C ASN F 353 28.70 -11.68 33.36
N HIS F 354 28.08 -12.71 33.93
CA HIS F 354 27.26 -13.62 33.15
C HIS F 354 25.92 -13.03 32.73
N SER F 355 25.54 -11.87 33.25
CA SER F 355 24.28 -11.26 32.90
C SER F 355 24.36 -10.61 31.51
N SER F 356 23.22 -10.63 30.80
CA SER F 356 23.16 -10.01 29.49
C SER F 356 23.31 -8.49 29.58
N GLU F 357 22.81 -7.90 30.67
CA GLU F 357 22.97 -6.46 30.86
C GLU F 357 24.43 -6.08 30.96
N PHE F 358 25.24 -6.91 31.62
CA PHE F 358 26.68 -6.65 31.68
C PHE F 358 27.29 -6.67 30.28
N ASN F 359 26.87 -7.63 29.44
CA ASN F 359 27.41 -7.70 28.09
C ASN F 359 27.01 -6.49 27.25
N VAL F 360 25.75 -6.06 27.34
CA VAL F 360 25.33 -4.92 26.54
C VAL F 360 25.99 -3.64 27.03
N THR F 361 26.21 -3.52 28.34
CA THR F 361 26.95 -2.38 28.86
C THR F 361 28.41 -2.40 28.40
N ARG F 362 29.03 -3.59 28.37
CA ARG F 362 30.37 -3.71 27.82
C ARG F 362 30.42 -3.26 26.37
N ASN F 363 29.45 -3.70 25.57
CA ASN F 363 29.41 -3.30 24.16
C ASN F 363 29.24 -1.79 24.03
N TYR F 364 28.35 -1.20 24.83
CA TYR F 364 28.09 0.23 24.74
C TYR F 364 29.32 1.04 25.16
N LEU F 365 29.98 0.63 26.23
CA LEU F 365 31.17 1.36 26.66
C LEU F 365 32.33 1.15 25.69
N ASP F 366 32.44 -0.04 25.10
CA ASP F 366 33.46 -0.25 24.07
C ASP F 366 33.22 0.64 22.87
N TRP F 367 31.95 0.81 22.49
CA TRP F 367 31.62 1.71 21.38
C TRP F 367 31.93 3.16 21.74
N LEU F 368 31.65 3.56 22.98
CA LEU F 368 31.93 4.93 23.40
C LEU F 368 33.42 5.21 23.55
N THR F 369 34.22 4.21 23.89
CA THR F 369 35.66 4.39 24.06
C THR F 369 36.43 4.23 22.75
N SER F 370 35.94 3.40 21.83
CA SER F 370 36.61 3.22 20.55
C SER F 370 36.33 4.38 19.61
N ILE F 371 35.17 5.02 19.75
CA ILE F 371 34.87 6.17 18.89
C ILE F 371 35.81 7.32 19.26
N PRO F 372 36.53 7.90 18.30
CA PRO F 372 37.48 8.97 18.66
C PRO F 372 36.76 10.28 18.93
N TRP F 373 37.27 11.02 19.93
CA TRP F 373 36.71 12.31 20.31
C TRP F 373 37.80 13.37 20.19
N GLY F 374 37.57 14.35 19.33
CA GLY F 374 38.43 15.52 19.24
C GLY F 374 39.67 15.37 18.39
N LYS F 375 40.00 14.16 17.92
CA LYS F 375 41.19 13.99 17.10
C LYS F 375 40.86 14.18 15.63
N TYR F 376 41.78 14.83 14.91
CA TYR F 376 41.63 15.11 13.49
C TYR F 376 42.81 14.55 12.72
N SER F 377 42.56 14.18 11.45
CA SER F 377 43.66 13.71 10.56
C SER F 377 44.50 14.91 10.11
N ASN F 378 45.80 14.73 9.96
CA ASN F 378 46.68 15.86 9.58
C ASN F 378 46.51 16.14 8.08
N GLU F 379 45.43 16.82 7.71
CA GLU F 379 45.18 17.13 6.28
C GLU F 379 46.36 17.92 5.76
N ASN F 380 46.98 17.46 4.68
CA ASN F 380 48.08 18.23 4.07
C ASN F 380 47.44 19.34 3.25
N LEU F 381 47.96 20.55 3.37
CA LEU F 381 47.34 21.69 2.68
C LEU F 381 48.41 22.28 1.75
N ASP F 382 48.96 21.46 0.88
CA ASP F 382 49.93 21.96 -0.12
C ASP F 382 49.23 21.99 -1.48
N LEU F 383 49.00 23.18 -2.01
CA LEU F 383 48.28 23.33 -3.30
C LEU F 383 49.12 22.72 -4.41
N ALA F 384 50.38 22.40 -4.13
CA ALA F 384 51.27 21.90 -5.21
C ALA F 384 51.31 20.38 -5.19
N ARG F 385 51.47 19.77 -4.02
CA ARG F 385 51.51 18.30 -3.89
C ARG F 385 50.14 17.74 -4.22
N ALA F 386 49.09 18.36 -3.67
CA ALA F 386 47.71 17.90 -3.93
C ALA F 386 47.38 18.12 -5.40
N GLN F 387 47.76 19.24 -5.97
CA GLN F 387 47.53 19.35 -7.40
C GLN F 387 48.20 18.21 -8.17
N ALA F 388 49.45 17.90 -7.82
CA ALA F 388 50.17 16.84 -8.50
C ALA F 388 49.51 15.49 -8.27
N VAL F 389 49.06 15.22 -7.04
CA VAL F 389 48.39 13.96 -6.74
C VAL F 389 47.12 13.84 -7.56
N LEU F 390 46.31 14.89 -7.59
CA LEU F 390 45.06 14.85 -8.34
C LEU F 390 45.31 14.67 -9.83
N GLU F 391 46.34 15.33 -10.36
CA GLU F 391 46.62 15.20 -11.80
C GLU F 391 47.18 13.84 -12.17
N GLU F 392 47.99 13.24 -11.29
CA GLU F 392 48.55 11.93 -11.61
C GLU F 392 47.51 10.82 -11.42
N ASP F 393 46.58 10.99 -10.49
CA ASP F 393 45.62 9.92 -10.21
C ASP F 393 44.58 9.78 -11.32
N HIS F 394 44.06 10.88 -11.85
CA HIS F 394 42.96 10.83 -12.80
C HIS F 394 43.22 11.76 -13.96
N TYR F 395 42.75 11.35 -15.14
CA TYR F 395 42.81 12.20 -16.32
C TYR F 395 41.57 13.10 -16.38
N GLY F 396 41.77 14.30 -16.91
CA GLY F 396 40.64 15.22 -17.07
C GLY F 396 40.10 15.69 -15.74
N MET F 397 38.77 15.83 -15.68
CA MET F 397 38.07 16.25 -14.46
C MET F 397 38.58 17.62 -13.99
N GLU F 398 38.64 18.59 -14.90
CA GLU F 398 39.17 19.89 -14.56
C GLU F 398 38.32 20.60 -13.52
N ASP F 399 36.99 20.51 -13.64
CA ASP F 399 36.12 21.21 -12.70
C ASP F 399 36.27 20.66 -11.29
N VAL F 400 36.30 19.34 -11.14
CA VAL F 400 36.45 18.74 -9.83
C VAL F 400 37.80 19.12 -9.21
N LYS F 401 38.86 19.09 -10.02
CA LYS F 401 40.17 19.45 -9.52
C LYS F 401 40.22 20.91 -9.09
N LYS F 402 39.62 21.80 -9.88
CA LYS F 402 39.58 23.22 -9.50
C LYS F 402 38.82 23.41 -8.21
N ARG F 403 37.70 22.69 -8.06
CA ARG F 403 36.92 22.80 -6.83
C ARG F 403 37.73 22.34 -5.63
N ILE F 404 38.46 21.23 -5.76
CA ILE F 404 39.25 20.74 -4.64
C ILE F 404 40.42 21.68 -4.33
N LEU F 405 41.08 22.22 -5.35
CA LEU F 405 42.17 23.15 -5.10
C LEU F 405 41.68 24.42 -4.41
N GLU F 406 40.53 24.95 -4.83
CA GLU F 406 40.01 26.14 -4.17
C GLU F 406 39.50 25.83 -2.77
N PHE F 407 39.00 24.60 -2.55
CA PHE F 407 38.66 24.18 -1.20
C PHE F 407 39.89 24.16 -0.31
N ILE F 408 41.01 23.67 -0.84
CA ILE F 408 42.27 23.67 -0.08
C ILE F 408 42.72 25.10 0.21
N ALA F 409 42.57 26.00 -0.77
CA ALA F 409 42.94 27.39 -0.54
C ALA F 409 42.08 28.03 0.54
N VAL F 410 40.77 27.76 0.52
CA VAL F 410 39.88 28.29 1.55
C VAL F 410 40.26 27.74 2.91
N SER F 411 40.60 26.45 2.98
CA SER F 411 41.05 25.87 4.25
C SER F 411 42.34 26.52 4.72
N GLN F 412 43.25 26.84 3.80
CA GLN F 412 44.48 27.54 4.17
C GLN F 412 44.18 28.91 4.75
N LEU F 413 43.28 29.66 4.11
CA LEU F 413 42.93 30.98 4.62
C LEU F 413 42.24 30.89 5.98
N ARG F 414 41.36 29.90 6.16
CA ARG F 414 40.69 29.74 7.45
C ARG F 414 41.67 29.30 8.53
N GLY F 415 42.74 28.60 8.16
CA GLY F 415 43.70 28.14 9.13
C GLY F 415 43.29 26.94 9.94
N SER F 416 42.19 26.29 9.59
CA SER F 416 41.71 25.12 10.30
C SER F 416 40.94 24.23 9.35
N THR F 417 40.77 22.97 9.75
CA THR F 417 40.06 22.01 8.93
C THR F 417 38.59 22.41 8.79
N GLN F 418 37.99 22.01 7.67
CA GLN F 418 36.60 22.34 7.40
C GLN F 418 35.99 21.26 6.53
N GLY F 419 34.66 21.27 6.45
CA GLY F 419 33.94 20.32 5.64
C GLY F 419 32.86 21.01 4.83
N LYS F 420 32.55 20.41 3.69
CA LYS F 420 31.54 20.94 2.79
C LYS F 420 30.80 19.78 2.14
N ILE F 421 29.69 20.11 1.49
CA ILE F 421 28.84 19.11 0.82
C ILE F 421 29.00 19.32 -0.68
N LEU F 422 29.54 18.31 -1.36
CA LEU F 422 29.75 18.34 -2.80
C LEU F 422 28.99 17.19 -3.45
N CYS F 423 28.53 17.41 -4.67
CA CYS F 423 27.79 16.41 -5.42
C CYS F 423 28.44 16.23 -6.79
N PHE F 424 28.83 14.98 -7.11
CA PHE F 424 29.36 14.64 -8.42
C PHE F 424 28.27 13.91 -9.19
N TYR F 425 27.68 14.57 -10.18
CA TYR F 425 26.62 14.00 -10.98
C TYR F 425 27.06 13.86 -12.43
N GLY F 426 26.79 12.72 -13.02
CA GLY F 426 27.18 12.43 -14.38
C GLY F 426 26.88 11.00 -14.78
N PRO F 427 27.18 10.65 -16.02
CA PRO F 427 26.93 9.28 -16.49
C PRO F 427 27.71 8.27 -15.68
N PRO F 428 27.20 7.05 -15.54
CA PRO F 428 27.92 6.04 -14.75
C PRO F 428 29.21 5.63 -15.41
N GLY F 429 30.19 5.28 -14.58
CA GLY F 429 31.47 4.82 -15.09
C GLY F 429 32.43 5.88 -15.54
N VAL F 430 32.17 7.15 -15.22
CA VAL F 430 33.08 8.23 -15.62
C VAL F 430 34.11 8.55 -14.56
N GLY F 431 34.08 7.89 -13.41
CA GLY F 431 35.08 8.08 -12.38
C GLY F 431 34.65 8.83 -11.16
N LYS F 432 33.34 9.04 -10.95
CA LYS F 432 32.88 9.83 -9.82
C LYS F 432 33.25 9.18 -8.49
N THR F 433 33.23 7.84 -8.43
CA THR F 433 33.60 7.15 -7.19
C THR F 433 35.11 7.19 -6.96
N SER F 434 35.89 6.99 -8.02
CA SER F 434 37.34 6.94 -7.86
C SER F 434 37.96 8.31 -7.66
N ILE F 435 37.36 9.36 -8.23
CA ILE F 435 37.89 10.70 -8.03
C ILE F 435 37.77 11.10 -6.57
N ALA F 436 36.73 10.61 -5.88
CA ALA F 436 36.60 10.87 -4.46
C ALA F 436 37.72 10.19 -3.66
N ARG F 437 38.08 8.97 -4.04
CA ARG F 437 39.20 8.30 -3.38
C ARG F 437 40.50 9.05 -3.64
N SER F 438 40.68 9.54 -4.87
CA SER F 438 41.85 10.36 -5.18
C SER F 438 41.88 11.62 -4.34
N ILE F 439 40.72 12.26 -4.15
CA ILE F 439 40.64 13.47 -3.34
C ILE F 439 40.99 13.15 -1.89
N ALA F 440 40.49 12.02 -1.38
CA ALA F 440 40.81 11.62 -0.02
C ALA F 440 42.30 11.38 0.15
N ARG F 441 42.93 10.74 -0.84
CA ARG F 441 44.38 10.54 -0.78
C ARG F 441 45.12 11.87 -0.82
N ALA F 442 44.65 12.81 -1.66
CA ALA F 442 45.31 14.11 -1.78
C ALA F 442 45.20 14.92 -0.50
N LEU F 443 44.06 14.84 0.18
CA LEU F 443 43.84 15.59 1.42
C LEU F 443 44.37 14.87 2.65
N ASN F 444 44.92 13.67 2.49
CA ASN F 444 45.41 12.86 3.61
C ASN F 444 44.27 12.49 4.57
N ARG F 445 43.04 12.55 4.07
CA ARG F 445 41.87 12.18 4.87
C ARG F 445 41.58 10.69 4.73
N GLU F 446 40.73 10.20 5.63
CA GLU F 446 40.22 8.84 5.51
C GLU F 446 39.01 8.83 4.59
N TYR F 447 38.74 7.66 4.02
CA TYR F 447 37.71 7.50 3.00
C TYR F 447 36.71 6.43 3.40
N PHE F 448 35.44 6.67 3.10
CA PHE F 448 34.40 5.67 3.26
C PHE F 448 33.32 5.94 2.23
N ARG F 449 32.67 4.87 1.76
CA ARG F 449 31.59 4.96 0.81
C ARG F 449 30.46 4.03 1.23
N PHE F 450 29.22 4.51 1.13
CA PHE F 450 28.06 3.65 1.27
C PHE F 450 26.98 4.12 0.30
N SER F 451 26.15 3.18 -0.12
CA SER F 451 25.12 3.47 -1.12
C SER F 451 23.77 3.69 -0.45
N VAL F 452 23.01 4.64 -1.01
CA VAL F 452 21.69 4.97 -0.50
C VAL F 452 20.61 4.80 -1.56
N GLY F 453 20.96 4.28 -2.74
CA GLY F 453 19.96 4.03 -3.76
C GLY F 453 19.01 2.90 -3.45
N GLY F 454 19.49 1.87 -2.75
CA GLY F 454 18.67 0.76 -2.32
C GLY F 454 18.13 0.88 -0.91
N MET F 455 18.16 2.07 -0.32
CA MET F 455 17.73 2.30 1.05
C MET F 455 16.34 2.93 1.04
N THR F 456 15.41 2.31 1.75
CA THR F 456 14.07 2.84 1.94
C THR F 456 13.72 3.10 3.39
N ASP F 457 14.45 2.51 4.34
CA ASP F 457 14.25 2.75 5.75
C ASP F 457 15.09 3.94 6.21
N VAL F 458 15.14 4.13 7.53
CA VAL F 458 15.86 5.24 8.14
C VAL F 458 16.84 4.76 9.20
N ALA F 459 16.58 3.58 9.80
CA ALA F 459 17.36 3.10 10.93
C ALA F 459 18.77 2.69 10.57
N GLU F 460 19.03 2.38 9.29
CA GLU F 460 20.34 1.88 8.89
C GLU F 460 21.42 2.93 9.09
N ILE F 461 21.14 4.21 8.82
CA ILE F 461 22.12 5.27 9.00
C ILE F 461 22.20 5.75 10.44
N LYS F 462 21.36 5.23 11.34
CA LYS F 462 21.38 5.64 12.73
C LYS F 462 21.35 4.47 13.71
N GLY F 463 21.24 3.23 13.23
CA GLY F 463 21.32 2.09 14.11
C GLY F 463 20.07 1.86 14.95
N HIS F 464 20.24 1.03 15.97
CA HIS F 464 19.17 0.65 16.87
C HIS F 464 19.59 0.86 18.31
N ARG F 465 18.61 1.11 19.18
CA ARG F 465 18.89 1.42 20.57
C ARG F 465 19.44 0.19 21.29
N ARG F 466 20.20 0.44 22.35
CA ARG F 466 20.96 -0.60 23.04
C ARG F 466 20.06 -1.67 23.66
N THR F 467 18.77 -1.35 23.82
CA THR F 467 17.83 -2.32 24.37
C THR F 467 17.50 -3.44 23.38
N TYR F 468 17.48 -3.15 22.09
CA TYR F 468 17.23 -4.19 21.09
C TYR F 468 18.35 -5.21 21.09
N VAL F 469 17.98 -6.48 20.88
CA VAL F 469 18.96 -7.55 20.82
C VAL F 469 19.73 -7.46 19.50
N GLY F 470 21.05 -7.56 19.60
CA GLY F 470 21.88 -7.47 18.41
C GLY F 470 21.96 -6.09 17.80
N ALA F 471 21.68 -5.04 18.56
CA ALA F 471 21.69 -3.70 18.02
C ALA F 471 23.10 -3.24 17.70
N MET F 472 23.23 -2.46 16.63
CA MET F 472 24.50 -1.90 16.20
C MET F 472 24.29 -0.42 15.91
N PRO F 473 25.31 0.41 16.09
CA PRO F 473 25.13 1.86 15.90
C PRO F 473 25.17 2.30 14.44
N GLY F 474 24.45 1.59 13.58
CA GLY F 474 24.35 2.01 12.20
C GLY F 474 25.68 1.92 11.45
N LYS F 475 25.76 2.73 10.39
CA LYS F 475 26.97 2.75 9.57
C LYS F 475 27.89 3.90 9.92
N ILE F 476 27.34 5.08 10.21
CA ILE F 476 28.15 6.28 10.38
C ILE F 476 29.12 6.12 11.55
N ILE F 477 28.64 5.58 12.67
CA ILE F 477 29.50 5.39 13.82
C ILE F 477 30.61 4.40 13.50
N GLN F 478 30.29 3.36 12.72
CA GLN F 478 31.33 2.42 12.28
C GLN F 478 32.40 3.12 11.46
N CYS F 479 31.99 4.00 10.54
CA CYS F 479 32.94 4.77 9.74
C CYS F 479 33.84 5.61 10.63
N LEU F 480 33.24 6.41 11.51
CA LEU F 480 34.04 7.34 12.30
C LEU F 480 34.92 6.58 13.29
N LYS F 481 34.50 5.38 13.69
CA LYS F 481 35.35 4.53 14.51
C LYS F 481 36.57 4.05 13.72
N LYS F 482 36.35 3.32 12.64
CA LYS F 482 37.46 2.65 11.97
C LYS F 482 38.37 3.64 11.26
N THR F 483 37.86 4.80 10.87
CA THR F 483 38.72 5.84 10.31
C THR F 483 39.57 6.51 11.38
N LYS F 484 39.10 6.49 12.64
CA LYS F 484 39.83 7.08 13.76
C LYS F 484 40.16 8.56 13.52
N THR F 485 39.21 9.28 12.92
CA THR F 485 39.36 10.71 12.71
C THR F 485 37.98 11.35 12.65
N GLU F 486 37.91 12.59 13.12
CA GLU F 486 36.63 13.29 13.14
C GLU F 486 36.30 13.95 11.80
N ASN F 487 37.24 13.95 10.85
CA ASN F 487 36.98 14.56 9.55
C ASN F 487 37.33 13.61 8.40
N PRO F 488 36.62 12.47 8.26
CA PRO F 488 36.85 11.61 7.11
C PRO F 488 36.20 12.16 5.85
N LEU F 489 36.43 11.52 4.71
CA LEU F 489 35.71 11.80 3.49
C LEU F 489 34.65 10.72 3.31
N ILE F 490 33.39 11.12 3.31
CA ILE F 490 32.27 10.20 3.21
C ILE F 490 31.63 10.39 1.84
N LEU F 491 31.55 9.31 1.06
CA LEU F 491 30.94 9.34 -0.25
C LEU F 491 29.51 8.83 -0.12
N ILE F 492 28.54 9.64 -0.53
CA ILE F 492 27.14 9.28 -0.46
C ILE F 492 26.74 8.83 -1.86
N ASP F 493 26.66 7.52 -2.05
CA ASP F 493 26.55 6.96 -3.39
C ASP F 493 25.09 6.73 -3.80
N GLU F 494 24.82 6.95 -5.09
CA GLU F 494 23.53 6.65 -5.70
C GLU F 494 22.41 7.40 -5.01
N VAL F 495 22.61 8.71 -4.81
CA VAL F 495 21.64 9.54 -4.09
C VAL F 495 20.38 9.73 -4.92
N ASP F 496 20.51 9.88 -6.24
CA ASP F 496 19.39 10.23 -7.08
C ASP F 496 18.29 9.17 -7.11
N LYS F 497 18.47 8.03 -6.43
CA LYS F 497 17.46 6.98 -6.40
C LYS F 497 16.98 6.67 -4.97
N ILE F 498 16.70 7.70 -4.17
CA ILE F 498 16.11 7.48 -2.86
C ILE F 498 14.72 6.86 -3.02
N GLY F 499 14.48 5.78 -2.29
CA GLY F 499 13.20 5.10 -2.33
C GLY F 499 12.08 5.90 -1.71
N PRO F 506 13.28 8.58 2.61
CA PRO F 506 14.31 8.91 3.60
C PRO F 506 15.04 10.21 3.28
N SER F 507 14.41 11.08 2.49
CA SER F 507 15.02 12.36 2.14
C SER F 507 15.27 13.21 3.37
N SER F 508 14.29 13.30 4.26
CA SER F 508 14.44 14.13 5.45
C SER F 508 15.57 13.64 6.33
N ALA F 509 15.84 12.33 6.32
CA ALA F 509 17.01 11.81 7.03
C ALA F 509 18.30 12.33 6.42
N LEU F 510 18.31 12.61 5.12
CA LEU F 510 19.50 13.17 4.50
C LEU F 510 19.59 14.68 4.71
N LEU F 511 18.45 15.36 4.84
CA LEU F 511 18.49 16.78 5.17
C LEU F 511 19.13 17.02 6.54
N GLU F 512 18.84 16.18 7.53
CA GLU F 512 19.38 16.39 8.86
C GLU F 512 20.87 16.07 8.96
N LEU F 513 21.46 15.53 7.90
CA LEU F 513 22.89 15.24 7.86
C LEU F 513 23.62 16.12 6.85
N LEU F 514 23.06 16.30 5.66
CA LEU F 514 23.71 17.09 4.62
C LEU F 514 23.21 18.53 4.65
N ASP F 515 23.38 19.20 5.79
CA ASP F 515 22.98 20.59 5.95
C ASP F 515 23.85 21.22 7.04
N PRO F 516 24.63 22.25 6.71
CA PRO F 516 25.53 22.84 7.72
C PRO F 516 24.81 23.45 8.91
N GLU F 517 23.53 23.79 8.80
CA GLU F 517 22.81 24.35 9.94
C GLU F 517 22.55 23.33 11.03
N GLN F 518 22.56 22.03 10.70
CA GLN F 518 22.33 20.99 11.69
C GLN F 518 23.41 19.90 11.70
N ASN F 519 24.35 19.91 10.75
CA ASN F 519 25.38 18.88 10.71
C ASN F 519 26.31 18.95 11.92
N ALA F 520 26.38 20.10 12.59
CA ALA F 520 27.26 20.25 13.74
C ALA F 520 26.82 19.41 14.94
N ASN F 521 25.59 18.88 14.92
CA ASN F 521 25.10 18.05 16.04
C ASN F 521 24.16 16.99 15.45
N PHE F 522 24.73 15.80 15.22
CA PHE F 522 24.00 14.67 14.67
C PHE F 522 23.91 13.58 15.73
N LEU F 523 22.69 13.14 16.03
CA LEU F 523 22.45 12.21 17.12
C LEU F 523 22.24 10.80 16.57
N ASP F 524 23.00 9.86 17.11
CA ASP F 524 22.81 8.45 16.81
C ASP F 524 21.76 7.86 17.74
N HIS F 525 21.18 6.73 17.33
CA HIS F 525 20.13 6.09 18.13
C HIS F 525 20.66 5.02 19.07
N TYR F 526 21.76 4.35 18.73
CA TYR F 526 22.37 3.43 19.68
C TYR F 526 22.98 4.19 20.85
N LEU F 527 23.69 5.28 20.57
CA LEU F 527 24.19 6.19 21.58
C LEU F 527 23.67 7.59 21.25
N ASP F 528 23.02 8.23 22.22
CA ASP F 528 22.34 9.49 21.97
C ASP F 528 23.26 10.69 21.93
N VAL F 529 24.57 10.49 22.03
CA VAL F 529 25.50 11.63 22.03
C VAL F 529 25.49 12.27 20.64
N PRO F 530 25.25 13.58 20.54
CA PRO F 530 25.32 14.25 19.23
C PRO F 530 26.76 14.51 18.79
N VAL F 531 27.21 13.80 17.78
CA VAL F 531 28.58 13.96 17.28
C VAL F 531 28.65 15.14 16.33
N ASP F 532 29.80 15.80 16.31
CA ASP F 532 30.03 16.96 15.43
C ASP F 532 30.62 16.45 14.12
N LEU F 533 29.87 16.63 13.03
CA LEU F 533 30.32 16.23 11.70
C LEU F 533 30.43 17.41 10.75
N SER F 534 30.63 18.63 11.26
CA SER F 534 30.77 19.79 10.40
C SER F 534 32.06 19.76 9.58
N LYS F 535 33.10 19.10 10.10
CA LYS F 535 34.37 19.00 9.37
C LYS F 535 34.38 17.91 8.31
N VAL F 536 33.36 17.05 8.29
CA VAL F 536 33.34 15.94 7.35
C VAL F 536 33.01 16.44 5.95
N LEU F 537 33.80 16.00 4.97
CA LEU F 537 33.59 16.35 3.58
C LEU F 537 32.69 15.29 2.95
N PHE F 538 31.44 15.69 2.64
CA PHE F 538 30.46 14.77 2.08
C PHE F 538 30.49 14.90 0.55
N ILE F 539 30.82 13.80 -0.13
CA ILE F 539 30.87 13.77 -1.59
C ILE F 539 29.64 13.02 -2.06
N CYS F 540 28.62 13.77 -2.46
CA CYS F 540 27.42 13.17 -3.03
C CYS F 540 27.72 12.64 -4.43
N THR F 541 27.00 11.58 -4.82
CA THR F 541 27.14 10.97 -6.12
C THR F 541 25.77 10.65 -6.68
N ALA F 542 25.55 11.02 -7.94
CA ALA F 542 24.26 10.80 -8.59
C ALA F 542 24.47 10.74 -10.09
N ASN F 543 23.41 10.34 -10.80
CA ASN F 543 23.49 10.22 -12.26
C ASN F 543 22.81 11.40 -12.96
N VAL F 544 21.69 11.88 -12.42
CA VAL F 544 20.97 13.02 -12.99
C VAL F 544 20.41 13.85 -11.84
N THR F 545 20.42 15.17 -12.02
CA THR F 545 20.04 16.08 -10.94
C THR F 545 18.52 16.16 -10.75
N ASP F 546 17.76 16.06 -11.85
CA ASP F 546 16.34 16.38 -11.81
C ASP F 546 15.54 15.45 -10.91
N THR F 547 15.99 14.22 -10.71
CA THR F 547 15.29 13.30 -9.83
C THR F 547 15.72 13.41 -8.37
N ILE F 548 16.83 14.09 -8.10
CA ILE F 548 17.21 14.35 -6.71
C ILE F 548 16.14 15.22 -6.07
N PRO F 549 15.71 14.93 -4.84
CA PRO F 549 14.66 15.75 -4.22
C PRO F 549 15.07 17.21 -4.08
N GLU F 550 14.08 18.09 -4.16
CA GLU F 550 14.32 19.53 -4.17
C GLU F 550 15.14 20.03 -2.99
N PRO F 551 14.88 19.63 -1.73
CA PRO F 551 15.72 20.15 -0.65
C PRO F 551 17.16 19.66 -0.70
N LEU F 552 17.37 18.38 -1.01
CA LEU F 552 18.73 17.84 -1.02
C LEU F 552 19.58 18.50 -2.11
N ARG F 553 19.05 18.56 -3.34
CA ARG F 553 19.81 19.16 -4.44
C ARG F 553 20.05 20.64 -4.22
N ASP F 554 19.26 21.28 -3.36
CA ASP F 554 19.34 22.72 -3.19
C ASP F 554 20.45 23.11 -2.23
N ARG F 555 20.73 22.26 -1.25
CA ARG F 555 21.71 22.54 -0.21
C ARG F 555 23.06 21.86 -0.44
N MET F 556 23.28 21.27 -1.61
CA MET F 556 24.58 20.70 -1.96
C MET F 556 24.99 21.21 -3.34
N GLU F 557 26.30 21.33 -3.53
CA GLU F 557 26.85 21.94 -4.74
C GLU F 557 26.89 20.93 -5.88
N MET F 558 26.43 21.36 -7.05
CA MET F 558 26.42 20.52 -8.25
C MET F 558 27.74 20.66 -8.98
N ILE F 559 28.49 19.57 -9.07
CA ILE F 559 29.70 19.49 -9.89
C ILE F 559 29.46 18.39 -10.93
N ASN F 560 29.56 18.76 -12.20
CA ASN F 560 29.25 17.84 -13.29
C ASN F 560 30.51 17.10 -13.73
N VAL F 561 30.43 15.78 -13.78
CA VAL F 561 31.53 14.93 -14.26
C VAL F 561 31.07 14.38 -15.60
N SER F 562 31.48 15.03 -16.68
CA SER F 562 30.99 14.69 -18.00
C SER F 562 31.69 13.43 -18.53
N GLY F 563 31.17 12.91 -19.64
CA GLY F 563 31.71 11.73 -20.25
C GLY F 563 32.99 12.01 -21.03
N TYR F 564 33.42 11.00 -21.78
CA TYR F 564 34.69 11.05 -22.49
C TYR F 564 34.48 10.73 -23.96
N VAL F 565 35.27 11.40 -24.82
CA VAL F 565 35.33 11.10 -26.24
C VAL F 565 36.29 9.94 -26.45
N ALA F 566 36.36 9.43 -27.69
CA ALA F 566 37.13 8.23 -27.96
C ALA F 566 38.61 8.39 -27.60
N GLN F 567 39.20 9.53 -27.93
CA GLN F 567 40.62 9.72 -27.62
C GLN F 567 40.86 9.81 -26.12
N GLU F 568 39.96 10.46 -25.38
CA GLU F 568 40.08 10.46 -23.93
C GLU F 568 39.93 9.06 -23.35
N LYS F 569 39.02 8.26 -23.90
CA LYS F 569 38.88 6.88 -23.47
C LYS F 569 40.17 6.09 -23.73
N LEU F 570 40.78 6.31 -24.89
CA LEU F 570 42.03 5.63 -25.21
C LEU F 570 43.14 6.04 -24.24
N ALA F 571 43.22 7.33 -23.92
CA ALA F 571 44.23 7.79 -22.97
C ALA F 571 44.00 7.18 -21.59
N ILE F 572 42.74 7.15 -21.13
CA ILE F 572 42.44 6.58 -19.82
C ILE F 572 42.79 5.10 -19.80
N ALA F 573 42.44 4.38 -20.86
CA ALA F 573 42.71 2.95 -20.92
C ALA F 573 44.20 2.66 -20.92
N GLU F 574 44.96 3.40 -21.74
CA GLU F 574 46.40 3.16 -21.82
C GLU F 574 47.09 3.52 -20.51
N ARG F 575 46.70 4.63 -19.87
CA ARG F 575 47.40 5.08 -18.69
C ARG F 575 46.90 4.40 -17.42
N TYR F 576 45.59 4.14 -17.31
CA TYR F 576 45.04 3.70 -16.04
C TYR F 576 44.40 2.31 -16.10
N LEU F 577 43.47 2.09 -17.03
CA LEU F 577 42.70 0.86 -17.03
C LEU F 577 43.58 -0.36 -17.28
N VAL F 578 44.39 -0.33 -18.34
CA VAL F 578 45.24 -1.47 -18.70
C VAL F 578 46.26 -1.74 -17.61
N PRO F 579 47.02 -0.74 -17.11
CA PRO F 579 47.97 -1.03 -16.02
C PRO F 579 47.31 -1.60 -14.78
N GLN F 580 46.14 -1.09 -14.39
CA GLN F 580 45.48 -1.58 -13.18
C GLN F 580 44.99 -3.01 -13.37
N ALA F 581 44.36 -3.30 -14.51
CA ALA F 581 43.88 -4.64 -14.77
C ALA F 581 45.04 -5.62 -14.90
N ARG F 582 46.18 -5.15 -15.42
CA ARG F 582 47.37 -6.01 -15.51
C ARG F 582 47.94 -6.29 -14.12
N ALA F 583 47.98 -5.27 -13.27
CA ALA F 583 48.54 -5.46 -11.92
C ALA F 583 47.66 -6.37 -11.08
N LEU F 584 46.33 -6.23 -11.17
CA LEU F 584 45.46 -7.07 -10.37
C LEU F 584 45.48 -8.51 -10.85
N CYS F 585 45.77 -8.75 -12.13
CA CYS F 585 45.92 -10.09 -12.64
C CYS F 585 47.30 -10.69 -12.39
N GLY F 586 48.22 -9.92 -11.80
CA GLY F 586 49.53 -10.45 -11.49
C GLY F 586 50.52 -10.45 -12.64
N LEU F 587 50.18 -9.85 -13.78
CA LEU F 587 51.08 -9.84 -14.92
C LEU F 587 51.94 -8.57 -14.90
N ASP F 588 52.78 -8.45 -15.93
CA ASP F 588 53.58 -7.26 -16.15
C ASP F 588 53.60 -6.96 -17.65
N GLU F 589 54.17 -5.81 -18.00
CA GLU F 589 54.16 -5.36 -19.39
C GLU F 589 54.92 -6.31 -20.33
N SER F 590 55.82 -7.13 -19.81
CA SER F 590 56.57 -8.04 -20.66
C SER F 590 55.75 -9.24 -21.11
N LYS F 591 54.83 -9.70 -20.27
CA LYS F 591 54.02 -10.88 -20.59
C LYS F 591 52.83 -10.56 -21.48
N ALA F 592 52.11 -9.49 -21.20
CA ALA F 592 50.93 -9.13 -21.98
C ALA F 592 51.03 -7.68 -22.42
N LYS F 593 50.82 -7.45 -23.71
CA LYS F 593 50.87 -6.11 -24.29
C LYS F 593 49.56 -5.83 -24.99
N LEU F 594 48.97 -4.67 -24.70
CA LEU F 594 47.76 -4.21 -25.35
C LEU F 594 48.10 -3.04 -26.26
N SER F 595 47.86 -3.21 -27.56
CA SER F 595 48.20 -2.18 -28.52
C SER F 595 47.09 -1.13 -28.61
N SER F 596 47.45 0.05 -29.12
CA SER F 596 46.48 1.12 -29.26
C SER F 596 45.34 0.73 -30.20
N ASP F 597 45.63 -0.07 -31.22
CA ASP F 597 44.58 -0.52 -32.14
C ASP F 597 43.56 -1.40 -31.42
N VAL F 598 44.03 -2.27 -30.52
CA VAL F 598 43.12 -3.14 -29.79
C VAL F 598 42.20 -2.32 -28.89
N LEU F 599 42.77 -1.33 -28.18
CA LEU F 599 41.94 -0.49 -27.32
C LEU F 599 40.96 0.35 -28.15
N THR F 600 41.40 0.81 -29.32
CA THR F 600 40.50 1.55 -30.20
C THR F 600 39.35 0.68 -30.67
N LEU F 601 39.64 -0.58 -31.02
CA LEU F 601 38.57 -1.50 -31.39
C LEU F 601 37.62 -1.75 -30.23
N LEU F 602 38.16 -1.93 -29.02
CA LEU F 602 37.31 -2.15 -27.86
C LEU F 602 36.41 -0.96 -27.59
N ILE F 603 36.96 0.26 -27.73
CA ILE F 603 36.17 1.47 -27.48
C ILE F 603 35.10 1.64 -28.54
N LYS F 604 35.48 1.48 -29.82
CA LYS F 604 34.58 1.79 -30.91
C LYS F 604 33.52 0.70 -31.12
N GLN F 605 33.87 -0.56 -30.91
CA GLN F 605 32.97 -1.66 -31.21
C GLN F 605 32.50 -2.41 -29.98
N TYR F 606 33.42 -2.93 -29.17
CA TYR F 606 33.05 -3.78 -28.05
C TYR F 606 32.41 -3.03 -26.90
N CYS F 607 32.29 -1.70 -26.98
CA CYS F 607 31.65 -0.91 -25.95
C CYS F 607 30.86 0.23 -26.59
N ARG F 608 29.78 0.64 -25.91
CA ARG F 608 29.01 1.81 -26.31
C ARG F 608 28.48 2.45 -25.03
N GLU F 609 29.23 3.44 -24.52
CA GLU F 609 28.89 4.09 -23.27
C GLU F 609 29.65 5.41 -23.20
N SER F 610 29.23 6.26 -22.26
CA SER F 610 29.97 7.49 -22.00
C SER F 610 31.12 7.26 -21.03
N GLY F 611 31.01 6.24 -20.18
CA GLY F 611 32.05 5.91 -19.23
C GLY F 611 33.05 4.91 -19.79
N VAL F 612 33.77 4.24 -18.87
CA VAL F 612 34.78 3.27 -19.25
C VAL F 612 34.59 1.98 -18.46
N ARG F 613 33.41 1.80 -17.86
CA ARG F 613 33.16 0.60 -17.08
C ARG F 613 33.19 -0.66 -17.94
N ASN F 614 32.46 -0.65 -19.07
CA ASN F 614 32.48 -1.81 -19.96
C ASN F 614 33.84 -1.98 -20.59
N LEU F 615 34.53 -0.88 -20.90
CA LEU F 615 35.90 -0.97 -21.40
C LEU F 615 36.81 -1.63 -20.36
N GLN F 616 36.64 -1.25 -19.10
CA GLN F 616 37.43 -1.88 -18.03
C GLN F 616 37.14 -3.37 -17.94
N LYS F 617 35.86 -3.75 -18.04
CA LYS F 617 35.52 -5.16 -17.99
C LYS F 617 36.14 -5.93 -19.15
N GLN F 618 36.09 -5.37 -20.36
CA GLN F 618 36.70 -6.02 -21.50
C GLN F 618 38.20 -6.16 -21.33
N VAL F 619 38.86 -5.12 -20.80
CA VAL F 619 40.30 -5.18 -20.59
C VAL F 619 40.65 -6.26 -19.56
N GLU F 620 39.87 -6.33 -18.48
CA GLU F 620 40.10 -7.38 -17.49
C GLU F 620 39.89 -8.77 -18.09
N LYS F 621 38.87 -8.92 -18.94
CA LYS F 621 38.66 -10.20 -19.60
C LYS F 621 39.84 -10.57 -20.48
N VAL F 622 40.35 -9.62 -21.26
CA VAL F 622 41.49 -9.89 -22.14
C VAL F 622 42.70 -10.31 -21.33
N LEU F 623 42.99 -9.56 -20.25
CA LEU F 623 44.18 -9.86 -19.46
C LEU F 623 44.03 -11.16 -18.67
N ARG F 624 42.80 -11.50 -18.25
CA ARG F 624 42.58 -12.76 -17.57
C ARG F 624 42.76 -13.95 -18.50
N LYS F 625 42.27 -13.83 -19.74
CA LYS F 625 42.51 -14.89 -20.72
C LYS F 625 43.99 -14.99 -21.06
N SER F 626 44.68 -13.84 -21.12
CA SER F 626 46.12 -13.86 -21.33
C SER F 626 46.84 -14.57 -20.20
N ALA F 627 46.41 -14.33 -18.95
CA ALA F 627 46.99 -15.03 -17.82
C ALA F 627 46.73 -16.53 -17.91
N TYR F 628 45.54 -16.92 -18.31
CA TYR F 628 45.24 -18.34 -18.49
C TYR F 628 46.15 -18.96 -19.54
N LYS F 629 46.35 -18.24 -20.65
CA LYS F 629 47.26 -18.75 -21.69
C LYS F 629 48.68 -18.87 -21.16
N ILE F 630 49.12 -17.91 -20.34
CA ILE F 630 50.48 -17.93 -19.81
C ILE F 630 50.68 -19.12 -18.88
N VAL F 631 49.75 -19.30 -17.93
CA VAL F 631 49.92 -20.35 -16.93
C VAL F 631 49.77 -21.73 -17.56
N SER F 632 48.86 -21.88 -18.52
CA SER F 632 48.64 -23.17 -19.16
C SER F 632 49.81 -23.60 -20.04
N GLY F 633 50.77 -22.71 -20.29
CA GLY F 633 51.91 -23.06 -21.11
C GLY F 633 51.69 -22.92 -22.60
N GLU F 634 50.59 -22.30 -23.02
CA GLU F 634 50.36 -22.10 -24.45
C GLU F 634 51.38 -21.14 -25.05
N ALA F 635 51.81 -20.13 -24.30
CA ALA F 635 52.83 -19.20 -24.78
C ALA F 635 53.49 -18.54 -23.58
N GLU F 636 54.76 -18.20 -23.76
CA GLU F 636 55.51 -17.50 -22.72
C GLU F 636 55.17 -16.01 -22.66
N SER F 637 54.72 -15.43 -23.77
CA SER F 637 54.29 -14.04 -23.79
C SER F 637 53.25 -13.89 -24.88
N VAL F 638 52.31 -12.98 -24.66
CA VAL F 638 51.19 -12.76 -25.57
C VAL F 638 51.09 -11.28 -25.89
N GLU F 639 50.97 -10.98 -27.18
CA GLU F 639 50.71 -9.62 -27.66
C GLU F 639 49.32 -9.61 -28.29
N VAL F 640 48.43 -8.81 -27.73
CA VAL F 640 47.06 -8.71 -28.24
C VAL F 640 47.07 -7.80 -29.47
N THR F 641 46.51 -8.30 -30.56
CA THR F 641 46.52 -7.60 -31.84
C THR F 641 45.12 -7.68 -32.42
N PRO F 642 44.74 -6.73 -33.29
CA PRO F 642 43.40 -6.80 -33.88
C PRO F 642 43.15 -8.05 -34.70
N GLU F 643 44.21 -8.76 -35.13
CA GLU F 643 44.01 -9.99 -35.89
C GLU F 643 43.54 -11.14 -35.01
N ASN F 644 43.98 -11.20 -33.76
CA ASN F 644 43.58 -12.27 -32.85
C ASN F 644 42.71 -11.80 -31.69
N LEU F 645 42.05 -10.64 -31.83
CA LEU F 645 41.25 -10.10 -30.73
C LEU F 645 40.03 -10.95 -30.46
N GLN F 646 39.42 -11.52 -31.50
CA GLN F 646 38.28 -12.41 -31.32
C GLN F 646 38.61 -13.63 -30.49
N ASP F 647 39.88 -14.06 -30.49
CA ASP F 647 40.28 -15.18 -29.64
C ASP F 647 40.15 -14.84 -28.16
N PHE F 648 40.06 -13.55 -27.81
CA PHE F 648 39.92 -13.11 -26.43
C PHE F 648 38.51 -12.62 -26.11
N VAL F 649 37.93 -11.78 -26.98
CA VAL F 649 36.63 -11.17 -26.70
C VAL F 649 35.55 -11.63 -27.65
N GLY F 650 35.83 -12.56 -28.55
CA GLY F 650 34.81 -13.07 -29.43
C GLY F 650 34.45 -12.10 -30.55
N LYS F 651 33.30 -12.35 -31.16
CA LYS F 651 32.86 -11.52 -32.26
C LYS F 651 32.49 -10.12 -31.76
N PRO F 652 32.66 -9.11 -32.61
CA PRO F 652 32.39 -7.73 -32.17
C PRO F 652 30.90 -7.49 -31.98
N VAL F 653 30.56 -6.89 -30.84
CA VAL F 653 29.22 -6.37 -30.59
C VAL F 653 29.20 -4.94 -31.11
N PHE F 654 28.01 -4.38 -31.31
CA PHE F 654 27.85 -3.03 -31.88
C PHE F 654 28.59 -2.92 -33.22
N THR F 655 28.25 -3.81 -34.15
CA THR F 655 28.92 -3.86 -35.44
C THR F 655 28.66 -2.62 -36.29
N VAL F 656 27.66 -1.81 -35.95
CA VAL F 656 27.32 -0.62 -36.72
C VAL F 656 27.42 0.59 -35.82
N GLU F 657 28.09 1.64 -36.32
CA GLU F 657 28.33 2.83 -35.50
C GLU F 657 27.09 3.71 -35.40
N ARG F 658 26.19 3.65 -36.38
CA ARG F 658 25.07 4.56 -36.43
C ARG F 658 23.96 3.93 -37.25
N MET F 659 22.71 4.20 -36.87
CA MET F 659 21.57 3.55 -37.51
C MET F 659 21.49 3.90 -38.98
N TYR F 660 21.69 5.17 -39.33
CA TYR F 660 21.63 5.63 -40.71
C TYR F 660 22.97 6.21 -41.11
N ASP F 661 23.55 5.67 -42.19
CA ASP F 661 24.74 6.29 -42.76
C ASP F 661 24.36 7.43 -43.70
N VAL F 662 23.44 7.18 -44.62
CA VAL F 662 22.84 8.21 -45.47
C VAL F 662 21.35 8.24 -45.16
N THR F 663 20.88 9.40 -44.72
CA THR F 663 19.50 9.51 -44.24
C THR F 663 18.54 9.69 -45.42
N PRO F 664 17.52 8.85 -45.53
CA PRO F 664 16.46 9.09 -46.52
C PRO F 664 15.79 10.43 -46.29
N PRO F 665 14.96 10.90 -47.22
CA PRO F 665 14.33 12.22 -47.05
C PRO F 665 13.54 12.39 -45.76
N GLY F 666 12.83 11.37 -45.32
CA GLY F 666 11.92 11.56 -44.20
C GLY F 666 12.52 11.47 -42.82
N VAL F 667 13.80 11.17 -42.68
CA VAL F 667 14.41 10.90 -41.39
C VAL F 667 15.46 11.97 -41.10
N VAL F 668 15.51 12.42 -39.85
CA VAL F 668 16.43 13.47 -39.41
C VAL F 668 17.10 13.01 -38.12
N MET F 669 18.40 13.29 -38.02
CA MET F 669 19.17 12.91 -36.84
C MET F 669 18.81 13.79 -35.66
N GLY F 670 18.85 13.20 -34.46
CA GLY F 670 18.58 13.95 -33.25
C GLY F 670 19.54 13.54 -32.15
N LEU F 671 19.45 14.25 -31.03
CA LEU F 671 20.28 13.99 -29.86
C LEU F 671 19.40 13.81 -28.63
N ALA F 672 19.85 12.95 -27.71
CA ALA F 672 19.10 12.65 -26.51
C ALA F 672 20.04 12.65 -25.31
N TRP F 673 19.46 12.85 -24.13
CA TRP F 673 20.21 12.83 -22.89
C TRP F 673 19.43 12.04 -21.84
N THR F 674 20.10 11.08 -21.21
CA THR F 674 19.48 10.22 -20.22
C THR F 674 20.40 10.09 -19.03
N ALA F 675 19.96 9.29 -18.04
CA ALA F 675 20.79 9.04 -16.86
C ALA F 675 22.04 8.24 -17.19
N MET F 676 22.04 7.52 -18.32
CA MET F 676 23.19 6.75 -18.75
C MET F 676 24.12 7.54 -19.66
N GLY F 677 23.87 8.82 -19.84
CA GLY F 677 24.65 9.64 -20.74
C GLY F 677 23.89 9.98 -22.01
N GLY F 678 24.56 10.74 -22.87
CA GLY F 678 23.95 11.17 -24.11
C GLY F 678 23.87 10.06 -25.13
N SER F 679 22.93 10.20 -26.06
CA SER F 679 22.73 9.24 -27.13
C SER F 679 22.14 9.97 -28.33
N THR F 680 22.25 9.33 -29.49
CA THR F 680 21.74 9.88 -30.74
C THR F 680 20.47 9.15 -31.13
N LEU F 681 19.39 9.90 -31.31
CA LEU F 681 18.13 9.35 -31.79
C LEU F 681 17.85 9.82 -33.20
N PHE F 682 16.89 9.18 -33.83
CA PHE F 682 16.41 9.56 -35.16
C PHE F 682 14.90 9.72 -35.13
N VAL F 683 14.39 10.54 -36.03
CA VAL F 683 12.95 10.76 -36.18
C VAL F 683 12.56 10.34 -37.58
N GLU F 684 11.75 9.29 -37.68
CA GLU F 684 11.32 8.75 -38.96
C GLU F 684 9.88 9.15 -39.24
N THR F 685 9.64 9.63 -40.45
CA THR F 685 8.30 9.98 -40.90
C THR F 685 8.07 9.35 -42.27
N SER F 686 6.81 8.99 -42.53
CA SER F 686 6.43 8.43 -43.82
C SER F 686 4.93 8.56 -44.00
N LEU F 687 4.49 8.39 -45.24
CA LEU F 687 3.06 8.41 -45.54
C LEU F 687 2.38 7.21 -44.92
N ARG F 688 1.21 7.44 -44.35
CA ARG F 688 0.37 6.37 -43.82
C ARG F 688 -0.78 6.01 -44.75
N ARG F 689 -1.11 6.88 -45.69
CA ARG F 689 -2.16 6.66 -46.68
C ARG F 689 -1.60 6.91 -48.06
N PRO F 690 -2.11 6.20 -49.08
CA PRO F 690 -1.50 6.32 -50.42
C PRO F 690 -1.69 7.66 -51.09
N GLN F 691 -2.64 8.47 -50.65
CA GLN F 691 -2.93 9.73 -51.33
C GLN F 691 -1.83 10.74 -51.07
N ASP F 692 -1.24 11.27 -52.15
CA ASP F 692 -0.21 12.29 -52.08
C ASP F 692 0.94 11.90 -51.15
N LYS F 699 -12.01 17.39 -45.13
CA LYS F 699 -11.01 16.41 -44.73
C LYS F 699 -9.62 17.05 -44.66
N ASP F 700 -8.81 16.56 -43.73
CA ASP F 700 -7.47 17.10 -43.53
C ASP F 700 -6.54 15.97 -43.12
N GLY F 701 -5.24 16.27 -43.13
CA GLY F 701 -4.24 15.30 -42.76
C GLY F 701 -4.21 15.05 -41.26
N SER F 702 -3.42 14.05 -40.88
CA SER F 702 -3.31 13.65 -39.49
C SER F 702 -1.90 13.15 -39.22
N LEU F 703 -1.53 13.15 -37.95
CA LEU F 703 -0.21 12.69 -37.53
C LEU F 703 -0.37 11.62 -36.45
N GLU F 704 0.08 10.41 -36.77
CA GLU F 704 0.16 9.35 -35.76
C GLU F 704 1.56 9.36 -35.17
N VAL F 705 1.64 9.17 -33.85
CA VAL F 705 2.89 9.26 -33.12
C VAL F 705 3.09 7.98 -32.33
N THR F 706 4.18 7.27 -32.61
CA THR F 706 4.54 6.06 -31.89
C THR F 706 6.00 6.13 -31.49
N GLY F 707 6.41 5.20 -30.64
CA GLY F 707 7.80 5.14 -30.21
C GLY F 707 7.99 5.33 -28.72
N GLN F 708 6.96 4.98 -27.93
CA GLN F 708 6.99 5.12 -26.48
C GLN F 708 7.28 6.55 -26.05
N LEU F 709 6.75 7.51 -26.79
CA LEU F 709 6.96 8.92 -26.47
C LEU F 709 6.14 9.30 -25.25
N GLY F 710 6.70 10.18 -24.43
CA GLY F 710 6.01 10.67 -23.26
C GLY F 710 4.97 11.72 -23.61
N GLU F 711 4.20 12.12 -22.60
CA GLU F 711 3.14 13.09 -22.81
C GLU F 711 3.70 14.45 -23.23
N VAL F 712 4.77 14.89 -22.56
CA VAL F 712 5.42 16.14 -22.94
C VAL F 712 5.97 16.02 -24.36
N MET F 713 6.52 14.85 -24.71
CA MET F 713 7.03 14.66 -26.06
C MET F 713 5.92 14.60 -27.10
N LYS F 714 4.77 14.02 -26.74
CA LYS F 714 3.61 14.06 -27.64
C LYS F 714 3.15 15.49 -27.88
N GLU F 715 3.10 16.29 -26.81
CA GLU F 715 2.71 17.69 -26.98
C GLU F 715 3.73 18.44 -27.84
N SER F 716 5.02 18.16 -27.63
CA SER F 716 6.06 18.75 -28.47
C SER F 716 5.87 18.36 -29.93
N ALA F 717 5.50 17.11 -30.18
CA ALA F 717 5.23 16.66 -31.54
C ALA F 717 4.04 17.38 -32.15
N ARG F 718 2.98 17.61 -31.36
CA ARG F 718 1.83 18.35 -31.86
C ARG F 718 2.20 19.79 -32.20
N ILE F 719 2.96 20.45 -31.32
CA ILE F 719 3.41 21.82 -31.58
C ILE F 719 4.28 21.86 -32.82
N ALA F 720 5.17 20.89 -32.96
CA ALA F 720 6.04 20.82 -34.13
C ALA F 720 5.25 20.61 -35.40
N TYR F 721 4.22 19.76 -35.36
CA TYR F 721 3.38 19.54 -36.53
C TYR F 721 2.65 20.82 -36.93
N THR F 722 2.07 21.53 -35.96
CA THR F 722 1.38 22.77 -36.26
C THR F 722 2.32 23.81 -36.85
N PHE F 723 3.51 23.96 -36.24
CA PHE F 723 4.46 24.94 -36.75
C PHE F 723 4.98 24.55 -38.13
N ALA F 724 5.17 23.25 -38.38
CA ALA F 724 5.62 22.82 -39.70
C ALA F 724 4.58 23.13 -40.76
N ARG F 725 3.30 22.89 -40.45
CA ARG F 725 2.23 23.25 -41.39
C ARG F 725 2.23 24.75 -41.64
N ALA F 726 2.34 25.55 -40.58
CA ALA F 726 2.33 27.01 -40.74
C ALA F 726 3.52 27.47 -41.56
N PHE F 727 4.70 26.91 -41.30
CA PHE F 727 5.91 27.29 -42.02
C PHE F 727 5.81 26.92 -43.49
N LEU F 728 5.24 25.75 -43.80
CA LEU F 728 5.09 25.35 -45.19
C LEU F 728 4.03 26.19 -45.90
N MET F 729 3.06 26.75 -45.16
CA MET F 729 2.11 27.65 -45.80
C MET F 729 2.81 28.88 -46.38
N GLN F 730 3.85 29.37 -45.73
CA GLN F 730 4.51 30.59 -46.17
C GLN F 730 5.76 30.35 -47.02
N HIS F 731 6.50 29.27 -46.77
CA HIS F 731 7.68 28.99 -47.57
C HIS F 731 7.29 28.49 -48.96
N ALA F 732 6.27 27.65 -49.04
CA ALA F 732 5.80 27.11 -50.32
C ALA F 732 4.29 26.93 -50.24
N PRO F 733 3.53 27.98 -50.56
CA PRO F 733 2.07 27.89 -50.44
C PRO F 733 1.44 26.79 -51.28
N ALA F 734 2.08 26.39 -52.38
CA ALA F 734 1.52 25.34 -53.23
C ALA F 734 1.67 23.95 -52.62
N ASN F 735 2.44 23.82 -51.55
CA ASN F 735 2.72 22.50 -50.97
C ASN F 735 1.56 22.09 -50.07
N ASP F 736 0.71 21.18 -50.55
CA ASP F 736 -0.48 20.76 -49.77
C ASP F 736 -0.17 19.50 -48.98
N TYR F 737 1.05 19.00 -49.07
CA TYR F 737 1.42 17.73 -48.43
C TYR F 737 1.05 17.73 -46.95
N LEU F 738 1.65 18.62 -46.16
CA LEU F 738 1.44 18.58 -44.72
C LEU F 738 -0.01 18.82 -44.32
N VAL F 739 -0.77 19.58 -45.13
CA VAL F 739 -2.14 19.90 -44.75
C VAL F 739 -3.14 18.83 -45.18
N THR F 740 -2.80 17.97 -46.13
CA THR F 740 -3.72 16.90 -46.51
C THR F 740 -3.23 15.49 -46.27
N SER F 741 -1.92 15.24 -46.30
CA SER F 741 -1.41 13.88 -46.19
C SER F 741 -1.48 13.38 -44.75
N HIS F 742 -1.64 12.07 -44.61
CA HIS F 742 -1.66 11.39 -43.33
C HIS F 742 -0.26 10.85 -43.05
N ILE F 743 0.32 11.25 -41.92
CA ILE F 743 1.73 11.03 -41.63
C ILE F 743 1.86 10.20 -40.37
N HIS F 744 2.80 9.26 -40.39
CA HIS F 744 3.18 8.48 -39.21
C HIS F 744 4.58 8.90 -38.79
N LEU F 745 4.74 9.19 -37.51
CA LEU F 745 6.03 9.59 -36.95
C LEU F 745 6.48 8.57 -35.93
N HIS F 746 7.69 8.05 -36.10
CA HIS F 746 8.24 7.03 -35.22
C HIS F 746 9.67 7.38 -34.84
N VAL F 747 10.05 7.00 -33.62
CA VAL F 747 11.42 7.12 -33.14
C VAL F 747 11.96 5.71 -32.97
N PRO F 748 12.92 5.28 -33.79
CA PRO F 748 13.21 3.84 -33.94
C PRO F 748 13.61 3.10 -32.67
N GLU F 749 13.79 3.80 -31.55
CA GLU F 749 13.97 3.13 -30.26
C GLU F 749 12.59 2.86 -29.67
N GLY F 750 11.90 1.90 -30.28
CA GLY F 750 10.50 1.68 -29.99
C GLY F 750 10.21 1.07 -28.64
N ALA F 751 11.21 0.46 -28.01
CA ALA F 751 11.01 -0.19 -26.72
C ALA F 751 11.53 0.62 -25.55
N THR F 752 12.24 1.72 -25.80
CA THR F 752 12.80 2.53 -24.72
C THR F 752 11.94 3.76 -24.50
N PRO F 753 11.48 4.01 -23.27
CA PRO F 753 10.68 5.21 -23.00
C PRO F 753 11.53 6.47 -23.19
N LYS F 754 10.96 7.45 -23.88
CA LYS F 754 11.64 8.70 -24.14
C LYS F 754 10.66 9.86 -23.96
N ASP F 755 11.17 10.96 -23.40
CA ASP F 755 10.33 12.12 -23.12
C ASP F 755 11.18 13.38 -23.15
N GLY F 756 10.51 14.51 -23.28
CA GLY F 756 11.18 15.80 -23.30
C GLY F 756 10.90 16.57 -24.57
N PRO F 757 10.87 17.90 -24.46
CA PRO F 757 10.56 18.74 -25.63
C PRO F 757 11.75 19.08 -26.50
N SER F 758 12.93 18.53 -26.20
CA SER F 758 14.15 18.89 -26.92
C SER F 758 14.16 18.44 -28.36
N ALA F 759 13.22 17.58 -28.77
CA ALA F 759 13.17 17.09 -30.14
C ALA F 759 12.16 17.81 -31.03
N GLY F 760 11.64 18.95 -30.58
CA GLY F 760 10.64 19.66 -31.38
C GLY F 760 11.19 20.11 -32.72
N CYS F 761 12.38 20.71 -32.72
CA CYS F 761 12.97 21.17 -33.97
C CYS F 761 13.36 20.01 -34.86
N THR F 762 13.80 18.89 -34.28
CA THR F 762 14.06 17.70 -35.07
C THR F 762 12.79 17.20 -35.75
N ILE F 763 11.68 17.22 -35.02
CA ILE F 763 10.41 16.78 -35.60
C ILE F 763 9.97 17.72 -36.72
N VAL F 764 10.16 19.02 -36.53
CA VAL F 764 9.84 19.98 -37.58
C VAL F 764 10.68 19.71 -38.82
N THR F 765 11.98 19.47 -38.62
CA THR F 765 12.85 19.20 -39.75
C THR F 765 12.45 17.92 -40.47
N ALA F 766 12.10 16.88 -39.73
CA ALA F 766 11.68 15.63 -40.34
C ALA F 766 10.41 15.82 -41.15
N LEU F 767 9.43 16.53 -40.59
CA LEU F 767 8.17 16.74 -41.31
C LEU F 767 8.39 17.55 -42.58
N LEU F 768 9.19 18.61 -42.49
CA LEU F 768 9.43 19.44 -43.67
C LEU F 768 10.23 18.68 -44.73
N SER F 769 11.21 17.88 -44.31
CA SER F 769 12.01 17.12 -45.26
C SER F 769 11.16 16.06 -45.95
N LEU F 770 10.25 15.42 -45.22
CA LEU F 770 9.33 14.47 -45.84
C LEU F 770 8.40 15.19 -46.81
N ALA F 771 7.92 16.38 -46.45
CA ALA F 771 7.01 17.11 -47.31
C ALA F 771 7.68 17.58 -48.59
N MET F 772 8.94 17.99 -48.51
CA MET F 772 9.66 18.51 -49.67
C MET F 772 10.38 17.42 -50.46
N GLY F 773 10.45 16.20 -49.94
CA GLY F 773 11.21 15.16 -50.60
C GLY F 773 12.69 15.42 -50.68
N ARG F 774 13.26 16.06 -49.66
CA ARG F 774 14.67 16.41 -49.64
C ARG F 774 15.30 15.88 -48.35
N PRO F 775 16.45 15.21 -48.44
CA PRO F 775 17.17 14.83 -47.22
C PRO F 775 17.98 15.98 -46.66
N VAL F 776 18.14 15.97 -45.34
CA VAL F 776 18.96 16.95 -44.64
C VAL F 776 20.42 16.63 -44.91
N ARG F 777 21.31 17.54 -44.52
CA ARG F 777 22.75 17.29 -44.63
C ARG F 777 23.10 15.97 -43.94
N GLN F 778 23.85 15.13 -44.66
CA GLN F 778 24.00 13.74 -44.25
C GLN F 778 24.73 13.57 -42.93
N ASN F 779 25.51 14.55 -42.52
CA ASN F 779 26.23 14.51 -41.25
C ASN F 779 25.82 15.68 -40.37
N LEU F 780 24.52 15.88 -40.21
CA LEU F 780 23.98 16.96 -39.39
C LEU F 780 23.17 16.39 -38.23
N ALA F 781 23.43 16.93 -37.03
CA ALA F 781 22.64 16.62 -35.85
C ALA F 781 22.09 17.92 -35.28
N MET F 782 21.02 17.81 -34.51
CA MET F 782 20.34 19.00 -34.04
C MET F 782 19.47 18.66 -32.83
N THR F 783 19.19 19.68 -32.03
CA THR F 783 18.34 19.56 -30.84
C THR F 783 17.84 20.94 -30.47
N GLY F 784 16.74 20.97 -29.72
CA GLY F 784 16.18 22.24 -29.27
C GLY F 784 14.67 22.27 -29.20
N GLU F 785 14.14 22.81 -28.10
CA GLU F 785 12.71 22.99 -27.97
C GLU F 785 12.22 24.04 -28.96
N VAL F 786 11.02 23.84 -29.51
CA VAL F 786 10.42 24.76 -30.46
C VAL F 786 9.09 25.23 -29.91
N SER F 787 8.77 26.50 -30.14
CA SER F 787 7.49 27.05 -29.74
C SER F 787 6.54 27.11 -30.93
N LEU F 788 5.29 27.48 -30.64
CA LEU F 788 4.26 27.48 -31.68
C LEU F 788 4.54 28.51 -32.77
N THR F 789 5.29 29.56 -32.46
CA THR F 789 5.67 30.57 -33.45
C THR F 789 7.00 30.28 -34.11
N GLY F 790 7.72 29.25 -33.67
CA GLY F 790 8.99 28.87 -34.27
C GLY F 790 10.23 29.27 -33.50
N LYS F 791 10.10 29.88 -32.33
CA LYS F 791 11.26 30.21 -31.54
C LYS F 791 11.91 28.95 -30.97
N ILE F 792 13.24 28.97 -30.89
CA ILE F 792 14.01 27.87 -30.35
C ILE F 792 14.36 28.18 -28.90
N LEU F 793 14.05 27.25 -28.01
CA LEU F 793 14.25 27.46 -26.58
C LEU F 793 15.39 26.57 -26.07
N PRO F 794 16.08 27.00 -25.01
CA PRO F 794 17.22 26.22 -24.52
C PRO F 794 16.80 24.85 -23.99
N VAL F 795 17.72 23.90 -24.11
CA VAL F 795 17.50 22.53 -23.63
C VAL F 795 18.68 22.12 -22.77
N GLY F 796 18.45 21.12 -21.92
CA GLY F 796 19.49 20.64 -21.03
C GLY F 796 20.33 19.54 -21.65
N GLY F 797 21.40 19.19 -20.96
CA GLY F 797 22.27 18.10 -21.39
C GLY F 797 23.04 18.38 -22.65
N ILE F 798 23.47 19.62 -22.89
CA ILE F 798 24.21 19.95 -24.10
C ILE F 798 25.55 19.24 -24.12
N LYS F 799 26.20 19.10 -22.97
CA LYS F 799 27.50 18.45 -22.92
C LYS F 799 27.40 16.99 -23.37
N GLU F 800 26.48 16.24 -22.77
CA GLU F 800 26.32 14.83 -23.12
C GLU F 800 25.84 14.67 -24.55
N LYS F 801 24.96 15.55 -25.02
CA LYS F 801 24.50 15.49 -26.39
C LYS F 801 25.66 15.71 -27.37
N THR F 802 26.53 16.66 -27.07
CA THR F 802 27.67 16.91 -27.95
C THR F 802 28.66 15.75 -27.90
N ILE F 803 28.86 15.15 -26.72
CA ILE F 803 29.74 13.98 -26.62
C ILE F 803 29.20 12.84 -27.48
N ALA F 804 27.90 12.57 -27.36
CA ALA F 804 27.29 11.51 -28.16
C ALA F 804 27.36 11.82 -29.64
N ALA F 805 27.16 13.08 -30.02
CA ALA F 805 27.24 13.48 -31.41
C ALA F 805 28.65 13.26 -31.96
N LYS F 806 29.67 13.64 -31.19
CA LYS F 806 31.04 13.40 -31.61
C LYS F 806 31.32 11.91 -31.74
N ARG F 807 30.75 11.11 -30.83
CA ARG F 807 30.89 9.65 -30.94
C ARG F 807 30.27 9.13 -32.22
N ALA F 808 29.14 9.71 -32.62
CA ALA F 808 28.40 9.26 -33.81
C ALA F 808 28.99 9.78 -35.11
N GLY F 809 30.08 10.54 -35.06
CA GLY F 809 30.74 10.98 -36.29
C GLY F 809 30.02 12.07 -37.05
N VAL F 810 29.23 12.90 -36.36
CA VAL F 810 28.56 14.01 -37.02
C VAL F 810 29.55 15.15 -37.22
N THR F 811 29.35 15.94 -38.27
CA THR F 811 30.24 17.05 -38.58
C THR F 811 29.61 18.42 -38.37
N CYS F 812 28.27 18.50 -38.35
CA CYS F 812 27.57 19.76 -38.15
C CYS F 812 26.50 19.57 -37.09
N ILE F 813 26.42 20.51 -36.16
CA ILE F 813 25.48 20.43 -35.05
C ILE F 813 24.77 21.77 -34.90
N VAL F 814 23.47 21.72 -34.60
CA VAL F 814 22.65 22.90 -34.41
C VAL F 814 22.16 22.91 -32.96
N LEU F 815 22.38 24.03 -32.28
CA LEU F 815 22.01 24.17 -30.88
C LEU F 815 21.27 25.48 -30.67
N PRO F 816 20.42 25.56 -29.64
CA PRO F 816 19.80 26.84 -29.32
C PRO F 816 20.84 27.87 -28.88
N ALA F 817 20.58 29.14 -29.18
CA ALA F 817 21.53 30.19 -28.87
C ALA F 817 21.73 30.36 -27.37
N GLU F 818 20.71 30.03 -26.57
CA GLU F 818 20.83 30.16 -25.12
C GLU F 818 21.69 29.08 -24.49
N ASN F 819 22.09 28.06 -25.25
CA ASN F 819 22.96 27.00 -24.76
C ASN F 819 24.42 27.24 -25.12
N LYS F 820 24.75 28.43 -25.64
CA LYS F 820 26.14 28.74 -25.99
C LYS F 820 27.04 28.68 -24.77
N LYS F 821 26.52 29.05 -23.60
CA LYS F 821 27.30 28.91 -22.37
C LYS F 821 27.68 27.46 -22.10
N ASP F 822 26.71 26.55 -22.23
CA ASP F 822 26.97 25.15 -21.98
C ASP F 822 27.88 24.52 -23.03
N PHE F 823 27.76 24.95 -24.28
CA PHE F 823 28.56 24.34 -25.35
C PHE F 823 30.04 24.63 -25.17
N TYR F 824 30.40 25.87 -24.85
CA TYR F 824 31.80 26.25 -24.78
C TYR F 824 32.46 25.86 -23.46
N ASP F 825 31.73 25.27 -22.52
CA ASP F 825 32.36 24.69 -21.35
C ASP F 825 33.10 23.41 -21.66
N LEU F 826 32.93 22.86 -22.86
CA LEU F 826 33.66 21.67 -23.28
C LEU F 826 35.09 22.01 -23.64
N ALA F 827 35.97 21.00 -23.55
CA ALA F 827 37.36 21.19 -23.91
C ALA F 827 37.49 21.48 -25.40
N ALA F 828 38.55 22.21 -25.76
CA ALA F 828 38.72 22.66 -27.14
C ALA F 828 38.89 21.52 -28.13
N PHE F 829 39.42 20.37 -27.69
CA PHE F 829 39.61 19.27 -28.62
C PHE F 829 38.30 18.54 -28.93
N ILE F 830 37.29 18.66 -28.07
CA ILE F 830 36.01 18.02 -28.34
C ILE F 830 35.32 18.70 -29.52
N THR F 831 35.35 20.03 -29.56
CA THR F 831 34.66 20.78 -30.59
C THR F 831 35.58 21.14 -31.75
N GLU F 832 36.59 20.32 -32.00
CA GLU F 832 37.57 20.59 -33.05
C GLU F 832 36.93 20.57 -34.44
N GLY F 833 36.40 19.41 -34.83
CA GLY F 833 35.85 19.24 -36.15
C GLY F 833 34.38 19.56 -36.30
N LEU F 834 33.69 19.92 -35.22
CA LEU F 834 32.26 20.16 -35.29
C LEU F 834 31.98 21.57 -35.83
N GLU F 835 31.27 21.63 -36.95
CA GLU F 835 30.72 22.90 -37.41
C GLU F 835 29.50 23.25 -36.57
N VAL F 836 29.58 24.34 -35.82
CA VAL F 836 28.61 24.67 -34.79
C VAL F 836 27.74 25.82 -35.27
N HIS F 837 26.43 25.65 -35.16
CA HIS F 837 25.46 26.70 -35.48
C HIS F 837 24.58 26.92 -34.26
N PHE F 838 24.48 28.18 -33.84
CA PHE F 838 23.58 28.59 -32.76
C PHE F 838 22.42 29.36 -33.37
N VAL F 839 21.20 28.97 -33.02
CA VAL F 839 19.99 29.47 -33.67
C VAL F 839 19.03 30.01 -32.63
N GLU F 840 18.22 30.99 -33.05
CA GLU F 840 17.14 31.53 -32.24
C GLU F 840 15.76 31.29 -32.80
N HIS F 841 15.63 31.14 -34.11
CA HIS F 841 14.36 30.86 -34.76
C HIS F 841 14.59 29.78 -35.81
N TYR F 842 13.51 29.05 -36.14
CA TYR F 842 13.65 27.90 -37.02
C TYR F 842 14.07 28.28 -38.43
N ARG F 843 13.90 29.54 -38.85
CA ARG F 843 14.33 29.93 -40.18
C ARG F 843 15.82 29.68 -40.37
N GLU F 844 16.63 29.94 -39.35
CA GLU F 844 18.05 29.64 -39.41
C GLU F 844 18.30 28.15 -39.58
N ILE F 845 17.57 27.31 -38.86
CA ILE F 845 17.74 25.87 -38.97
C ILE F 845 17.36 25.41 -40.37
N PHE F 846 16.28 25.95 -40.93
CA PHE F 846 15.88 25.60 -42.28
C PHE F 846 16.95 25.99 -43.29
N ASP F 847 17.54 27.17 -43.12
CA ASP F 847 18.61 27.58 -44.03
C ASP F 847 19.86 26.72 -43.86
N ILE F 848 20.12 26.21 -42.67
CA ILE F 848 21.32 25.41 -42.44
C ILE F 848 21.14 24.00 -43.00
N ALA F 849 20.02 23.35 -42.66
CA ALA F 849 19.83 21.94 -43.00
C ALA F 849 19.54 21.72 -44.48
N PHE F 850 18.90 22.68 -45.14
CA PHE F 850 18.54 22.52 -46.54
C PHE F 850 19.33 23.46 -47.44
N LYS G 323 47.58 -32.86 28.94
CA LYS G 323 46.94 -33.75 27.97
C LYS G 323 46.54 -32.99 26.71
N PHE G 324 46.20 -31.71 26.87
CA PHE G 324 45.88 -30.89 25.70
C PHE G 324 47.12 -30.53 24.90
N ARG G 325 48.26 -30.40 25.56
CA ARG G 325 49.48 -29.97 24.88
C ARG G 325 49.95 -31.01 23.86
N GLU G 326 49.73 -32.30 24.13
CA GLU G 326 50.15 -33.33 23.20
C GLU G 326 49.38 -33.25 21.88
N ARG G 327 48.12 -32.78 21.92
CA ARG G 327 47.34 -32.65 20.70
C ARG G 327 47.88 -31.57 19.77
N LEU G 328 48.71 -30.67 20.29
CA LEU G 328 49.37 -29.65 19.47
C LEU G 328 50.88 -29.84 19.43
N LYS G 329 51.37 -31.00 19.88
CA LYS G 329 52.81 -31.26 19.87
C LYS G 329 53.35 -31.31 18.45
N GLU G 330 52.61 -31.94 17.54
CA GLU G 330 53.01 -32.05 16.14
C GLU G 330 52.32 -31.00 15.28
N LEU G 331 52.09 -29.82 15.83
CA LEU G 331 51.38 -28.75 15.12
C LEU G 331 51.96 -27.42 15.56
N VAL G 332 52.35 -26.59 14.60
CA VAL G 332 52.93 -25.29 14.92
C VAL G 332 51.85 -24.37 15.44
N VAL G 333 52.08 -23.79 16.60
CA VAL G 333 51.11 -22.95 17.30
C VAL G 333 51.69 -21.55 17.41
N PRO G 334 50.96 -20.50 17.01
CA PRO G 334 51.48 -19.14 17.18
C PRO G 334 51.57 -18.75 18.64
N LYS G 335 52.51 -17.84 18.93
CA LYS G 335 52.78 -17.47 20.32
C LYS G 335 51.59 -16.75 20.96
N HIS G 336 50.92 -15.89 20.20
CA HIS G 336 49.86 -15.06 20.77
C HIS G 336 48.66 -15.87 21.26
N VAL G 337 48.55 -17.14 20.85
CA VAL G 337 47.57 -18.04 21.42
C VAL G 337 48.22 -19.09 22.34
N MET G 338 49.50 -19.39 22.13
CA MET G 338 50.18 -20.34 23.01
C MET G 338 50.33 -19.76 24.41
N ASP G 339 50.51 -18.44 24.52
CA ASP G 339 50.61 -17.78 25.81
C ASP G 339 49.27 -17.67 26.53
N VAL G 340 48.18 -17.98 25.86
CA VAL G 340 46.87 -18.09 26.49
C VAL G 340 46.51 -19.54 26.79
N VAL G 341 47.01 -20.47 25.98
CA VAL G 341 46.74 -21.88 26.20
C VAL G 341 47.25 -22.32 27.56
N ASP G 342 48.50 -21.94 27.90
CA ASP G 342 49.06 -22.34 29.18
C ASP G 342 48.36 -21.67 30.36
N GLU G 343 47.97 -20.40 30.20
CA GLU G 343 47.24 -19.73 31.28
C GLU G 343 45.89 -20.39 31.53
N GLU G 344 45.17 -20.73 30.46
CA GLU G 344 43.88 -21.40 30.63
C GLU G 344 44.08 -22.81 31.18
N LEU G 345 45.18 -23.48 30.82
CA LEU G 345 45.48 -24.78 31.39
C LEU G 345 45.74 -24.68 32.89
N SER G 346 46.47 -23.64 33.31
CA SER G 346 46.68 -23.42 34.74
C SER G 346 45.36 -23.14 35.44
N LYS G 347 44.50 -22.35 34.82
CA LYS G 347 43.19 -22.07 35.41
C LYS G 347 42.37 -23.36 35.56
N LEU G 348 42.43 -24.24 34.55
CA LEU G 348 41.80 -25.55 34.67
C LEU G 348 42.40 -26.36 35.81
N GLY G 349 43.72 -26.33 35.96
CA GLY G 349 44.39 -27.08 37.00
C GLY G 349 44.16 -26.53 38.40
N LEU G 350 43.72 -25.28 38.52
CA LEU G 350 43.39 -24.72 39.83
C LEU G 350 41.91 -24.73 40.15
N LEU G 351 41.03 -24.87 39.16
CA LEU G 351 39.61 -24.96 39.43
C LEU G 351 39.24 -26.35 39.91
N ASP G 352 38.11 -26.42 40.63
CA ASP G 352 37.62 -27.71 41.12
C ASP G 352 37.09 -28.57 39.98
N ASN G 353 37.25 -29.89 40.12
CA ASN G 353 36.86 -30.81 39.06
C ASN G 353 35.34 -30.88 38.94
N HIS G 354 34.88 -31.05 37.69
CA HIS G 354 33.48 -31.28 37.38
C HIS G 354 32.58 -30.14 37.90
N SER G 355 32.81 -28.96 37.33
CA SER G 355 32.03 -27.78 37.66
C SER G 355 31.73 -27.01 36.38
N SER G 356 30.87 -26.01 36.51
CA SER G 356 30.48 -25.20 35.36
C SER G 356 31.68 -24.47 34.77
N GLU G 357 32.42 -23.75 35.62
CA GLU G 357 33.63 -23.08 35.14
C GLU G 357 34.66 -24.08 34.66
N PHE G 358 34.76 -25.23 35.33
CA PHE G 358 35.65 -26.28 34.88
C PHE G 358 35.26 -26.78 33.50
N ASN G 359 33.95 -26.97 33.26
CA ASN G 359 33.49 -27.41 31.96
C ASN G 359 33.80 -26.38 30.88
N VAL G 360 33.57 -25.10 31.19
CA VAL G 360 33.85 -24.05 30.21
C VAL G 360 35.34 -24.01 29.88
N THR G 361 36.20 -24.08 30.90
CA THR G 361 37.64 -24.06 30.66
C THR G 361 38.09 -25.30 29.90
N ARG G 362 37.48 -26.46 30.20
CA ARG G 362 37.79 -27.68 29.47
C ARG G 362 37.45 -27.54 27.99
N ASN G 363 36.26 -27.00 27.69
CA ASN G 363 35.89 -26.78 26.30
C ASN G 363 36.83 -25.78 25.62
N TYR G 364 37.20 -24.72 26.33
CA TYR G 364 38.04 -23.70 25.75
C TYR G 364 39.42 -24.26 25.42
N LEU G 365 40.02 -25.01 26.35
CA LEU G 365 41.29 -25.68 26.07
C LEU G 365 41.17 -26.69 24.94
N ASP G 366 40.09 -27.49 24.97
CA ASP G 366 39.91 -28.52 23.95
C ASP G 366 39.87 -27.92 22.56
N TRP G 367 39.10 -26.86 22.37
CA TRP G 367 38.93 -26.35 21.02
C TRP G 367 39.82 -25.14 20.76
N LEU G 368 40.78 -24.87 21.65
CA LEU G 368 42.01 -24.22 21.21
C LEU G 368 42.99 -25.24 20.66
N THR G 369 43.16 -26.37 21.35
CA THR G 369 44.17 -27.35 20.93
C THR G 369 43.70 -28.19 19.74
N SER G 370 42.41 -28.15 19.41
CA SER G 370 41.94 -28.93 18.27
C SER G 370 42.06 -28.21 16.94
N ILE G 371 42.00 -26.88 16.92
CA ILE G 371 42.03 -26.14 15.66
C ILE G 371 43.41 -26.27 15.03
N PRO G 372 43.49 -26.42 13.71
CA PRO G 372 44.77 -26.76 13.07
C PRO G 372 45.60 -25.54 12.70
N TRP G 373 46.20 -24.89 13.70
CA TRP G 373 47.04 -23.72 13.47
C TRP G 373 48.12 -23.96 12.41
N GLY G 374 48.81 -25.09 12.49
CA GLY G 374 49.93 -25.37 11.62
C GLY G 374 49.68 -26.31 10.45
N LYS G 375 48.42 -26.63 10.15
CA LYS G 375 48.09 -27.57 9.08
C LYS G 375 47.56 -26.80 7.87
N TYR G 376 48.23 -26.95 6.73
CA TYR G 376 47.86 -26.28 5.50
C TYR G 376 47.65 -27.34 4.42
N SER G 377 46.48 -27.31 3.78
CA SER G 377 46.22 -28.23 2.68
C SER G 377 47.02 -27.83 1.45
N ASN G 378 47.55 -28.82 0.74
CA ASN G 378 48.35 -28.55 -0.45
C ASN G 378 47.46 -28.17 -1.62
N GLU G 379 47.64 -26.95 -2.13
CA GLU G 379 46.88 -26.51 -3.29
C GLU G 379 47.34 -27.24 -4.54
N ASN G 380 46.43 -27.36 -5.51
CA ASN G 380 46.74 -27.97 -6.79
C ASN G 380 47.30 -26.91 -7.74
N LEU G 381 48.59 -27.03 -8.08
CA LEU G 381 49.24 -26.06 -8.94
C LEU G 381 49.03 -26.35 -10.42
N ASP G 382 48.53 -27.53 -10.78
CA ASP G 382 48.36 -27.91 -12.17
C ASP G 382 46.93 -27.58 -12.62
N LEU G 383 46.80 -26.88 -13.75
CA LEU G 383 45.48 -26.63 -14.32
C LEU G 383 44.90 -27.89 -14.96
N ALA G 384 45.75 -28.82 -15.37
CA ALA G 384 45.29 -30.00 -16.11
C ALA G 384 44.39 -30.88 -15.24
N ARG G 385 44.83 -31.20 -14.02
CA ARG G 385 44.04 -32.09 -13.18
C ARG G 385 42.78 -31.38 -12.67
N ALA G 386 42.87 -30.07 -12.43
CA ALA G 386 41.70 -29.30 -12.07
C ALA G 386 40.66 -29.35 -13.20
N GLN G 387 41.11 -29.18 -14.44
CA GLN G 387 40.20 -29.27 -15.58
C GLN G 387 39.61 -30.67 -15.69
N ALA G 388 40.43 -31.69 -15.45
CA ALA G 388 39.94 -33.06 -15.54
C ALA G 388 38.85 -33.34 -14.51
N VAL G 389 39.07 -32.91 -13.27
CA VAL G 389 38.05 -33.16 -12.25
C VAL G 389 36.82 -32.29 -12.47
N LEU G 390 36.98 -31.08 -13.02
CA LEU G 390 35.81 -30.28 -13.37
C LEU G 390 34.99 -30.94 -14.47
N GLU G 391 35.66 -31.53 -15.46
CA GLU G 391 34.94 -32.26 -16.51
C GLU G 391 34.25 -33.50 -15.94
N GLU G 392 34.91 -34.21 -15.02
CA GLU G 392 34.32 -35.42 -14.49
C GLU G 392 33.17 -35.14 -13.53
N ASP G 393 33.16 -33.96 -12.89
CA ASP G 393 32.15 -33.67 -11.90
C ASP G 393 30.88 -33.09 -12.51
N HIS G 394 30.98 -32.27 -13.55
CA HIS G 394 29.82 -31.59 -14.10
C HIS G 394 29.84 -31.67 -15.62
N TYR G 395 28.68 -31.90 -16.21
CA TYR G 395 28.52 -31.89 -17.66
C TYR G 395 28.19 -30.48 -18.14
N GLY G 396 28.58 -30.19 -19.38
CA GLY G 396 28.28 -28.91 -19.98
C GLY G 396 29.05 -27.78 -19.32
N MET G 397 28.39 -26.63 -19.22
CA MET G 397 28.94 -25.39 -18.65
C MET G 397 30.40 -25.17 -19.05
N GLU G 398 30.68 -25.32 -20.34
CA GLU G 398 32.05 -25.15 -20.83
C GLU G 398 32.53 -23.72 -20.61
N ASP G 399 31.67 -22.73 -20.82
CA ASP G 399 32.04 -21.34 -20.51
C ASP G 399 32.31 -21.16 -19.03
N VAL G 400 31.48 -21.77 -18.17
CA VAL G 400 31.69 -21.64 -16.73
C VAL G 400 33.00 -22.31 -16.33
N LYS G 401 33.25 -23.53 -16.84
CA LYS G 401 34.50 -24.20 -16.54
C LYS G 401 35.69 -23.37 -16.99
N LYS G 402 35.56 -22.73 -18.16
CA LYS G 402 36.62 -21.84 -18.65
C LYS G 402 36.84 -20.68 -17.69
N ARG G 403 35.74 -20.12 -17.16
CA ARG G 403 35.88 -19.02 -16.22
C ARG G 403 36.60 -19.43 -14.93
N ILE G 404 36.22 -20.57 -14.35
CA ILE G 404 36.93 -21.01 -13.14
C ILE G 404 38.39 -21.36 -13.46
N LEU G 405 38.64 -21.98 -14.62
CA LEU G 405 40.03 -22.28 -14.98
C LEU G 405 40.86 -21.01 -15.10
N GLU G 406 40.27 -19.95 -15.69
CA GLU G 406 40.92 -18.65 -15.68
C GLU G 406 41.17 -18.16 -14.26
N PHE G 407 40.22 -18.41 -13.35
CA PHE G 407 40.41 -18.00 -11.95
C PHE G 407 41.61 -18.70 -11.32
N ILE G 408 41.73 -20.02 -11.47
CA ILE G 408 42.91 -20.69 -10.91
C ILE G 408 44.18 -20.17 -11.59
N ALA G 409 44.13 -19.93 -12.90
CA ALA G 409 45.31 -19.45 -13.59
C ALA G 409 45.78 -18.12 -13.03
N VAL G 410 44.85 -17.17 -12.85
CA VAL G 410 45.23 -15.85 -12.36
C VAL G 410 45.66 -15.92 -10.89
N SER G 411 45.01 -16.77 -10.10
CA SER G 411 45.42 -16.92 -8.70
C SER G 411 46.81 -17.52 -8.59
N GLN G 412 47.12 -18.51 -9.42
CA GLN G 412 48.45 -19.12 -9.41
C GLN G 412 49.51 -18.13 -9.87
N LEU G 413 49.20 -17.33 -10.89
CA LEU G 413 50.17 -16.35 -11.37
C LEU G 413 50.40 -15.26 -10.33
N ARG G 414 49.34 -14.87 -9.61
CA ARG G 414 49.48 -13.89 -8.53
C ARG G 414 50.23 -14.46 -7.34
N GLY G 415 50.30 -15.79 -7.22
CA GLY G 415 50.92 -16.41 -6.06
C GLY G 415 50.02 -16.54 -4.85
N SER G 416 48.77 -16.07 -4.94
CA SER G 416 47.82 -16.19 -3.84
C SER G 416 46.42 -16.04 -4.39
N THR G 417 45.46 -16.66 -3.70
CA THR G 417 44.06 -16.60 -4.10
C THR G 417 43.34 -15.38 -3.54
N GLN G 418 44.01 -14.56 -2.75
CA GLN G 418 43.36 -13.40 -2.14
C GLN G 418 43.02 -12.37 -3.21
N GLY G 419 41.79 -11.86 -3.17
CA GLY G 419 41.33 -10.88 -4.14
C GLY G 419 39.82 -10.84 -4.20
N LYS G 420 39.28 -10.60 -5.39
CA LYS G 420 37.84 -10.68 -5.57
C LYS G 420 37.36 -12.12 -5.41
N ILE G 421 36.21 -12.28 -4.79
CA ILE G 421 35.63 -13.61 -4.58
C ILE G 421 34.59 -13.87 -5.66
N LEU G 422 34.53 -15.12 -6.10
CA LEU G 422 33.64 -15.50 -7.19
C LEU G 422 32.20 -15.52 -6.71
N CYS G 423 31.29 -15.12 -7.59
CA CYS G 423 29.85 -15.06 -7.28
C CYS G 423 29.08 -15.72 -8.42
N PHE G 424 28.70 -16.97 -8.20
CA PHE G 424 27.91 -17.72 -9.21
C PHE G 424 26.45 -17.38 -9.01
N TYR G 425 25.81 -16.98 -10.08
CA TYR G 425 24.39 -16.59 -9.96
C TYR G 425 23.61 -17.27 -11.07
N GLY G 426 22.34 -17.57 -10.83
CA GLY G 426 21.53 -18.13 -11.92
C GLY G 426 20.27 -18.78 -11.42
N PRO G 427 19.50 -19.45 -12.30
CA PRO G 427 18.21 -20.06 -11.91
C PRO G 427 18.42 -21.17 -10.87
N PRO G 428 17.38 -21.68 -10.18
CA PRO G 428 17.60 -22.79 -9.26
C PRO G 428 17.83 -24.17 -9.90
N GLY G 429 18.79 -24.93 -9.38
CA GLY G 429 19.04 -26.30 -9.89
C GLY G 429 20.06 -26.32 -11.00
N VAL G 430 20.91 -25.30 -11.09
CA VAL G 430 21.82 -25.22 -12.26
C VAL G 430 23.24 -25.62 -11.89
N GLY G 431 23.43 -26.23 -10.72
CA GLY G 431 24.77 -26.77 -10.41
C GLY G 431 25.66 -25.80 -9.66
N LYS G 432 25.11 -24.67 -9.22
CA LYS G 432 25.95 -23.64 -8.56
C LYS G 432 26.49 -24.17 -7.24
N THR G 433 25.69 -24.88 -6.45
CA THR G 433 26.18 -25.31 -5.11
C THR G 433 27.24 -26.40 -5.29
N SER G 434 27.12 -27.21 -6.32
CA SER G 434 28.08 -28.31 -6.52
C SER G 434 29.30 -27.79 -7.29
N ILE G 435 29.14 -26.75 -8.11
CA ILE G 435 30.28 -26.29 -8.94
C ILE G 435 31.41 -25.91 -7.98
N ALA G 436 31.07 -25.35 -6.82
CA ALA G 436 32.11 -24.93 -5.89
C ALA G 436 32.77 -26.11 -5.21
N ARG G 437 32.02 -27.18 -4.93
CA ARG G 437 32.66 -28.40 -4.43
C ARG G 437 33.59 -29.00 -5.48
N SER G 438 33.18 -28.95 -6.76
CA SER G 438 34.07 -29.39 -7.83
C SER G 438 35.33 -28.54 -7.88
N ILE G 439 35.19 -27.23 -7.64
CA ILE G 439 36.35 -26.34 -7.58
C ILE G 439 37.26 -26.74 -6.42
N ALA G 440 36.66 -27.01 -5.26
CA ALA G 440 37.45 -27.39 -4.08
C ALA G 440 38.23 -28.67 -4.34
N ARG G 441 37.61 -29.64 -5.01
CA ARG G 441 38.34 -30.82 -5.44
C ARG G 441 39.44 -30.44 -6.44
N ALA G 442 39.13 -29.47 -7.32
CA ALA G 442 40.11 -29.06 -8.34
C ALA G 442 41.32 -28.41 -7.70
N LEU G 443 41.11 -27.58 -6.68
CA LEU G 443 42.21 -26.93 -5.98
C LEU G 443 42.78 -27.77 -4.84
N ASN G 444 42.26 -28.98 -4.65
CA ASN G 444 42.71 -29.90 -3.61
C ASN G 444 42.52 -29.32 -2.21
N ARG G 445 41.63 -28.33 -2.09
CA ARG G 445 41.32 -27.74 -0.79
C ARG G 445 40.14 -28.46 -0.16
N GLU G 446 40.04 -28.34 1.16
CA GLU G 446 38.87 -28.83 1.88
C GLU G 446 37.67 -27.95 1.56
N TYR G 447 36.48 -28.53 1.71
CA TYR G 447 35.24 -27.87 1.31
C TYR G 447 34.31 -27.72 2.51
N PHE G 448 33.56 -26.62 2.52
CA PHE G 448 32.60 -26.33 3.57
C PHE G 448 31.52 -25.43 3.00
N ARG G 449 30.33 -25.50 3.61
CA ARG G 449 29.21 -24.68 3.20
C ARG G 449 28.37 -24.33 4.42
N PHE G 450 27.91 -23.09 4.47
CA PHE G 450 26.86 -22.68 5.40
C PHE G 450 26.00 -21.62 4.71
N SER G 451 24.68 -21.77 4.84
CA SER G 451 23.76 -20.85 4.19
C SER G 451 23.36 -19.73 5.14
N VAL G 452 23.29 -18.51 4.61
CA VAL G 452 22.91 -17.37 5.42
C VAL G 452 21.39 -17.28 5.51
N GLY G 453 20.91 -16.65 6.57
CA GLY G 453 19.48 -16.51 6.80
C GLY G 453 19.15 -15.71 8.04
N ALA G 459 24.85 -13.35 16.35
CA ALA G 459 24.95 -13.78 14.95
C ALA G 459 25.66 -15.12 14.84
N GLU G 460 25.18 -15.98 13.94
CA GLU G 460 25.82 -17.27 13.74
C GLU G 460 27.24 -17.13 13.21
N ILE G 461 27.52 -16.02 12.52
CA ILE G 461 28.90 -15.75 12.08
C ILE G 461 29.79 -15.45 13.27
N LYS G 462 29.27 -14.70 14.25
CA LYS G 462 30.03 -14.33 15.44
C LYS G 462 29.66 -15.14 16.67
N GLY G 463 28.76 -16.13 16.55
CA GLY G 463 28.50 -17.04 17.65
C GLY G 463 27.91 -16.36 18.88
N HIS G 464 28.28 -16.90 20.04
CA HIS G 464 27.78 -16.42 21.32
C HIS G 464 28.95 -16.14 22.26
N ARG G 465 28.71 -15.24 23.21
CA ARG G 465 29.73 -14.87 24.19
C ARG G 465 30.07 -16.06 25.07
N ARG G 466 31.34 -16.16 25.46
CA ARG G 466 31.77 -17.25 26.34
C ARG G 466 31.20 -17.11 27.74
N THR G 467 30.19 -17.93 28.05
CA THR G 467 29.62 -18.00 29.39
C THR G 467 29.27 -19.45 29.67
N TYR G 468 28.81 -19.70 30.90
CA TYR G 468 28.23 -20.99 31.21
C TYR G 468 26.96 -21.26 30.41
N VAL G 469 26.34 -20.20 29.88
CA VAL G 469 25.05 -20.32 29.20
C VAL G 469 25.26 -20.62 27.72
N GLY G 470 25.41 -21.90 27.39
CA GLY G 470 25.36 -22.34 26.01
C GLY G 470 26.34 -21.68 25.09
N ALA G 471 27.59 -21.52 25.51
CA ALA G 471 28.57 -20.81 24.69
C ALA G 471 28.92 -21.62 23.45
N MET G 472 28.86 -20.96 22.30
CA MET G 472 29.15 -21.59 21.01
C MET G 472 29.50 -20.48 20.02
N PRO G 473 30.75 -20.46 19.54
CA PRO G 473 31.18 -19.36 18.66
C PRO G 473 30.69 -19.53 17.23
N GLY G 474 31.21 -18.64 16.37
CA GLY G 474 30.71 -18.51 15.03
C GLY G 474 31.03 -19.70 14.14
N LYS G 475 30.31 -19.75 13.00
CA LYS G 475 30.33 -20.91 12.13
C LYS G 475 31.72 -21.22 11.60
N ILE G 476 32.55 -20.19 11.42
CA ILE G 476 33.83 -20.36 10.72
C ILE G 476 34.79 -21.23 11.51
N ILE G 477 34.73 -21.18 12.84
CA ILE G 477 35.74 -21.83 13.67
C ILE G 477 35.61 -23.35 13.59
N GLN G 478 34.39 -23.87 13.72
CA GLN G 478 34.20 -25.32 13.61
C GLN G 478 34.51 -25.83 12.21
N CYS G 479 34.41 -24.98 11.19
CA CYS G 479 34.93 -25.33 9.88
C CYS G 479 36.42 -25.66 9.96
N LEU G 480 37.19 -24.83 10.65
CA LEU G 480 38.59 -25.13 10.87
C LEU G 480 38.75 -26.40 11.71
N LYS G 481 37.87 -26.60 12.68
CA LYS G 481 37.91 -27.83 13.48
C LYS G 481 37.82 -29.08 12.61
N LYS G 482 36.81 -29.15 11.75
CA LYS G 482 36.53 -30.41 11.09
C LYS G 482 37.24 -30.57 9.74
N THR G 483 37.54 -29.46 9.05
CA THR G 483 38.34 -29.57 7.83
C THR G 483 39.80 -29.83 8.13
N LYS G 484 40.25 -29.54 9.35
CA LYS G 484 41.62 -29.81 9.79
C LYS G 484 42.66 -29.10 8.91
N THR G 485 42.32 -27.91 8.43
CA THR G 485 43.26 -27.09 7.69
C THR G 485 42.88 -25.62 7.85
N GLU G 486 43.85 -24.73 7.64
CA GLU G 486 43.62 -23.30 7.70
C GLU G 486 43.32 -22.69 6.34
N ASN G 487 43.18 -23.49 5.31
CA ASN G 487 42.82 -22.94 4.00
C ASN G 487 41.72 -23.73 3.30
N PRO G 488 40.57 -23.96 3.94
CA PRO G 488 39.48 -24.63 3.25
C PRO G 488 38.73 -23.68 2.33
N LEU G 489 38.02 -24.26 1.37
CA LEU G 489 37.17 -23.47 0.50
C LEU G 489 35.83 -23.23 1.20
N ILE G 490 35.43 -21.97 1.29
CA ILE G 490 34.20 -21.58 1.98
C ILE G 490 33.17 -21.19 0.94
N LEU G 491 32.01 -21.85 0.98
CA LEU G 491 30.90 -21.51 0.11
C LEU G 491 29.89 -20.71 0.91
N ILE G 492 29.53 -19.54 0.42
CA ILE G 492 28.51 -18.71 1.06
C ILE G 492 27.24 -18.88 0.22
N ASP G 493 26.27 -19.61 0.77
CA ASP G 493 25.13 -20.09 0.00
C ASP G 493 23.98 -19.09 0.06
N GLU G 494 23.56 -18.61 -1.10
CA GLU G 494 22.34 -17.81 -1.25
C GLU G 494 22.40 -16.55 -0.39
N VAL G 495 23.34 -15.66 -0.75
CA VAL G 495 23.55 -14.42 -0.02
C VAL G 495 22.32 -13.52 -0.01
N ASP G 496 21.36 -13.75 -0.90
CA ASP G 496 20.18 -12.90 -0.97
C ASP G 496 19.34 -12.96 0.31
N LYS G 497 19.32 -14.11 0.97
CA LYS G 497 18.44 -14.32 2.12
C LYS G 497 19.10 -13.95 3.44
N ILE G 498 20.20 -13.19 3.42
CA ILE G 498 20.80 -12.72 4.66
C ILE G 498 19.83 -11.78 5.37
N GLY G 499 19.76 -11.90 6.70
CA GLY G 499 18.88 -11.07 7.49
C GLY G 499 19.26 -9.61 7.50
N PRO G 506 23.48 -9.62 9.92
CA PRO G 506 24.91 -9.76 10.22
C PRO G 506 25.79 -9.44 9.01
N SER G 507 25.37 -8.46 8.22
CA SER G 507 26.15 -8.06 7.05
C SER G 507 27.51 -7.49 7.46
N SER G 508 27.54 -6.72 8.55
CA SER G 508 28.80 -6.13 9.00
C SER G 508 29.81 -7.20 9.40
N ALA G 509 29.36 -8.24 10.10
CA ALA G 509 30.25 -9.33 10.47
C ALA G 509 30.70 -10.12 9.25
N LEU G 510 29.82 -10.30 8.27
CA LEU G 510 30.20 -10.99 7.05
C LEU G 510 31.26 -10.21 6.27
N LEU G 511 31.14 -8.88 6.25
CA LEU G 511 32.11 -8.06 5.52
C LEU G 511 33.49 -8.12 6.16
N GLU G 512 33.57 -8.50 7.44
CA GLU G 512 34.87 -8.61 8.10
C GLU G 512 35.73 -9.69 7.46
N LEU G 513 35.12 -10.80 7.06
CA LEU G 513 35.88 -11.88 6.42
C LEU G 513 36.37 -11.51 5.05
N LEU G 514 35.67 -10.61 4.34
CA LEU G 514 35.99 -10.32 2.95
C LEU G 514 37.03 -9.23 2.79
N ASP G 515 37.36 -8.49 3.84
CA ASP G 515 38.37 -7.44 3.76
C ASP G 515 39.74 -8.00 4.05
N PRO G 516 40.68 -7.95 3.10
CA PRO G 516 42.03 -8.49 3.35
C PRO G 516 42.74 -7.80 4.51
N GLU G 517 42.44 -6.54 4.80
CA GLU G 517 43.10 -5.82 5.88
C GLU G 517 42.67 -6.30 7.25
N GLN G 518 41.55 -7.02 7.37
CA GLN G 518 41.11 -7.55 8.64
C GLN G 518 40.76 -9.03 8.62
N ASN G 519 40.76 -9.67 7.45
CA ASN G 519 40.51 -11.11 7.40
C ASN G 519 41.58 -11.89 8.13
N ALA G 520 42.81 -11.37 8.18
CA ALA G 520 43.87 -11.99 8.95
C ALA G 520 43.79 -11.67 10.43
N ASN G 521 42.86 -10.82 10.85
CA ASN G 521 42.73 -10.44 12.24
C ASN G 521 41.28 -10.66 12.68
N PHE G 522 40.73 -11.83 12.35
CA PHE G 522 39.35 -12.13 12.68
C PHE G 522 39.20 -12.38 14.18
N LEU G 523 38.20 -11.73 14.78
CA LEU G 523 37.90 -11.89 16.20
C LEU G 523 36.50 -12.46 16.36
N ASP G 524 36.34 -13.27 17.40
CA ASP G 524 35.08 -13.95 17.66
C ASP G 524 34.73 -13.77 19.14
N HIS G 525 33.44 -13.96 19.45
CA HIS G 525 32.97 -13.73 20.81
C HIS G 525 33.51 -14.73 21.82
N TYR G 526 33.58 -16.02 21.44
CA TYR G 526 34.05 -17.06 22.36
C TYR G 526 35.56 -17.09 22.47
N LEU G 527 36.27 -16.75 21.40
CA LEU G 527 37.72 -16.79 21.38
C LEU G 527 38.27 -15.38 21.60
N ASP G 528 39.06 -15.22 22.67
CA ASP G 528 39.72 -13.95 22.94
C ASP G 528 41.02 -13.80 22.17
N VAL G 529 41.26 -14.65 21.17
CA VAL G 529 42.50 -14.63 20.40
C VAL G 529 42.16 -14.46 18.93
N PRO G 530 42.88 -13.62 18.18
CA PRO G 530 42.62 -13.49 16.75
C PRO G 530 43.02 -14.74 15.98
N VAL G 531 42.33 -14.99 14.88
CA VAL G 531 42.62 -16.11 13.99
C VAL G 531 42.94 -15.54 12.61
N ASP G 532 43.98 -16.08 11.98
CA ASP G 532 44.44 -15.58 10.68
C ASP G 532 43.79 -16.40 9.58
N LEU G 533 42.81 -15.80 8.90
CA LEU G 533 42.12 -16.43 7.78
C LEU G 533 42.68 -16.00 6.43
N SER G 534 43.98 -15.73 6.34
CA SER G 534 44.55 -15.24 5.09
C SER G 534 44.44 -16.25 3.96
N LYS G 535 44.61 -17.54 4.26
CA LYS G 535 44.73 -18.55 3.23
C LYS G 535 43.40 -19.18 2.83
N VAL G 536 42.30 -18.86 3.51
CA VAL G 536 41.01 -19.44 3.15
C VAL G 536 40.50 -18.81 1.85
N LEU G 537 39.68 -19.56 1.13
CA LEU G 537 39.14 -19.13 -0.16
C LEU G 537 37.62 -19.05 -0.04
N PHE G 538 37.04 -17.95 -0.51
CA PHE G 538 35.61 -17.72 -0.45
C PHE G 538 34.99 -17.76 -1.84
N ILE G 539 33.87 -18.47 -1.97
CA ILE G 539 33.00 -18.43 -3.13
C ILE G 539 31.58 -18.30 -2.63
N CYS G 540 30.78 -17.47 -3.29
CA CYS G 540 29.40 -17.25 -2.88
C CYS G 540 28.47 -17.50 -4.05
N THR G 541 27.23 -17.85 -3.72
CA THR G 541 26.19 -18.12 -4.70
C THR G 541 24.94 -17.32 -4.37
N ALA G 542 24.15 -17.02 -5.40
CA ALA G 542 22.92 -16.26 -5.23
C ALA G 542 22.00 -16.53 -6.40
N ASN G 543 20.70 -16.57 -6.12
CA ASN G 543 19.72 -16.70 -7.20
C ASN G 543 19.52 -15.39 -7.94
N VAL G 544 19.56 -14.25 -7.24
CA VAL G 544 19.41 -12.94 -7.86
C VAL G 544 20.47 -12.02 -7.29
N THR G 545 20.93 -11.07 -8.11
CA THR G 545 22.00 -10.17 -7.73
C THR G 545 21.53 -8.79 -7.29
N ASP G 546 20.32 -8.39 -7.69
CA ASP G 546 19.87 -7.02 -7.43
C ASP G 546 19.60 -6.79 -5.94
N THR G 547 19.00 -7.76 -5.27
CA THR G 547 18.54 -7.58 -3.89
C THR G 547 19.61 -7.90 -2.86
N ILE G 548 20.82 -8.23 -3.28
CA ILE G 548 21.92 -8.50 -2.34
C ILE G 548 22.31 -7.21 -1.66
N PRO G 549 22.88 -7.26 -0.45
CA PRO G 549 23.38 -6.04 0.18
C PRO G 549 24.33 -5.28 -0.72
N GLU G 550 24.14 -3.95 -0.76
CA GLU G 550 25.01 -3.10 -1.56
C GLU G 550 26.49 -3.15 -1.15
N PRO G 551 26.86 -3.10 0.14
CA PRO G 551 28.27 -3.27 0.48
C PRO G 551 28.83 -4.63 0.12
N LEU G 552 27.97 -5.62 -0.12
CA LEU G 552 28.44 -6.94 -0.55
C LEU G 552 28.59 -7.00 -2.06
N ARG G 553 27.68 -6.36 -2.80
CA ARG G 553 27.65 -6.49 -4.25
C ARG G 553 28.93 -5.98 -4.90
N ASP G 554 29.45 -4.84 -4.43
CA ASP G 554 30.64 -4.26 -5.04
C ASP G 554 31.88 -5.13 -4.84
N ARG G 555 31.86 -6.01 -3.83
CA ARG G 555 32.95 -6.95 -3.62
C ARG G 555 32.81 -8.23 -4.44
N MET G 556 31.70 -8.41 -5.14
CA MET G 556 31.44 -9.65 -5.86
C MET G 556 31.81 -9.52 -7.33
N GLU G 557 32.53 -10.52 -7.83
CA GLU G 557 32.80 -10.63 -9.26
C GLU G 557 31.78 -11.60 -9.84
N MET G 558 30.76 -11.06 -10.50
CA MET G 558 29.58 -11.83 -10.88
C MET G 558 29.93 -12.81 -11.99
N ILE G 559 29.58 -14.08 -11.79
CA ILE G 559 29.71 -15.12 -12.80
C ILE G 559 28.33 -15.71 -13.03
N ASN G 560 27.88 -15.72 -14.28
CA ASN G 560 26.55 -16.21 -14.61
C ASN G 560 26.61 -17.68 -15.03
N VAL G 561 25.56 -18.42 -14.68
CA VAL G 561 25.36 -19.78 -15.15
C VAL G 561 24.17 -19.77 -16.09
N SER G 562 24.39 -20.18 -17.33
CA SER G 562 23.43 -19.95 -18.40
C SER G 562 22.33 -21.00 -18.49
N GLY G 563 22.35 -22.02 -17.64
CA GLY G 563 21.33 -23.06 -17.70
C GLY G 563 21.71 -24.15 -18.68
N TYR G 564 20.74 -25.04 -18.93
CA TYR G 564 20.96 -26.24 -19.71
C TYR G 564 19.96 -26.34 -20.85
N VAL G 565 20.37 -27.04 -21.90
CA VAL G 565 19.50 -27.36 -23.02
C VAL G 565 19.02 -28.80 -22.85
N ALA G 566 18.04 -29.20 -23.68
CA ALA G 566 17.44 -30.52 -23.54
C ALA G 566 18.49 -31.62 -23.62
N GLN G 567 19.44 -31.51 -24.56
CA GLN G 567 20.49 -32.53 -24.67
C GLN G 567 21.40 -32.54 -23.44
N GLU G 568 21.78 -31.36 -22.94
CA GLU G 568 22.61 -31.29 -21.75
C GLU G 568 21.88 -31.86 -20.54
N LYS G 569 20.58 -31.55 -20.41
CA LYS G 569 19.80 -32.09 -19.31
C LYS G 569 19.67 -33.60 -19.42
N LEU G 570 19.53 -34.12 -20.64
CA LEU G 570 19.48 -35.56 -20.85
C LEU G 570 20.79 -36.21 -20.42
N ALA G 571 21.93 -35.60 -20.80
CA ALA G 571 23.23 -36.14 -20.41
C ALA G 571 23.39 -36.12 -18.89
N ILE G 572 22.96 -35.04 -18.25
CA ILE G 572 23.05 -34.95 -16.79
C ILE G 572 22.19 -36.03 -16.14
N ALA G 573 20.98 -36.22 -16.64
CA ALA G 573 20.08 -37.23 -16.08
C ALA G 573 20.66 -38.63 -16.24
N GLU G 574 21.18 -38.94 -17.43
CA GLU G 574 21.75 -40.26 -17.66
C GLU G 574 22.98 -40.50 -16.78
N ARG G 575 23.82 -39.48 -16.63
CA ARG G 575 25.08 -39.69 -15.93
C ARG G 575 24.97 -39.45 -14.43
N TYR G 576 24.15 -38.49 -14.00
CA TYR G 576 24.15 -38.11 -12.59
C TYR G 576 22.82 -38.37 -11.90
N LEU G 577 21.72 -37.86 -12.46
CA LEU G 577 20.45 -37.84 -11.73
C LEU G 577 19.88 -39.25 -11.54
N VAL G 578 19.85 -40.04 -12.61
CA VAL G 578 19.26 -41.38 -12.52
C VAL G 578 20.02 -42.28 -11.57
N PRO G 579 21.36 -42.38 -11.61
CA PRO G 579 22.06 -43.19 -10.60
C PRO G 579 21.83 -42.74 -9.17
N GLN G 580 21.80 -41.44 -8.93
CA GLN G 580 21.56 -40.94 -7.57
C GLN G 580 20.16 -41.29 -7.10
N ALA G 581 19.17 -41.11 -7.97
CA ALA G 581 17.79 -41.46 -7.61
C ALA G 581 17.65 -42.95 -7.38
N ARG G 582 18.36 -43.77 -8.16
CA ARG G 582 18.36 -45.22 -7.92
C ARG G 582 18.97 -45.55 -6.57
N ALA G 583 20.06 -44.87 -6.21
CA ALA G 583 20.69 -45.11 -4.92
C ALA G 583 19.76 -44.75 -3.77
N LEU G 584 19.07 -43.60 -3.88
CA LEU G 584 18.12 -43.22 -2.84
C LEU G 584 16.94 -44.20 -2.77
N CYS G 585 16.44 -44.62 -3.93
CA CYS G 585 15.31 -45.54 -3.96
C CYS G 585 15.69 -46.99 -3.71
N GLY G 586 16.99 -47.28 -3.62
CA GLY G 586 17.41 -48.65 -3.34
C GLY G 586 17.30 -49.60 -4.51
N LEU G 587 17.12 -49.08 -5.72
CA LEU G 587 17.01 -49.88 -6.92
C LEU G 587 18.36 -50.01 -7.61
N ASP G 588 18.40 -50.82 -8.66
CA ASP G 588 19.59 -50.99 -9.48
C ASP G 588 19.18 -51.04 -10.94
N GLU G 589 20.19 -51.18 -11.81
CA GLU G 589 19.91 -51.17 -13.25
C GLU G 589 19.04 -52.34 -13.67
N SER G 590 19.17 -53.50 -13.01
CA SER G 590 18.45 -54.69 -13.43
C SER G 590 16.95 -54.61 -13.13
N LYS G 591 16.53 -53.72 -12.25
CA LYS G 591 15.13 -53.64 -11.85
C LYS G 591 14.34 -52.55 -12.57
N ALA G 592 14.98 -51.44 -12.94
CA ALA G 592 14.27 -50.33 -13.58
C ALA G 592 15.15 -49.78 -14.70
N LYS G 593 14.78 -50.07 -15.94
CA LYS G 593 15.53 -49.63 -17.11
C LYS G 593 14.93 -48.32 -17.62
N LEU G 594 15.47 -47.20 -17.13
CA LEU G 594 15.10 -45.90 -17.65
C LEU G 594 15.86 -45.63 -18.94
N SER G 595 15.28 -46.02 -20.07
CA SER G 595 15.97 -45.91 -21.35
C SER G 595 16.14 -44.45 -21.75
N SER G 596 16.98 -44.23 -22.77
CA SER G 596 17.29 -42.88 -23.21
C SER G 596 16.06 -42.16 -23.74
N ASP G 597 15.26 -42.86 -24.57
CA ASP G 597 14.08 -42.22 -25.15
C ASP G 597 13.07 -41.84 -24.08
N VAL G 598 12.93 -42.66 -23.03
CA VAL G 598 12.03 -42.33 -21.93
C VAL G 598 12.46 -41.02 -21.29
N LEU G 599 13.75 -40.86 -21.04
CA LEU G 599 14.25 -39.62 -20.45
C LEU G 599 14.03 -38.43 -21.39
N THR G 600 14.28 -38.63 -22.69
CA THR G 600 14.05 -37.54 -23.64
C THR G 600 12.61 -37.08 -23.58
N LEU G 601 11.66 -38.03 -23.55
CA LEU G 601 10.26 -37.67 -23.42
C LEU G 601 9.99 -36.97 -22.09
N LEU G 602 10.65 -37.43 -21.01
CA LEU G 602 10.42 -36.85 -19.70
C LEU G 602 10.81 -35.37 -19.66
N ILE G 603 12.03 -35.04 -20.10
CA ILE G 603 12.42 -33.64 -20.16
C ILE G 603 11.57 -32.87 -21.16
N LYS G 604 11.26 -33.48 -22.32
CA LYS G 604 10.54 -32.75 -23.36
C LYS G 604 9.15 -32.34 -22.89
N GLN G 605 8.46 -33.22 -22.18
CA GLN G 605 7.04 -33.00 -21.88
C GLN G 605 6.76 -32.65 -20.43
N TYR G 606 7.75 -32.72 -19.53
CA TYR G 606 7.48 -32.46 -18.12
C TYR G 606 8.47 -31.53 -17.45
N CYS G 607 9.70 -31.37 -17.95
CA CYS G 607 10.73 -30.59 -17.28
C CYS G 607 11.38 -29.64 -18.30
N ARG G 608 10.83 -28.44 -18.42
CA ARG G 608 11.40 -27.40 -19.25
C ARG G 608 11.98 -26.25 -18.45
N GLU G 609 12.19 -26.45 -17.15
CA GLU G 609 12.80 -25.42 -16.32
C GLU G 609 14.28 -25.27 -16.68
N SER G 610 14.86 -24.14 -16.25
CA SER G 610 16.27 -23.89 -16.52
C SER G 610 17.17 -24.91 -15.83
N GLY G 611 16.85 -25.26 -14.59
CA GLY G 611 17.64 -26.21 -13.82
C GLY G 611 17.17 -27.63 -14.01
N VAL G 612 17.56 -28.49 -13.07
CA VAL G 612 17.21 -29.91 -13.08
C VAL G 612 16.54 -30.34 -11.79
N ARG G 613 16.04 -29.39 -11.00
CA ARG G 613 15.38 -29.75 -9.74
C ARG G 613 14.04 -30.44 -9.99
N ASN G 614 13.31 -30.03 -11.03
CA ASN G 614 12.05 -30.69 -11.35
C ASN G 614 12.29 -32.06 -12.00
N LEU G 615 13.32 -32.16 -12.85
CA LEU G 615 13.64 -33.44 -13.47
C LEU G 615 14.06 -34.46 -12.42
N GLN G 616 14.81 -34.02 -11.41
CA GLN G 616 15.19 -34.93 -10.33
C GLN G 616 13.96 -35.46 -9.61
N LYS G 617 12.99 -34.58 -9.34
CA LYS G 617 11.76 -35.01 -8.67
C LYS G 617 10.97 -35.99 -9.55
N GLN G 618 10.89 -35.72 -10.85
CA GLN G 618 10.18 -36.64 -11.73
C GLN G 618 10.87 -38.01 -11.80
N VAL G 619 12.20 -38.02 -11.87
CA VAL G 619 12.93 -39.28 -11.90
C VAL G 619 12.73 -40.05 -10.60
N GLU G 620 12.77 -39.35 -9.47
CA GLU G 620 12.51 -40.00 -8.19
C GLU G 620 11.09 -40.56 -8.15
N LYS G 621 10.12 -39.84 -8.70
CA LYS G 621 8.75 -40.33 -8.75
C LYS G 621 8.66 -41.61 -9.59
N VAL G 622 9.32 -41.62 -10.75
CA VAL G 622 9.29 -42.81 -11.60
C VAL G 622 9.90 -44.00 -10.88
N LEU G 623 11.06 -43.80 -10.25
CA LEU G 623 11.73 -44.91 -9.58
C LEU G 623 10.95 -45.36 -8.35
N ARG G 624 10.25 -44.43 -7.69
CA ARG G 624 9.42 -44.78 -6.55
C ARG G 624 8.22 -45.62 -6.97
N LYS G 625 7.58 -45.24 -8.08
CA LYS G 625 6.50 -46.06 -8.63
C LYS G 625 7.02 -47.44 -9.02
N SER G 626 8.19 -47.49 -9.64
CA SER G 626 8.79 -48.78 -10.01
C SER G 626 9.08 -49.63 -8.78
N ALA G 627 9.56 -49.01 -7.71
CA ALA G 627 9.82 -49.73 -6.47
C ALA G 627 8.53 -50.30 -5.90
N TYR G 628 7.46 -49.51 -5.90
CA TYR G 628 6.18 -50.03 -5.42
C TYR G 628 5.70 -51.20 -6.27
N LYS G 629 5.84 -51.08 -7.59
CA LYS G 629 5.43 -52.17 -8.48
C LYS G 629 6.24 -53.43 -8.24
N ILE G 630 7.54 -53.30 -8.01
CA ILE G 630 8.40 -54.46 -7.80
C ILE G 630 8.07 -55.12 -6.46
N VAL G 631 7.94 -54.31 -5.40
CA VAL G 631 7.68 -54.87 -4.08
C VAL G 631 6.32 -55.54 -4.02
N SER G 632 5.29 -54.89 -4.56
CA SER G 632 3.93 -55.41 -4.45
C SER G 632 3.69 -56.61 -5.36
N GLY G 633 4.64 -56.97 -6.21
CA GLY G 633 4.59 -58.23 -6.94
C GLY G 633 3.82 -58.23 -8.24
N GLU G 634 3.55 -57.06 -8.82
CA GLU G 634 2.98 -57.05 -10.17
C GLU G 634 3.98 -57.56 -11.20
N ALA G 635 5.26 -57.28 -11.01
CA ALA G 635 6.28 -57.74 -11.94
C ALA G 635 7.61 -57.86 -11.22
N GLU G 636 8.47 -58.73 -11.74
CA GLU G 636 9.82 -58.88 -11.22
C GLU G 636 10.72 -57.73 -11.59
N SER G 637 10.46 -57.07 -12.73
CA SER G 637 11.22 -55.90 -13.16
C SER G 637 10.27 -54.98 -13.92
N VAL G 638 10.64 -53.70 -13.97
CA VAL G 638 9.80 -52.66 -14.57
C VAL G 638 10.41 -52.26 -15.90
N GLU G 639 9.61 -52.35 -16.96
CA GLU G 639 10.02 -51.95 -18.30
C GLU G 639 9.38 -50.60 -18.62
N VAL G 640 10.10 -49.54 -18.27
CA VAL G 640 9.59 -48.20 -18.52
C VAL G 640 9.72 -47.88 -20.00
N THR G 641 8.62 -47.47 -20.62
CA THR G 641 8.56 -47.23 -22.05
C THR G 641 7.75 -45.97 -22.28
N PRO G 642 7.96 -45.27 -23.40
CA PRO G 642 7.26 -43.99 -23.60
C PRO G 642 5.74 -44.08 -23.55
N GLU G 643 5.15 -45.22 -23.93
CA GLU G 643 3.69 -45.30 -23.97
C GLU G 643 3.08 -45.40 -22.58
N ASN G 644 3.80 -45.96 -21.60
CA ASN G 644 3.26 -46.10 -20.25
C ASN G 644 3.86 -45.13 -19.25
N LEU G 645 4.66 -44.16 -19.69
CA LEU G 645 5.25 -43.20 -18.77
C LEU G 645 4.19 -42.36 -18.07
N GLN G 646 3.07 -42.08 -18.76
CA GLN G 646 1.98 -41.33 -18.16
C GLN G 646 1.38 -42.06 -16.96
N ASP G 647 1.51 -43.39 -16.91
CA ASP G 647 1.07 -44.12 -15.73
C ASP G 647 1.95 -43.81 -14.53
N PHE G 648 3.20 -43.40 -14.77
CA PHE G 648 4.14 -43.12 -13.69
C PHE G 648 4.17 -41.65 -13.30
N VAL G 649 4.00 -40.74 -14.26
CA VAL G 649 4.14 -39.31 -14.00
C VAL G 649 2.86 -38.53 -14.26
N GLY G 650 1.85 -39.13 -14.91
CA GLY G 650 0.63 -38.41 -15.16
C GLY G 650 0.60 -37.74 -16.52
N LYS G 651 -0.25 -36.72 -16.63
CA LYS G 651 -0.45 -36.06 -17.91
C LYS G 651 0.80 -35.28 -18.31
N PRO G 652 1.17 -35.31 -19.59
CA PRO G 652 2.23 -34.42 -20.07
C PRO G 652 1.86 -32.95 -19.89
N VAL G 653 2.86 -32.15 -19.54
CA VAL G 653 2.62 -30.71 -19.36
C VAL G 653 2.67 -29.99 -20.70
N PHE G 654 3.57 -30.40 -21.59
CA PHE G 654 3.74 -29.79 -22.91
C PHE G 654 3.44 -30.86 -23.95
N THR G 655 2.16 -31.01 -24.30
CA THR G 655 1.75 -32.10 -25.18
C THR G 655 2.07 -31.81 -26.65
N VAL G 656 2.09 -30.55 -27.05
CA VAL G 656 2.31 -30.18 -28.44
C VAL G 656 3.26 -29.00 -28.47
N GLU G 657 3.96 -28.83 -29.59
CA GLU G 657 4.96 -27.77 -29.73
C GLU G 657 4.55 -26.65 -30.67
N ARG G 658 3.95 -26.96 -31.82
CA ARG G 658 3.55 -25.92 -32.76
C ARG G 658 2.09 -26.11 -33.14
N MET G 659 1.40 -24.97 -33.30
CA MET G 659 -0.04 -24.99 -33.59
C MET G 659 -0.33 -25.32 -35.05
N TYR G 660 0.53 -24.91 -35.96
CA TYR G 660 0.32 -25.12 -37.39
C TYR G 660 1.38 -26.05 -37.95
N ASP G 661 0.95 -26.98 -38.80
CA ASP G 661 1.87 -27.80 -39.58
C ASP G 661 2.21 -27.10 -40.89
N VAL G 662 1.21 -26.56 -41.57
CA VAL G 662 1.40 -25.68 -42.72
C VAL G 662 0.61 -24.41 -42.46
N THR G 663 1.20 -23.27 -42.80
CA THR G 663 0.56 -22.00 -42.47
C THR G 663 -0.24 -21.49 -43.66
N PRO G 664 -1.51 -21.17 -43.48
CA PRO G 664 -2.29 -20.56 -44.56
C PRO G 664 -1.81 -19.15 -44.85
N PRO G 665 -2.29 -18.52 -45.91
CA PRO G 665 -1.95 -17.11 -46.13
C PRO G 665 -2.38 -16.25 -44.95
N GLY G 666 -1.53 -15.29 -44.60
CA GLY G 666 -1.78 -14.44 -43.45
C GLY G 666 -1.34 -14.99 -42.12
N VAL G 667 -0.74 -16.18 -42.10
CA VAL G 667 -0.24 -16.80 -40.87
C VAL G 667 1.27 -16.93 -40.99
N VAL G 668 2.00 -16.37 -40.04
CA VAL G 668 3.46 -16.40 -40.04
C VAL G 668 3.96 -16.85 -38.68
N MET G 669 4.92 -17.76 -38.68
CA MET G 669 5.48 -18.30 -37.45
C MET G 669 6.53 -17.36 -36.89
N GLY G 670 6.48 -17.14 -35.56
CA GLY G 670 7.40 -16.25 -34.90
C GLY G 670 7.93 -16.87 -33.62
N LEU G 671 8.87 -16.17 -33.00
CA LEU G 671 9.52 -16.65 -31.78
C LEU G 671 9.27 -15.69 -30.62
N ALA G 672 9.28 -16.24 -29.42
CA ALA G 672 9.05 -15.45 -28.20
C ALA G 672 9.96 -15.95 -27.09
N TRP G 673 10.14 -15.11 -26.09
CA TRP G 673 10.91 -15.46 -24.90
C TRP G 673 9.95 -15.77 -23.76
N THR G 674 10.27 -16.82 -23.01
CA THR G 674 9.42 -17.28 -21.91
C THR G 674 10.32 -17.79 -20.79
N ALA G 675 9.79 -17.78 -19.57
CA ALA G 675 10.54 -18.30 -18.44
C ALA G 675 10.89 -19.78 -18.63
N MET G 676 9.97 -20.57 -19.17
CA MET G 676 10.23 -21.97 -19.48
C MET G 676 10.96 -22.15 -20.81
N GLY G 677 12.09 -21.46 -20.99
CA GLY G 677 12.80 -21.53 -22.24
C GLY G 677 12.09 -20.74 -23.33
N GLY G 678 12.55 -20.92 -24.55
CA GLY G 678 11.94 -20.26 -25.68
C GLY G 678 10.56 -20.82 -25.98
N SER G 679 9.75 -19.99 -26.65
CA SER G 679 8.41 -20.38 -27.04
C SER G 679 8.11 -19.87 -28.44
N THR G 680 7.25 -20.59 -29.13
CA THR G 680 6.80 -20.18 -30.46
C THR G 680 5.49 -19.42 -30.38
N LEU G 681 5.38 -18.38 -31.21
CA LEU G 681 4.13 -17.67 -31.39
C LEU G 681 3.82 -17.61 -32.88
N PHE G 682 2.52 -17.52 -33.18
CA PHE G 682 2.05 -17.32 -34.53
C PHE G 682 1.31 -15.99 -34.61
N VAL G 683 1.22 -15.46 -35.82
CA VAL G 683 0.48 -14.22 -36.08
C VAL G 683 -0.55 -14.51 -37.15
N GLU G 684 -1.82 -14.31 -36.81
CA GLU G 684 -2.93 -14.57 -37.72
C GLU G 684 -3.55 -13.25 -38.16
N THR G 685 -3.88 -13.16 -39.44
CA THR G 685 -4.56 -12.00 -39.99
C THR G 685 -5.72 -12.47 -40.85
N SER G 686 -6.82 -11.73 -40.79
CA SER G 686 -8.01 -12.06 -41.56
C SER G 686 -8.84 -10.81 -41.76
N LEU G 687 -9.70 -10.85 -42.76
CA LEU G 687 -10.59 -9.73 -43.04
C LEU G 687 -11.73 -9.67 -42.03
N ARG G 688 -12.18 -8.45 -41.75
CA ARG G 688 -13.36 -8.24 -40.92
C ARG G 688 -14.59 -7.86 -41.71
N ARG G 689 -14.43 -7.44 -42.96
CA ARG G 689 -15.54 -7.06 -43.81
C ARG G 689 -15.40 -7.72 -45.17
N PRO G 690 -16.51 -8.02 -45.84
CA PRO G 690 -16.47 -8.95 -46.97
C PRO G 690 -15.71 -8.49 -48.20
N GLN G 691 -15.53 -7.19 -48.41
CA GLN G 691 -14.94 -6.72 -49.66
C GLN G 691 -13.76 -5.79 -49.36
N ASP G 692 -12.82 -5.77 -50.28
CA ASP G 692 -11.61 -4.96 -50.13
C ASP G 692 -11.85 -3.53 -50.61
N LYS G 699 -12.92 7.12 -47.19
CA LYS G 699 -12.86 5.83 -46.51
C LYS G 699 -11.50 5.18 -46.70
N ASP G 700 -11.10 4.37 -45.72
CA ASP G 700 -9.80 3.69 -45.77
C ASP G 700 -9.87 2.44 -44.91
N GLY G 701 -8.79 1.66 -44.97
CA GLY G 701 -8.71 0.44 -44.20
C GLY G 701 -8.40 0.70 -42.73
N SER G 702 -8.42 -0.37 -41.96
CA SER G 702 -8.15 -0.29 -40.53
C SER G 702 -7.63 -1.65 -40.07
N LEU G 703 -6.94 -1.63 -38.92
CA LEU G 703 -6.36 -2.84 -38.34
C LEU G 703 -6.81 -2.97 -36.90
N GLU G 704 -7.60 -4.01 -36.62
CA GLU G 704 -7.93 -4.36 -35.25
C GLU G 704 -6.90 -5.33 -34.71
N VAL G 705 -6.47 -5.10 -33.48
CA VAL G 705 -5.38 -5.87 -32.88
C VAL G 705 -5.87 -6.47 -31.56
N THR G 706 -5.76 -7.79 -31.44
CA THR G 706 -6.12 -8.50 -30.22
C THR G 706 -5.03 -9.51 -29.91
N GLY G 707 -5.07 -10.05 -28.69
CA GLY G 707 -4.09 -11.04 -28.28
C GLY G 707 -3.37 -10.68 -26.99
N GLN G 708 -3.95 -9.79 -26.20
CA GLN G 708 -3.36 -9.34 -24.93
C GLN G 708 -1.99 -8.72 -25.14
N LEU G 709 -1.83 -7.99 -26.25
CA LEU G 709 -0.57 -7.34 -26.56
C LEU G 709 -0.38 -6.12 -25.67
N GLY G 710 0.86 -5.88 -25.26
CA GLY G 710 1.19 -4.70 -24.48
C GLY G 710 1.22 -3.45 -25.32
N GLU G 711 1.51 -2.34 -24.67
CA GLU G 711 1.58 -1.06 -25.37
C GLU G 711 2.71 -1.05 -26.39
N VAL G 712 3.88 -1.58 -26.01
CA VAL G 712 5.01 -1.65 -26.94
C VAL G 712 4.67 -2.52 -28.12
N MET G 713 4.01 -3.66 -27.90
CA MET G 713 3.69 -4.55 -29.01
C MET G 713 2.59 -3.97 -29.88
N LYS G 714 1.64 -3.23 -29.31
CA LYS G 714 0.64 -2.55 -30.12
C LYS G 714 1.26 -1.46 -30.97
N GLU G 715 2.21 -0.71 -30.41
CA GLU G 715 2.93 0.28 -31.22
C GLU G 715 3.72 -0.40 -32.32
N SER G 716 4.35 -1.53 -32.02
CA SER G 716 5.06 -2.29 -33.04
C SER G 716 4.12 -2.75 -34.14
N ALA G 717 2.91 -3.16 -33.77
CA ALA G 717 1.91 -3.54 -34.77
C ALA G 717 1.53 -2.36 -35.64
N ARG G 718 1.37 -1.18 -35.06
CA ARG G 718 1.05 0.00 -35.85
C ARG G 718 2.16 0.34 -36.83
N ILE G 719 3.41 0.32 -36.35
CA ILE G 719 4.56 0.61 -37.21
C ILE G 719 4.65 -0.42 -38.33
N ALA G 720 4.43 -1.69 -37.98
CA ALA G 720 4.46 -2.76 -38.98
C ALA G 720 3.37 -2.58 -40.02
N TYR G 721 2.18 -2.16 -39.59
CA TYR G 721 1.09 -1.90 -40.53
C TYR G 721 1.45 -0.77 -41.49
N THR G 722 2.01 0.32 -40.97
CA THR G 722 2.40 1.43 -41.83
C THR G 722 3.48 1.00 -42.84
N PHE G 723 4.51 0.30 -42.36
CA PHE G 723 5.57 -0.11 -43.27
C PHE G 723 5.08 -1.15 -44.27
N ALA G 724 4.15 -2.02 -43.86
CA ALA G 724 3.59 -2.99 -44.79
C ALA G 724 2.80 -2.29 -45.89
N ARG G 725 2.03 -1.26 -45.53
CA ARG G 725 1.35 -0.48 -46.54
C ARG G 725 2.35 0.14 -47.52
N ALA G 726 3.41 0.75 -46.99
CA ALA G 726 4.41 1.38 -47.87
C ALA G 726 5.09 0.36 -48.77
N PHE G 727 5.46 -0.79 -48.20
CA PHE G 727 6.19 -1.81 -48.96
C PHE G 727 5.30 -2.43 -50.03
N LEU G 728 4.02 -2.65 -49.72
CA LEU G 728 3.12 -3.17 -50.73
C LEU G 728 2.83 -2.13 -51.81
N MET G 729 2.82 -0.84 -51.45
CA MET G 729 2.68 0.19 -52.46
C MET G 729 3.86 0.22 -53.40
N GLN G 730 5.08 0.10 -52.87
CA GLN G 730 6.27 0.18 -53.72
C GLN G 730 6.48 -1.10 -54.53
N HIS G 731 6.16 -2.27 -53.94
CA HIS G 731 6.39 -3.53 -54.64
C HIS G 731 5.29 -3.82 -55.66
N ALA G 732 4.04 -3.63 -55.26
CA ALA G 732 2.89 -3.89 -56.14
C ALA G 732 1.94 -2.69 -56.08
N PRO G 733 2.19 -1.68 -56.90
CA PRO G 733 1.36 -0.47 -56.85
C PRO G 733 -0.11 -0.71 -57.09
N ALA G 734 -0.47 -1.69 -57.91
CA ALA G 734 -1.87 -1.96 -58.22
C ALA G 734 -2.60 -2.64 -57.07
N ASN G 735 -1.89 -3.24 -56.13
CA ASN G 735 -2.52 -3.99 -55.04
C ASN G 735 -2.87 -3.02 -53.92
N ASP G 736 -4.14 -2.61 -53.88
CA ASP G 736 -4.65 -1.72 -52.84
C ASP G 736 -5.27 -2.48 -51.67
N TYR G 737 -4.81 -3.70 -51.40
CA TYR G 737 -5.42 -4.51 -50.35
C TYR G 737 -5.25 -3.87 -48.98
N LEU G 738 -4.02 -3.51 -48.62
CA LEU G 738 -3.74 -3.05 -47.26
C LEU G 738 -4.31 -1.67 -46.96
N VAL G 739 -4.60 -0.86 -47.98
CA VAL G 739 -5.07 0.50 -47.76
C VAL G 739 -6.59 0.61 -47.68
N THR G 740 -7.33 -0.36 -48.22
CA THR G 740 -8.78 -0.30 -48.23
C THR G 740 -9.44 -1.36 -47.36
N SER G 741 -8.79 -2.49 -47.15
CA SER G 741 -9.40 -3.60 -46.43
C SER G 741 -9.31 -3.38 -44.92
N HIS G 742 -10.30 -3.92 -44.21
CA HIS G 742 -10.33 -3.90 -42.75
C HIS G 742 -9.83 -5.25 -42.26
N ILE G 743 -8.73 -5.24 -41.50
CA ILE G 743 -8.00 -6.45 -41.16
C ILE G 743 -7.97 -6.62 -39.65
N HIS G 744 -8.13 -7.86 -39.21
CA HIS G 744 -8.00 -8.23 -37.81
C HIS G 744 -6.71 -9.02 -37.63
N LEU G 745 -5.86 -8.59 -36.71
CA LEU G 745 -4.62 -9.26 -36.41
C LEU G 745 -4.70 -9.85 -35.01
N HIS G 746 -4.36 -11.13 -34.88
CA HIS G 746 -4.46 -11.85 -33.62
C HIS G 746 -3.24 -12.72 -33.40
N VAL G 747 -2.82 -12.82 -32.15
CA VAL G 747 -1.80 -13.78 -31.74
C VAL G 747 -2.51 -14.89 -30.97
N PRO G 748 -2.56 -16.12 -31.50
CA PRO G 748 -3.59 -17.08 -31.06
C PRO G 748 -3.56 -17.42 -29.59
N GLU G 749 -2.45 -17.22 -28.89
CA GLU G 749 -2.45 -17.43 -27.44
C GLU G 749 -3.04 -16.19 -26.77
N GLY G 750 -4.37 -16.09 -26.86
CA GLY G 750 -5.09 -14.91 -26.45
C GLY G 750 -5.26 -14.73 -24.97
N ALA G 751 -4.87 -15.71 -24.16
CA ALA G 751 -5.03 -15.64 -22.72
C ALA G 751 -3.75 -15.22 -21.99
N THR G 752 -2.60 -15.24 -22.66
CA THR G 752 -1.34 -14.92 -21.98
C THR G 752 -0.87 -13.53 -22.37
N PRO G 753 -0.43 -12.71 -21.41
CA PRO G 753 0.09 -11.39 -21.76
C PRO G 753 1.43 -11.50 -22.49
N LYS G 754 1.58 -10.74 -23.56
CA LYS G 754 2.79 -10.76 -24.37
C LYS G 754 3.12 -9.33 -24.79
N ASP G 755 4.40 -8.99 -24.74
CA ASP G 755 4.85 -7.64 -25.06
C ASP G 755 6.24 -7.71 -25.67
N GLY G 756 6.63 -6.61 -26.32
CA GLY G 756 7.93 -6.51 -26.93
C GLY G 756 7.86 -6.19 -28.41
N PRO G 757 8.88 -5.50 -28.92
CA PRO G 757 8.90 -5.14 -30.34
C PRO G 757 9.50 -6.22 -31.24
N SER G 758 9.79 -7.41 -30.71
CA SER G 758 10.48 -8.43 -31.48
C SER G 758 9.64 -9.00 -32.61
N ALA G 759 8.34 -8.71 -32.64
CA ALA G 759 7.43 -9.30 -33.61
C ALA G 759 7.10 -8.40 -34.79
N GLY G 760 7.82 -7.29 -34.96
CA GLY G 760 7.48 -6.36 -36.04
C GLY G 760 7.60 -6.98 -37.41
N CYS G 761 8.72 -7.66 -37.67
CA CYS G 761 8.91 -8.31 -38.96
C CYS G 761 7.89 -9.41 -39.20
N THR G 762 7.53 -10.14 -38.14
CA THR G 762 6.51 -11.18 -38.27
C THR G 762 5.18 -10.58 -38.66
N ILE G 763 4.81 -9.44 -38.05
CA ILE G 763 3.56 -8.77 -38.38
C ILE G 763 3.58 -8.26 -39.81
N VAL G 764 4.71 -7.67 -40.24
CA VAL G 764 4.81 -7.21 -41.62
C VAL G 764 4.63 -8.37 -42.59
N THR G 765 5.29 -9.50 -42.30
CA THR G 765 5.20 -10.66 -43.18
C THR G 765 3.78 -11.20 -43.22
N ALA G 766 3.10 -11.26 -42.08
CA ALA G 766 1.72 -11.75 -42.04
C ALA G 766 0.81 -10.85 -42.86
N LEU G 767 0.95 -9.53 -42.69
CA LEU G 767 0.10 -8.61 -43.43
C LEU G 767 0.35 -8.72 -44.93
N LEU G 768 1.62 -8.79 -45.34
CA LEU G 768 1.92 -8.88 -46.76
C LEU G 768 1.46 -10.20 -47.35
N SER G 769 1.61 -11.30 -46.60
CA SER G 769 1.15 -12.60 -47.08
C SER G 769 -0.38 -12.62 -47.23
N LEU G 770 -1.10 -12.02 -46.27
CA LEU G 770 -2.54 -11.92 -46.41
C LEU G 770 -2.92 -11.08 -47.62
N ALA G 771 -2.21 -9.96 -47.83
CA ALA G 771 -2.52 -9.09 -48.96
C ALA G 771 -2.26 -9.78 -50.29
N MET G 772 -1.17 -10.55 -50.40
CA MET G 772 -0.83 -11.21 -51.65
C MET G 772 -1.49 -12.57 -51.79
N GLY G 773 -2.04 -13.13 -50.72
CA GLY G 773 -2.61 -14.45 -50.79
C GLY G 773 -1.60 -15.57 -50.90
N ARG G 774 -0.36 -15.33 -50.50
CA ARG G 774 0.71 -16.31 -50.62
C ARG G 774 1.20 -16.74 -49.25
N PRO G 775 1.24 -18.03 -48.95
CA PRO G 775 1.83 -18.48 -47.69
C PRO G 775 3.34 -18.33 -47.70
N VAL G 776 3.91 -18.18 -46.52
CA VAL G 776 5.35 -18.11 -46.34
C VAL G 776 5.93 -19.51 -46.44
N ARG G 777 7.26 -19.59 -46.49
CA ARG G 777 7.93 -20.89 -46.46
C ARG G 777 7.46 -21.70 -45.26
N GLN G 778 7.13 -22.97 -45.51
CA GLN G 778 6.33 -23.73 -44.56
C GLN G 778 7.08 -24.06 -43.27
N ASN G 779 8.40 -23.96 -43.26
CA ASN G 779 9.18 -24.22 -42.04
C ASN G 779 10.04 -23.00 -41.69
N LEU G 780 9.63 -21.82 -42.13
CA LEU G 780 10.38 -20.61 -41.87
C LEU G 780 9.86 -19.90 -40.62
N ALA G 781 10.79 -19.38 -39.83
CA ALA G 781 10.46 -18.55 -38.67
C ALA G 781 11.38 -17.34 -38.66
N MET G 782 10.88 -16.25 -38.06
CA MET G 782 11.65 -15.01 -38.05
C MET G 782 11.34 -14.23 -36.77
N THR G 783 12.31 -13.42 -36.36
CA THR G 783 12.14 -12.48 -35.28
C THR G 783 13.01 -11.26 -35.55
N GLY G 784 12.57 -10.11 -35.05
CA GLY G 784 13.33 -8.89 -35.23
C GLY G 784 12.50 -7.63 -35.23
N GLU G 785 13.00 -6.60 -34.55
CA GLU G 785 12.33 -5.31 -34.52
C GLU G 785 12.39 -4.64 -35.88
N VAL G 786 11.33 -3.92 -36.23
CA VAL G 786 11.24 -3.21 -37.50
C VAL G 786 11.06 -1.73 -37.21
N SER G 787 11.67 -0.89 -38.05
CA SER G 787 11.50 0.54 -37.95
C SER G 787 10.46 1.02 -38.96
N LEU G 788 10.12 2.30 -38.88
CA LEU G 788 9.12 2.86 -39.78
C LEU G 788 9.60 2.88 -41.23
N THR G 789 10.90 2.96 -41.47
CA THR G 789 11.46 2.91 -42.81
C THR G 789 11.81 1.50 -43.26
N GLY G 790 11.65 0.50 -42.40
CA GLY G 790 11.85 -0.88 -42.76
C GLY G 790 13.13 -1.52 -42.29
N LYS G 791 13.98 -0.78 -41.57
CA LYS G 791 15.21 -1.37 -41.05
C LYS G 791 14.90 -2.39 -39.97
N ILE G 792 15.64 -3.49 -39.97
CA ILE G 792 15.49 -4.55 -38.98
C ILE G 792 16.47 -4.28 -37.85
N LEU G 793 15.95 -4.28 -36.61
CA LEU G 793 16.73 -3.92 -35.44
C LEU G 793 16.98 -5.15 -34.58
N PRO G 794 18.09 -5.17 -33.83
CA PRO G 794 18.40 -6.35 -33.01
C PRO G 794 17.38 -6.57 -31.91
N VAL G 795 17.22 -7.83 -31.53
CA VAL G 795 16.31 -8.24 -30.46
C VAL G 795 17.06 -9.15 -29.49
N GLY G 796 16.49 -9.29 -28.30
CA GLY G 796 17.09 -10.12 -27.28
C GLY G 796 16.55 -11.54 -27.27
N GLY G 797 17.13 -12.36 -26.40
CA GLY G 797 16.71 -13.74 -26.26
C GLY G 797 16.93 -14.60 -27.48
N ILE G 798 18.09 -14.45 -28.14
CA ILE G 798 18.36 -15.22 -29.35
C ILE G 798 18.53 -16.70 -29.03
N LYS G 799 19.15 -17.02 -27.88
CA LYS G 799 19.35 -18.41 -27.50
C LYS G 799 18.02 -19.15 -27.35
N GLU G 800 17.12 -18.58 -26.55
CA GLU G 800 15.83 -19.22 -26.30
C GLU G 800 15.01 -19.33 -27.58
N LYS G 801 15.02 -18.28 -28.40
CA LYS G 801 14.28 -18.32 -29.66
C LYS G 801 14.84 -19.39 -30.58
N THR G 802 16.15 -19.50 -30.68
CA THR G 802 16.76 -20.54 -31.52
C THR G 802 16.42 -21.93 -31.00
N ILE G 803 16.46 -22.12 -29.68
CA ILE G 803 16.12 -23.42 -29.10
C ILE G 803 14.67 -23.77 -29.42
N ALA G 804 13.77 -22.79 -29.27
CA ALA G 804 12.36 -23.05 -29.55
C ALA G 804 12.13 -23.36 -31.02
N ALA G 805 12.83 -22.65 -31.92
CA ALA G 805 12.68 -22.91 -33.35
C ALA G 805 13.17 -24.30 -33.71
N LYS G 806 14.34 -24.68 -33.18
CA LYS G 806 14.87 -26.02 -33.45
C LYS G 806 13.95 -27.09 -32.90
N ARG G 807 13.42 -26.87 -31.70
CA ARG G 807 12.53 -27.84 -31.08
C ARG G 807 11.21 -27.97 -31.86
N ALA G 808 10.76 -26.89 -32.48
CA ALA G 808 9.51 -26.89 -33.22
C ALA G 808 9.66 -27.35 -34.66
N GLY G 809 10.84 -27.80 -35.06
CA GLY G 809 11.03 -28.30 -36.41
C GLY G 809 11.28 -27.23 -37.46
N VAL G 810 11.81 -26.08 -37.07
CA VAL G 810 12.12 -25.03 -38.04
C VAL G 810 13.38 -25.41 -38.82
N THR G 811 13.33 -25.27 -40.14
CA THR G 811 14.49 -25.51 -40.98
C THR G 811 15.21 -24.23 -41.40
N CYS G 812 14.51 -23.11 -41.48
CA CYS G 812 15.11 -21.84 -41.86
C CYS G 812 14.68 -20.76 -40.89
N ILE G 813 15.64 -20.01 -40.36
CA ILE G 813 15.38 -18.97 -39.38
C ILE G 813 16.01 -17.67 -39.86
N VAL G 814 15.30 -16.56 -39.63
CA VAL G 814 15.74 -15.23 -40.05
C VAL G 814 15.96 -14.40 -38.79
N LEU G 815 17.13 -13.77 -38.71
CA LEU G 815 17.52 -13.00 -37.54
C LEU G 815 18.06 -11.65 -37.99
N PRO G 816 18.01 -10.64 -37.11
CA PRO G 816 18.67 -9.37 -37.43
C PRO G 816 20.18 -9.55 -37.58
N ALA G 817 20.77 -8.74 -38.44
CA ALA G 817 22.21 -8.84 -38.68
C ALA G 817 23.01 -8.52 -37.42
N GLU G 818 22.49 -7.64 -36.57
CA GLU G 818 23.18 -7.29 -35.33
C GLU G 818 23.15 -8.41 -34.30
N ASN G 819 22.37 -9.46 -34.54
CA ASN G 819 22.26 -10.57 -33.59
C ASN G 819 23.12 -11.77 -33.96
N LYS G 820 23.97 -11.65 -34.99
CA LYS G 820 24.81 -12.79 -35.36
C LYS G 820 25.87 -13.06 -34.31
N LYS G 821 26.30 -12.04 -33.58
CA LYS G 821 27.22 -12.27 -32.46
C LYS G 821 26.57 -13.12 -31.38
N ASP G 822 25.30 -12.83 -31.07
CA ASP G 822 24.58 -13.65 -30.09
C ASP G 822 24.32 -15.05 -30.63
N PHE G 823 24.01 -15.16 -31.93
CA PHE G 823 23.67 -16.46 -32.50
C PHE G 823 24.89 -17.38 -32.56
N TYR G 824 26.04 -16.85 -32.96
CA TYR G 824 27.24 -17.67 -33.08
C TYR G 824 27.93 -17.90 -31.74
N ASP G 825 27.40 -17.35 -30.66
CA ASP G 825 27.84 -17.73 -29.32
C ASP G 825 27.19 -19.03 -28.85
N LEU G 826 26.24 -19.57 -29.62
CA LEU G 826 25.57 -20.81 -29.26
C LEU G 826 26.43 -22.01 -29.65
N ALA G 827 26.16 -23.14 -28.98
CA ALA G 827 26.86 -24.37 -29.29
C ALA G 827 26.47 -24.89 -30.67
N ALA G 828 27.38 -25.65 -31.28
CA ALA G 828 27.15 -26.14 -32.63
C ALA G 828 25.99 -27.12 -32.70
N PHE G 829 25.80 -27.93 -31.64
CA PHE G 829 24.74 -28.93 -31.67
C PHE G 829 23.34 -28.30 -31.61
N ILE G 830 23.27 -27.00 -31.34
CA ILE G 830 21.98 -26.32 -31.38
C ILE G 830 21.68 -25.82 -32.79
N THR G 831 22.68 -25.22 -33.44
CA THR G 831 22.45 -24.47 -34.67
C THR G 831 22.93 -25.18 -35.92
N GLU G 832 23.41 -26.42 -35.83
CA GLU G 832 23.99 -27.09 -36.99
C GLU G 832 22.96 -27.33 -38.08
N GLY G 833 21.71 -27.58 -37.70
CA GLY G 833 20.68 -27.92 -38.66
C GLY G 833 19.85 -26.77 -39.19
N LEU G 834 20.18 -25.54 -38.85
CA LEU G 834 19.36 -24.39 -39.19
C LEU G 834 19.97 -23.62 -40.36
N GLU G 835 19.16 -23.39 -41.40
CA GLU G 835 19.56 -22.54 -42.51
C GLU G 835 19.31 -21.10 -42.11
N VAL G 836 20.35 -20.43 -41.65
CA VAL G 836 20.23 -19.16 -40.96
C VAL G 836 20.43 -18.02 -41.93
N HIS G 837 19.62 -16.98 -41.80
CA HIS G 837 19.75 -15.77 -42.60
C HIS G 837 19.83 -14.56 -41.69
N PHE G 838 20.75 -13.65 -42.00
CA PHE G 838 20.90 -12.39 -41.28
C PHE G 838 20.60 -11.25 -42.23
N VAL G 839 19.76 -10.32 -41.80
CA VAL G 839 19.23 -9.28 -42.68
C VAL G 839 19.49 -7.90 -42.07
N GLU G 840 19.63 -6.90 -42.94
CA GLU G 840 19.72 -5.51 -42.54
C GLU G 840 18.39 -4.79 -42.69
N HIS G 841 17.64 -5.08 -43.75
CA HIS G 841 16.40 -4.40 -44.07
C HIS G 841 15.38 -5.44 -44.48
N TYR G 842 14.09 -5.07 -44.37
CA TYR G 842 13.03 -6.05 -44.61
C TYR G 842 12.98 -6.52 -46.05
N ARG G 843 13.58 -5.77 -46.99
CA ARG G 843 13.57 -6.21 -48.37
C ARG G 843 14.27 -7.54 -48.56
N GLU G 844 15.18 -7.90 -47.64
CA GLU G 844 15.80 -9.22 -47.65
C GLU G 844 14.85 -10.27 -47.09
N ILE G 845 14.10 -9.94 -46.04
CA ILE G 845 13.15 -10.88 -45.46
C ILE G 845 12.05 -11.20 -46.45
N PHE G 846 11.64 -10.21 -47.25
CA PHE G 846 10.62 -10.45 -48.26
C PHE G 846 11.08 -11.48 -49.27
N ASP G 847 12.34 -11.40 -49.72
CA ASP G 847 12.87 -12.37 -50.65
C ASP G 847 13.08 -13.73 -50.01
N ILE G 848 13.48 -13.77 -48.73
CA ILE G 848 13.66 -15.04 -48.06
C ILE G 848 12.32 -15.76 -47.88
N ALA G 849 11.29 -15.05 -47.46
CA ALA G 849 10.00 -15.66 -47.17
C ALA G 849 9.23 -16.03 -48.44
N PHE G 850 9.42 -15.28 -49.52
CA PHE G 850 8.67 -15.50 -50.74
C PHE G 850 9.58 -15.85 -51.91
#